data_8CUE
#
_entry.id   8CUE
#
loop_
_entity.id
_entity.type
_entity.pdbx_description
1 polymer 'Protein virB2'
2 non-polymer 1-PALMITOYL-2-LINOLEOYL-SN-GLYCERO-3-PHOSPHOCHOLINE
#
_entity_poly.entity_id   1
_entity_poly.type   'polypeptide(L)'
_entity_poly.pdbx_seq_one_letter_code
;MRCFERYRVHLNRLSLSNAVMRMVSGYAPSVVGAMGWSIFSSGPAAAQSAGGGTDPATMVNNICTFILGPFGQSLAVLGI
VAIGISWMFGRASLGLVAGVVGGIVIMFGASFLGKTLTGGG
;
_entity_poly.pdbx_strand_id   1A,1B,1C,1D,1E,1F,1G,1H,1I,1J,1K,1L,1M,1N,2A,2B,2C,2D,2E,2F,2G,2H,2I,2J,2K,2L,2M,2N,3A,3B,3C,3D,3E,3F,3G,3H,3I,3J,3K,3L,3M,3N,4A,4B,4C,4D,4E,4F,4G,4H,4I,4J,4K,4L,4M,4N,5A,5B,5C,5D,5E,5F,5G,5H,5I,5J,5K,5L,5M,5N
#
# COMPACT_ATOMS: atom_id res chain seq x y z
N GLY A 52 -58.22 -23.86 -30.13
CA GLY A 52 -57.58 -25.16 -30.14
C GLY A 52 -58.55 -26.29 -30.42
N GLY A 53 -58.55 -27.29 -29.53
CA GLY A 53 -59.44 -28.42 -29.68
C GLY A 53 -60.87 -28.07 -29.32
N THR A 54 -61.76 -29.03 -29.59
CA THR A 54 -63.17 -28.83 -29.30
C THR A 54 -63.41 -28.81 -27.80
N ASP A 55 -64.53 -28.22 -27.40
CA ASP A 55 -64.85 -28.10 -25.99
C ASP A 55 -65.11 -29.48 -25.38
N PRO A 56 -64.87 -29.65 -24.07
CA PRO A 56 -65.05 -30.98 -23.47
C PRO A 56 -66.48 -31.50 -23.55
N ALA A 57 -67.46 -30.61 -23.70
CA ALA A 57 -68.85 -31.06 -23.80
C ALA A 57 -69.07 -31.88 -25.07
N THR A 58 -68.35 -31.56 -26.15
CA THR A 58 -68.51 -32.29 -27.39
C THR A 58 -67.86 -33.67 -27.32
N MET A 59 -66.70 -33.77 -26.67
CA MET A 59 -65.97 -35.03 -26.63
C MET A 59 -66.75 -36.11 -25.88
N VAL A 60 -67.35 -35.75 -24.75
CA VAL A 60 -68.12 -36.74 -23.98
C VAL A 60 -69.37 -37.16 -24.74
N ASN A 61 -69.86 -36.32 -25.64
CA ASN A 61 -70.97 -36.72 -26.51
C ASN A 61 -70.51 -37.76 -27.53
N ASN A 62 -69.28 -37.62 -28.02
CA ASN A 62 -68.76 -38.57 -29.01
C ASN A 62 -68.62 -39.96 -28.41
N ILE A 63 -68.20 -40.04 -27.15
CA ILE A 63 -68.08 -41.34 -26.48
C ILE A 63 -69.46 -41.99 -26.35
N CYS A 64 -70.46 -41.20 -25.96
CA CYS A 64 -71.80 -41.74 -25.79
C CYS A 64 -72.37 -42.23 -27.12
N THR A 65 -72.15 -41.45 -28.19
CA THR A 65 -72.63 -41.87 -29.51
C THR A 65 -71.94 -43.15 -29.98
N PHE A 66 -70.63 -43.24 -29.76
CA PHE A 66 -69.88 -44.42 -30.18
C PHE A 66 -70.30 -45.66 -29.41
N ILE A 67 -70.48 -45.53 -28.09
CA ILE A 67 -70.85 -46.68 -27.27
C ILE A 67 -72.24 -47.18 -27.63
N LEU A 68 -73.19 -46.27 -27.78
CA LEU A 68 -74.57 -46.62 -28.09
C LEU A 68 -74.83 -46.71 -29.59
N GLY A 69 -73.79 -46.84 -30.40
CA GLY A 69 -73.95 -46.97 -31.83
C GLY A 69 -73.87 -48.41 -32.28
N PRO A 70 -73.32 -48.63 -33.49
CA PRO A 70 -73.15 -50.01 -33.96
C PRO A 70 -72.28 -50.87 -33.08
N PHE A 71 -71.31 -50.27 -32.39
CA PHE A 71 -70.46 -51.05 -31.48
C PHE A 71 -71.26 -51.62 -30.33
N GLY A 72 -72.17 -50.84 -29.75
CA GLY A 72 -72.96 -51.33 -28.64
C GLY A 72 -73.92 -52.43 -29.03
N GLN A 73 -74.52 -52.31 -30.23
CA GLN A 73 -75.46 -53.34 -30.68
C GLN A 73 -74.78 -54.69 -30.85
N SER A 74 -73.54 -54.71 -31.33
CA SER A 74 -72.82 -55.97 -31.46
C SER A 74 -72.34 -56.49 -30.11
N LEU A 75 -72.27 -55.62 -29.10
CA LEU A 75 -71.98 -56.08 -27.75
C LEU A 75 -73.18 -56.81 -27.16
N ALA A 76 -74.39 -56.41 -27.55
CA ALA A 76 -75.59 -57.05 -27.02
C ALA A 76 -75.68 -58.50 -27.44
N VAL A 77 -75.37 -58.79 -28.70
CA VAL A 77 -75.48 -60.17 -29.19
C VAL A 77 -74.41 -61.06 -28.55
N LEU A 78 -73.26 -60.48 -28.19
CA LEU A 78 -72.23 -61.27 -27.51
C LEU A 78 -72.66 -61.64 -26.10
N GLY A 79 -73.36 -60.73 -25.42
CA GLY A 79 -73.87 -61.05 -24.09
C GLY A 79 -74.94 -62.12 -24.12
N ILE A 80 -75.80 -62.09 -25.14
CA ILE A 80 -76.85 -63.11 -25.28
C ILE A 80 -76.23 -64.46 -25.59
N VAL A 81 -75.18 -64.48 -26.41
CA VAL A 81 -74.51 -65.73 -26.75
C VAL A 81 -73.95 -66.40 -25.50
N ALA A 82 -73.40 -65.60 -24.58
CA ALA A 82 -72.84 -66.16 -23.36
C ALA A 82 -73.90 -66.83 -22.49
N ILE A 83 -75.16 -66.42 -22.62
CA ILE A 83 -76.24 -67.09 -21.90
C ILE A 83 -76.44 -68.50 -22.44
N GLY A 84 -76.51 -68.64 -23.76
CA GLY A 84 -76.73 -69.96 -24.34
C GLY A 84 -75.57 -70.90 -24.11
N ILE A 85 -74.34 -70.38 -24.17
CA ILE A 85 -73.16 -71.21 -23.92
C ILE A 85 -73.14 -71.65 -22.47
N SER A 86 -73.59 -70.79 -21.56
CA SER A 86 -73.55 -71.11 -20.13
C SER A 86 -74.63 -72.11 -19.72
N TRP A 87 -75.82 -72.04 -20.33
CA TRP A 87 -76.89 -72.97 -19.95
C TRP A 87 -76.49 -74.41 -20.24
N MET A 88 -75.93 -74.67 -21.42
CA MET A 88 -75.32 -75.96 -21.68
C MET A 88 -73.92 -75.99 -21.07
N PHE A 89 -73.40 -77.20 -20.89
CA PHE A 89 -72.15 -77.41 -20.14
C PHE A 89 -72.20 -76.79 -18.76
N GLY A 90 -73.37 -76.82 -18.13
CA GLY A 90 -73.54 -76.20 -16.83
C GLY A 90 -74.95 -76.27 -16.29
N ARG A 91 -75.40 -75.20 -15.64
CA ARG A 91 -76.70 -75.16 -14.99
C ARG A 91 -77.50 -73.98 -15.52
N ALA A 92 -78.81 -74.17 -15.66
CA ALA A 92 -79.71 -73.13 -16.15
C ALA A 92 -80.51 -72.57 -14.99
N SER A 93 -80.56 -71.24 -14.89
CA SER A 93 -81.27 -70.58 -13.81
C SER A 93 -81.86 -69.28 -14.31
N LEU A 94 -82.90 -68.82 -13.61
CA LEU A 94 -83.55 -67.56 -13.98
C LEU A 94 -82.72 -66.36 -13.58
N GLY A 95 -81.87 -66.49 -12.56
CA GLY A 95 -81.06 -65.37 -12.14
C GLY A 95 -80.03 -64.95 -13.19
N LEU A 96 -79.44 -65.93 -13.87
CA LEU A 96 -78.40 -65.63 -14.85
C LEU A 96 -78.98 -64.89 -16.05
N VAL A 97 -80.10 -65.37 -16.58
CA VAL A 97 -80.69 -64.72 -17.75
C VAL A 97 -81.23 -63.34 -17.40
N ALA A 98 -81.80 -63.19 -16.19
CA ALA A 98 -82.35 -61.91 -15.79
C ALA A 98 -81.25 -60.85 -15.65
N GLY A 99 -80.09 -61.25 -15.13
CA GLY A 99 -79.02 -60.29 -14.94
C GLY A 99 -78.48 -59.75 -16.25
N VAL A 100 -78.27 -60.62 -17.23
CA VAL A 100 -77.71 -60.19 -18.50
C VAL A 100 -78.71 -59.34 -19.28
N VAL A 101 -79.97 -59.78 -19.33
CA VAL A 101 -80.99 -59.00 -20.04
C VAL A 101 -81.24 -57.67 -19.34
N GLY A 102 -81.21 -57.67 -18.01
CA GLY A 102 -81.31 -56.41 -17.29
C GLY A 102 -80.16 -55.47 -17.57
N GLY A 103 -78.97 -56.03 -17.82
CA GLY A 103 -77.83 -55.20 -18.14
C GLY A 103 -77.99 -54.47 -19.45
N ILE A 104 -78.54 -55.15 -20.47
CA ILE A 104 -78.77 -54.50 -21.76
C ILE A 104 -79.78 -53.37 -21.63
N VAL A 105 -80.82 -53.59 -20.80
CA VAL A 105 -81.83 -52.57 -20.60
C VAL A 105 -81.22 -51.31 -19.96
N ILE A 106 -80.33 -51.51 -18.98
CA ILE A 106 -79.68 -50.37 -18.35
C ILE A 106 -78.69 -49.72 -19.30
N MET A 107 -77.89 -50.52 -20.00
CA MET A 107 -76.86 -49.98 -20.89
C MET A 107 -77.48 -49.16 -22.01
N PHE A 108 -78.26 -49.81 -22.87
CA PHE A 108 -78.96 -49.09 -23.93
C PHE A 108 -80.06 -48.22 -23.34
N GLY A 109 -80.23 -47.03 -23.89
CA GLY A 109 -81.20 -46.10 -23.34
C GLY A 109 -80.82 -45.52 -22.00
N ALA A 110 -79.53 -45.49 -21.68
CA ALA A 110 -79.08 -44.87 -20.44
C ALA A 110 -79.28 -43.37 -20.45
N SER A 111 -79.41 -42.77 -21.63
CA SER A 111 -79.68 -41.34 -21.69
C SER A 111 -81.03 -41.00 -21.08
N PHE A 112 -82.04 -41.83 -21.35
CA PHE A 112 -83.35 -41.61 -20.75
C PHE A 112 -83.31 -41.77 -19.23
N LEU A 113 -82.56 -42.75 -18.75
CA LEU A 113 -82.41 -42.92 -17.30
C LEU A 113 -81.71 -41.72 -16.67
N GLY A 114 -80.68 -41.20 -17.33
CA GLY A 114 -79.97 -40.04 -16.81
C GLY A 114 -80.85 -38.80 -16.76
N LYS A 115 -81.64 -38.59 -17.81
CA LYS A 115 -82.53 -37.43 -17.83
C LYS A 115 -83.60 -37.52 -16.74
N THR A 116 -84.18 -38.70 -16.54
CA THR A 116 -85.21 -38.87 -15.54
C THR A 116 -84.66 -38.66 -14.14
N LEU A 117 -83.47 -39.21 -13.86
CA LEU A 117 -82.88 -39.08 -12.53
C LEU A 117 -82.49 -37.64 -12.25
N THR A 118 -81.78 -37.00 -13.19
CA THR A 118 -81.37 -35.61 -13.00
C THR A 118 -82.57 -34.69 -12.92
N GLY A 119 -83.58 -34.91 -13.77
CA GLY A 119 -84.76 -34.08 -13.80
C GLY A 119 -84.80 -33.04 -14.91
N GLY A 120 -83.84 -33.05 -15.81
CA GLY A 120 -83.83 -32.09 -16.90
C GLY A 120 -82.74 -32.44 -17.89
N GLY A 121 -82.77 -31.72 -19.02
CA GLY A 121 -81.81 -31.93 -20.08
C GLY A 121 -82.43 -32.01 -21.46
N GLY B 52 -57.02 -5.90 -12.22
CA GLY B 52 -56.53 -7.04 -12.98
C GLY B 52 -57.60 -8.07 -13.26
N GLY B 53 -57.33 -9.32 -12.90
CA GLY B 53 -58.29 -10.38 -13.13
C GLY B 53 -59.44 -10.34 -12.14
N THR B 54 -60.42 -11.18 -12.40
CA THR B 54 -61.60 -11.23 -11.54
C THR B 54 -61.24 -11.81 -10.18
N ASP B 55 -62.08 -11.51 -9.19
CA ASP B 55 -61.83 -11.97 -7.83
C ASP B 55 -61.94 -13.50 -7.75
N PRO B 56 -61.22 -14.12 -6.81
CA PRO B 56 -61.25 -15.59 -6.72
C PRO B 56 -62.63 -16.16 -6.45
N ALA B 57 -63.54 -15.38 -5.87
CA ALA B 57 -64.88 -15.87 -5.60
C ALA B 57 -65.62 -16.17 -6.89
N THR B 58 -65.35 -15.41 -7.95
CA THR B 58 -66.03 -15.62 -9.23
C THR B 58 -65.51 -16.86 -9.94
N MET B 59 -64.19 -17.08 -9.87
CA MET B 59 -63.58 -18.21 -10.60
C MET B 59 -64.09 -19.55 -10.09
N VAL B 60 -64.18 -19.70 -8.76
CA VAL B 60 -64.66 -20.97 -8.20
C VAL B 60 -66.14 -21.18 -8.53
N ASN B 61 -66.88 -20.11 -8.78
CA ASN B 61 -68.26 -20.25 -9.24
C ASN B 61 -68.30 -20.78 -10.67
N ASN B 62 -67.35 -20.36 -11.51
CA ASN B 62 -67.32 -20.82 -12.89
C ASN B 62 -67.04 -22.31 -12.98
N ILE B 63 -66.19 -22.83 -12.10
CA ILE B 63 -65.92 -24.26 -12.08
C ILE B 63 -67.17 -25.04 -11.69
N CYS B 64 -67.89 -24.55 -10.69
CA CYS B 64 -69.11 -25.22 -10.24
C CYS B 64 -70.17 -25.21 -11.33
N THR B 65 -70.33 -24.08 -12.02
CA THR B 65 -71.30 -24.02 -13.11
C THR B 65 -70.92 -24.94 -14.26
N PHE B 66 -69.64 -25.00 -14.60
CA PHE B 66 -69.21 -25.86 -15.69
C PHE B 66 -69.38 -27.33 -15.35
N ILE B 67 -69.03 -27.73 -14.13
CA ILE B 67 -69.12 -29.13 -13.74
C ILE B 67 -70.59 -29.58 -13.69
N LEU B 68 -71.46 -28.75 -13.11
CA LEU B 68 -72.88 -29.09 -12.99
C LEU B 68 -73.70 -28.64 -14.18
N GLY B 69 -73.05 -28.36 -15.32
CA GLY B 69 -73.75 -27.94 -16.51
C GLY B 69 -73.95 -29.10 -17.48
N PRO B 70 -73.93 -28.80 -18.78
CA PRO B 70 -74.06 -29.88 -19.78
C PRO B 70 -72.97 -30.93 -19.68
N PHE B 71 -71.76 -30.55 -19.25
CA PHE B 71 -70.69 -31.52 -19.11
C PHE B 71 -71.02 -32.56 -18.05
N GLY B 72 -71.59 -32.14 -16.91
CA GLY B 72 -71.93 -33.07 -15.86
C GLY B 72 -73.04 -34.03 -16.25
N GLN B 73 -74.04 -33.52 -16.99
CA GLN B 73 -75.15 -34.38 -17.40
C GLN B 73 -74.69 -35.51 -18.31
N SER B 74 -73.73 -35.23 -19.20
CA SER B 74 -73.20 -36.28 -20.06
C SER B 74 -72.28 -37.22 -19.31
N LEU B 75 -71.76 -36.80 -18.16
CA LEU B 75 -71.02 -37.72 -17.31
C LEU B 75 -71.94 -38.71 -16.62
N ALA B 76 -73.18 -38.30 -16.35
CA ALA B 76 -74.13 -39.19 -15.68
C ALA B 76 -74.47 -40.38 -16.57
N VAL B 77 -74.68 -40.15 -17.86
CA VAL B 77 -75.06 -41.24 -18.75
C VAL B 77 -73.90 -42.20 -18.95
N LEU B 78 -72.66 -41.72 -18.88
CA LEU B 78 -71.51 -42.61 -18.99
C LEU B 78 -71.40 -43.52 -17.77
N GLY B 79 -71.71 -42.99 -16.58
CA GLY B 79 -71.70 -43.83 -15.40
C GLY B 79 -72.77 -44.90 -15.43
N ILE B 80 -73.94 -44.57 -15.96
CA ILE B 80 -75.02 -45.55 -16.05
C ILE B 80 -74.69 -46.62 -17.07
N VAL B 81 -74.02 -46.24 -18.17
CA VAL B 81 -73.63 -47.21 -19.19
C VAL B 81 -72.68 -48.24 -18.60
N ALA B 82 -71.77 -47.81 -17.73
CA ALA B 82 -70.81 -48.74 -17.12
C ALA B 82 -71.51 -49.78 -16.26
N ILE B 83 -72.70 -49.46 -15.73
CA ILE B 83 -73.45 -50.46 -14.97
C ILE B 83 -73.94 -51.57 -15.88
N GLY B 84 -74.53 -51.19 -17.03
CA GLY B 84 -75.04 -52.20 -17.93
C GLY B 84 -73.95 -53.06 -18.54
N ILE B 85 -72.81 -52.45 -18.86
CA ILE B 85 -71.68 -53.21 -19.41
C ILE B 85 -71.13 -54.16 -18.36
N SER B 86 -71.15 -53.75 -17.09
CA SER B 86 -70.58 -54.58 -16.03
C SER B 86 -71.48 -55.75 -15.65
N TRP B 87 -72.80 -55.56 -15.69
CA TRP B 87 -73.71 -56.65 -15.32
C TRP B 87 -73.55 -57.84 -16.27
N MET B 88 -73.50 -57.58 -17.57
CA MET B 88 -73.13 -58.62 -18.53
C MET B 88 -71.62 -58.76 -18.55
N PHE B 89 -71.14 -59.90 -19.05
CA PHE B 89 -69.73 -60.26 -18.99
C PHE B 89 -69.21 -60.21 -17.56
N GLY B 90 -70.05 -60.58 -16.59
CA GLY B 90 -69.65 -60.52 -15.20
C GLY B 90 -70.75 -60.92 -14.23
N ARG B 91 -70.85 -60.21 -13.11
CA ARG B 91 -71.79 -60.54 -12.05
C ARG B 91 -72.65 -59.31 -11.75
N ALA B 92 -73.92 -59.55 -11.44
CA ALA B 92 -74.87 -58.49 -11.12
C ALA B 92 -75.12 -58.48 -9.62
N SER B 93 -75.03 -57.30 -9.01
CA SER B 93 -75.23 -57.17 -7.58
C SER B 93 -75.87 -55.83 -7.27
N LEU B 94 -76.53 -55.75 -6.11
CA LEU B 94 -77.19 -54.52 -5.70
C LEU B 94 -76.18 -53.48 -5.21
N GLY B 95 -75.02 -53.92 -4.73
CA GLY B 95 -74.02 -52.97 -4.26
C GLY B 95 -73.45 -52.11 -5.37
N LEU B 96 -73.24 -52.69 -6.54
CA LEU B 96 -72.64 -51.96 -7.65
C LEU B 96 -73.58 -50.88 -8.16
N VAL B 97 -74.85 -51.21 -8.35
CA VAL B 97 -75.80 -50.22 -8.88
C VAL B 97 -76.07 -49.13 -7.84
N ALA B 98 -76.11 -49.50 -6.56
CA ALA B 98 -76.38 -48.51 -5.52
C ALA B 98 -75.24 -47.50 -5.42
N GLY B 99 -74.00 -47.96 -5.56
CA GLY B 99 -72.87 -47.06 -5.45
C GLY B 99 -72.83 -46.01 -6.55
N VAL B 100 -73.08 -46.43 -7.79
CA VAL B 100 -73.02 -45.50 -8.91
C VAL B 100 -74.19 -44.51 -8.85
N VAL B 101 -75.40 -45.00 -8.58
CA VAL B 101 -76.56 -44.12 -8.50
C VAL B 101 -76.43 -43.18 -7.31
N GLY B 102 -75.88 -43.67 -6.20
CA GLY B 102 -75.62 -42.80 -5.07
C GLY B 102 -74.60 -41.72 -5.38
N GLY B 103 -73.64 -42.05 -6.26
CA GLY B 103 -72.64 -41.05 -6.65
C GLY B 103 -73.25 -39.89 -7.42
N ILE B 104 -74.19 -40.18 -8.32
CA ILE B 104 -74.85 -39.12 -9.08
C ILE B 104 -75.66 -38.22 -8.15
N VAL B 105 -76.31 -38.82 -7.15
CA VAL B 105 -77.10 -38.04 -6.19
C VAL B 105 -76.20 -37.09 -5.41
N ILE B 106 -75.03 -37.55 -5.00
CA ILE B 106 -74.10 -36.69 -4.28
C ILE B 106 -73.50 -35.64 -5.20
N MET B 107 -73.10 -36.04 -6.40
CA MET B 107 -72.45 -35.12 -7.33
C MET B 107 -73.39 -33.99 -7.74
N PHE B 108 -74.49 -34.33 -8.41
CA PHE B 108 -75.48 -33.33 -8.76
C PHE B 108 -76.22 -32.85 -7.51
N GLY B 109 -76.50 -31.55 -7.46
CA GLY B 109 -77.12 -31.00 -6.28
C GLY B 109 -76.21 -30.93 -5.07
N ALA B 110 -74.90 -30.91 -5.29
CA ALA B 110 -73.97 -30.78 -4.17
C ALA B 110 -74.05 -29.41 -3.51
N SER B 111 -74.58 -28.41 -4.23
CA SER B 111 -74.76 -27.09 -3.65
C SER B 111 -75.74 -27.13 -2.49
N PHE B 112 -76.83 -27.89 -2.64
CA PHE B 112 -77.80 -28.02 -1.56
C PHE B 112 -77.19 -28.74 -0.36
N LEU B 113 -76.37 -29.76 -0.61
CA LEU B 113 -75.70 -30.46 0.49
C LEU B 113 -74.72 -29.53 1.22
N GLY B 114 -73.99 -28.70 0.46
CA GLY B 114 -73.06 -27.78 1.08
C GLY B 114 -73.76 -26.73 1.93
N LYS B 115 -74.89 -26.20 1.44
CA LYS B 115 -75.64 -25.21 2.19
C LYS B 115 -76.20 -25.80 3.48
N THR B 116 -76.74 -27.02 3.41
CA THR B 116 -77.31 -27.64 4.60
C THR B 116 -76.25 -27.92 5.64
N LEU B 117 -75.10 -28.44 5.21
CA LEU B 117 -74.03 -28.77 6.15
C LEU B 117 -73.45 -27.51 6.79
N THR B 118 -73.13 -26.51 5.97
CA THR B 118 -72.58 -25.26 6.51
C THR B 118 -73.59 -24.54 7.39
N GLY B 119 -74.86 -24.51 6.97
CA GLY B 119 -75.90 -23.84 7.71
C GLY B 119 -76.30 -22.47 7.19
N GLY B 120 -75.76 -22.05 6.06
CA GLY B 120 -76.10 -20.75 5.51
C GLY B 120 -75.50 -20.60 4.12
N GLY B 121 -75.92 -19.52 3.46
CA GLY B 121 -75.44 -19.22 2.12
C GLY B 121 -76.55 -18.83 1.16
N GLY C 52 -47.79 3.93 9.31
CA GLY C 52 -47.71 3.21 8.05
C GLY C 52 -48.88 2.27 7.82
N GLY C 53 -48.58 1.02 7.55
CA GLY C 53 -49.62 0.03 7.32
C GLY C 53 -50.30 -0.40 8.60
N THR C 54 -51.37 -1.17 8.44
CA THR C 54 -52.12 -1.65 9.58
C THR C 54 -51.31 -2.66 10.38
N ASP C 55 -51.68 -2.84 11.64
CA ASP C 55 -50.96 -3.76 12.52
C ASP C 55 -51.14 -5.19 12.04
N PRO C 56 -50.16 -6.06 12.33
CA PRO C 56 -50.26 -7.45 11.84
C PRO C 56 -51.46 -8.20 12.38
N ALA C 57 -52.01 -7.78 13.52
CA ALA C 57 -53.19 -8.46 14.05
C ALA C 57 -54.39 -8.31 13.13
N THR C 58 -54.49 -7.18 12.43
CA THR C 58 -55.62 -6.96 11.53
C THR C 58 -55.49 -7.79 10.25
N MET C 59 -54.27 -7.90 9.73
CA MET C 59 -54.07 -8.61 8.47
C MET C 59 -54.43 -10.08 8.57
N VAL C 60 -54.02 -10.73 9.66
CA VAL C 60 -54.33 -12.15 9.84
C VAL C 60 -55.83 -12.35 10.04
N ASN C 61 -56.54 -11.33 10.52
CA ASN C 61 -57.99 -11.42 10.59
C ASN C 61 -58.62 -11.36 9.20
N ASN C 62 -58.03 -10.58 8.31
CA ASN C 62 -58.57 -10.47 6.94
C ASN C 62 -58.45 -11.80 6.20
N ILE C 63 -57.36 -12.53 6.41
CA ILE C 63 -57.20 -13.83 5.78
C ILE C 63 -58.26 -14.80 6.28
N CYS C 64 -58.50 -14.80 7.60
CA CYS C 64 -59.50 -15.70 8.18
C CYS C 64 -60.89 -15.37 7.67
N THR C 65 -61.23 -14.08 7.57
CA THR C 65 -62.54 -13.69 7.06
C THR C 65 -62.69 -14.08 5.59
N PHE C 66 -61.65 -13.89 4.79
CA PHE C 66 -61.72 -14.23 3.37
C PHE C 66 -61.87 -15.73 3.17
N ILE C 67 -61.09 -16.53 3.91
CA ILE C 67 -61.13 -17.98 3.74
C ILE C 67 -62.49 -18.53 4.15
N LEU C 68 -63.01 -18.08 5.29
CA LEU C 68 -64.29 -18.55 5.81
C LEU C 68 -65.47 -17.75 5.29
N GLY C 69 -65.30 -17.01 4.20
CA GLY C 69 -66.37 -16.25 3.61
C GLY C 69 -67.01 -16.95 2.44
N PRO C 70 -67.46 -16.19 1.44
CA PRO C 70 -68.03 -16.82 0.24
C PRO C 70 -67.07 -17.72 -0.50
N PHE C 71 -65.76 -17.43 -0.44
CA PHE C 71 -64.79 -18.28 -1.10
C PHE C 71 -64.76 -19.68 -0.48
N GLY C 72 -64.82 -19.76 0.85
CA GLY C 72 -64.79 -21.06 1.50
C GLY C 72 -66.03 -21.88 1.24
N GLN C 73 -67.20 -21.24 1.18
CA GLN C 73 -68.44 -21.96 0.93
C GLN C 73 -68.44 -22.61 -0.44
N SER C 74 -67.88 -21.93 -1.45
CA SER C 74 -67.80 -22.53 -2.78
C SER C 74 -66.73 -23.61 -2.85
N LEU C 75 -65.78 -23.61 -1.91
CA LEU C 75 -64.82 -24.70 -1.83
C LEU C 75 -65.49 -25.96 -1.28
N ALA C 76 -66.49 -25.80 -0.43
CA ALA C 76 -67.17 -26.95 0.15
C ALA C 76 -67.91 -27.75 -0.92
N VAL C 77 -68.59 -27.07 -1.84
CA VAL C 77 -69.34 -27.77 -2.86
C VAL C 77 -68.42 -28.48 -3.84
N LEU C 78 -67.21 -27.94 -4.06
CA LEU C 78 -66.26 -28.62 -4.93
C LEU C 78 -65.75 -29.90 -4.30
N GLY C 79 -65.56 -29.90 -2.98
CA GLY C 79 -65.14 -31.13 -2.31
C GLY C 79 -66.21 -32.20 -2.33
N ILE C 80 -67.48 -31.80 -2.20
CA ILE C 80 -68.57 -32.75 -2.25
C ILE C 80 -68.73 -33.32 -3.66
N VAL C 81 -68.51 -32.49 -4.67
CA VAL C 81 -68.60 -32.97 -6.06
C VAL C 81 -67.58 -34.06 -6.32
N ALA C 82 -66.37 -33.91 -5.76
CA ALA C 82 -65.32 -34.91 -5.96
C ALA C 82 -65.71 -36.25 -5.37
N ILE C 83 -66.58 -36.27 -4.36
CA ILE C 83 -67.05 -37.54 -3.80
C ILE C 83 -67.92 -38.26 -4.82
N GLY C 84 -68.87 -37.54 -5.41
CA GLY C 84 -69.78 -38.17 -6.37
C GLY C 84 -69.05 -38.63 -7.62
N ILE C 85 -68.08 -37.85 -8.10
CA ILE C 85 -67.32 -38.24 -9.27
C ILE C 85 -66.48 -39.47 -8.96
N SER C 86 -65.96 -39.57 -7.74
CA SER C 86 -65.10 -40.69 -7.38
C SER C 86 -65.86 -41.98 -7.15
N TRP C 87 -67.09 -41.92 -6.61
CA TRP C 87 -67.85 -43.14 -6.38
C TRP C 87 -68.16 -43.86 -7.68
N MET C 88 -68.59 -43.13 -8.71
CA MET C 88 -68.68 -43.69 -10.04
C MET C 88 -67.30 -43.68 -10.70
N PHE C 89 -67.14 -44.49 -11.73
CA PHE C 89 -65.83 -44.72 -12.36
C PHE C 89 -64.80 -45.17 -11.32
N GLY C 90 -65.23 -45.97 -10.34
CA GLY C 90 -64.33 -46.40 -9.29
C GLY C 90 -65.00 -47.22 -8.21
N ARG C 91 -64.61 -47.01 -6.96
CA ARG C 91 -65.10 -47.78 -5.84
C ARG C 91 -65.69 -46.85 -4.78
N ALA C 92 -66.76 -47.30 -4.14
CA ALA C 92 -67.43 -46.53 -3.10
C ALA C 92 -67.09 -47.11 -1.73
N SER C 93 -66.70 -46.25 -0.81
CA SER C 93 -66.31 -46.68 0.53
C SER C 93 -66.70 -45.62 1.55
N LEU C 94 -66.85 -46.05 2.80
CA LEU C 94 -67.21 -45.12 3.86
C LEU C 94 -66.03 -44.26 4.28
N GLY C 95 -64.81 -44.75 4.09
CA GLY C 95 -63.65 -43.96 4.47
C GLY C 95 -63.48 -42.69 3.65
N LEU C 96 -63.78 -42.77 2.35
CA LEU C 96 -63.60 -41.63 1.47
C LEU C 96 -64.58 -40.51 1.81
N VAL C 97 -65.86 -40.86 2.01
CA VAL C 97 -66.87 -39.84 2.31
C VAL C 97 -66.64 -39.25 3.69
N ALA C 98 -66.21 -40.08 4.65
CA ALA C 98 -65.99 -39.59 6.01
C ALA C 98 -64.83 -38.60 6.05
N GLY C 99 -63.77 -38.85 5.27
CA GLY C 99 -62.63 -37.96 5.29
C GLY C 99 -62.95 -36.58 4.75
N VAL C 100 -63.68 -36.52 3.64
CA VAL C 100 -63.99 -35.23 3.04
C VAL C 100 -64.98 -34.44 3.90
N VAL C 101 -66.02 -35.10 4.39
CA VAL C 101 -67.00 -34.42 5.24
C VAL C 101 -66.36 -33.99 6.55
N GLY C 102 -65.46 -34.83 7.10
CA GLY C 102 -64.73 -34.42 8.29
C GLY C 102 -63.84 -33.22 8.03
N GLY C 103 -63.31 -33.10 6.82
CA GLY C 103 -62.48 -31.95 6.49
C GLY C 103 -63.25 -30.65 6.52
N ILE C 104 -64.48 -30.66 6.01
CA ILE C 104 -65.30 -29.45 6.02
C ILE C 104 -65.63 -29.05 7.45
N VAL C 105 -65.88 -30.03 8.32
CA VAL C 105 -66.19 -29.75 9.71
C VAL C 105 -65.00 -29.08 10.39
N ILE C 106 -63.79 -29.57 10.12
CA ILE C 106 -62.60 -28.96 10.71
C ILE C 106 -62.33 -27.59 10.11
N MET C 107 -62.45 -27.47 8.78
CA MET C 107 -62.15 -26.21 8.11
C MET C 107 -63.09 -25.10 8.56
N PHE C 108 -64.38 -25.25 8.28
CA PHE C 108 -65.37 -24.29 8.74
C PHE C 108 -65.53 -24.39 10.26
N GLY C 109 -65.68 -23.24 10.90
CA GLY C 109 -65.75 -23.23 12.35
C GLY C 109 -64.46 -23.54 13.05
N ALA C 110 -63.33 -23.32 12.38
CA ALA C 110 -62.03 -23.54 13.01
C ALA C 110 -61.77 -22.53 14.11
N SER C 111 -62.46 -21.39 14.09
CA SER C 111 -62.30 -20.41 15.16
C SER C 111 -62.77 -20.97 16.49
N PHE C 112 -63.88 -21.71 16.48
CA PHE C 112 -64.37 -22.34 17.71
C PHE C 112 -63.40 -23.39 18.22
N LEU C 113 -62.81 -24.17 17.31
CA LEU C 113 -61.81 -25.16 17.72
C LEU C 113 -60.58 -24.49 18.31
N GLY C 114 -60.14 -23.38 17.71
CA GLY C 114 -58.98 -22.68 18.25
C GLY C 114 -59.22 -22.09 19.62
N LYS C 115 -60.42 -21.53 19.83
CA LYS C 115 -60.75 -20.96 21.14
C LYS C 115 -60.81 -22.04 22.20
N THR C 116 -61.43 -23.18 21.89
CA THR C 116 -61.54 -24.26 22.86
C THR C 116 -60.18 -24.82 23.23
N LEU C 117 -59.32 -25.04 22.24
CA LEU C 117 -58.00 -25.60 22.50
C LEU C 117 -57.13 -24.63 23.30
N THR C 118 -57.07 -23.36 22.88
CA THR C 118 -56.28 -22.38 23.59
C THR C 118 -56.83 -22.13 25.00
N GLY C 119 -58.16 -22.06 25.13
CA GLY C 119 -58.78 -21.81 26.40
C GLY C 119 -59.25 -20.39 26.64
N GLY C 120 -59.16 -19.53 25.64
CA GLY C 120 -59.60 -18.15 25.80
C GLY C 120 -59.57 -17.43 24.47
N GLY C 121 -60.12 -16.22 24.48
CA GLY C 121 -60.18 -15.41 23.28
C GLY C 121 -61.54 -14.78 23.05
N GLY D 52 -30.43 5.68 27.73
CA GLY D 52 -30.89 5.50 26.36
C GLY D 52 -32.12 4.62 26.25
N GLY D 53 -32.04 3.59 25.43
CA GLY D 53 -33.15 2.68 25.24
C GLY D 53 -33.31 1.73 26.42
N THR D 54 -34.41 0.98 26.40
CA THR D 54 -34.70 0.05 27.47
C THR D 54 -33.71 -1.12 27.43
N ASP D 55 -33.58 -1.79 28.58
CA ASP D 55 -32.64 -2.89 28.68
C ASP D 55 -33.08 -4.06 27.79
N PRO D 56 -32.13 -4.88 27.33
CA PRO D 56 -32.50 -5.98 26.43
C PRO D 56 -33.45 -6.99 27.05
N ALA D 57 -33.50 -7.09 28.38
CA ALA D 57 -34.42 -8.02 29.02
C ALA D 57 -35.87 -7.64 28.76
N THR D 58 -36.16 -6.34 28.64
CA THR D 58 -37.52 -5.90 28.40
C THR D 58 -37.96 -6.17 26.96
N MET D 59 -37.04 -5.97 26.01
CA MET D 59 -37.39 -6.12 24.59
C MET D 59 -37.79 -7.55 24.26
N VAL D 60 -37.03 -8.53 24.77
CA VAL D 60 -37.36 -9.92 24.49
C VAL D 60 -38.67 -10.32 25.15
N ASN D 61 -39.06 -9.63 26.22
CA ASN D 61 -40.38 -9.86 26.80
C ASN D 61 -41.48 -9.34 25.89
N ASN D 62 -41.24 -8.22 25.20
CA ASN D 62 -42.24 -7.67 24.31
C ASN D 62 -42.52 -8.59 23.13
N ILE D 63 -41.47 -9.24 22.62
CA ILE D 63 -41.67 -10.19 21.51
C ILE D 63 -42.51 -11.37 21.97
N CYS D 64 -42.22 -11.88 23.17
CA CYS D 64 -42.98 -13.02 23.69
C CYS D 64 -44.44 -12.66 23.92
N THR D 65 -44.70 -11.47 24.46
CA THR D 65 -46.08 -11.03 24.67
C THR D 65 -46.80 -10.85 23.35
N PHE D 66 -46.14 -10.26 22.35
CA PHE D 66 -46.78 -10.05 21.06
C PHE D 66 -47.09 -11.37 20.36
N ILE D 67 -46.14 -12.32 20.39
CA ILE D 67 -46.35 -13.60 19.70
C ILE D 67 -47.47 -14.38 20.36
N LEU D 68 -47.49 -14.43 21.69
CA LEU D 68 -48.50 -15.19 22.42
C LEU D 68 -49.73 -14.36 22.75
N GLY D 69 -49.94 -13.25 22.03
CA GLY D 69 -51.10 -12.42 22.25
C GLY D 69 -52.19 -12.69 21.24
N PRO D 70 -52.93 -11.64 20.86
CA PRO D 70 -53.98 -11.82 19.83
C PRO D 70 -53.42 -12.28 18.49
N PHE D 71 -52.19 -11.92 18.15
CA PHE D 71 -51.60 -12.38 16.90
C PHE D 71 -51.43 -13.89 16.88
N GLY D 72 -50.98 -14.47 17.98
CA GLY D 72 -50.79 -15.91 18.03
C GLY D 72 -52.09 -16.68 17.96
N GLN D 73 -53.14 -16.17 18.61
CA GLN D 73 -54.42 -16.85 18.59
C GLN D 73 -55.00 -16.93 17.18
N SER D 74 -54.83 -15.88 16.38
CA SER D 74 -55.30 -15.91 15.01
C SER D 74 -54.42 -16.78 14.12
N LEU D 75 -53.18 -17.05 14.56
CA LEU D 75 -52.34 -18.01 13.84
C LEU D 75 -52.82 -19.43 14.06
N ALA D 76 -53.41 -19.70 15.23
CA ALA D 76 -53.90 -21.04 15.54
C ALA D 76 -55.04 -21.45 14.61
N VAL D 77 -55.98 -20.52 14.36
CA VAL D 77 -57.12 -20.84 13.51
C VAL D 77 -56.69 -21.05 12.07
N LEU D 78 -55.63 -20.36 11.63
CA LEU D 78 -55.12 -20.57 10.27
C LEU D 78 -54.50 -21.95 10.12
N GLY D 79 -53.82 -22.42 11.15
CA GLY D 79 -53.26 -23.77 11.09
C GLY D 79 -54.33 -24.84 11.07
N ILE D 80 -55.41 -24.63 11.82
CA ILE D 80 -56.51 -25.61 11.82
C ILE D 80 -57.23 -25.61 10.48
N VAL D 81 -57.37 -24.44 9.85
CA VAL D 81 -58.02 -24.37 8.54
C VAL D 81 -57.24 -25.18 7.52
N ALA D 82 -55.91 -25.14 7.59
CA ALA D 82 -55.10 -25.89 6.64
C ALA D 82 -55.30 -27.39 6.76
N ILE D 83 -55.71 -27.86 7.95
CA ILE D 83 -56.02 -29.28 8.10
C ILE D 83 -57.27 -29.64 7.30
N GLY D 84 -58.33 -28.84 7.44
CA GLY D 84 -59.56 -29.13 6.73
C GLY D 84 -59.42 -29.03 5.23
N ILE D 85 -58.65 -28.04 4.76
CA ILE D 85 -58.42 -27.89 3.33
C ILE D 85 -57.61 -29.06 2.79
N SER D 86 -56.67 -29.56 3.59
CA SER D 86 -55.81 -30.65 3.14
C SER D 86 -56.53 -32.00 3.12
N TRP D 87 -57.44 -32.26 4.07
CA TRP D 87 -58.13 -33.53 4.08
C TRP D 87 -58.97 -33.73 2.82
N MET D 88 -59.71 -32.72 2.41
CA MET D 88 -60.35 -32.74 1.10
C MET D 88 -59.32 -32.35 0.04
N PHE D 89 -59.63 -32.69 -1.22
CA PHE D 89 -58.69 -32.54 -2.32
C PHE D 89 -57.36 -33.26 -2.02
N GLY D 90 -57.43 -34.40 -1.33
CA GLY D 90 -56.24 -35.11 -0.95
C GLY D 90 -56.49 -36.34 -0.11
N ARG D 91 -55.64 -36.59 0.88
CA ARG D 91 -55.71 -37.78 1.71
C ARG D 91 -55.78 -37.37 3.17
N ALA D 92 -56.55 -38.12 3.96
CA ALA D 92 -56.72 -37.87 5.38
C ALA D 92 -55.92 -38.89 6.18
N SER D 93 -55.14 -38.41 7.14
CA SER D 93 -54.30 -39.28 7.95
C SER D 93 -54.19 -38.72 9.37
N LEU D 94 -53.88 -39.60 10.31
CA LEU D 94 -53.74 -39.19 11.70
C LEU D 94 -52.44 -38.45 11.94
N GLY D 95 -51.42 -38.71 11.11
CA GLY D 95 -50.14 -38.02 11.30
C GLY D 95 -50.23 -36.53 11.04
N LEU D 96 -51.00 -36.14 10.02
CA LEU D 96 -51.10 -34.74 9.66
C LEU D 96 -51.79 -33.93 10.74
N VAL D 97 -52.91 -34.44 11.26
CA VAL D 97 -53.66 -33.70 12.29
C VAL D 97 -52.88 -33.67 13.60
N ALA D 98 -52.18 -34.76 13.92
CA ALA D 98 -51.41 -34.79 15.17
C ALA D 98 -50.26 -33.79 15.14
N GLY D 99 -49.60 -33.64 13.99
CA GLY D 99 -48.49 -32.72 13.91
C GLY D 99 -48.89 -31.27 14.10
N VAL D 100 -50.00 -30.86 13.48
CA VAL D 100 -50.42 -29.47 13.57
C VAL D 100 -50.94 -29.16 14.98
N VAL D 101 -51.76 -30.06 15.53
CA VAL D 101 -52.28 -29.84 16.88
C VAL D 101 -51.16 -29.88 17.91
N GLY D 102 -50.19 -30.77 17.71
CA GLY D 102 -49.03 -30.79 18.59
C GLY D 102 -48.22 -29.50 18.50
N GLY D 103 -48.19 -28.88 17.32
CA GLY D 103 -47.47 -27.63 17.17
C GLY D 103 -48.09 -26.50 17.99
N ILE D 104 -49.42 -26.43 18.02
CA ILE D 104 -50.09 -25.40 18.80
C ILE D 104 -49.81 -25.60 20.29
N VAL D 105 -49.78 -26.86 20.73
CA VAL D 105 -49.51 -27.15 22.14
C VAL D 105 -48.11 -26.69 22.52
N ILE D 106 -47.12 -26.92 21.64
CA ILE D 106 -45.76 -26.48 21.91
C ILE D 106 -45.66 -24.97 21.83
N MET D 107 -46.27 -24.36 20.80
CA MET D 107 -46.16 -22.92 20.61
C MET D 107 -46.79 -22.16 21.77
N PHE D 108 -48.08 -22.31 21.97
CA PHE D 108 -48.75 -21.69 23.11
C PHE D 108 -48.32 -22.36 24.39
N GLY D 109 -48.13 -21.56 25.44
CA GLY D 109 -47.65 -22.11 26.69
C GLY D 109 -46.20 -22.54 26.66
N ALA D 110 -45.41 -21.98 25.76
CA ALA D 110 -43.99 -22.31 25.72
C ALA D 110 -43.25 -21.78 26.93
N SER D 111 -43.82 -20.78 27.61
CA SER D 111 -43.20 -20.27 28.83
C SER D 111 -43.16 -21.33 29.91
N PHE D 112 -44.23 -22.11 30.05
CA PHE D 112 -44.25 -23.19 31.03
C PHE D 112 -43.23 -24.27 30.68
N LEU D 113 -43.09 -24.59 29.39
CA LEU D 113 -42.09 -25.57 28.97
C LEU D 113 -40.68 -25.06 29.26
N GLY D 114 -40.42 -23.78 29.01
CA GLY D 114 -39.11 -23.23 29.29
C GLY D 114 -38.77 -23.23 30.76
N LYS D 115 -39.74 -22.89 31.62
CA LYS D 115 -39.50 -22.90 33.05
C LYS D 115 -39.23 -24.30 33.56
N THR D 116 -39.99 -25.29 33.09
CA THR D 116 -39.80 -26.67 33.54
C THR D 116 -38.44 -27.20 33.12
N LEU D 117 -38.04 -26.94 31.88
CA LEU D 117 -36.76 -27.43 31.38
C LEU D 117 -35.60 -26.77 32.10
N THR D 118 -35.62 -25.44 32.21
CA THR D 118 -34.55 -24.73 32.88
C THR D 118 -34.50 -25.09 34.37
N GLY D 119 -35.66 -25.19 35.00
CA GLY D 119 -35.73 -25.50 36.42
C GLY D 119 -35.97 -24.33 37.33
N GLY D 120 -36.22 -23.14 36.80
CA GLY D 120 -36.46 -21.97 37.63
C GLY D 120 -36.90 -20.81 36.77
N GLY D 121 -37.32 -19.75 37.46
CA GLY D 121 -37.78 -18.55 36.79
C GLY D 121 -39.08 -18.00 37.34
N GLY E 52 -7.21 1.86 37.27
CA GLY E 52 -8.16 2.16 36.22
C GLY E 52 -9.40 1.29 36.27
N GLY E 53 -9.71 0.65 35.14
CA GLY E 53 -10.86 -0.21 35.06
C GLY E 53 -10.62 -1.54 35.76
N THR E 54 -11.71 -2.32 35.87
CA THR E 54 -11.63 -3.62 36.52
C THR E 54 -10.80 -4.59 35.68
N ASP E 55 -10.29 -5.62 36.33
CA ASP E 55 -9.46 -6.60 35.65
C ASP E 55 -10.29 -7.38 34.62
N PRO E 56 -9.65 -7.88 33.55
CA PRO E 56 -10.42 -8.59 32.51
C PRO E 56 -11.12 -9.83 33.01
N ALA E 57 -10.66 -10.42 34.12
CA ALA E 57 -11.32 -11.61 34.65
C ALA E 57 -12.74 -11.29 35.12
N THR E 58 -12.95 -10.07 35.63
CA THR E 58 -14.27 -9.70 36.12
C THR E 58 -15.24 -9.43 34.97
N MET E 59 -14.75 -8.81 33.89
CA MET E 59 -15.63 -8.45 32.78
C MET E 59 -16.22 -9.68 32.09
N VAL E 60 -15.39 -10.70 31.86
CA VAL E 60 -15.90 -11.91 31.22
C VAL E 60 -16.88 -12.64 32.13
N ASN E 61 -16.79 -12.44 33.44
CA ASN E 61 -17.79 -13.00 34.34
C ASN E 61 -19.12 -12.28 34.19
N ASN E 62 -19.08 -10.96 33.96
CA ASN E 62 -20.31 -10.20 33.79
C ASN E 62 -21.08 -10.63 32.55
N ILE E 63 -20.36 -10.94 31.46
CA ILE E 63 -21.03 -11.42 30.25
C ILE E 63 -21.71 -12.76 30.52
N CYS E 64 -21.01 -13.66 31.22
CA CYS E 64 -21.60 -14.97 31.51
C CYS E 64 -22.83 -14.85 32.39
N THR E 65 -22.78 -13.98 33.40
CA THR E 65 -23.93 -13.78 34.27
C THR E 65 -25.10 -13.18 33.51
N PHE E 66 -24.83 -12.21 32.63
CA PHE E 66 -25.90 -11.57 31.87
C PHE E 66 -26.55 -12.56 30.89
N ILE E 67 -25.73 -13.35 30.20
CA ILE E 67 -26.27 -14.29 29.22
C ILE E 67 -27.10 -15.36 29.89
N LEU E 68 -26.61 -15.91 31.00
CA LEU E 68 -27.31 -16.98 31.71
C LEU E 68 -28.27 -16.44 32.77
N GLY E 69 -28.66 -15.17 32.67
CA GLY E 69 -29.59 -14.59 33.61
C GLY E 69 -31.00 -14.54 33.06
N PRO E 70 -31.76 -13.51 33.44
CA PRO E 70 -33.12 -13.37 32.90
C PRO E 70 -33.16 -13.25 31.38
N PHE E 71 -32.13 -12.68 30.77
CA PHE E 71 -32.10 -12.57 29.31
C PHE E 71 -32.05 -13.94 28.65
N GLY E 72 -31.25 -14.85 29.19
CA GLY E 72 -31.16 -16.19 28.61
C GLY E 72 -32.44 -16.99 28.75
N GLN E 73 -33.12 -16.85 29.89
CA GLN E 73 -34.35 -17.59 30.10
C GLN E 73 -35.43 -17.18 29.10
N SER E 74 -35.50 -15.89 28.76
CA SER E 74 -36.48 -15.45 27.77
C SER E 74 -36.07 -15.83 26.36
N LEU E 75 -34.78 -16.14 26.16
CA LEU E 75 -34.35 -16.68 24.87
C LEU E 75 -34.81 -18.12 24.70
N ALA E 76 -34.92 -18.85 25.80
CA ALA E 76 -35.34 -20.25 25.72
C ALA E 76 -36.78 -20.37 25.23
N VAL E 77 -37.67 -19.51 25.73
CA VAL E 77 -39.06 -19.59 25.33
C VAL E 77 -39.24 -19.19 23.87
N LEU E 78 -38.38 -18.30 23.36
CA LEU E 78 -38.46 -17.93 21.95
C LEU E 78 -38.05 -19.09 21.06
N GLY E 79 -37.04 -19.86 21.48
CA GLY E 79 -36.65 -21.03 20.71
C GLY E 79 -37.71 -22.10 20.68
N ILE E 80 -38.42 -22.29 21.81
CA ILE E 80 -39.49 -23.28 21.86
C ILE E 80 -40.65 -22.85 21.00
N VAL E 81 -40.95 -21.55 20.97
CA VAL E 81 -42.05 -21.03 20.14
C VAL E 81 -41.78 -21.33 18.67
N ALA E 82 -40.53 -21.20 18.24
CA ALA E 82 -40.20 -21.46 16.84
C ALA E 82 -40.44 -22.91 16.46
N ILE E 83 -40.41 -23.83 17.42
CA ILE E 83 -40.72 -25.22 17.13
C ILE E 83 -42.21 -25.37 16.80
N GLY E 84 -43.06 -24.77 17.62
CA GLY E 84 -44.49 -24.88 17.38
C GLY E 84 -44.93 -24.20 16.10
N ILE E 85 -44.34 -23.05 15.80
CA ILE E 85 -44.67 -22.35 14.56
C ILE E 85 -44.21 -23.16 13.35
N SER E 86 -43.07 -23.84 13.48
CA SER E 86 -42.53 -24.60 12.35
C SER E 86 -43.29 -25.89 12.10
N TRP E 87 -43.79 -26.56 13.14
CA TRP E 87 -44.51 -27.82 12.93
C TRP E 87 -45.77 -27.60 12.11
N MET E 88 -46.54 -26.57 12.43
CA MET E 88 -47.63 -26.15 11.56
C MET E 88 -47.08 -25.30 10.43
N PHE E 89 -47.86 -25.17 9.36
CA PHE E 89 -47.40 -24.54 8.12
C PHE E 89 -46.13 -25.19 7.61
N GLY E 90 -46.00 -26.50 7.78
CA GLY E 90 -44.80 -27.20 7.36
C GLY E 90 -44.80 -28.67 7.70
N ARG E 91 -43.65 -29.20 8.11
CA ARG E 91 -43.48 -30.62 8.40
C ARG E 91 -42.95 -30.80 9.81
N ALA E 92 -43.41 -31.86 10.47
CA ALA E 92 -43.00 -32.17 11.84
C ALA E 92 -42.03 -33.35 11.81
N SER E 93 -40.90 -33.20 12.51
CA SER E 93 -39.88 -34.23 12.54
C SER E 93 -39.21 -34.23 13.91
N LEU E 94 -38.62 -35.38 14.25
CA LEU E 94 -37.93 -35.52 15.53
C LEU E 94 -36.58 -34.80 15.51
N GLY E 95 -35.97 -34.64 14.33
CA GLY E 95 -34.68 -33.97 14.26
C GLY E 95 -34.76 -32.51 14.64
N LEU E 96 -35.84 -31.83 14.23
CA LEU E 96 -35.97 -30.41 14.50
C LEU E 96 -36.14 -30.13 15.99
N VAL E 97 -37.00 -30.90 16.65
CA VAL E 97 -37.25 -30.68 18.08
C VAL E 97 -36.02 -31.06 18.90
N ALA E 98 -35.32 -32.13 18.49
CA ALA E 98 -34.14 -32.56 19.23
C ALA E 98 -33.02 -31.53 19.15
N GLY E 99 -32.86 -30.91 18.00
CA GLY E 99 -31.79 -29.92 17.85
C GLY E 99 -31.99 -28.69 18.72
N VAL E 100 -33.22 -28.17 18.77
CA VAL E 100 -33.47 -26.97 19.55
C VAL E 100 -33.40 -27.26 21.04
N VAL E 101 -33.99 -28.37 21.48
CA VAL E 101 -33.94 -28.72 22.90
C VAL E 101 -32.51 -29.05 23.32
N GLY E 102 -31.76 -29.71 22.45
CA GLY E 102 -30.35 -29.95 22.73
C GLY E 102 -29.56 -28.67 22.84
N GLY E 103 -29.94 -27.65 22.07
CA GLY E 103 -29.26 -26.37 22.15
C GLY E 103 -29.42 -25.70 23.50
N ILE E 104 -30.63 -25.75 24.07
CA ILE E 104 -30.87 -25.16 25.37
C ILE E 104 -30.07 -25.88 26.44
N VAL E 105 -29.95 -27.21 26.33
CA VAL E 105 -29.18 -27.99 27.30
C VAL E 105 -27.71 -27.58 27.26
N ILE E 106 -27.16 -27.37 26.06
CA ILE E 106 -25.77 -26.95 25.94
C ILE E 106 -25.61 -25.51 26.41
N MET E 107 -26.51 -24.63 26.00
CA MET E 107 -26.39 -23.21 26.35
C MET E 107 -26.46 -23.00 27.85
N PHE E 108 -27.61 -23.33 28.46
CA PHE E 108 -27.73 -23.24 29.90
C PHE E 108 -26.88 -24.32 30.58
N GLY E 109 -26.26 -23.95 31.69
CA GLY E 109 -25.37 -24.88 32.35
C GLY E 109 -24.08 -25.15 31.61
N ALA E 110 -23.66 -24.23 30.75
CA ALA E 110 -22.39 -24.39 30.05
C ALA E 110 -21.21 -24.29 31.00
N SER E 111 -21.39 -23.67 32.17
CA SER E 111 -20.33 -23.60 33.15
C SER E 111 -19.95 -24.99 33.65
N PHE E 112 -20.94 -25.86 33.88
CA PHE E 112 -20.65 -27.23 34.29
C PHE E 112 -19.93 -28.00 33.19
N LEU E 113 -20.32 -27.79 31.94
CA LEU E 113 -19.62 -28.45 30.83
C LEU E 113 -18.17 -27.96 30.74
N GLY E 114 -17.95 -26.66 30.92
CA GLY E 114 -16.59 -26.15 30.85
C GLY E 114 -15.71 -26.68 31.97
N LYS E 115 -16.26 -26.77 33.18
CA LYS E 115 -15.49 -27.30 34.31
C LYS E 115 -15.14 -28.76 34.10
N THR E 116 -16.08 -29.56 33.61
CA THR E 116 -15.83 -30.98 33.39
C THR E 116 -14.77 -31.19 32.32
N LEU E 117 -14.87 -30.44 31.22
CA LEU E 117 -13.92 -30.61 30.12
C LEU E 117 -12.52 -30.17 30.54
N THR E 118 -12.41 -28.98 31.15
CA THR E 118 -11.11 -28.48 31.58
C THR E 118 -10.52 -29.37 32.67
N GLY E 119 -11.34 -29.81 33.62
CA GLY E 119 -10.90 -30.63 34.71
C GLY E 119 -10.68 -29.92 36.03
N GLY E 120 -11.04 -28.64 36.11
CA GLY E 120 -10.86 -27.90 37.35
C GLY E 120 -11.51 -26.54 37.25
N GLY E 121 -11.57 -25.87 38.38
CA GLY E 121 -12.16 -24.54 38.45
C GLY E 121 -13.11 -24.37 39.63
N GLY F 52 17.53 -3.23 35.12
CA GLY F 52 16.27 -2.64 34.71
C GLY F 52 15.08 -3.57 34.88
N GLY F 53 14.32 -3.75 33.80
CA GLY F 53 13.18 -4.63 33.85
C GLY F 53 13.57 -6.09 33.84
N THR F 54 12.56 -6.95 34.03
CA THR F 54 12.79 -8.38 34.07
C THR F 54 13.16 -8.90 32.67
N ASP F 55 13.81 -10.05 32.64
CA ASP F 55 14.25 -10.62 31.37
C ASP F 55 13.04 -11.02 30.52
N PRO F 56 13.18 -11.02 29.19
CA PRO F 56 12.03 -11.35 28.33
C PRO F 56 11.49 -12.75 28.55
N ALA F 57 12.29 -13.67 29.08
CA ALA F 57 11.81 -15.02 29.33
C ALA F 57 10.71 -15.03 30.38
N THR F 58 10.79 -14.12 31.35
CA THR F 58 9.78 -14.08 32.41
C THR F 58 8.47 -13.48 31.90
N MET F 59 8.55 -12.46 31.05
CA MET F 59 7.34 -11.78 30.58
C MET F 59 6.45 -12.71 29.76
N VAL F 60 7.05 -13.50 28.86
CA VAL F 60 6.27 -14.41 28.05
C VAL F 60 5.65 -15.52 28.90
N ASN F 61 6.26 -15.81 30.05
CA ASN F 61 5.63 -16.75 30.99
C ASN F 61 4.40 -16.15 31.63
N ASN F 62 4.44 -14.84 31.92
CA ASN F 62 3.30 -14.18 32.54
C ASN F 62 2.08 -14.19 31.61
N ILE F 63 2.31 -14.00 30.31
CA ILE F 63 1.20 -14.04 29.37
C ILE F 63 0.57 -15.43 29.33
N CYS F 64 1.41 -16.47 29.32
CA CYS F 64 0.90 -17.84 29.28
C CYS F 64 0.12 -18.16 30.54
N THR F 65 0.61 -17.74 31.71
CA THR F 65 -0.10 -17.99 32.95
C THR F 65 -1.43 -17.24 32.98
N PHE F 66 -1.45 -16.00 32.51
CA PHE F 66 -2.68 -15.22 32.50
C PHE F 66 -3.72 -15.82 31.55
N ILE F 67 -3.29 -16.21 30.35
CA ILE F 67 -4.22 -16.75 29.37
C ILE F 67 -4.81 -18.07 29.85
N LEU F 68 -3.98 -18.96 30.38
CA LEU F 68 -4.42 -20.27 30.85
C LEU F 68 -4.87 -20.26 32.30
N GLY F 69 -5.16 -19.08 32.86
CA GLY F 69 -5.63 -18.98 34.22
C GLY F 69 -7.12 -18.86 34.31
N PRO F 70 -7.62 -18.11 35.30
CA PRO F 70 -9.07 -17.90 35.42
C PRO F 70 -9.67 -17.22 34.21
N PHE F 71 -8.92 -16.37 33.50
CA PHE F 71 -9.45 -15.72 32.31
C PHE F 71 -9.75 -16.73 31.21
N GLY F 72 -8.86 -17.71 31.02
CA GLY F 72 -9.09 -18.70 29.99
C GLY F 72 -10.27 -19.61 30.29
N GLN F 73 -10.46 -19.97 31.55
CA GLN F 73 -11.57 -20.84 31.93
C GLN F 73 -12.91 -20.18 31.65
N SER F 74 -13.03 -18.87 31.87
CA SER F 74 -14.27 -18.17 31.58
C SER F 74 -14.44 -17.96 30.08
N LEU F 75 -13.37 -18.05 29.30
CA LEU F 75 -13.50 -18.03 27.86
C LEU F 75 -14.08 -19.34 27.33
N ALA F 76 -13.81 -20.44 28.03
CA ALA F 76 -14.32 -21.73 27.59
C ALA F 76 -15.85 -21.78 27.67
N VAL F 77 -16.42 -21.25 28.75
CA VAL F 77 -17.87 -21.30 28.91
C VAL F 77 -18.56 -20.39 27.90
N LEU F 78 -17.90 -19.30 27.48
CA LEU F 78 -18.49 -18.45 26.46
C LEU F 78 -18.51 -19.14 25.11
N GLY F 79 -17.49 -19.92 24.80
CA GLY F 79 -17.50 -20.67 23.55
C GLY F 79 -18.58 -21.75 23.52
N ILE F 80 -18.79 -22.41 24.66
CA ILE F 80 -19.83 -23.43 24.74
C ILE F 80 -21.21 -22.81 24.61
N VAL F 81 -21.40 -21.62 25.20
CA VAL F 81 -22.69 -20.94 25.11
C VAL F 81 -23.03 -20.64 23.66
N ALA F 82 -22.03 -20.24 22.87
CA ALA F 82 -22.28 -19.92 21.47
C ALA F 82 -22.75 -21.13 20.68
N ILE F 83 -22.41 -22.35 21.13
CA ILE F 83 -22.91 -23.54 20.48
C ILE F 83 -24.42 -23.69 20.70
N GLY F 84 -24.85 -23.52 21.94
CA GLY F 84 -26.27 -23.66 22.24
C GLY F 84 -27.11 -22.59 21.59
N ILE F 85 -26.60 -21.36 21.54
CA ILE F 85 -27.33 -20.27 20.89
C ILE F 85 -27.42 -20.52 19.39
N SER F 86 -26.37 -21.10 18.80
CA SER F 86 -26.36 -21.33 17.37
C SER F 86 -27.25 -22.49 16.93
N TRP F 87 -27.35 -23.55 17.75
CA TRP F 87 -28.18 -24.69 17.36
C TRP F 87 -29.64 -24.28 17.24
N MET F 88 -30.16 -23.53 18.20
CA MET F 88 -31.47 -22.91 18.04
C MET F 88 -31.33 -21.65 17.19
N PHE F 89 -32.45 -21.19 16.64
CA PHE F 89 -32.46 -20.10 15.66
C PHE F 89 -31.52 -20.40 14.49
N GLY F 90 -31.44 -21.66 14.08
CA GLY F 90 -30.53 -22.04 13.02
C GLY F 90 -30.50 -23.53 12.75
N ARG F 91 -29.32 -24.07 12.46
CA ARG F 91 -29.16 -25.46 12.09
C ARG F 91 -28.14 -26.12 13.01
N ALA F 92 -28.38 -27.39 13.34
CA ALA F 92 -27.51 -28.16 14.22
C ALA F 92 -26.70 -29.15 13.38
N SER F 93 -25.39 -29.17 13.61
CA SER F 93 -24.51 -30.04 12.85
C SER F 93 -23.36 -30.51 13.74
N LEU F 94 -22.78 -31.64 13.37
CA LEU F 94 -21.65 -32.18 14.13
C LEU F 94 -20.37 -31.41 13.88
N GLY F 95 -20.25 -30.76 12.72
CA GLY F 95 -19.05 -30.00 12.44
C GLY F 95 -18.87 -28.80 13.34
N LEU F 96 -19.97 -28.12 13.65
CA LEU F 96 -19.89 -26.91 14.48
C LEU F 96 -19.46 -27.24 15.90
N VAL F 97 -20.06 -28.27 16.50
CA VAL F 97 -19.72 -28.62 17.88
C VAL F 97 -18.30 -29.18 17.96
N ALA F 98 -17.89 -29.95 16.95
CA ALA F 98 -16.55 -30.54 16.96
C ALA F 98 -15.48 -29.46 16.87
N GLY F 99 -15.72 -28.42 16.06
CA GLY F 99 -14.73 -27.37 15.91
C GLY F 99 -14.49 -26.59 17.19
N VAL F 100 -15.57 -26.23 17.90
CA VAL F 100 -15.43 -25.43 19.11
C VAL F 100 -14.80 -26.26 20.23
N VAL F 101 -15.26 -27.49 20.40
CA VAL F 101 -14.69 -28.35 21.44
C VAL F 101 -13.24 -28.69 21.13
N GLY F 102 -12.92 -28.90 19.85
CA GLY F 102 -11.54 -29.11 19.47
C GLY F 102 -10.67 -27.90 19.75
N GLY F 103 -11.26 -26.69 19.64
CA GLY F 103 -10.50 -25.49 19.94
C GLY F 103 -10.10 -25.39 21.39
N ILE F 104 -11.00 -25.77 22.30
CA ILE F 104 -10.68 -25.74 23.73
C ILE F 104 -9.58 -26.73 24.05
N VAL F 105 -9.61 -27.90 23.40
CA VAL F 105 -8.58 -28.91 23.63
C VAL F 105 -7.22 -28.40 23.20
N ILE F 106 -7.16 -27.71 22.06
CA ILE F 106 -5.89 -27.16 21.60
C ILE F 106 -5.46 -25.98 22.48
N MET F 107 -6.39 -25.09 22.82
CA MET F 107 -6.05 -23.91 23.59
C MET F 107 -5.52 -24.29 24.98
N PHE F 108 -6.36 -24.92 25.79
CA PHE F 108 -5.92 -25.40 27.10
C PHE F 108 -4.96 -26.56 26.93
N GLY F 109 -3.93 -26.60 27.78
CA GLY F 109 -2.93 -27.64 27.64
C GLY F 109 -2.04 -27.49 26.43
N ALA F 110 -1.91 -26.26 25.89
CA ALA F 110 -1.03 -26.04 24.77
C ALA F 110 0.44 -26.20 25.15
N SER F 111 0.75 -26.09 26.45
CA SER F 111 2.12 -26.31 26.90
C SER F 111 2.56 -27.74 26.64
N PHE F 112 1.67 -28.70 26.88
CA PHE F 112 2.00 -30.10 26.60
C PHE F 112 2.21 -30.34 25.11
N LEU F 113 1.38 -29.71 24.27
CA LEU F 113 1.56 -29.83 22.83
C LEU F 113 2.88 -29.23 22.38
N GLY F 114 3.25 -28.07 22.95
CA GLY F 114 4.51 -27.45 22.58
C GLY F 114 5.71 -28.29 22.99
N LYS F 115 5.66 -28.89 24.18
CA LYS F 115 6.77 -29.72 24.63
C LYS F 115 6.92 -30.96 23.77
N THR F 116 5.79 -31.60 23.41
CA THR F 116 5.85 -32.81 22.59
C THR F 116 6.40 -32.50 21.20
N LEU F 117 5.94 -31.41 20.60
CA LEU F 117 6.39 -31.05 19.25
C LEU F 117 7.87 -30.67 19.24
N THR F 118 8.28 -29.81 20.16
CA THR F 118 9.68 -29.40 20.23
C THR F 118 10.58 -30.58 20.59
N GLY F 119 10.15 -31.41 21.53
CA GLY F 119 10.93 -32.55 21.97
C GLY F 119 11.67 -32.36 23.27
N GLY F 120 11.47 -31.26 23.96
CA GLY F 120 12.15 -31.02 25.23
C GLY F 120 11.60 -29.79 25.90
N GLY F 121 12.03 -29.59 27.14
CA GLY F 121 11.60 -28.46 27.92
C GLY F 121 11.19 -28.82 29.33
N GLY G 52 39.15 -4.91 21.96
CA GLY G 52 37.88 -4.31 22.32
C GLY G 52 36.79 -5.34 22.56
N GLY G 53 35.67 -5.18 21.87
CA GLY G 53 34.56 -6.10 22.01
C GLY G 53 34.82 -7.41 21.29
N THR G 54 33.91 -8.36 21.52
CA THR G 54 34.04 -9.67 20.90
C THR G 54 33.80 -9.58 19.39
N ASP G 55 34.30 -10.57 18.67
CA ASP G 55 34.19 -10.59 17.23
C ASP G 55 32.72 -10.74 16.81
N PRO G 56 32.35 -10.22 15.64
CA PRO G 56 30.94 -10.30 15.23
C PRO G 56 30.42 -11.73 15.08
N ALA G 57 31.30 -12.70 14.86
CA ALA G 57 30.85 -14.09 14.75
C ALA G 57 30.25 -14.59 16.05
N THR G 58 30.75 -14.11 17.18
CA THR G 58 30.23 -14.56 18.47
C THR G 58 28.87 -13.93 18.77
N MET G 59 28.69 -12.66 18.41
CA MET G 59 27.44 -11.96 18.73
C MET G 59 26.25 -12.59 18.02
N VAL G 60 26.40 -12.92 16.73
CA VAL G 60 25.30 -13.53 16.00
C VAL G 60 24.98 -14.92 16.53
N ASN G 61 25.96 -15.58 17.15
CA ASN G 61 25.68 -16.85 17.81
C ASN G 61 24.83 -16.64 19.06
N ASN G 62 25.07 -15.55 19.79
CA ASN G 62 24.29 -15.28 21.00
C ASN G 62 22.83 -15.04 20.68
N ILE G 63 22.54 -14.36 19.57
CA ILE G 63 21.16 -14.13 19.16
C ILE G 63 20.47 -15.45 18.84
N CYS G 64 21.18 -16.33 18.12
CA CYS G 64 20.60 -17.63 17.77
C CYS G 64 20.34 -18.47 19.00
N THR G 65 21.27 -18.48 19.95
CA THR G 65 21.06 -19.24 21.18
C THR G 65 19.90 -18.68 21.99
N PHE G 66 19.79 -17.36 22.08
CA PHE G 66 18.71 -16.75 22.84
C PHE G 66 17.35 -17.03 22.20
N ILE G 67 17.26 -16.90 20.87
CA ILE G 67 15.99 -17.11 20.20
C ILE G 67 15.54 -18.56 20.32
N LEU G 68 16.45 -19.51 20.11
CA LEU G 68 16.12 -20.92 20.17
C LEU G 68 16.28 -21.51 21.57
N GLY G 69 16.30 -20.66 22.60
CA GLY G 69 16.40 -21.13 23.95
C GLY G 69 15.06 -21.18 24.65
N PRO G 70 15.04 -20.91 25.96
CA PRO G 70 13.76 -20.88 26.68
C PRO G 70 12.78 -19.85 26.16
N PHE G 71 13.27 -18.74 25.61
CA PHE G 71 12.38 -17.73 25.04
C PHE G 71 11.60 -18.27 23.85
N GLY G 72 12.28 -19.02 22.97
CA GLY G 72 11.59 -19.57 21.81
C GLY G 72 10.56 -20.62 22.16
N GLN G 73 10.86 -21.46 23.17
CA GLN G 73 9.92 -22.49 23.56
C GLN G 73 8.61 -21.90 24.09
N SER G 74 8.69 -20.79 24.83
CA SER G 74 7.48 -20.15 25.31
C SER G 74 6.76 -19.40 24.20
N LEU G 75 7.45 -19.09 23.11
CA LEU G 75 6.77 -18.53 21.94
C LEU G 75 5.94 -19.59 21.22
N ALA G 76 6.38 -20.84 21.28
CA ALA G 76 5.65 -21.92 20.61
C ALA G 76 4.28 -22.13 21.24
N VAL G 77 4.21 -22.09 22.57
CA VAL G 77 2.92 -22.33 23.24
C VAL G 77 1.97 -21.17 23.00
N LEU G 78 2.49 -19.96 22.81
CA LEU G 78 1.62 -18.83 22.51
C LEU G 78 1.02 -18.96 21.10
N GLY G 79 1.79 -19.48 20.15
CA GLY G 79 1.26 -19.70 18.82
C GLY G 79 0.19 -20.77 18.79
N ILE G 80 0.37 -21.83 19.59
CA ILE G 80 -0.63 -22.89 19.65
C ILE G 80 -1.91 -22.39 20.32
N VAL G 81 -1.78 -21.54 21.33
CA VAL G 81 -2.95 -20.99 22.00
C VAL G 81 -3.79 -20.19 21.03
N ALA G 82 -3.16 -19.44 20.13
CA ALA G 82 -3.90 -18.63 19.16
C ALA G 82 -4.72 -19.50 18.21
N ILE G 83 -4.31 -20.75 18.00
CA ILE G 83 -5.11 -21.66 17.18
C ILE G 83 -6.42 -22.00 17.88
N GLY G 84 -6.33 -22.37 19.16
CA GLY G 84 -7.53 -22.73 19.90
C GLY G 84 -8.49 -21.56 20.08
N ILE G 85 -7.95 -20.37 20.32
CA ILE G 85 -8.80 -19.19 20.45
C ILE G 85 -9.47 -18.85 19.14
N SER G 86 -8.77 -19.08 18.02
CA SER G 86 -9.32 -18.73 16.71
C SER G 86 -10.39 -19.73 16.24
N TRP G 87 -10.23 -21.02 16.56
CA TRP G 87 -11.23 -21.99 16.12
C TRP G 87 -12.60 -21.71 16.72
N MET G 88 -12.66 -21.42 18.02
CA MET G 88 -13.88 -20.90 18.61
C MET G 88 -13.99 -19.41 18.32
N PHE G 89 -15.21 -18.88 18.47
CA PHE G 89 -15.51 -17.51 18.06
C PHE G 89 -15.12 -17.26 16.60
N GLY G 90 -15.28 -18.27 15.75
CA GLY G 90 -14.88 -18.13 14.37
C GLY G 90 -15.06 -19.40 13.55
N ARG G 91 -14.12 -19.67 12.65
CA ARG G 91 -14.20 -20.80 11.75
C ARG G 91 -12.96 -21.67 11.89
N ALA G 92 -13.15 -22.98 11.78
CA ALA G 92 -12.06 -23.95 11.89
C ALA G 92 -11.70 -24.47 10.49
N SER G 93 -10.41 -24.46 10.18
CA SER G 93 -9.94 -24.91 8.87
C SER G 93 -8.58 -25.56 9.02
N LEU G 94 -8.26 -26.42 8.04
CA LEU G 94 -6.97 -27.11 8.06
C LEU G 94 -5.83 -26.18 7.65
N GLY G 95 -6.12 -25.14 6.88
CA GLY G 95 -5.07 -24.23 6.47
C GLY G 95 -4.48 -23.44 7.63
N LEU G 96 -5.32 -23.03 8.57
CA LEU G 96 -4.85 -22.22 9.69
C LEU G 96 -3.93 -23.03 10.61
N VAL G 97 -4.32 -24.25 10.95
CA VAL G 97 -3.51 -25.07 11.84
C VAL G 97 -2.21 -25.49 11.16
N ALA G 98 -2.27 -25.78 9.86
CA ALA G 98 -1.08 -26.21 9.14
C ALA G 98 -0.05 -25.08 9.06
N GLY G 99 -0.51 -23.84 8.88
CA GLY G 99 0.42 -22.73 8.78
C GLY G 99 1.18 -22.47 10.06
N VAL G 100 0.49 -22.50 11.19
CA VAL G 100 1.14 -22.21 12.47
C VAL G 100 2.08 -23.34 12.86
N VAL G 101 1.64 -24.60 12.71
CA VAL G 101 2.50 -25.72 13.05
C VAL G 101 3.69 -25.79 12.11
N GLY G 102 3.49 -25.47 10.83
CA GLY G 102 4.61 -25.40 9.91
C GLY G 102 5.59 -24.31 10.28
N GLY G 103 5.10 -23.22 10.86
CA GLY G 103 5.99 -22.15 11.28
C GLY G 103 6.92 -22.57 12.40
N ILE G 104 6.41 -23.34 13.36
CA ILE G 104 7.26 -23.82 14.46
C ILE G 104 8.33 -24.77 13.92
N VAL G 105 7.97 -25.60 12.94
CA VAL G 105 8.93 -26.53 12.35
C VAL G 105 10.06 -25.77 11.68
N ILE G 106 9.73 -24.70 10.95
CA ILE G 106 10.76 -23.90 10.29
C ILE G 106 11.58 -23.12 11.32
N MET G 107 10.90 -22.50 12.31
CA MET G 107 11.60 -21.68 13.29
C MET G 107 12.59 -22.51 14.11
N PHE G 108 12.07 -23.47 14.87
CA PHE G 108 12.95 -24.37 15.61
C PHE G 108 13.70 -25.30 14.66
N GLY G 109 14.96 -25.56 14.98
CA GLY G 109 15.76 -26.37 14.09
C GLY G 109 16.13 -25.69 12.79
N ALA G 110 16.13 -24.36 12.76
CA ALA G 110 16.53 -23.65 11.54
C ALA G 110 18.01 -23.81 11.26
N SER G 111 18.80 -24.17 12.27
CA SER G 111 20.22 -24.42 12.05
C SER G 111 20.43 -25.61 11.11
N PHE G 112 19.64 -26.67 11.28
CA PHE G 112 19.75 -27.82 10.39
C PHE G 112 19.34 -27.44 8.97
N LEU G 113 18.30 -26.62 8.82
CA LEU G 113 17.90 -26.18 7.49
C LEU G 113 18.99 -25.33 6.84
N GLY G 114 19.62 -24.46 7.62
CA GLY G 114 20.70 -23.63 7.06
C GLY G 114 21.90 -24.45 6.63
N LYS G 115 22.27 -25.45 7.43
CA LYS G 115 23.40 -26.31 7.08
C LYS G 115 23.12 -27.11 5.81
N THR G 116 21.91 -27.64 5.69
CA THR G 116 21.57 -28.45 4.52
C THR G 116 21.55 -27.60 3.26
N LEU G 117 20.97 -26.40 3.33
CA LEU G 117 20.90 -25.53 2.18
C LEU G 117 22.28 -25.04 1.75
N THR G 118 23.08 -24.55 2.70
CA THR G 118 24.42 -24.08 2.39
C THR G 118 25.30 -25.23 1.89
N GLY G 119 25.21 -26.38 2.53
CA GLY G 119 26.01 -27.53 2.18
C GLY G 119 27.22 -27.79 3.06
N GLY G 120 27.37 -27.04 4.15
CA GLY G 120 28.50 -27.24 5.03
C GLY G 120 28.33 -26.40 6.28
N GLY G 121 29.22 -26.66 7.24
CA GLY G 121 29.20 -25.94 8.50
C GLY G 121 29.34 -26.86 9.71
N GLY H 52 53.93 0.43 2.04
CA GLY H 52 52.94 0.73 3.05
C GLY H 52 51.95 -0.40 3.27
N GLY H 53 50.66 -0.08 3.18
CA GLY H 53 49.64 -1.09 3.36
C GLY H 53 49.50 -2.00 2.16
N THR H 54 48.69 -3.04 2.33
CA THR H 54 48.49 -4.01 1.27
C THR H 54 47.70 -3.38 0.12
N ASP H 55 47.82 -3.97 -1.06
CA ASP H 55 47.15 -3.45 -2.23
C ASP H 55 45.63 -3.57 -2.09
N PRO H 56 44.87 -2.68 -2.74
CA PRO H 56 43.41 -2.72 -2.59
C PRO H 56 42.78 -4.02 -3.06
N ALA H 57 43.45 -4.76 -3.94
CA ALA H 57 42.89 -6.03 -4.40
C ALA H 57 42.79 -7.04 -3.26
N THR H 58 43.73 -6.98 -2.31
CA THR H 58 43.71 -7.93 -1.20
C THR H 58 42.61 -7.59 -0.20
N MET H 59 42.40 -6.29 0.06
CA MET H 59 41.42 -5.88 1.06
C MET H 59 40.01 -6.30 0.68
N VAL H 60 39.64 -6.10 -0.58
CA VAL H 60 38.30 -6.48 -1.02
C VAL H 60 38.11 -7.99 -0.99
N ASN H 61 39.20 -8.76 -1.09
CA ASN H 61 39.11 -10.19 -0.91
C ASN H 61 38.83 -10.56 0.54
N ASN H 62 39.39 -9.80 1.48
CA ASN H 62 39.17 -10.08 2.90
C ASN H 62 37.72 -9.86 3.29
N ILE H 63 37.07 -8.84 2.71
CA ILE H 63 35.66 -8.60 2.98
C ILE H 63 34.81 -9.76 2.46
N CYS H 64 35.12 -10.23 1.26
CA CYS H 64 34.36 -11.34 0.68
C CYS H 64 34.54 -12.61 1.50
N THR H 65 35.75 -12.89 1.95
CA THR H 65 35.98 -14.08 2.77
C THR H 65 35.26 -13.97 4.11
N PHE H 66 35.28 -12.79 4.73
CA PHE H 66 34.62 -12.62 6.01
C PHE H 66 33.11 -12.75 5.89
N ILE H 67 32.52 -12.15 4.85
CA ILE H 67 31.08 -12.20 4.68
C ILE H 67 30.61 -13.62 4.40
N LEU H 68 31.30 -14.33 3.51
CA LEU H 68 30.93 -15.69 3.15
C LEU H 68 31.57 -16.74 4.05
N GLY H 69 32.03 -16.35 5.23
CA GLY H 69 32.63 -17.28 6.16
C GLY H 69 31.65 -17.71 7.24
N PRO H 70 32.15 -17.95 8.45
CA PRO H 70 31.25 -18.32 9.55
C PRO H 70 30.22 -17.25 9.86
N PHE H 71 30.54 -15.98 9.65
CA PHE H 71 29.57 -14.92 9.90
C PHE H 71 28.36 -15.04 8.98
N GLY H 72 28.59 -15.34 7.70
CA GLY H 72 27.48 -15.46 6.76
C GLY H 72 26.60 -16.65 7.06
N GLN H 73 27.19 -17.77 7.47
CA GLN H 73 26.41 -18.97 7.77
C GLN H 73 25.45 -18.73 8.93
N SER H 74 25.88 -17.97 9.94
CA SER H 74 25.00 -17.67 11.07
C SER H 74 23.95 -16.63 10.69
N LEU H 75 24.19 -15.87 9.62
CA LEU H 75 23.16 -14.97 9.11
C LEU H 75 22.06 -15.75 8.41
N ALA H 76 22.39 -16.89 7.81
CA ALA H 76 21.39 -17.70 7.12
C ALA H 76 20.35 -18.24 8.08
N VAL H 77 20.80 -18.73 9.25
CA VAL H 77 19.86 -19.31 10.20
C VAL H 77 18.96 -18.24 10.80
N LEU H 78 19.45 -17.00 10.91
CA LEU H 78 18.61 -15.92 11.42
C LEU H 78 17.51 -15.57 10.42
N GLY H 79 17.83 -15.61 9.12
CA GLY H 79 16.81 -15.36 8.11
C GLY H 79 15.73 -16.43 8.09
N ILE H 80 16.14 -17.69 8.29
CA ILE H 80 15.17 -18.78 8.31
C ILE H 80 14.28 -18.69 9.55
N VAL H 81 14.85 -18.28 10.68
CA VAL H 81 14.06 -18.13 11.91
C VAL H 81 12.96 -17.10 11.71
N ALA H 82 13.27 -16.01 11.00
CA ALA H 82 12.27 -14.97 10.76
C ALA H 82 11.09 -15.48 9.95
N ILE H 83 11.29 -16.52 9.13
CA ILE H 83 10.18 -17.12 8.40
C ILE H 83 9.22 -17.81 9.36
N GLY H 84 9.77 -18.62 10.27
CA GLY H 84 8.91 -19.34 11.21
C GLY H 84 8.19 -18.41 12.15
N ILE H 85 8.86 -17.36 12.61
CA ILE H 85 8.21 -16.40 13.51
C ILE H 85 7.11 -15.66 12.77
N SER H 86 7.31 -15.39 11.48
CA SER H 86 6.32 -14.62 10.72
C SER H 86 5.10 -15.45 10.35
N TRP H 87 5.27 -16.75 10.07
CA TRP H 87 4.12 -17.57 9.70
C TRP H 87 3.10 -17.65 10.84
N MET H 88 3.57 -17.87 12.06
CA MET H 88 2.71 -17.74 13.23
C MET H 88 2.60 -16.26 13.60
N PHE H 89 1.56 -15.93 14.37
CA PHE H 89 1.22 -14.54 14.67
C PHE H 89 1.05 -13.72 13.40
N GLY H 90 0.50 -14.34 12.35
CA GLY H 90 0.34 -13.67 11.08
C GLY H 90 -0.23 -14.54 9.98
N ARG H 91 0.28 -14.37 8.77
CA ARG H 91 -0.22 -15.08 7.59
C ARG H 91 0.93 -15.82 6.92
N ALA H 92 0.62 -17.01 6.39
CA ALA H 92 1.59 -17.84 5.70
C ALA H 92 1.36 -17.76 4.20
N SER H 93 2.42 -17.52 3.44
CA SER H 93 2.33 -17.40 2.00
C SER H 93 3.59 -17.94 1.35
N LEU H 94 3.45 -18.33 0.08
CA LEU H 94 4.59 -18.86 -0.66
C LEU H 94 5.56 -17.75 -1.07
N GLY H 95 5.07 -16.52 -1.22
CA GLY H 95 5.94 -15.43 -1.63
C GLY H 95 6.98 -15.09 -0.57
N LEU H 96 6.59 -15.15 0.70
CA LEU H 96 7.51 -14.78 1.78
C LEU H 96 8.65 -15.79 1.89
N VAL H 97 8.34 -17.08 1.85
CA VAL H 97 9.37 -18.10 2.00
C VAL H 97 10.27 -18.12 0.77
N ALA H 98 9.71 -17.89 -0.42
CA ALA H 98 10.51 -17.91 -1.64
C ALA H 98 11.50 -16.76 -1.66
N GLY H 99 11.09 -15.58 -1.18
CA GLY H 99 11.98 -14.44 -1.19
C GLY H 99 13.19 -14.62 -0.30
N VAL H 100 12.98 -15.13 0.92
CA VAL H 100 14.08 -15.30 1.85
C VAL H 100 15.03 -16.40 1.39
N VAL H 101 14.48 -17.54 0.96
CA VAL H 101 15.33 -18.64 0.48
C VAL H 101 16.06 -18.23 -0.79
N GLY H 102 15.40 -17.48 -1.66
CA GLY H 102 16.08 -16.96 -2.84
C GLY H 102 17.21 -16.01 -2.49
N GLY H 103 17.05 -15.26 -1.39
CA GLY H 103 18.10 -14.36 -0.97
C GLY H 103 19.37 -15.08 -0.54
N ILE H 104 19.21 -16.21 0.17
CA ILE H 104 20.38 -16.99 0.59
C ILE H 104 21.09 -17.56 -0.63
N VAL H 105 20.33 -17.99 -1.64
CA VAL H 105 20.93 -18.54 -2.85
C VAL H 105 21.76 -17.48 -3.56
N ILE H 106 21.25 -16.25 -3.64
CA ILE H 106 22.00 -15.17 -4.27
C ILE H 106 23.20 -14.78 -3.42
N MET H 107 23.00 -14.64 -2.11
CA MET H 107 24.08 -14.19 -1.23
C MET H 107 25.24 -15.17 -1.23
N PHE H 108 24.99 -16.39 -0.76
CA PHE H 108 26.02 -17.42 -0.81
C PHE H 108 26.28 -17.85 -2.23
N GLY H 109 27.55 -18.10 -2.55
CA GLY H 109 27.89 -18.44 -3.92
C GLY H 109 27.78 -17.29 -4.90
N ALA H 110 27.86 -16.05 -4.41
CA ALA H 110 27.81 -14.91 -5.31
C ALA H 110 29.06 -14.82 -6.18
N SER H 111 30.15 -15.47 -5.76
CA SER H 111 31.35 -15.49 -6.58
C SER H 111 31.10 -16.21 -7.89
N PHE H 112 30.37 -17.31 -7.86
CA PHE H 112 30.05 -18.03 -9.09
C PHE H 112 29.15 -17.19 -10.00
N LEU H 113 28.20 -16.46 -9.42
CA LEU H 113 27.35 -15.59 -10.22
C LEU H 113 28.16 -14.46 -10.86
N GLY H 114 29.10 -13.90 -10.10
CA GLY H 114 29.92 -12.83 -10.66
C GLY H 114 30.82 -13.32 -11.80
N LYS H 115 31.40 -14.51 -11.64
CA LYS H 115 32.24 -15.05 -12.70
C LYS H 115 31.45 -15.34 -13.96
N THR H 116 30.25 -15.92 -13.81
CA THR H 116 29.42 -16.24 -14.98
C THR H 116 28.99 -14.97 -15.71
N LEU H 117 28.57 -13.95 -14.97
CA LEU H 117 28.12 -12.71 -15.59
C LEU H 117 29.27 -11.99 -16.29
N THR H 118 30.39 -11.83 -15.60
CA THR H 118 31.54 -11.15 -16.19
C THR H 118 32.09 -11.93 -17.37
N GLY H 119 32.17 -13.26 -17.25
CA GLY H 119 32.69 -14.11 -18.29
C GLY H 119 34.12 -14.58 -18.10
N GLY H 120 34.73 -14.28 -16.96
CA GLY H 120 36.09 -14.71 -16.71
C GLY H 120 36.48 -14.42 -15.27
N GLY H 121 37.65 -14.94 -14.91
CA GLY H 121 38.16 -14.76 -13.56
C GLY H 121 38.69 -16.04 -12.94
N GLY I 52 60.29 14.19 -18.28
CA GLY I 52 59.78 13.98 -16.93
C GLY I 52 58.88 12.77 -16.81
N GLY I 53 57.68 12.99 -16.27
CA GLY I 53 56.73 11.90 -16.12
C GLY I 53 56.09 11.51 -17.43
N THR I 54 55.34 10.42 -17.37
CA THR I 54 54.67 9.91 -18.57
C THR I 54 53.55 10.86 -18.99
N ASP I 55 53.17 10.77 -20.26
CA ASP I 55 52.13 11.64 -20.79
C ASP I 55 50.79 11.34 -20.14
N PRO I 56 49.90 12.34 -20.05
CA PRO I 56 48.61 12.11 -19.39
C PRO I 56 47.75 11.03 -20.05
N ALA I 57 47.98 10.75 -21.33
CA ALA I 57 47.20 9.70 -21.99
C ALA I 57 47.48 8.34 -21.39
N THR I 58 48.70 8.11 -20.92
CA THR I 58 49.06 6.81 -20.34
C THR I 58 48.45 6.65 -18.95
N MET I 59 48.44 7.73 -18.16
CA MET I 59 47.96 7.64 -16.77
C MET I 59 46.47 7.28 -16.73
N VAL I 60 45.66 7.90 -17.57
CA VAL I 60 44.23 7.60 -17.58
C VAL I 60 43.97 6.18 -18.05
N ASN I 61 44.88 5.61 -18.85
CA ASN I 61 44.77 4.21 -19.22
C ASN I 61 45.04 3.30 -18.03
N ASN I 62 45.97 3.69 -17.15
CA ASN I 62 46.29 2.88 -15.99
C ASN I 62 45.11 2.80 -15.03
N ILE I 63 44.37 3.90 -14.88
CA ILE I 63 43.19 3.90 -14.02
C ILE I 63 42.13 2.95 -14.58
N CYS I 64 41.92 3.00 -15.90
CA CYS I 64 40.92 2.14 -16.52
C CYS I 64 41.31 0.67 -16.38
N THR I 65 42.58 0.35 -16.58
CA THR I 65 43.03 -1.03 -16.43
C THR I 65 42.88 -1.52 -14.99
N PHE I 66 43.23 -0.66 -14.02
CA PHE I 66 43.11 -1.05 -12.62
C PHE I 66 41.66 -1.25 -12.21
N ILE I 67 40.77 -0.35 -12.62
CA ILE I 67 39.37 -0.46 -12.23
C ILE I 67 38.73 -1.70 -12.83
N LEU I 68 38.99 -1.96 -14.13
CA LEU I 68 38.41 -3.11 -14.81
C LEU I 68 39.27 -4.36 -14.70
N GLY I 69 40.17 -4.42 -13.73
CA GLY I 69 41.01 -5.57 -13.52
C GLY I 69 40.49 -6.47 -12.42
N PRO I 70 41.41 -7.10 -11.68
CA PRO I 70 40.97 -7.94 -10.55
C PRO I 70 40.21 -7.17 -9.48
N PHE I 71 40.51 -5.87 -9.30
CA PHE I 71 39.79 -5.09 -8.31
C PHE I 71 38.32 -4.96 -8.68
N GLY I 72 38.02 -4.72 -9.96
CA GLY I 72 36.63 -4.58 -10.37
C GLY I 72 35.85 -5.87 -10.25
N GLN I 73 36.47 -7.00 -10.56
CA GLN I 73 35.77 -8.28 -10.47
C GLN I 73 35.36 -8.59 -9.03
N SER I 74 36.19 -8.25 -8.05
CA SER I 74 35.84 -8.47 -6.66
C SER I 74 34.79 -7.46 -6.18
N LEU I 75 34.66 -6.33 -6.89
CA LEU I 75 33.58 -5.40 -6.58
C LEU I 75 32.24 -5.96 -7.04
N ALA I 76 32.24 -6.75 -8.11
CA ALA I 76 31.00 -7.31 -8.62
C ALA I 76 30.37 -8.27 -7.62
N VAL I 77 31.19 -9.13 -7.00
CA VAL I 77 30.65 -10.11 -6.07
C VAL I 77 30.13 -9.42 -4.80
N LEU I 78 30.71 -8.29 -4.41
CA LEU I 78 30.20 -7.56 -3.27
C LEU I 78 28.83 -6.95 -3.56
N GLY I 79 28.63 -6.47 -4.78
CA GLY I 79 27.32 -5.94 -5.14
C GLY I 79 26.24 -7.02 -5.17
N ILE I 80 26.60 -8.21 -5.64
CA ILE I 80 25.65 -9.32 -5.67
C ILE I 80 25.31 -9.78 -4.27
N VAL I 81 26.30 -9.77 -3.37
CA VAL I 81 26.05 -10.17 -1.98
C VAL I 81 25.03 -9.24 -1.33
N ALA I 82 25.11 -7.94 -1.63
CA ALA I 82 24.18 -6.99 -1.04
C ALA I 82 22.75 -7.25 -1.47
N ILE I 83 22.55 -7.89 -2.64
CA ILE I 83 21.20 -8.25 -3.07
C ILE I 83 20.64 -9.34 -2.16
N GLY I 84 21.43 -10.38 -1.91
CA GLY I 84 20.96 -11.48 -1.08
C GLY I 84 20.71 -11.05 0.35
N ILE I 85 21.58 -10.20 0.89
CA ILE I 85 21.40 -9.71 2.25
C ILE I 85 20.15 -8.85 2.34
N SER I 86 19.86 -8.09 1.28
CA SER I 86 18.71 -7.18 1.32
C SER I 86 17.38 -7.90 1.15
N TRP I 87 17.34 -8.98 0.35
CA TRP I 87 16.08 -9.71 0.15
C TRP I 87 15.58 -10.30 1.47
N MET I 88 16.46 -10.93 2.23
CA MET I 88 16.12 -11.32 3.58
C MET I 88 16.27 -10.11 4.52
N PHE I 89 15.64 -10.20 5.69
CA PHE I 89 15.53 -9.06 6.60
C PHE I 89 14.94 -7.84 5.90
N GLY I 90 13.99 -8.06 5.00
CA GLY I 90 13.41 -6.96 4.24
C GLY I 90 12.40 -7.40 3.21
N ARG I 91 12.41 -6.74 2.05
CA ARG I 91 11.46 -6.99 0.98
C ARG I 91 12.20 -7.32 -0.31
N ALA I 92 11.63 -8.22 -1.09
CA ALA I 92 12.20 -8.65 -2.36
C ALA I 92 11.42 -8.04 -3.51
N SER I 93 12.13 -7.43 -4.46
CA SER I 93 11.49 -6.78 -5.59
C SER I 93 12.37 -6.91 -6.82
N LEU I 94 11.74 -6.81 -7.99
CA LEU I 94 12.47 -6.91 -9.24
C LEU I 94 13.27 -5.64 -9.53
N GLY I 95 12.84 -4.49 -9.00
CA GLY I 95 13.57 -3.26 -9.25
C GLY I 95 14.96 -3.26 -8.63
N LEU I 96 15.09 -3.84 -7.43
CA LEU I 96 16.36 -3.82 -6.74
C LEU I 96 17.39 -4.69 -7.46
N VAL I 97 17.00 -5.90 -7.86
CA VAL I 97 17.93 -6.80 -8.53
C VAL I 97 18.29 -6.26 -9.91
N ALA I 98 17.33 -5.66 -10.60
CA ALA I 98 17.60 -5.13 -11.95
C ALA I 98 18.59 -3.97 -11.90
N GLY I 99 18.47 -3.12 -10.89
CA GLY I 99 19.38 -1.98 -10.79
C GLY I 99 20.82 -2.38 -10.57
N VAL I 100 21.05 -3.34 -9.67
CA VAL I 100 22.42 -3.74 -9.36
C VAL I 100 23.03 -4.50 -10.53
N VAL I 101 22.29 -5.43 -11.13
CA VAL I 101 22.81 -6.18 -12.26
C VAL I 101 23.03 -5.27 -13.46
N GLY I 102 22.12 -4.29 -13.66
CA GLY I 102 22.34 -3.31 -14.70
C GLY I 102 23.58 -2.47 -14.47
N GLY I 103 23.91 -2.22 -13.20
CA GLY I 103 25.11 -1.46 -12.89
C GLY I 103 26.38 -2.17 -13.30
N ILE I 104 26.44 -3.50 -13.08
CA ILE I 104 27.61 -4.26 -13.46
C ILE I 104 27.77 -4.27 -14.98
N VAL I 105 26.65 -4.35 -15.70
CA VAL I 105 26.70 -4.34 -17.16
C VAL I 105 27.26 -3.02 -17.67
N ILE I 106 26.85 -1.91 -17.07
CA ILE I 106 27.36 -0.61 -17.47
C ILE I 106 28.83 -0.45 -17.05
N MET I 107 29.16 -0.84 -15.82
CA MET I 107 30.52 -0.67 -15.32
C MET I 107 31.52 -1.47 -16.13
N PHE I 108 31.39 -2.79 -16.12
CA PHE I 108 32.25 -3.64 -16.94
C PHE I 108 31.91 -3.46 -18.41
N GLY I 109 32.94 -3.45 -19.26
CA GLY I 109 32.70 -3.22 -20.66
C GLY I 109 32.31 -1.80 -21.00
N ALA I 110 32.65 -0.84 -20.15
CA ALA I 110 32.35 0.55 -20.45
C ALA I 110 33.17 1.07 -21.61
N SER I 111 34.28 0.42 -21.92
CA SER I 111 35.08 0.81 -23.08
C SER I 111 34.31 0.63 -24.37
N PHE I 112 33.56 -0.47 -24.49
CA PHE I 112 32.73 -0.69 -25.67
C PHE I 112 31.62 0.35 -25.78
N LEU I 113 31.02 0.71 -24.65
CA LEU I 113 29.99 1.75 -24.67
C LEU I 113 30.57 3.10 -25.08
N GLY I 114 31.77 3.42 -24.59
CA GLY I 114 32.39 4.68 -24.96
C GLY I 114 32.74 4.75 -26.43
N LYS I 115 33.26 3.64 -26.99
CA LYS I 115 33.59 3.61 -28.40
C LYS I 115 32.35 3.76 -29.28
N THR I 116 31.26 3.07 -28.92
CA THR I 116 30.04 3.15 -29.70
C THR I 116 29.44 4.55 -29.67
N LEU I 117 29.42 5.16 -28.50
CA LEU I 117 28.84 6.51 -28.37
C LEU I 117 29.68 7.54 -29.12
N THR I 118 31.00 7.53 -28.90
CA THR I 118 31.87 8.48 -29.57
C THR I 118 31.87 8.24 -31.09
N GLY I 119 31.90 6.99 -31.51
CA GLY I 119 31.92 6.65 -32.92
C GLY I 119 33.27 6.28 -33.48
N GLY I 120 34.30 6.17 -32.63
CA GLY I 120 35.61 5.80 -33.11
C GLY I 120 36.54 5.55 -31.94
N GLY I 121 37.73 5.04 -32.26
CA GLY I 121 38.73 4.74 -31.26
C GLY I 121 39.36 3.37 -31.44
N GLY J 52 59.27 35.14 -32.57
CA GLY J 52 59.30 34.40 -31.32
C GLY J 52 58.44 33.15 -31.33
N GLY J 53 57.55 33.04 -30.35
CA GLY J 53 56.66 31.90 -30.27
C GLY J 53 55.54 31.98 -31.28
N THR J 54 54.80 30.88 -31.37
CA THR J 54 53.69 30.81 -32.32
C THR J 54 52.56 31.75 -31.88
N ASP J 55 51.71 32.11 -32.85
CA ASP J 55 50.62 33.02 -32.57
C ASP J 55 49.61 32.38 -31.63
N PRO J 56 48.89 33.19 -30.83
CA PRO J 56 47.94 32.61 -29.86
C PRO J 56 46.83 31.79 -30.51
N ALA J 57 46.52 32.03 -31.79
CA ALA J 57 45.48 31.25 -32.45
C ALA J 57 45.87 29.79 -32.57
N THR J 58 47.17 29.51 -32.73
CA THR J 58 47.62 28.13 -32.86
C THR J 58 47.59 27.40 -31.53
N MET J 59 47.95 28.09 -30.44
CA MET J 59 48.03 27.44 -29.13
C MET J 59 46.66 26.96 -28.66
N VAL J 60 45.63 27.78 -28.83
CA VAL J 60 44.29 27.38 -28.41
C VAL J 60 43.78 26.23 -29.26
N ASN J 61 44.28 26.08 -30.49
CA ASN J 61 43.93 24.92 -31.29
C ASN J 61 44.57 23.66 -30.74
N ASN J 62 45.79 23.78 -30.21
CA ASN J 62 46.48 22.61 -29.66
C ASN J 62 45.75 22.08 -28.43
N ILE J 63 45.20 22.96 -27.60
CA ILE J 63 44.44 22.52 -26.43
C ILE J 63 43.19 21.77 -26.87
N CYS J 64 42.49 22.30 -27.88
CA CYS J 64 41.27 21.65 -28.35
C CYS J 64 41.57 20.28 -28.95
N THR J 65 42.66 20.17 -29.72
CA THR J 65 43.03 18.88 -30.29
C THR J 65 43.41 17.88 -29.20
N PHE J 66 44.17 18.33 -28.19
CA PHE J 66 44.58 17.43 -27.12
C PHE J 66 43.38 16.96 -26.29
N ILE J 67 42.46 17.87 -25.97
CA ILE J 67 41.31 17.50 -25.15
C ILE J 67 40.40 16.52 -25.90
N LEU J 68 40.14 16.79 -27.17
CA LEU J 68 39.26 15.95 -27.98
C LEU J 68 40.00 14.83 -28.68
N GLY J 69 41.21 14.49 -28.23
CA GLY J 69 41.98 13.42 -28.82
C GLY J 69 41.86 12.14 -28.02
N PRO J 70 42.94 11.35 -28.00
CA PRO J 70 42.92 10.11 -27.20
C PRO J 70 42.68 10.35 -25.72
N PHE J 71 43.12 11.49 -25.19
CA PHE J 71 42.89 11.79 -23.77
C PHE J 71 41.40 11.92 -23.48
N GLY J 72 40.65 12.59 -24.35
CA GLY J 72 39.23 12.75 -24.12
C GLY J 72 38.45 11.45 -24.21
N GLN J 73 38.83 10.57 -25.14
CA GLN J 73 38.15 9.30 -25.29
C GLN J 73 38.28 8.44 -24.05
N SER J 74 39.45 8.45 -23.41
CA SER J 74 39.64 7.70 -22.18
C SER J 74 38.94 8.35 -21.00
N LEU J 75 38.63 9.64 -21.11
CA LEU J 75 37.81 10.29 -20.08
C LEU J 75 36.36 9.83 -20.17
N ALA J 76 35.90 9.51 -21.38
CA ALA J 76 34.51 9.07 -21.55
C ALA J 76 34.26 7.75 -20.84
N VAL J 77 35.19 6.81 -20.96
CA VAL J 77 34.99 5.50 -20.33
C VAL J 77 35.04 5.61 -18.81
N LEU J 78 35.80 6.56 -18.28
CA LEU J 78 35.83 6.74 -16.83
C LEU J 78 34.50 7.29 -16.33
N GLY J 79 33.87 8.18 -17.10
CA GLY J 79 32.56 8.69 -16.70
C GLY J 79 31.48 7.61 -16.73
N ILE J 80 31.56 6.72 -17.72
CA ILE J 80 30.58 5.63 -17.81
C ILE J 80 30.78 4.64 -16.67
N VAL J 81 32.03 4.40 -16.29
CA VAL J 81 32.31 3.48 -15.18
C VAL J 81 31.69 4.00 -13.89
N ALA J 82 31.74 5.32 -13.68
CA ALA J 82 31.16 5.89 -12.47
C ALA J 82 29.66 5.69 -12.39
N ILE J 83 28.99 5.53 -13.54
CA ILE J 83 27.56 5.23 -13.52
C ILE J 83 27.32 3.83 -12.96
N GLY J 84 28.07 2.85 -13.46
CA GLY J 84 27.88 1.48 -12.99
C GLY J 84 28.23 1.30 -11.54
N ILE J 85 29.29 1.97 -11.08
CA ILE J 85 29.68 1.89 -9.67
C ILE J 85 28.62 2.55 -8.80
N SER J 86 28.00 3.62 -9.28
CA SER J 86 27.02 4.34 -8.48
C SER J 86 25.68 3.61 -8.39
N TRP J 87 25.26 2.92 -9.46
CA TRP J 87 23.99 2.21 -9.42
C TRP J 87 23.98 1.13 -8.36
N MET J 88 25.05 0.34 -8.29
CA MET J 88 25.23 -0.56 -7.16
C MET J 88 25.80 0.21 -5.98
N PHE J 89 25.66 -0.36 -4.78
CA PHE J 89 25.99 0.32 -3.54
C PHE J 89 25.26 1.65 -3.43
N GLY J 90 24.03 1.72 -3.92
CA GLY J 90 23.28 2.95 -3.91
C GLY J 90 21.92 2.85 -4.58
N ARG J 91 21.53 3.91 -5.30
CA ARG J 91 20.22 3.99 -5.93
C ARG J 91 20.39 4.24 -7.43
N ALA J 92 19.51 3.65 -8.22
CA ALA J 92 19.52 3.80 -9.67
C ALA J 92 18.40 4.72 -10.11
N SER J 93 18.73 5.71 -10.93
CA SER J 93 17.75 6.68 -11.39
C SER J 93 18.08 7.10 -12.82
N LEU J 94 17.05 7.58 -13.52
CA LEU J 94 17.24 8.04 -14.90
C LEU J 94 17.95 9.37 -14.97
N GLY J 95 17.84 10.19 -13.92
CA GLY J 95 18.50 11.49 -13.93
C GLY J 95 20.02 11.37 -13.93
N LEU J 96 20.55 10.40 -13.18
CA LEU J 96 22.01 10.27 -13.09
C LEU J 96 22.61 9.84 -14.41
N VAL J 97 22.01 8.84 -15.07
CA VAL J 97 22.56 8.35 -16.33
C VAL J 97 22.40 9.40 -17.43
N ALA J 98 21.28 10.13 -17.42
CA ALA J 98 21.05 11.13 -18.45
C ALA J 98 22.05 12.28 -18.34
N GLY J 99 22.40 12.67 -17.11
CA GLY J 99 23.34 13.77 -16.94
C GLY J 99 24.73 13.44 -17.46
N VAL J 100 25.23 12.24 -17.14
CA VAL J 100 26.58 11.87 -17.56
C VAL J 100 26.65 11.67 -19.07
N VAL J 101 25.66 10.97 -19.65
CA VAL J 101 25.65 10.76 -21.09
C VAL J 101 25.46 12.08 -21.83
N GLY J 102 24.63 12.97 -21.28
CA GLY J 102 24.49 14.29 -21.87
C GLY J 102 25.77 15.09 -21.82
N GLY J 103 26.58 14.87 -20.78
CA GLY J 103 27.86 15.56 -20.68
C GLY J 103 28.83 15.16 -21.78
N ILE J 104 28.87 13.87 -22.11
CA ILE J 104 29.75 13.42 -23.18
C ILE J 104 29.31 13.99 -24.52
N VAL J 105 27.99 14.09 -24.74
CA VAL J 105 27.48 14.66 -25.98
C VAL J 105 27.90 16.12 -26.12
N ILE J 106 27.83 16.88 -25.03
CA ILE J 106 28.24 18.28 -25.07
C ILE J 106 29.76 18.39 -25.22
N MET J 107 30.50 17.60 -24.45
CA MET J 107 31.97 17.68 -24.47
C MET J 107 32.52 17.34 -25.86
N PHE J 108 32.32 16.10 -26.29
CA PHE J 108 32.73 15.72 -27.63
C PHE J 108 31.86 16.40 -28.67
N GLY J 109 32.49 16.82 -29.77
CA GLY J 109 31.76 17.55 -30.78
C GLY J 109 31.35 18.94 -30.37
N ALA J 110 32.06 19.55 -29.42
CA ALA J 110 31.77 20.91 -29.02
C ALA J 110 32.11 21.91 -30.12
N SER J 111 32.98 21.52 -31.06
CA SER J 111 33.29 22.39 -32.17
C SER J 111 32.07 22.65 -33.04
N PHE J 112 31.26 21.61 -33.27
CA PHE J 112 30.03 21.78 -34.05
C PHE J 112 29.04 22.68 -33.32
N LEU J 113 28.94 22.54 -31.99
CA LEU J 113 28.05 23.40 -31.22
C LEU J 113 28.53 24.85 -31.27
N GLY J 114 29.85 25.07 -31.19
CA GLY J 114 30.36 26.43 -31.26
C GLY J 114 30.13 27.08 -32.61
N LYS J 115 30.30 26.31 -33.69
CA LYS J 115 30.07 26.86 -35.02
C LYS J 115 28.60 27.21 -35.23
N THR J 116 27.70 26.34 -34.78
CA THR J 116 26.27 26.60 -34.95
C THR J 116 25.83 27.83 -34.16
N LEU J 117 26.30 27.96 -32.92
CA LEU J 117 25.90 29.09 -32.09
C LEU J 117 26.47 30.39 -32.63
N THR J 118 27.76 30.41 -32.96
CA THR J 118 28.37 31.63 -33.50
C THR J 118 27.77 31.99 -34.86
N GLY J 119 27.55 30.99 -35.71
CA GLY J 119 27.01 31.21 -37.03
C GLY J 119 28.02 31.20 -38.16
N GLY J 120 29.27 30.87 -37.88
CA GLY J 120 30.28 30.83 -38.92
C GLY J 120 31.57 30.24 -38.38
N GLY J 121 32.49 30.00 -39.30
CA GLY J 121 33.78 29.43 -38.94
C GLY J 121 34.21 28.29 -39.86
N GLY K 52 54.35 59.75 -36.20
CA GLY K 52 54.81 58.60 -35.43
C GLY K 52 53.93 57.38 -35.60
N GLY K 53 53.48 56.83 -34.48
CA GLY K 53 52.61 55.67 -34.52
C GLY K 53 51.18 56.02 -34.92
N THR K 54 50.39 54.98 -35.12
CA THR K 54 49.00 55.17 -35.53
C THR K 54 48.20 55.77 -34.39
N ASP K 55 47.07 56.39 -34.74
CA ASP K 55 46.23 57.04 -33.74
C ASP K 55 45.62 55.99 -32.81
N PRO K 56 45.31 56.38 -31.57
CA PRO K 56 44.77 55.40 -30.61
C PRO K 56 43.44 54.79 -31.04
N ALA K 57 42.69 55.46 -31.91
CA ALA K 57 41.42 54.90 -32.37
C ALA K 57 41.64 53.63 -33.19
N THR K 58 42.76 53.55 -33.92
CA THR K 58 43.03 52.37 -34.73
C THR K 58 43.45 51.19 -33.86
N MET K 59 44.25 51.45 -32.82
CA MET K 59 44.78 50.36 -32.00
C MET K 59 43.67 49.62 -31.27
N VAL K 60 42.71 50.35 -30.71
CA VAL K 60 41.61 49.71 -30.00
C VAL K 60 40.72 48.92 -30.96
N ASN K 61 40.70 49.30 -32.24
CA ASN K 61 40.00 48.50 -33.24
C ASN K 61 40.72 47.18 -33.50
N ASN K 62 42.05 47.19 -33.46
CA ASN K 62 42.82 45.97 -33.70
C ASN K 62 42.58 44.95 -32.59
N ILE K 63 42.45 45.41 -31.35
CA ILE K 63 42.17 44.49 -30.25
C ILE K 63 40.80 43.85 -30.43
N CYS K 64 39.80 44.66 -30.81
CA CYS K 64 38.46 44.13 -31.00
C CYS K 64 38.41 43.12 -32.14
N THR K 65 39.11 43.41 -33.25
CA THR K 65 39.15 42.46 -34.36
C THR K 65 39.85 41.18 -33.97
N PHE K 66 40.95 41.27 -33.22
CA PHE K 66 41.68 40.07 -32.82
C PHE K 66 40.86 39.22 -31.85
N ILE K 67 40.21 39.85 -30.88
CA ILE K 67 39.43 39.10 -29.90
C ILE K 67 38.24 38.40 -30.57
N LEU K 68 37.52 39.11 -31.43
CA LEU K 68 36.35 38.56 -32.10
C LEU K 68 36.69 37.85 -33.40
N GLY K 69 37.96 37.49 -33.61
CA GLY K 69 38.37 36.79 -34.81
C GLY K 69 38.47 35.29 -34.58
N PRO K 70 39.42 34.66 -35.27
CA PRO K 70 39.62 33.21 -35.06
C PRO K 70 39.99 32.85 -33.63
N PHE K 71 40.67 33.74 -32.90
CA PHE K 71 41.02 33.46 -31.52
C PHE K 71 39.77 33.33 -30.65
N GLY K 72 38.79 34.21 -30.86
CA GLY K 72 37.57 34.15 -30.06
C GLY K 72 36.74 32.92 -30.34
N GLN K 73 36.68 32.50 -31.61
CA GLN K 73 35.90 31.32 -31.96
C GLN K 73 36.44 30.07 -31.29
N SER K 74 37.77 29.94 -31.18
CA SER K 74 38.36 28.80 -30.52
C SER K 74 38.21 28.89 -28.99
N LEU K 75 37.97 30.10 -28.47
CA LEU K 75 37.64 30.23 -27.06
C LEU K 75 36.25 29.72 -26.76
N ALA K 76 35.33 29.84 -27.73
CA ALA K 76 33.96 29.38 -27.52
C ALA K 76 33.91 27.87 -27.33
N VAL K 77 34.66 27.12 -28.14
CA VAL K 77 34.62 25.67 -28.04
C VAL K 77 35.26 25.20 -26.74
N LEU K 78 36.22 25.94 -26.20
CA LEU K 78 36.82 25.57 -24.92
C LEU K 78 35.83 25.76 -23.78
N GLY K 79 35.00 26.81 -23.86
CA GLY K 79 33.99 27.01 -22.84
C GLY K 79 32.92 25.94 -22.87
N ILE K 80 32.54 25.49 -24.07
CA ILE K 80 31.54 24.44 -24.19
C ILE K 80 32.09 23.12 -23.68
N VAL K 81 33.37 22.85 -23.93
CA VAL K 81 33.99 21.63 -23.45
C VAL K 81 33.94 21.55 -21.93
N ALA K 82 34.16 22.69 -21.26
CA ALA K 82 34.14 22.71 -19.80
C ALA K 82 32.76 22.36 -19.25
N ILE K 83 31.69 22.59 -20.03
CA ILE K 83 30.37 22.19 -19.58
C ILE K 83 30.25 20.66 -19.55
N GLY K 84 30.69 20.01 -20.63
CA GLY K 84 30.60 18.57 -20.69
C GLY K 84 31.47 17.88 -19.65
N ILE K 85 32.67 18.41 -19.43
CA ILE K 85 33.56 17.84 -18.42
C ILE K 85 32.96 18.02 -17.03
N SER K 86 32.27 19.14 -16.79
CA SER K 86 31.73 19.41 -15.47
C SER K 86 30.48 18.60 -15.17
N TRP K 87 29.64 18.32 -16.18
CA TRP K 87 28.43 17.54 -15.93
C TRP K 87 28.76 16.14 -15.44
N MET K 88 29.70 15.48 -16.08
CA MET K 88 30.24 14.23 -15.55
C MET K 88 31.27 14.55 -14.47
N PHE K 89 31.56 13.56 -13.64
CA PHE K 89 32.39 13.75 -12.44
C PHE K 89 31.85 14.87 -11.57
N GLY K 90 30.53 15.01 -11.50
CA GLY K 90 29.93 16.08 -10.73
C GLY K 90 28.41 16.12 -10.81
N ARG K 91 27.86 17.33 -10.88
CA ARG K 91 26.41 17.53 -10.89
C ARG K 91 26.01 18.34 -12.11
N ALA K 92 24.85 18.01 -12.68
CA ALA K 92 24.32 18.70 -13.85
C ALA K 92 23.18 19.61 -13.44
N SER K 93 23.24 20.87 -13.89
CA SER K 93 22.23 21.85 -13.54
C SER K 93 22.02 22.80 -14.70
N LEU K 94 20.84 23.42 -14.72
CA LEU K 94 20.51 24.38 -15.78
C LEU K 94 21.24 25.70 -15.59
N GLY K 95 21.59 26.05 -14.35
CA GLY K 95 22.28 27.30 -14.12
C GLY K 95 23.67 27.33 -14.73
N LEU K 96 24.38 26.21 -14.68
CA LEU K 96 25.75 26.18 -15.19
C LEU K 96 25.78 26.33 -16.71
N VAL K 97 24.90 25.61 -17.41
CA VAL K 97 24.89 25.68 -18.87
C VAL K 97 24.39 27.04 -19.34
N ALA K 98 23.42 27.61 -18.63
CA ALA K 98 22.89 28.92 -19.02
C ALA K 98 23.93 30.01 -18.87
N GLY K 99 24.74 29.95 -17.82
CA GLY K 99 25.76 30.98 -17.61
C GLY K 99 26.82 30.99 -18.69
N VAL K 100 27.31 29.81 -19.08
CA VAL K 100 28.37 29.75 -20.08
C VAL K 100 27.84 30.15 -21.46
N VAL K 101 26.66 29.63 -21.83
CA VAL K 101 26.08 29.98 -23.13
C VAL K 101 25.72 31.45 -23.17
N GLY K 102 25.22 31.99 -22.07
CA GLY K 102 24.96 33.42 -22.00
C GLY K 102 26.22 34.25 -22.14
N GLY K 103 27.34 33.72 -21.65
CA GLY K 103 28.60 34.44 -21.79
C GLY K 103 29.05 34.56 -23.23
N ILE K 104 28.88 33.51 -24.02
CA ILE K 104 29.24 33.57 -25.44
C ILE K 104 28.37 34.57 -26.17
N VAL K 105 27.08 34.63 -25.82
CA VAL K 105 26.17 35.57 -26.47
C VAL K 105 26.61 37.01 -26.18
N ILE K 106 27.01 37.30 -24.94
CA ILE K 106 27.47 38.64 -24.60
C ILE K 106 28.82 38.93 -25.24
N MET K 107 29.74 37.97 -25.19
CA MET K 107 31.09 38.19 -25.73
C MET K 107 31.05 38.44 -27.23
N PHE K 108 30.61 37.44 -28.00
CA PHE K 108 30.45 37.64 -29.43
C PHE K 108 29.30 38.58 -29.73
N GLY K 109 29.49 39.44 -30.73
CA GLY K 109 28.47 40.43 -31.02
C GLY K 109 28.35 41.53 -29.99
N ALA K 110 29.42 41.79 -29.23
CA ALA K 110 29.38 42.87 -28.25
C ALA K 110 29.35 44.23 -28.93
N SER K 111 29.77 44.30 -30.20
CA SER K 111 29.69 45.56 -30.93
C SER K 111 28.25 46.02 -31.10
N PHE K 112 27.34 45.08 -31.39
CA PHE K 112 25.93 45.41 -31.51
C PHE K 112 25.36 45.88 -30.18
N LEU K 113 25.76 45.24 -29.07
CA LEU K 113 25.30 45.66 -27.76
C LEU K 113 25.81 47.06 -27.43
N GLY K 114 27.07 47.35 -27.76
CA GLY K 114 27.61 48.67 -27.51
C GLY K 114 26.92 49.76 -28.30
N LYS K 115 26.62 49.48 -29.57
CA LYS K 115 25.94 50.46 -30.40
C LYS K 115 24.53 50.74 -29.90
N THR K 116 23.80 49.69 -29.50
CA THR K 116 22.44 49.87 -29.00
C THR K 116 22.42 50.67 -27.71
N LEU K 117 23.34 50.35 -26.79
CA LEU K 117 23.37 51.04 -25.50
C LEU K 117 23.76 52.50 -25.68
N THR K 118 24.84 52.76 -26.43
CA THR K 118 25.28 54.14 -26.66
C THR K 118 24.24 54.92 -27.43
N GLY K 119 23.64 54.31 -28.45
CA GLY K 119 22.64 54.97 -29.27
C GLY K 119 23.14 55.48 -30.61
N GLY K 120 24.38 55.17 -30.98
CA GLY K 120 24.92 55.62 -32.25
C GLY K 120 26.26 54.99 -32.51
N GLY K 121 26.75 55.19 -33.72
CA GLY K 121 28.04 54.64 -34.13
C GLY K 121 28.00 53.98 -35.50
N GLY L 52 50.06 83.33 -28.02
CA GLY L 52 50.70 82.02 -27.99
C GLY L 52 49.73 80.88 -28.26
N GLY L 53 49.71 79.91 -27.36
CA GLY L 53 48.82 78.78 -27.51
C GLY L 53 47.38 79.13 -27.17
N THR L 54 46.50 78.18 -27.45
CA THR L 54 45.08 78.39 -27.18
C THR L 54 44.81 78.43 -25.68
N ASP L 55 43.69 79.04 -25.32
CA ASP L 55 43.34 79.18 -23.91
C ASP L 55 43.06 77.81 -23.29
N PRO L 56 43.28 77.67 -21.98
CA PRO L 56 43.08 76.36 -21.34
C PRO L 56 41.66 75.85 -21.43
N ALA L 57 40.68 76.73 -21.62
CA ALA L 57 39.29 76.28 -21.75
C ALA L 57 39.09 75.44 -22.99
N THR L 58 39.83 75.73 -24.06
CA THR L 58 39.69 74.97 -25.30
C THR L 58 40.34 73.60 -25.19
N MET L 59 41.48 73.51 -24.52
CA MET L 59 42.21 72.24 -24.44
C MET L 59 41.41 71.19 -23.69
N VAL L 60 40.80 71.56 -22.57
CA VAL L 60 40.01 70.60 -21.79
C VAL L 60 38.77 70.16 -22.58
N ASN L 61 38.29 71.00 -23.50
CA ASN L 61 37.20 70.57 -24.37
C ASN L 61 37.68 69.52 -25.37
N ASN L 62 38.92 69.64 -25.85
CA ASN L 62 39.44 68.67 -26.80
C ASN L 62 39.58 67.29 -26.17
N ILE L 63 39.97 67.23 -24.90
CA ILE L 63 40.07 65.94 -24.21
C ILE L 63 38.70 65.30 -24.08
N CYS L 64 37.69 66.10 -23.73
CA CYS L 64 36.34 65.57 -23.58
C CYS L 64 35.79 65.06 -24.91
N THR L 65 36.04 65.81 -25.99
CA THR L 65 35.58 65.37 -27.31
C THR L 65 36.28 64.09 -27.73
N PHE L 66 37.59 63.99 -27.49
CA PHE L 66 38.33 62.80 -27.88
C PHE L 66 37.89 61.58 -27.09
N ILE L 67 37.69 61.73 -25.77
CA ILE L 67 37.31 60.60 -24.94
C ILE L 67 35.92 60.10 -25.31
N LEU L 68 34.97 61.02 -25.50
CA LEU L 68 33.60 60.66 -25.83
C LEU L 68 33.36 60.54 -27.33
N GLY L 69 34.41 60.38 -28.12
CA GLY L 69 34.29 60.24 -29.55
C GLY L 69 34.37 58.78 -29.97
N PRO L 70 34.93 58.53 -31.16
CA PRO L 70 35.11 57.14 -31.62
C PRO L 70 35.96 56.31 -30.69
N PHE L 71 36.93 56.91 -29.99
CA PHE L 71 37.75 56.16 -29.06
C PHE L 71 36.93 55.60 -27.90
N GLY L 72 36.02 56.41 -27.36
CA GLY L 72 35.19 55.94 -26.25
C GLY L 72 34.24 54.84 -26.65
N GLN L 73 33.67 54.92 -27.85
CA GLN L 73 32.73 53.90 -28.31
C GLN L 73 33.40 52.54 -28.43
N SER L 74 34.65 52.51 -28.89
CA SER L 74 35.37 51.24 -28.99
C SER L 74 35.83 50.74 -27.62
N LEU L 75 35.88 51.63 -26.63
CA LEU L 75 36.14 51.19 -25.25
C LEU L 75 34.94 50.49 -24.67
N ALA L 76 33.73 50.88 -25.10
CA ALA L 76 32.52 50.26 -24.58
C ALA L 76 32.44 48.79 -24.97
N VAL L 77 32.77 48.48 -26.22
CA VAL L 77 32.67 47.09 -26.68
C VAL L 77 33.71 46.22 -26.00
N LEU L 78 34.87 46.79 -25.64
CA LEU L 78 35.88 46.02 -24.92
C LEU L 78 35.42 45.68 -23.51
N GLY L 79 34.70 46.61 -22.87
CA GLY L 79 34.17 46.31 -21.55
C GLY L 79 33.10 45.25 -21.57
N ILE L 80 32.26 45.25 -22.60
CA ILE L 80 31.22 44.24 -22.73
C ILE L 80 31.83 42.88 -23.02
N VAL L 81 32.89 42.84 -23.81
CA VAL L 81 33.56 41.57 -24.12
C VAL L 81 34.10 40.94 -22.85
N ALA L 82 34.63 41.75 -21.93
CA ALA L 82 35.18 41.21 -20.68
C ALA L 82 34.10 40.56 -19.83
N ILE L 83 32.84 40.97 -19.99
CA ILE L 83 31.75 40.32 -19.28
C ILE L 83 31.55 38.89 -19.79
N GLY L 84 31.50 38.73 -21.11
CA GLY L 84 31.28 37.41 -21.68
C GLY L 84 32.44 36.47 -21.39
N ILE L 85 33.68 36.98 -21.45
CA ILE L 85 34.84 36.15 -21.16
C ILE L 85 34.84 35.73 -19.70
N SER L 86 34.37 36.62 -18.81
CA SER L 86 34.39 36.32 -17.38
C SER L 86 33.30 35.35 -16.96
N TRP L 87 32.12 35.40 -17.60
CA TRP L 87 31.04 34.48 -17.23
C TRP L 87 31.44 33.03 -17.48
N MET L 88 32.02 32.75 -18.64
CA MET L 88 32.63 31.46 -18.87
C MET L 88 34.01 31.43 -18.22
N PHE L 89 34.54 30.22 -18.01
CA PHE L 89 35.77 30.02 -17.24
C PHE L 89 35.69 30.67 -15.87
N GLY L 90 34.51 30.66 -15.26
CA GLY L 90 34.32 31.30 -13.97
C GLY L 90 32.90 31.24 -13.46
N ARG L 91 32.43 32.33 -12.84
CA ARG L 91 31.11 32.38 -12.22
C ARG L 91 30.34 33.56 -12.79
N ALA L 92 29.03 33.37 -12.95
CA ALA L 92 28.15 34.39 -13.48
C ALA L 92 27.32 34.99 -12.34
N SER L 93 27.28 36.31 -12.28
CA SER L 93 26.55 37.00 -11.21
C SER L 93 25.97 38.29 -11.75
N LEU L 94 24.92 38.78 -11.08
CA LEU L 94 24.29 40.03 -11.48
C LEU L 94 25.12 41.24 -11.10
N GLY L 95 25.94 41.12 -10.06
CA GLY L 95 26.75 42.25 -9.65
C GLY L 95 27.80 42.64 -10.67
N LEU L 96 28.40 41.64 -11.33
CA LEU L 96 29.46 41.92 -12.30
C LEU L 96 28.91 42.64 -13.52
N VAL L 97 27.79 42.17 -14.06
CA VAL L 97 27.22 42.78 -15.26
C VAL L 97 26.68 44.16 -14.94
N ALA L 98 26.09 44.35 -13.75
CA ALA L 98 25.53 45.65 -13.38
C ALA L 98 26.64 46.69 -13.24
N GLY L 99 27.79 46.30 -12.69
CA GLY L 99 28.86 47.26 -12.50
C GLY L 99 29.43 47.78 -13.80
N VAL L 100 29.65 46.89 -14.77
CA VAL L 100 30.24 47.29 -16.04
C VAL L 100 29.25 48.13 -16.85
N VAL L 101 27.99 47.70 -16.91
CA VAL L 101 26.98 48.45 -17.65
C VAL L 101 26.73 49.80 -16.99
N GLY L 102 26.73 49.83 -15.66
CA GLY L 102 26.62 51.10 -14.96
C GLY L 102 27.78 52.03 -15.25
N GLY L 103 28.97 51.47 -15.45
CA GLY L 103 30.13 52.29 -15.77
C GLY L 103 29.99 52.99 -17.11
N ILE L 104 29.45 52.30 -18.12
CA ILE L 104 29.27 52.92 -19.42
C ILE L 104 28.25 54.05 -19.34
N VAL L 105 27.20 53.85 -18.52
CA VAL L 105 26.18 54.88 -18.36
C VAL L 105 26.79 56.14 -17.74
N ILE L 106 27.65 55.96 -16.74
CA ILE L 106 28.29 57.11 -16.11
C ILE L 106 29.31 57.75 -17.06
N MET L 107 30.12 56.92 -17.73
CA MET L 107 31.16 57.45 -18.60
C MET L 107 30.57 58.25 -19.76
N PHE L 108 29.80 57.59 -20.62
CA PHE L 108 29.12 58.29 -21.70
C PHE L 108 28.02 59.17 -21.14
N GLY L 109 27.87 60.35 -21.73
CA GLY L 109 26.88 61.28 -21.22
C GLY L 109 27.24 61.90 -19.89
N ALA L 110 28.53 61.93 -19.54
CA ALA L 110 28.96 62.57 -18.31
C ALA L 110 28.75 64.07 -18.33
N SER L 111 28.65 64.65 -19.54
CA SER L 111 28.39 66.09 -19.64
C SER L 111 27.03 66.43 -19.05
N PHE L 112 26.02 65.60 -19.32
CA PHE L 112 24.70 65.84 -18.75
C PHE L 112 24.72 65.71 -17.23
N LEU L 113 25.45 64.74 -16.71
CA LEU L 113 25.57 64.59 -15.27
C LEU L 113 26.27 65.80 -14.64
N GLY L 114 27.31 66.31 -15.29
CA GLY L 114 28.01 67.48 -14.78
C GLY L 114 27.14 68.72 -14.77
N LYS L 115 26.35 68.92 -15.84
CA LYS L 115 25.48 70.08 -15.91
C LYS L 115 24.40 70.01 -14.83
N THR L 116 23.81 68.82 -14.62
CA THR L 116 22.75 68.68 -13.63
C THR L 116 23.29 68.92 -12.22
N LEU L 117 24.46 68.37 -11.91
CA LEU L 117 25.04 68.52 -10.58
C LEU L 117 25.43 69.97 -10.31
N THR L 118 26.14 70.59 -11.26
CA THR L 118 26.56 71.98 -11.09
C THR L 118 25.35 72.91 -11.05
N GLY L 119 24.37 72.68 -11.92
CA GLY L 119 23.19 73.51 -11.99
C GLY L 119 23.17 74.52 -13.10
N GLY L 120 24.16 74.50 -13.99
CA GLY L 120 24.18 75.43 -15.10
C GLY L 120 25.29 75.06 -16.07
N GLY L 121 25.28 75.76 -17.21
CA GLY L 121 26.27 75.52 -18.25
C GLY L 121 25.67 75.42 -19.63
N GLY M 52 50.95 101.60 -10.44
CA GLY M 52 51.45 100.44 -11.15
C GLY M 52 50.37 99.41 -11.46
N GLY M 53 50.63 98.17 -11.06
CA GLY M 53 49.67 97.10 -11.27
C GLY M 53 48.50 97.17 -10.31
N THR M 54 47.52 96.32 -10.57
CA THR M 54 46.32 96.29 -9.74
C THR M 54 46.65 95.74 -8.35
N ASP M 55 45.80 96.07 -7.39
CA ASP M 55 46.02 95.63 -6.01
C ASP M 55 45.91 94.12 -5.91
N PRO M 56 46.60 93.51 -4.94
CA PRO M 56 46.57 92.04 -4.83
C PRO M 56 45.18 91.47 -4.57
N ALA M 57 44.26 92.28 -4.02
CA ALA M 57 42.92 91.79 -3.77
C ALA M 57 42.20 91.47 -5.07
N THR M 58 42.50 92.21 -6.14
CA THR M 58 41.84 91.98 -7.42
C THR M 58 42.38 90.72 -8.10
N MET M 59 43.69 90.48 -8.00
CA MET M 59 44.30 89.35 -8.69
C MET M 59 43.78 88.02 -8.16
N VAL M 60 43.66 87.89 -6.83
CA VAL M 60 43.16 86.64 -6.26
C VAL M 60 41.70 86.42 -6.61
N ASN M 61 40.96 87.50 -6.90
CA ASN M 61 39.59 87.35 -7.38
C ASN M 61 39.58 86.79 -8.80
N ASN M 62 40.54 87.19 -9.62
CA ASN M 62 40.60 86.70 -11.00
C ASN M 62 40.87 85.21 -11.05
N ILE M 63 41.71 84.71 -10.14
CA ILE M 63 41.98 83.27 -10.09
C ILE M 63 40.71 82.51 -9.71
N CYS M 64 39.97 83.02 -8.72
CA CYS M 64 38.75 82.36 -8.29
C CYS M 64 37.70 82.35 -9.39
N THR M 65 37.56 83.46 -10.12
CA THR M 65 36.60 83.52 -11.22
C THR M 65 37.00 82.56 -12.33
N PHE M 66 38.29 82.50 -12.67
CA PHE M 66 38.75 81.62 -13.74
C PHE M 66 38.55 80.15 -13.36
N ILE M 67 38.89 79.78 -12.12
CA ILE M 67 38.77 78.38 -11.71
C ILE M 67 37.31 77.94 -11.68
N LEU M 68 36.43 78.78 -11.14
CA LEU M 68 35.01 78.45 -11.03
C LEU M 68 34.22 78.89 -12.25
N GLY M 69 34.88 79.14 -13.37
CA GLY M 69 34.21 79.53 -14.59
C GLY M 69 34.02 78.36 -15.54
N PRO M 70 34.07 78.62 -16.84
CA PRO M 70 33.96 77.53 -17.82
C PRO M 70 35.04 76.48 -17.68
N PHE M 71 36.23 76.86 -17.23
CA PHE M 71 37.30 75.88 -17.05
C PHE M 71 36.95 74.86 -15.97
N GLY M 72 36.37 75.32 -14.87
CA GLY M 72 36.00 74.40 -13.80
C GLY M 72 34.88 73.44 -14.19
N GLN M 73 33.91 73.93 -14.96
CA GLN M 73 32.80 73.08 -15.37
C GLN M 73 33.27 71.94 -16.25
N SER M 74 34.26 72.18 -17.13
CA SER M 74 34.79 71.12 -17.96
C SER M 74 35.70 70.18 -17.17
N LEU M 75 36.19 70.63 -16.01
CA LEU M 75 36.92 69.73 -15.13
C LEU M 75 35.98 68.75 -14.45
N ALA M 76 34.73 69.17 -14.19
CA ALA M 76 33.77 68.30 -13.53
C ALA M 76 33.44 67.09 -14.40
N VAL M 77 33.25 67.30 -15.70
CA VAL M 77 32.88 66.19 -16.58
C VAL M 77 34.05 65.22 -16.73
N LEU M 78 35.29 65.71 -16.65
CA LEU M 78 36.43 64.81 -16.72
C LEU M 78 36.53 63.92 -15.48
N GLY M 79 36.19 64.47 -14.32
CA GLY M 79 36.18 63.66 -13.11
C GLY M 79 35.10 62.59 -13.13
N ILE M 80 33.93 62.92 -13.69
CA ILE M 80 32.85 61.94 -13.79
C ILE M 80 33.21 60.85 -14.78
N VAL M 81 33.89 61.21 -15.87
CA VAL M 81 34.30 60.21 -16.87
C VAL M 81 35.23 59.19 -16.24
N ALA M 82 36.13 59.64 -15.35
CA ALA M 82 37.07 58.73 -14.72
C ALA M 82 36.36 57.70 -13.84
N ILE M 83 35.16 58.02 -13.34
CA ILE M 83 34.39 57.06 -12.57
C ILE M 83 33.91 55.93 -13.47
N GLY M 84 33.35 56.27 -14.63
CA GLY M 84 32.85 55.25 -15.54
C GLY M 84 33.95 54.38 -16.10
N ILE M 85 35.10 54.97 -16.42
CA ILE M 85 36.22 54.20 -16.93
C ILE M 85 36.75 53.26 -15.85
N SER M 86 36.73 53.71 -14.59
CA SER M 86 37.27 52.89 -13.51
C SER M 86 36.35 51.74 -13.12
N TRP M 87 35.03 51.93 -13.18
CA TRP M 87 34.12 50.85 -12.81
C TRP M 87 34.28 49.64 -13.73
N MET M 88 34.35 49.87 -15.03
CA MET M 88 34.74 48.82 -15.95
C MET M 88 36.26 48.67 -15.95
N PHE M 89 36.73 47.52 -16.42
CA PHE M 89 38.15 47.16 -16.32
C PHE M 89 38.65 47.23 -14.88
N GLY M 90 37.79 46.88 -13.92
CA GLY M 90 38.15 46.97 -12.53
C GLY M 90 37.03 46.60 -11.57
N ARG M 91 36.93 47.32 -10.47
CA ARG M 91 35.95 47.03 -9.42
C ARG M 91 35.09 48.26 -9.16
N ALA M 92 33.81 48.03 -8.87
CA ALA M 92 32.87 49.09 -8.59
C ALA M 92 32.58 49.14 -7.09
N SER M 93 32.66 50.33 -6.51
CA SER M 93 32.45 50.50 -5.08
C SER M 93 31.81 51.85 -4.82
N LEU M 94 31.12 51.95 -3.68
CA LEU M 94 30.47 53.19 -3.29
C LEU M 94 31.47 54.24 -2.82
N GLY M 95 32.61 53.81 -2.31
CA GLY M 95 33.61 54.76 -1.83
C GLY M 95 34.20 55.60 -2.94
N LEU M 96 34.43 54.99 -4.10
CA LEU M 96 35.06 55.70 -5.21
C LEU M 96 34.13 56.78 -5.76
N VAL M 97 32.85 56.44 -5.98
CA VAL M 97 31.92 57.42 -6.53
C VAL M 97 31.64 58.54 -5.53
N ALA M 98 31.57 58.19 -4.24
CA ALA M 98 31.29 59.20 -3.22
C ALA M 98 32.42 60.20 -3.11
N GLY M 99 33.67 59.74 -3.24
CA GLY M 99 34.80 60.64 -3.11
C GLY M 99 34.87 61.67 -4.24
N VAL M 100 34.63 61.23 -5.47
CA VAL M 100 34.72 62.13 -6.61
C VAL M 100 33.56 63.13 -6.60
N VAL M 101 32.35 62.64 -6.34
CA VAL M 101 31.19 63.53 -6.30
C VAL M 101 31.30 64.50 -5.13
N GLY M 102 31.82 64.03 -4.00
CA GLY M 102 32.07 64.92 -2.88
C GLY M 102 33.09 65.98 -3.20
N GLY M 103 34.07 65.64 -4.04
CA GLY M 103 35.07 66.63 -4.44
C GLY M 103 34.48 67.77 -5.25
N ILE M 104 33.56 67.46 -6.15
CA ILE M 104 32.93 68.51 -6.95
C ILE M 104 32.10 69.43 -6.06
N VAL M 105 31.43 68.85 -5.05
CA VAL M 105 30.62 69.66 -4.13
C VAL M 105 31.50 70.63 -3.35
N ILE M 106 32.67 70.17 -2.91
CA ILE M 106 33.59 71.04 -2.18
C ILE M 106 34.21 72.08 -3.13
N MET M 107 34.63 71.64 -4.31
CA MET M 107 35.31 72.54 -5.25
C MET M 107 34.37 73.66 -5.69
N PHE M 108 33.29 73.31 -6.37
CA PHE M 108 32.31 74.31 -6.76
C PHE M 108 31.56 74.82 -5.54
N GLY M 109 31.27 76.11 -5.52
CA GLY M 109 30.63 76.69 -4.36
C GLY M 109 31.51 76.79 -3.14
N ALA M 110 32.84 76.80 -3.33
CA ALA M 110 33.75 76.95 -2.19
C ALA M 110 33.66 78.34 -1.58
N SER M 111 33.15 79.32 -2.32
CA SER M 111 32.96 80.65 -1.77
C SER M 111 31.95 80.63 -0.63
N PHE M 112 30.86 79.88 -0.79
CA PHE M 112 29.88 79.77 0.28
C PHE M 112 30.46 79.09 1.51
N LEU M 113 31.28 78.05 1.30
CA LEU M 113 31.93 77.38 2.43
C LEU M 113 32.89 78.31 3.14
N GLY M 114 33.65 79.12 2.38
CA GLY M 114 34.56 80.06 3.00
C GLY M 114 33.85 81.12 3.82
N LYS M 115 32.74 81.64 3.29
CA LYS M 115 31.98 82.66 4.01
C LYS M 115 31.39 82.10 5.30
N THR M 116 30.84 80.89 5.24
CA THR M 116 30.24 80.28 6.43
C THR M 116 31.29 80.02 7.51
N LEU M 117 32.44 79.49 7.11
CA LEU M 117 33.49 79.18 8.07
C LEU M 117 34.06 80.45 8.70
N THR M 118 34.41 81.44 7.87
CA THR M 118 34.95 82.69 8.39
C THR M 118 33.92 83.43 9.23
N GLY M 119 32.66 83.45 8.79
CA GLY M 119 31.62 84.14 9.50
C GLY M 119 31.23 85.50 8.94
N GLY M 120 31.80 85.90 7.80
CA GLY M 120 31.47 87.19 7.22
C GLY M 120 32.09 87.31 5.85
N GLY M 121 31.70 88.37 5.16
CA GLY M 121 32.20 88.64 3.82
C GLY M 121 31.11 89.02 2.84
N GLY N 52 59.62 111.93 11.05
CA GLY N 52 59.72 111.18 9.82
C GLY N 52 58.56 110.24 9.57
N GLY N 53 58.86 108.97 9.33
CA GLY N 53 57.83 107.98 9.11
C GLY N 53 57.12 107.58 10.39
N THR N 54 56.06 106.80 10.21
CA THR N 54 55.27 106.35 11.36
C THR N 54 56.06 105.35 12.19
N ASP N 55 55.67 105.20 13.45
CA ASP N 55 56.38 104.31 14.35
C ASP N 55 56.21 102.86 13.91
N PRO N 56 57.18 102.00 14.22
CA PRO N 56 57.09 100.60 13.77
C PRO N 56 55.88 99.86 14.29
N ALA N 57 55.30 100.30 15.41
CA ALA N 57 54.11 99.64 15.95
C ALA N 57 52.94 99.77 14.99
N THR N 58 52.84 100.88 14.27
CA THR N 58 51.73 101.09 13.34
C THR N 58 51.89 100.24 12.09
N MET N 59 53.12 100.11 11.59
CA MET N 59 53.34 99.37 10.34
C MET N 59 52.97 97.90 10.47
N VAL N 60 53.37 97.27 11.58
CA VAL N 60 53.05 95.86 11.78
C VAL N 60 51.55 95.67 11.95
N ASN N 61 50.83 96.69 12.41
CA ASN N 61 49.37 96.61 12.45
C ASN N 61 48.77 96.64 11.05
N ASN N 62 49.39 97.40 10.14
CA ASN N 62 48.87 97.49 8.78
C ASN N 62 49.00 96.15 8.06
N ILE N 63 50.09 95.42 8.31
CA ILE N 63 50.26 94.10 7.70
C ILE N 63 49.19 93.14 8.20
N CYS N 64 48.92 93.18 9.52
CA CYS N 64 47.91 92.29 10.09
C CYS N 64 46.53 92.60 9.55
N THR N 65 46.20 93.90 9.42
CA THR N 65 44.90 94.27 8.88
C THR N 65 44.77 93.85 7.41
N PHE N 66 45.83 94.03 6.63
CA PHE N 66 45.78 93.66 5.21
C PHE N 66 45.65 92.15 5.04
N ILE N 67 46.40 91.37 5.81
CA ILE N 67 46.36 89.92 5.67
C ILE N 67 45.00 89.37 6.07
N LEU N 68 44.45 89.86 7.19
CA LEU N 68 43.17 89.39 7.69
C LEU N 68 41.99 90.18 7.12
N GLY N 69 42.19 90.89 6.02
CA GLY N 69 41.13 91.65 5.41
C GLY N 69 40.51 90.91 4.23
N PRO N 70 40.09 91.66 3.21
CA PRO N 70 39.53 91.01 2.01
C PRO N 70 40.51 90.09 1.32
N PHE N 71 41.81 90.38 1.39
CA PHE N 71 42.80 89.51 0.77
C PHE N 71 42.81 88.13 1.41
N GLY N 72 42.73 88.07 2.74
CA GLY N 72 42.75 86.80 3.42
C GLY N 72 41.51 85.97 3.16
N GLN N 73 40.35 86.62 3.06
CA GLN N 73 39.11 85.88 2.80
C GLN N 73 39.13 85.20 1.44
N SER N 74 39.72 85.86 0.43
CA SER N 74 39.82 85.24 -0.89
C SER N 74 40.89 84.16 -0.92
N LEU N 75 41.82 84.18 0.05
CA LEU N 75 42.77 83.08 0.17
C LEU N 75 42.10 81.84 0.73
N ALA N 76 41.08 82.01 1.56
CA ALA N 76 40.38 80.88 2.15
C ALA N 76 39.67 80.05 1.08
N VAL N 77 39.01 80.72 0.14
CA VAL N 77 38.27 80.00 -0.89
C VAL N 77 39.21 79.27 -1.84
N LEU N 78 40.42 79.81 -2.04
CA LEU N 78 41.39 79.10 -2.88
C LEU N 78 41.89 77.82 -2.21
N GLY N 79 42.06 77.86 -0.89
CA GLY N 79 42.45 76.66 -0.18
C GLY N 79 41.38 75.58 -0.21
N ILE N 80 40.12 75.99 -0.11
CA ILE N 80 39.01 75.03 -0.16
C ILE N 80 38.89 74.43 -1.55
N VAL N 81 39.13 75.23 -2.59
CA VAL N 81 39.07 74.74 -3.96
C VAL N 81 40.09 73.63 -4.18
N ALA N 82 41.29 73.80 -3.60
CA ALA N 82 42.33 72.80 -3.77
C ALA N 82 41.95 71.46 -3.15
N ILE N 83 41.05 71.47 -2.16
CA ILE N 83 40.58 70.21 -1.59
C ILE N 83 39.71 69.46 -2.60
N GLY N 84 38.78 70.17 -3.23
CA GLY N 84 37.90 69.54 -4.19
C GLY N 84 38.64 69.04 -5.42
N ILE N 85 39.62 69.81 -5.89
CA ILE N 85 40.41 69.39 -7.04
C ILE N 85 41.25 68.17 -6.69
N SER N 86 41.74 68.10 -5.45
CA SER N 86 42.60 66.99 -5.06
C SER N 86 41.82 65.70 -4.83
N TRP N 87 40.58 65.77 -4.31
CA TRP N 87 39.81 64.55 -4.06
C TRP N 87 39.53 63.81 -5.36
N MET N 88 39.12 64.52 -6.41
CA MET N 88 39.06 63.93 -7.73
C MET N 88 40.45 63.93 -8.35
N PHE N 89 40.63 63.09 -9.38
CA PHE N 89 41.95 62.85 -9.97
C PHE N 89 42.96 62.42 -8.90
N GLY N 90 42.51 61.65 -7.92
CA GLY N 90 43.38 61.25 -6.84
C GLY N 90 42.70 60.43 -5.76
N ARG N 91 43.06 60.67 -4.51
CA ARG N 91 42.54 59.92 -3.37
C ARG N 91 41.94 60.88 -2.35
N ALA N 92 40.86 60.44 -1.71
CA ALA N 92 40.17 61.23 -0.71
C ALA N 92 40.47 60.68 0.68
N SER N 93 40.86 61.57 1.60
CA SER N 93 41.22 61.16 2.95
C SER N 93 40.81 62.25 3.93
N LEU N 94 40.63 61.83 5.19
CA LEU N 94 40.25 62.79 6.23
C LEU N 94 41.42 63.66 6.66
N GLY N 95 42.65 63.17 6.49
CA GLY N 95 43.81 63.96 6.88
C GLY N 95 43.98 65.20 6.04
N LEU N 96 43.71 65.09 4.74
CA LEU N 96 43.91 66.23 3.85
C LEU N 96 42.92 67.35 4.14
N VAL N 97 41.65 67.01 4.32
CA VAL N 97 40.64 68.03 4.57
C VAL N 97 40.83 68.65 5.95
N ALA N 98 41.24 67.85 6.93
CA ALA N 98 41.44 68.36 8.29
C ALA N 98 42.59 69.36 8.33
N GLY N 99 43.67 69.08 7.59
CA GLY N 99 44.81 69.97 7.59
C GLY N 99 44.50 71.34 7.02
N VAL N 100 43.79 71.39 5.90
CA VAL N 100 43.50 72.66 5.26
C VAL N 100 42.50 73.46 6.09
N VAL N 101 41.44 72.81 6.57
CA VAL N 101 40.46 73.51 7.39
C VAL N 101 41.07 73.96 8.71
N GLY N 102 41.96 73.15 9.29
CA GLY N 102 42.66 73.57 10.47
C GLY N 102 43.56 74.77 10.22
N GLY N 103 44.11 74.86 9.01
CA GLY N 103 44.95 76.00 8.68
C GLY N 103 44.19 77.31 8.67
N ILE N 104 42.96 77.29 8.13
CA ILE N 104 42.15 78.50 8.10
C ILE N 104 41.78 78.93 9.51
N VAL N 105 41.51 77.96 10.39
CA VAL N 105 41.17 78.27 11.79
C VAL N 105 42.35 78.96 12.48
N ILE N 106 43.57 78.47 12.24
CA ILE N 106 44.75 79.08 12.83
C ILE N 106 45.02 80.44 12.21
N MET N 107 44.94 80.53 10.88
CA MET N 107 45.26 81.78 10.18
C MET N 107 44.30 82.90 10.60
N PHE N 108 43.01 82.73 10.29
CA PHE N 108 42.03 83.71 10.72
C PHE N 108 41.84 83.65 12.23
N GLY N 109 41.67 84.81 12.84
CA GLY N 109 41.56 84.84 14.29
C GLY N 109 42.85 84.55 15.02
N ALA N 110 43.99 84.76 14.37
CA ALA N 110 45.27 84.54 15.03
C ALA N 110 45.52 85.57 16.12
N SER N 111 44.83 86.72 16.06
CA SER N 111 44.96 87.72 17.11
C SER N 111 44.47 87.18 18.45
N PHE N 112 43.36 86.44 18.43
CA PHE N 112 42.84 85.85 19.66
C PHE N 112 43.81 84.80 20.21
N LEU N 113 44.42 84.01 19.33
CA LEU N 113 45.39 83.02 19.78
C LEU N 113 46.62 83.70 20.38
N GLY N 114 47.08 84.80 19.76
CA GLY N 114 48.22 85.51 20.31
C GLY N 114 47.95 86.12 21.66
N LYS N 115 46.75 86.70 21.84
CA LYS N 115 46.40 87.29 23.12
C LYS N 115 46.31 86.23 24.22
N THR N 116 45.71 85.08 23.91
CA THR N 116 45.57 84.03 24.90
C THR N 116 46.93 83.48 25.31
N LEU N 117 47.81 83.24 24.34
CA LEU N 117 49.12 82.68 24.64
C LEU N 117 49.96 83.67 25.44
N THR N 118 50.04 84.92 24.99
CA THR N 118 50.82 85.93 25.70
C THR N 118 50.23 86.19 27.09
N GLY N 119 48.92 86.28 27.19
CA GLY N 119 48.26 86.54 28.45
C GLY N 119 47.79 87.97 28.65
N GLY N 120 47.90 88.82 27.63
CA GLY N 120 47.46 90.19 27.76
C GLY N 120 47.52 90.88 26.42
N GLY N 121 46.96 92.09 26.39
CA GLY N 121 46.93 92.89 25.18
C GLY N 121 45.57 93.50 24.91
N GLY O 52 -66.41 -16.78 13.08
CA GLY O 52 -66.43 -17.40 11.76
C GLY O 52 -67.62 -18.31 11.55
N GLY O 53 -67.34 -19.55 11.15
CA GLY O 53 -68.40 -20.51 10.92
C GLY O 53 -68.97 -21.05 12.22
N THR O 54 -70.05 -21.82 12.08
CA THR O 54 -70.71 -22.39 13.24
C THR O 54 -69.83 -23.46 13.88
N ASP O 55 -70.10 -23.74 15.14
CA ASP O 55 -69.32 -24.72 15.88
C ASP O 55 -69.53 -26.12 15.30
N PRO O 56 -68.54 -27.00 15.42
CA PRO O 56 -68.67 -28.35 14.83
C PRO O 56 -69.83 -29.15 15.40
N ALA O 57 -70.29 -28.83 16.61
CA ALA O 57 -71.42 -29.56 17.20
C ALA O 57 -72.69 -29.34 16.39
N THR O 58 -72.85 -28.15 15.80
CA THR O 58 -74.04 -27.86 15.02
C THR O 58 -74.02 -28.56 13.67
N MET O 59 -72.85 -28.64 13.04
CA MET O 59 -72.76 -29.23 11.71
C MET O 59 -73.11 -30.72 11.72
N VAL O 60 -72.61 -31.46 12.71
CA VAL O 60 -72.92 -32.88 12.79
C VAL O 60 -74.39 -33.11 13.09
N ASN O 61 -75.06 -32.14 13.72
CA ASN O 61 -76.50 -32.23 13.90
C ASN O 61 -77.24 -32.07 12.58
N ASN O 62 -76.72 -31.20 11.70
CA ASN O 62 -77.37 -30.99 10.41
C ASN O 62 -77.32 -32.24 9.54
N ILE O 63 -76.21 -32.98 9.61
CA ILE O 63 -76.11 -34.22 8.85
C ILE O 63 -77.13 -35.24 9.36
N CYS O 64 -77.26 -35.35 10.69
CA CYS O 64 -78.21 -36.30 11.26
C CYS O 64 -79.64 -35.94 10.90
N THR O 65 -79.97 -34.65 10.95
CA THR O 65 -81.32 -34.22 10.58
C THR O 65 -81.60 -34.49 9.10
N PHE O 66 -80.63 -34.22 8.23
CA PHE O 66 -80.81 -34.45 6.80
C PHE O 66 -80.97 -35.92 6.48
N ILE O 67 -80.14 -36.78 7.10
CA ILE O 67 -80.20 -38.21 6.80
C ILE O 67 -81.52 -38.80 7.28
N LEU O 68 -81.95 -38.45 8.50
CA LEU O 68 -83.18 -38.97 9.07
C LEU O 68 -84.40 -38.13 8.71
N GLY O 69 -84.32 -37.31 7.68
CA GLY O 69 -85.43 -36.49 7.25
C GLY O 69 -86.17 -37.11 6.08
N PRO O 70 -86.69 -36.27 5.20
CA PRO O 70 -87.37 -36.79 3.99
C PRO O 70 -86.47 -37.63 3.10
N PHE O 71 -85.16 -37.34 3.08
CA PHE O 71 -84.24 -38.13 2.27
C PHE O 71 -84.17 -39.57 2.77
N GLY O 72 -84.12 -39.76 4.08
CA GLY O 72 -84.04 -41.10 4.62
C GLY O 72 -85.31 -41.91 4.39
N GLN O 73 -86.47 -41.27 4.49
CA GLN O 73 -87.72 -41.97 4.28
C GLN O 73 -87.84 -42.51 2.87
N SER O 74 -87.37 -41.75 1.88
CA SER O 74 -87.40 -42.23 0.50
C SER O 74 -86.33 -43.30 0.25
N LEU O 75 -85.31 -43.37 1.10
CA LEU O 75 -84.35 -44.46 1.01
C LEU O 75 -84.96 -45.77 1.50
N ALA O 76 -85.90 -45.68 2.45
CA ALA O 76 -86.54 -46.88 2.98
C ALA O 76 -87.36 -47.59 1.91
N VAL O 77 -88.11 -46.83 1.12
CA VAL O 77 -88.96 -47.45 0.10
C VAL O 77 -88.11 -48.07 -1.00
N LEU O 78 -86.93 -47.51 -1.28
CA LEU O 78 -86.05 -48.11 -2.28
C LEU O 78 -85.50 -49.45 -1.80
N GLY O 79 -85.19 -49.54 -0.51
CA GLY O 79 -84.72 -50.82 0.03
C GLY O 79 -85.80 -51.89 0.00
N ILE O 80 -87.05 -51.51 0.27
CA ILE O 80 -88.15 -52.46 0.23
C ILE O 80 -88.41 -52.92 -1.20
N VAL O 81 -88.29 -52.01 -2.16
CA VAL O 81 -88.49 -52.36 -3.57
C VAL O 81 -87.49 -53.42 -4.00
N ALA O 82 -86.25 -53.31 -3.54
CA ALA O 82 -85.22 -54.29 -3.90
C ALA O 82 -85.55 -55.68 -3.40
N ILE O 83 -86.34 -55.78 -2.32
CA ILE O 83 -86.76 -57.10 -1.84
C ILE O 83 -87.72 -57.74 -2.83
N GLY O 84 -88.72 -56.98 -3.29
CA GLY O 84 -89.69 -57.52 -4.22
C GLY O 84 -89.08 -57.88 -5.57
N ILE O 85 -88.15 -57.05 -6.04
CA ILE O 85 -87.48 -57.34 -7.30
C ILE O 85 -86.62 -58.59 -7.17
N SER O 86 -86.01 -58.79 -6.01
CA SER O 86 -85.11 -59.93 -5.81
C SER O 86 -85.87 -61.24 -5.64
N TRP O 87 -87.04 -61.22 -5.00
CA TRP O 87 -87.79 -62.47 -4.81
C TRP O 87 -88.21 -63.08 -6.14
N MET O 88 -88.71 -62.27 -7.05
CA MET O 88 -88.92 -62.72 -8.42
C MET O 88 -87.59 -62.64 -9.18
N PHE O 89 -87.53 -63.36 -10.30
CA PHE O 89 -86.28 -63.53 -11.04
C PHE O 89 -85.16 -64.07 -10.14
N GLY O 90 -85.50 -64.93 -9.19
CA GLY O 90 -84.53 -65.45 -8.25
C GLY O 90 -85.11 -66.37 -7.21
N ARG O 91 -84.61 -66.26 -5.97
CA ARG O 91 -85.01 -67.13 -4.88
C ARG O 91 -85.50 -66.29 -3.71
N ALA O 92 -86.52 -66.80 -3.02
CA ALA O 92 -87.11 -66.12 -1.87
C ALA O 92 -86.66 -66.82 -0.58
N SER O 93 -86.18 -66.02 0.37
CA SER O 93 -85.69 -66.57 1.63
C SER O 93 -85.99 -65.59 2.76
N LEU O 94 -86.05 -66.13 3.98
CA LEU O 94 -86.31 -65.29 5.15
C LEU O 94 -85.10 -64.46 5.54
N GLY O 95 -83.89 -64.93 5.20
CA GLY O 95 -82.70 -64.17 5.56
C GLY O 95 -82.61 -62.85 4.84
N LEU O 96 -83.00 -62.82 3.56
CA LEU O 96 -82.90 -61.60 2.78
C LEU O 96 -83.85 -60.52 3.29
N VAL O 97 -85.10 -60.89 3.55
CA VAL O 97 -86.09 -59.90 4.02
C VAL O 97 -85.74 -59.43 5.43
N ALA O 98 -85.24 -60.33 6.27
CA ALA O 98 -84.91 -59.95 7.64
C ALA O 98 -83.74 -58.96 7.67
N GLY O 99 -82.76 -59.16 6.79
CA GLY O 99 -81.61 -58.26 6.79
C GLY O 99 -81.97 -56.84 6.39
N VAL O 100 -82.80 -56.68 5.36
CA VAL O 100 -83.15 -55.35 4.89
C VAL O 100 -84.05 -54.65 5.89
N VAL O 101 -85.06 -55.36 6.42
CA VAL O 101 -85.96 -54.75 7.39
C VAL O 101 -85.21 -54.43 8.68
N GLY O 102 -84.28 -55.30 9.08
CA GLY O 102 -83.45 -54.99 10.24
C GLY O 102 -82.57 -53.78 10.02
N GLY O 103 -82.15 -53.55 8.77
CA GLY O 103 -81.34 -52.38 8.48
C GLY O 103 -82.11 -51.08 8.67
N ILE O 104 -83.38 -51.05 8.26
CA ILE O 104 -84.20 -49.85 8.45
C ILE O 104 -84.40 -49.57 9.94
N VAL O 105 -84.58 -50.63 10.73
CA VAL O 105 -84.78 -50.46 12.17
C VAL O 105 -83.54 -49.85 12.81
N ILE O 106 -82.35 -50.30 12.40
CA ILE O 106 -81.12 -49.74 12.93
C ILE O 106 -80.90 -48.33 12.42
N MET O 107 -81.12 -48.09 11.12
CA MET O 107 -80.87 -46.79 10.54
C MET O 107 -81.78 -45.72 11.15
N PHE O 108 -83.08 -45.86 10.97
CA PHE O 108 -84.02 -44.95 11.59
C PHE O 108 -84.05 -45.17 13.10
N GLY O 109 -84.16 -44.07 13.85
CA GLY O 109 -84.12 -44.19 15.29
C GLY O 109 -82.77 -44.55 15.85
N ALA O 110 -81.69 -44.26 15.11
CA ALA O 110 -80.35 -44.54 15.62
C ALA O 110 -79.99 -43.61 16.78
N SER O 111 -80.68 -42.48 16.90
CA SER O 111 -80.43 -41.60 18.03
C SER O 111 -80.80 -42.27 19.35
N PHE O 112 -81.91 -43.01 19.37
CA PHE O 112 -82.29 -43.73 20.59
C PHE O 112 -81.28 -44.82 20.92
N LEU O 113 -80.77 -45.52 19.90
CA LEU O 113 -79.75 -46.54 20.14
C LEU O 113 -78.47 -45.91 20.68
N GLY O 114 -78.07 -44.77 20.15
CA GLY O 114 -76.87 -44.10 20.64
C GLY O 114 -77.01 -43.63 22.07
N LYS O 115 -78.18 -43.09 22.43
CA LYS O 115 -78.39 -42.64 23.79
C LYS O 115 -78.38 -43.81 24.78
N THR O 116 -79.01 -44.92 24.42
CA THR O 116 -79.06 -46.07 25.30
C THR O 116 -77.66 -46.66 25.51
N LEU O 117 -76.89 -46.78 24.43
CA LEU O 117 -75.55 -47.36 24.54
C LEU O 117 -74.62 -46.45 25.35
N THR O 118 -74.61 -45.16 25.02
CA THR O 118 -73.75 -44.23 25.76
C THR O 118 -74.18 -44.11 27.21
N GLY O 119 -75.49 -44.05 27.46
CA GLY O 119 -76.01 -43.91 28.80
C GLY O 119 -76.45 -42.53 29.19
N GLY O 120 -76.45 -41.57 28.26
CA GLY O 120 -76.86 -40.22 28.57
C GLY O 120 -76.94 -39.40 27.31
N GLY O 121 -77.49 -38.20 27.47
CA GLY O 121 -77.64 -37.28 26.35
C GLY O 121 -79.03 -36.64 26.28
N GLY P 52 -47.54 -16.46 30.05
CA GLY P 52 -48.10 -16.53 28.71
C GLY P 52 -49.34 -17.40 28.63
N GLY P 53 -49.33 -18.36 27.71
CA GLY P 53 -50.45 -19.26 27.55
C GLY P 53 -50.52 -20.29 28.65
N THR P 54 -51.62 -21.04 28.65
CA THR P 54 -51.82 -22.07 29.66
C THR P 54 -50.84 -23.22 29.46
N ASP P 55 -50.62 -23.99 30.53
CA ASP P 55 -49.68 -25.09 30.47
C ASP P 55 -50.20 -26.18 29.52
N PRO P 56 -49.29 -26.95 28.91
CA PRO P 56 -49.74 -27.98 27.96
C PRO P 56 -50.64 -29.04 28.57
N ALA P 57 -50.58 -29.24 29.88
CA ALA P 57 -51.44 -30.23 30.52
C ALA P 57 -52.91 -29.84 30.41
N THR P 58 -53.20 -28.54 30.42
CA THR P 58 -54.58 -28.08 30.34
C THR P 58 -55.12 -28.23 28.92
N MET P 59 -54.30 -27.95 27.91
CA MET P 59 -54.76 -27.98 26.53
C MET P 59 -55.19 -29.39 26.12
N VAL P 60 -54.40 -30.40 26.47
CA VAL P 60 -54.75 -31.76 26.11
C VAL P 60 -56.00 -32.22 26.84
N ASN P 61 -56.30 -31.63 27.99
CA ASN P 61 -57.56 -31.91 28.66
C ASN P 61 -58.74 -31.33 27.89
N ASN P 62 -58.55 -30.15 27.28
CA ASN P 62 -59.62 -29.52 26.52
C ASN P 62 -59.99 -30.35 25.30
N ILE P 63 -59.00 -30.95 24.65
CA ILE P 63 -59.29 -31.81 23.49
C ILE P 63 -60.09 -33.03 23.92
N CYS P 64 -59.72 -33.64 25.05
CA CYS P 64 -60.44 -34.82 25.53
C CYS P 64 -61.86 -34.48 25.90
N THR P 65 -62.08 -33.33 26.57
CA THR P 65 -63.42 -32.92 26.93
C THR P 65 -64.27 -32.64 25.70
N PHE P 66 -63.68 -31.97 24.69
CA PHE P 66 -64.43 -31.66 23.47
C PHE P 66 -64.79 -32.91 22.70
N ILE P 67 -63.85 -33.85 22.57
CA ILE P 67 -64.11 -35.06 21.80
C ILE P 67 -65.19 -35.91 22.48
N LEU P 68 -65.09 -36.08 23.79
CA LEU P 68 -66.03 -36.89 24.55
C LEU P 68 -67.24 -36.10 25.04
N GLY P 69 -67.50 -34.94 24.45
CA GLY P 69 -68.64 -34.13 24.83
C GLY P 69 -69.81 -34.32 23.88
N PRO P 70 -70.58 -33.25 23.66
CA PRO P 70 -71.70 -33.34 22.71
C PRO P 70 -71.27 -33.69 21.30
N PHE P 71 -70.06 -33.30 20.89
CA PHE P 71 -69.58 -33.64 19.56
C PHE P 71 -69.42 -35.14 19.39
N GLY P 72 -68.87 -35.82 20.41
CA GLY P 72 -68.69 -37.25 20.32
C GLY P 72 -69.99 -38.03 20.29
N GLN P 73 -70.98 -37.57 21.06
CA GLN P 73 -72.27 -38.25 21.10
C GLN P 73 -72.96 -38.22 19.74
N SER P 74 -72.85 -37.11 19.01
CA SER P 74 -73.43 -37.03 17.69
C SER P 74 -72.63 -37.81 16.67
N LEU P 75 -71.36 -38.11 16.97
CA LEU P 75 -70.59 -39.01 16.11
C LEU P 75 -71.06 -40.45 16.26
N ALA P 76 -71.55 -40.81 17.44
CA ALA P 76 -72.01 -42.18 17.68
C ALA P 76 -73.22 -42.50 16.82
N VAL P 77 -74.17 -41.57 16.73
CA VAL P 77 -75.38 -41.83 15.95
C VAL P 77 -75.08 -41.90 14.46
N LEU P 78 -74.05 -41.19 14.00
CA LEU P 78 -73.68 -41.27 12.59
C LEU P 78 -73.07 -42.63 12.27
N GLY P 79 -72.29 -43.19 13.20
CA GLY P 79 -71.74 -44.53 12.99
C GLY P 79 -72.82 -45.60 12.96
N ILE P 80 -73.84 -45.45 13.81
CA ILE P 80 -74.93 -46.43 13.83
C ILE P 80 -75.76 -46.33 12.56
N VAL P 81 -75.95 -45.11 12.04
CA VAL P 81 -76.71 -44.93 10.80
C VAL P 81 -76.02 -45.65 9.65
N ALA P 82 -74.68 -45.62 9.61
CA ALA P 82 -73.96 -46.27 8.54
C ALA P 82 -74.16 -47.78 8.56
N ILE P 83 -74.48 -48.36 9.72
CA ILE P 83 -74.77 -49.78 9.78
C ILE P 83 -76.08 -50.08 9.07
N GLY P 84 -77.12 -49.30 9.36
CA GLY P 84 -78.40 -49.54 8.73
C GLY P 84 -78.39 -49.30 7.24
N ILE P 85 -77.66 -48.28 6.79
CA ILE P 85 -77.55 -48.01 5.37
C ILE P 85 -76.79 -49.12 4.67
N SER P 86 -75.80 -49.69 5.35
CA SER P 86 -74.97 -50.74 4.73
C SER P 86 -75.69 -52.08 4.66
N TRP P 87 -76.53 -52.42 5.66
CA TRP P 87 -77.22 -53.70 5.62
C TRP P 87 -78.15 -53.80 4.43
N MET P 88 -78.93 -52.75 4.16
CA MET P 88 -79.67 -52.66 2.92
C MET P 88 -78.74 -52.19 1.81
N PHE P 89 -79.15 -52.42 0.56
CA PHE P 89 -78.29 -52.19 -0.61
C PHE P 89 -76.96 -52.91 -0.48
N GLY P 90 -76.99 -54.11 0.12
CA GLY P 90 -75.76 -54.84 0.34
C GLY P 90 -75.94 -56.15 1.09
N ARG P 91 -75.01 -56.47 1.98
CA ARG P 91 -75.02 -57.72 2.72
C ARG P 91 -74.96 -57.43 4.21
N ALA P 92 -75.66 -58.25 4.99
CA ALA P 92 -75.71 -58.12 6.44
C ALA P 92 -74.86 -59.20 7.09
N SER P 93 -73.99 -58.80 8.02
CA SER P 93 -73.09 -59.73 8.68
C SER P 93 -72.87 -59.28 10.11
N LEU P 94 -72.49 -60.25 10.96
CA LEU P 94 -72.22 -59.94 12.35
C LEU P 94 -70.90 -59.22 12.55
N GLY P 95 -69.96 -59.40 11.62
CA GLY P 95 -68.67 -58.74 11.76
C GLY P 95 -68.77 -57.24 11.63
N LEU P 96 -69.63 -56.76 10.72
CA LEU P 96 -69.75 -55.33 10.49
C LEU P 96 -70.35 -54.61 11.69
N VAL P 97 -71.43 -55.17 12.24
CA VAL P 97 -72.08 -54.53 13.38
C VAL P 97 -71.19 -54.60 14.62
N ALA P 98 -70.47 -55.70 14.80
CA ALA P 98 -69.60 -55.84 15.97
C ALA P 98 -68.45 -54.84 15.93
N GLY P 99 -67.90 -54.59 14.75
CA GLY P 99 -66.79 -53.66 14.65
C GLY P 99 -67.17 -52.23 15.00
N VAL P 100 -68.32 -51.77 14.49
CA VAL P 100 -68.74 -50.40 14.75
C VAL P 100 -69.13 -50.21 16.21
N VAL P 101 -69.90 -51.15 16.76
CA VAL P 101 -70.31 -51.05 18.15
C VAL P 101 -69.11 -51.17 19.07
N GLY P 102 -68.16 -52.04 18.72
CA GLY P 102 -66.93 -52.12 19.50
C GLY P 102 -66.13 -50.83 19.45
N GLY P 103 -66.20 -50.12 18.32
CA GLY P 103 -65.50 -48.85 18.22
C GLY P 103 -66.03 -47.80 19.18
N ILE P 104 -67.35 -47.73 19.32
CA ILE P 104 -67.96 -46.77 20.25
C ILE P 104 -67.56 -47.10 21.68
N VAL P 105 -67.49 -48.39 22.02
CA VAL P 105 -67.10 -48.80 23.36
C VAL P 105 -65.67 -48.36 23.67
N ILE P 106 -64.78 -48.51 22.69
CA ILE P 106 -63.39 -48.09 22.89
C ILE P 106 -63.29 -46.57 22.93
N MET P 107 -63.97 -45.89 22.00
CA MET P 107 -63.88 -44.44 21.92
C MET P 107 -64.40 -43.77 23.19
N PHE P 108 -65.69 -43.95 23.47
CA PHE P 108 -66.25 -43.42 24.71
C PHE P 108 -65.71 -44.20 25.91
N GLY P 109 -65.44 -43.49 26.99
CA GLY P 109 -64.86 -44.13 28.14
C GLY P 109 -63.43 -44.55 27.96
N ALA P 110 -62.70 -43.93 27.04
CA ALA P 110 -61.29 -44.24 26.86
C ALA P 110 -60.46 -43.81 28.05
N SER P 111 -60.96 -42.87 28.85
CA SER P 111 -60.24 -42.45 30.05
C SER P 111 -60.11 -43.61 31.04
N PHE P 112 -61.17 -44.40 31.19
CA PHE P 112 -61.12 -45.56 32.08
C PHE P 112 -60.13 -46.60 31.56
N LEU P 113 -60.10 -46.81 30.24
CA LEU P 113 -59.14 -47.75 29.66
C LEU P 113 -57.71 -47.26 29.88
N GLY P 114 -57.47 -45.96 29.71
CA GLY P 114 -56.13 -45.43 29.92
C GLY P 114 -55.67 -45.56 31.36
N LYS P 115 -56.57 -45.29 32.31
CA LYS P 115 -56.22 -45.41 33.72
C LYS P 115 -55.90 -46.86 34.10
N THR P 116 -56.71 -47.81 33.60
CA THR P 116 -56.47 -49.21 33.92
C THR P 116 -55.15 -49.71 33.35
N LEU P 117 -54.87 -49.34 32.10
CA LEU P 117 -53.63 -49.79 31.46
C LEU P 117 -52.41 -49.18 32.13
N THR P 118 -52.42 -47.86 32.35
CA THR P 118 -51.29 -47.21 32.99
C THR P 118 -51.12 -47.69 34.43
N GLY P 119 -52.23 -47.84 35.15
CA GLY P 119 -52.18 -48.28 36.54
C GLY P 119 -52.34 -47.17 37.57
N GLY P 120 -52.63 -45.96 37.15
CA GLY P 120 -52.80 -44.86 38.09
C GLY P 120 -53.30 -43.63 37.37
N GLY P 121 -53.67 -42.62 38.17
CA GLY P 121 -54.18 -41.38 37.64
C GLY P 121 -55.42 -40.89 38.35
N GLY Q 52 -23.61 -20.93 37.31
CA GLY Q 52 -24.65 -20.54 36.36
C GLY Q 52 -25.88 -21.42 36.44
N GLY Q 53 -26.29 -21.96 35.29
CA GLY Q 53 -27.44 -22.83 35.24
C GLY Q 53 -27.15 -24.20 35.80
N THR Q 54 -28.22 -24.99 35.93
CA THR Q 54 -28.09 -26.34 36.46
C THR Q 54 -27.35 -27.24 35.47
N ASP Q 55 -26.78 -28.32 35.99
CA ASP Q 55 -26.01 -29.24 35.17
C ASP Q 55 -26.92 -29.93 34.16
N PRO Q 56 -26.38 -30.33 33.00
CA PRO Q 56 -27.23 -30.96 31.97
C PRO Q 56 -27.89 -32.24 32.42
N ALA Q 57 -27.35 -32.92 33.43
CA ALA Q 57 -27.96 -34.15 33.91
C ALA Q 57 -29.32 -33.88 34.53
N THR Q 58 -29.50 -32.71 35.14
CA THR Q 58 -30.78 -32.38 35.76
C THR Q 58 -31.83 -32.02 34.73
N MET Q 59 -31.43 -31.31 33.67
CA MET Q 59 -32.39 -30.86 32.66
C MET Q 59 -33.04 -32.03 31.93
N VAL Q 60 -32.24 -33.03 31.55
CA VAL Q 60 -32.80 -34.18 30.85
C VAL Q 60 -33.71 -34.99 31.77
N ASN Q 61 -33.50 -34.91 33.09
CA ASN Q 61 -34.44 -35.54 34.03
C ASN Q 61 -35.78 -34.81 34.03
N ASN Q 62 -35.74 -33.48 33.91
CA ASN Q 62 -36.98 -32.71 33.91
C ASN Q 62 -37.85 -33.05 32.71
N ILE Q 63 -37.23 -33.27 31.54
CA ILE Q 63 -37.99 -33.63 30.36
C ILE Q 63 -38.66 -35.00 30.57
N CYS Q 64 -37.91 -35.95 31.13
CA CYS Q 64 -38.47 -37.28 31.35
C CYS Q 64 -39.63 -37.24 32.35
N THR Q 65 -39.48 -36.45 33.41
CA THR Q 65 -40.56 -36.33 34.39
C THR Q 65 -41.79 -35.68 33.78
N PHE Q 66 -41.59 -34.63 32.97
CA PHE Q 66 -42.71 -33.95 32.35
C PHE Q 66 -43.44 -34.85 31.35
N ILE Q 67 -42.68 -35.58 30.53
CA ILE Q 67 -43.30 -36.44 29.52
C ILE Q 67 -44.09 -37.56 30.16
N LEU Q 68 -43.52 -38.20 31.18
CA LEU Q 68 -44.15 -39.33 31.85
C LEU Q 68 -45.02 -38.89 33.03
N GLY Q 69 -45.40 -37.62 33.08
CA GLY Q 69 -46.26 -37.11 34.13
C GLY Q 69 -47.71 -37.04 33.71
N PRO Q 70 -48.43 -36.04 34.23
CA PRO Q 70 -49.83 -35.86 33.82
C PRO Q 70 -49.99 -35.61 32.33
N PHE Q 71 -49.01 -34.99 31.67
CA PHE Q 71 -49.10 -34.76 30.23
C PHE Q 71 -49.11 -36.07 29.46
N GLY Q 72 -48.28 -37.02 29.86
CA GLY Q 72 -48.23 -38.30 29.16
C GLY Q 72 -49.50 -39.12 29.33
N GLN Q 73 -50.09 -39.07 30.54
CA GLN Q 73 -51.30 -39.83 30.79
C GLN Q 73 -52.46 -39.35 29.92
N SER Q 74 -52.56 -38.04 29.69
CA SER Q 74 -53.60 -37.51 28.83
C SER Q 74 -53.30 -37.79 27.36
N LEU Q 75 -52.04 -38.06 27.02
CA LEU Q 75 -51.72 -38.49 25.67
C LEU Q 75 -52.20 -39.91 25.41
N ALA Q 76 -52.21 -40.75 26.46
CA ALA Q 76 -52.65 -42.13 26.30
C ALA Q 76 -54.12 -42.21 25.92
N VAL Q 77 -54.96 -41.40 26.56
CA VAL Q 77 -56.39 -41.46 26.26
C VAL Q 77 -56.69 -40.93 24.87
N LEU Q 78 -55.86 -40.00 24.36
CA LEU Q 78 -56.06 -39.52 22.99
C LEU Q 78 -55.72 -40.59 21.98
N GLY Q 79 -54.69 -41.40 22.26
CA GLY Q 79 -54.36 -42.49 21.36
C GLY Q 79 -55.43 -43.56 21.34
N ILE Q 80 -56.04 -43.85 22.48
CA ILE Q 80 -57.10 -44.85 22.55
C ILE Q 80 -58.34 -44.34 21.82
N VAL Q 81 -58.64 -43.05 21.92
CA VAL Q 81 -59.79 -42.48 21.24
C VAL Q 81 -59.65 -42.64 19.73
N ALA Q 82 -58.44 -42.48 19.21
CA ALA Q 82 -58.22 -42.62 17.77
C ALA Q 82 -58.51 -44.03 17.29
N ILE Q 83 -58.39 -45.02 18.17
CA ILE Q 83 -58.73 -46.39 17.79
C ILE Q 83 -60.23 -46.51 17.57
N GLY Q 84 -61.03 -46.00 18.50
CA GLY Q 84 -62.47 -46.09 18.37
C GLY Q 84 -63.01 -45.31 17.20
N ILE Q 85 -62.44 -44.13 16.94
CA ILE Q 85 -62.87 -43.33 15.80
C ILE Q 85 -62.51 -44.03 14.49
N SER Q 86 -61.37 -44.73 14.47
CA SER Q 86 -60.93 -45.38 13.25
C SER Q 86 -61.70 -46.65 12.94
N TRP Q 87 -62.11 -47.41 13.96
CA TRP Q 87 -62.85 -48.65 13.71
C TRP Q 87 -64.17 -48.37 13.02
N MET Q 88 -64.92 -47.37 13.49
CA MET Q 88 -66.07 -46.89 12.75
C MET Q 88 -65.61 -45.94 11.65
N PHE Q 89 -66.48 -45.73 10.66
CA PHE Q 89 -66.13 -44.99 9.45
C PHE Q 89 -64.90 -45.60 8.77
N GLY Q 90 -64.76 -46.92 8.83
CA GLY Q 90 -63.60 -47.57 8.26
C GLY Q 90 -63.58 -49.07 8.47
N ARG Q 91 -62.40 -49.62 8.74
CA ARG Q 91 -62.20 -51.04 8.89
C ARG Q 91 -61.56 -51.35 10.24
N ALA Q 92 -61.97 -52.46 10.84
CA ALA Q 92 -61.44 -52.89 12.13
C ALA Q 92 -60.48 -54.06 11.94
N SER Q 93 -59.31 -53.96 12.56
CA SER Q 93 -58.29 -54.99 12.41
C SER Q 93 -57.50 -55.10 13.71
N LEU Q 94 -56.89 -56.27 13.90
CA LEU Q 94 -56.09 -56.50 15.10
C LEU Q 94 -54.76 -55.79 15.04
N GLY Q 95 -54.25 -55.53 13.84
CA GLY Q 95 -52.96 -54.85 13.71
C GLY Q 95 -53.00 -53.41 14.22
N LEU Q 96 -54.11 -52.71 13.96
CA LEU Q 96 -54.22 -51.32 14.35
C LEU Q 96 -54.26 -51.17 15.86
N VAL Q 97 -55.08 -51.99 16.54
CA VAL Q 97 -55.20 -51.89 17.99
C VAL Q 97 -53.91 -52.33 18.67
N ALA Q 98 -53.25 -53.35 18.12
CA ALA Q 98 -52.02 -53.85 18.72
C ALA Q 98 -50.91 -52.81 18.64
N GLY Q 99 -50.83 -52.08 17.52
CA GLY Q 99 -49.78 -51.09 17.38
C GLY Q 99 -49.90 -49.95 18.37
N VAL Q 100 -51.12 -49.43 18.56
CA VAL Q 100 -51.31 -48.30 19.45
C VAL Q 100 -51.11 -48.71 20.90
N VAL Q 101 -51.67 -49.86 21.30
CA VAL Q 101 -51.51 -50.33 22.67
C VAL Q 101 -50.05 -50.68 22.95
N GLY Q 102 -49.37 -51.26 21.96
CA GLY Q 102 -47.94 -51.52 22.11
C GLY Q 102 -47.14 -50.25 22.26
N GLY Q 103 -47.59 -49.17 21.61
CA GLY Q 103 -46.89 -47.90 21.75
C GLY Q 103 -46.95 -47.34 23.15
N ILE Q 104 -48.11 -47.46 23.80
CA ILE Q 104 -48.24 -46.97 25.18
C ILE Q 104 -47.35 -47.77 26.11
N VAL Q 105 -47.24 -49.08 25.87
CA VAL Q 105 -46.39 -49.94 26.70
C VAL Q 105 -44.94 -49.53 26.58
N ILE Q 106 -44.49 -49.22 25.37
CA ILE Q 106 -43.11 -48.78 25.17
C ILE Q 106 -42.90 -47.38 25.74
N MET Q 107 -43.84 -46.47 25.49
CA MET Q 107 -43.69 -45.09 25.93
C MET Q 107 -43.64 -45.01 27.46
N PHE Q 108 -44.72 -45.38 28.11
CA PHE Q 108 -44.74 -45.42 29.58
C PHE Q 108 -43.83 -46.55 30.08
N GLY Q 109 -43.12 -46.27 31.17
CA GLY Q 109 -42.19 -47.26 31.67
C GLY Q 109 -40.96 -47.44 30.81
N ALA Q 110 -40.60 -46.45 30.00
CA ALA Q 110 -39.39 -46.55 29.19
C ALA Q 110 -38.14 -46.52 30.04
N SER Q 111 -38.24 -46.01 31.27
CA SER Q 111 -37.08 -46.02 32.17
C SER Q 111 -36.66 -47.44 32.51
N PHE Q 112 -37.64 -48.32 32.74
CA PHE Q 112 -37.32 -49.72 33.02
C PHE Q 112 -36.68 -50.40 31.80
N LEU Q 113 -37.17 -50.09 30.61
CA LEU Q 113 -36.57 -50.65 29.40
C LEU Q 113 -35.14 -50.16 29.22
N GLY Q 114 -34.90 -48.87 29.49
CA GLY Q 114 -33.55 -48.34 29.37
C GLY Q 114 -32.59 -48.96 30.35
N LYS Q 115 -33.03 -49.16 31.60
CA LYS Q 115 -32.17 -49.77 32.60
C LYS Q 115 -31.84 -51.22 32.25
N THR Q 116 -32.83 -51.97 31.77
CA THR Q 116 -32.59 -53.37 31.42
C THR Q 116 -31.63 -53.49 30.24
N LEU Q 117 -31.81 -52.65 29.22
CA LEU Q 117 -30.95 -52.71 28.04
C LEU Q 117 -29.53 -52.30 28.38
N THR Q 118 -29.37 -51.17 29.07
CA THR Q 118 -28.03 -50.71 29.44
C THR Q 118 -27.36 -51.68 30.40
N GLY Q 119 -28.10 -52.20 31.37
CA GLY Q 119 -27.56 -53.11 32.35
C GLY Q 119 -27.24 -52.51 33.70
N GLY Q 120 -27.59 -51.25 33.92
CA GLY Q 120 -27.31 -50.61 35.20
C GLY Q 120 -27.97 -49.25 35.26
N GLY Q 121 -27.92 -48.67 36.45
CA GLY Q 121 -28.51 -47.36 36.68
C GLY Q 121 -29.36 -47.29 37.93
N GLY R 52 0.88 -25.72 32.62
CA GLY R 52 -0.41 -25.10 32.37
C GLY R 52 -1.58 -26.05 32.56
N GLY R 53 -2.42 -26.14 31.54
CA GLY R 53 -3.56 -27.02 31.60
C GLY R 53 -3.19 -28.48 31.44
N THR R 54 -4.17 -29.34 31.65
CA THR R 54 -3.93 -30.78 31.53
C THR R 54 -3.69 -31.16 30.08
N ASP R 55 -3.05 -32.31 29.88
CA ASP R 55 -2.72 -32.77 28.54
C ASP R 55 -4.00 -33.11 27.77
N PRO R 56 -3.96 -32.99 26.44
CA PRO R 56 -5.18 -33.25 25.65
C PRO R 56 -5.72 -34.66 25.79
N ALA R 57 -4.87 -35.62 26.17
CA ALA R 57 -5.34 -37.00 26.34
C ALA R 57 -6.34 -37.10 27.48
N THR R 58 -6.18 -36.27 28.52
CA THR R 58 -7.10 -36.32 29.66
C THR R 58 -8.44 -35.70 29.31
N MET R 59 -8.44 -34.60 28.55
CA MET R 59 -9.67 -33.89 28.25
C MET R 59 -10.63 -34.75 27.43
N VAL R 60 -10.11 -35.46 26.41
CA VAL R 60 -10.97 -36.30 25.59
C VAL R 60 -11.52 -37.47 26.40
N ASN R 61 -10.81 -37.88 27.46
CA ASN R 61 -11.35 -38.89 28.36
C ASN R 61 -12.53 -38.35 29.16
N ASN R 62 -12.47 -37.08 29.55
CA ASN R 62 -13.55 -36.48 30.33
C ASN R 62 -14.83 -36.40 29.51
N ILE R 63 -14.72 -36.11 28.21
CA ILE R 63 -15.91 -36.07 27.35
C ILE R 63 -16.53 -37.45 27.25
N CYS R 64 -15.70 -38.48 27.08
CA CYS R 64 -16.22 -39.85 26.98
C CYS R 64 -16.89 -40.29 28.27
N THR R 65 -16.30 -39.96 29.41
CA THR R 65 -16.91 -40.31 30.69
C THR R 65 -18.23 -39.58 30.89
N PHE R 66 -18.29 -38.30 30.53
CA PHE R 66 -19.52 -37.53 30.71
C PHE R 66 -20.62 -38.04 29.80
N ILE R 67 -20.29 -38.34 28.53
CA ILE R 67 -21.31 -38.79 27.59
C ILE R 67 -21.87 -40.16 28.01
N LEU R 68 -20.99 -41.08 28.39
CA LEU R 68 -21.39 -42.42 28.77
C LEU R 68 -21.71 -42.55 30.26
N GLY R 69 -21.96 -41.43 30.93
CA GLY R 69 -22.31 -41.44 32.33
C GLY R 69 -23.80 -41.33 32.56
N PRO R 70 -24.20 -40.68 33.65
CA PRO R 70 -25.63 -40.48 33.91
C PRO R 70 -26.34 -39.70 32.81
N PHE R 71 -25.64 -38.79 32.13
CA PHE R 71 -26.26 -38.04 31.04
C PHE R 71 -26.66 -38.96 29.89
N GLY R 72 -25.80 -39.92 29.55
CA GLY R 72 -26.12 -40.81 28.44
C GLY R 72 -27.27 -41.75 28.77
N GLN R 73 -27.35 -42.22 30.01
CA GLN R 73 -28.43 -43.12 30.40
C GLN R 73 -29.79 -42.46 30.29
N SER R 74 -29.88 -41.16 30.64
CA SER R 74 -31.14 -40.45 30.51
C SER R 74 -31.44 -40.11 29.05
N LEU R 75 -30.43 -40.12 28.19
CA LEU R 75 -30.68 -39.98 26.76
C LEU R 75 -31.31 -41.24 26.18
N ALA R 76 -30.99 -42.40 26.75
CA ALA R 76 -31.54 -43.65 26.25
C ALA R 76 -33.05 -43.71 26.45
N VAL R 77 -33.53 -43.28 27.62
CA VAL R 77 -34.96 -43.36 27.90
C VAL R 77 -35.73 -42.37 27.04
N LEU R 78 -35.11 -41.24 26.66
CA LEU R 78 -35.78 -40.30 25.77
C LEU R 78 -35.93 -40.88 24.36
N GLY R 79 -34.93 -41.62 23.90
CA GLY R 79 -35.04 -42.27 22.60
C GLY R 79 -36.12 -43.34 22.57
N ILE R 80 -36.25 -44.09 23.67
CA ILE R 80 -37.27 -45.13 23.74
C ILE R 80 -38.67 -44.50 23.80
N VAL R 81 -38.80 -43.37 24.49
CA VAL R 81 -40.08 -42.69 24.57
C VAL R 81 -40.55 -42.26 23.18
N ALA R 82 -39.63 -41.80 22.34
CA ALA R 82 -39.99 -41.36 21.00
C ALA R 82 -40.53 -42.51 20.16
N ILE R 83 -40.15 -43.74 20.47
CA ILE R 83 -40.71 -44.89 19.76
C ILE R 83 -42.18 -45.05 20.10
N GLY R 84 -42.52 -45.00 21.39
CA GLY R 84 -43.91 -45.17 21.79
C GLY R 84 -44.80 -44.05 21.30
N ILE R 85 -44.29 -42.81 21.33
CA ILE R 85 -45.07 -41.68 20.83
C ILE R 85 -45.29 -41.81 19.33
N SER R 86 -44.30 -42.34 18.61
CA SER R 86 -44.40 -42.42 17.16
C SER R 86 -45.32 -43.55 16.71
N TRP R 87 -45.36 -44.68 17.43
CA TRP R 87 -46.23 -45.78 17.02
C TRP R 87 -47.70 -45.37 17.06
N MET R 88 -48.13 -44.71 18.12
CA MET R 88 -49.44 -44.08 18.12
C MET R 88 -49.37 -42.76 17.38
N PHE R 89 -50.53 -42.26 16.96
CA PHE R 89 -50.62 -41.09 16.09
C PHE R 89 -49.79 -41.27 14.82
N GLY R 90 -49.74 -42.50 14.31
CA GLY R 90 -48.93 -42.79 13.14
C GLY R 90 -48.94 -44.25 12.74
N ARG R 91 -47.78 -44.75 12.29
CA ARG R 91 -47.64 -46.11 11.80
C ARG R 91 -46.55 -46.84 12.58
N ALA R 92 -46.78 -48.13 12.82
CA ALA R 92 -45.83 -48.97 13.54
C ALA R 92 -45.10 -49.88 12.56
N SER R 93 -43.77 -49.91 12.67
CA SER R 93 -42.96 -50.72 11.77
C SER R 93 -41.75 -51.25 12.52
N LEU R 94 -41.19 -52.34 12.01
CA LEU R 94 -40.01 -52.94 12.62
C LEU R 94 -38.75 -52.14 12.33
N GLY R 95 -38.73 -51.39 11.22
CA GLY R 95 -37.54 -50.61 10.89
C GLY R 95 -37.30 -49.49 11.89
N LEU R 96 -38.37 -48.84 12.35
CA LEU R 96 -38.21 -47.71 13.26
C LEU R 96 -37.66 -48.16 14.60
N VAL R 97 -38.21 -49.24 15.16
CA VAL R 97 -37.76 -49.71 16.47
C VAL R 97 -36.34 -50.26 16.39
N ALA R 98 -36.01 -50.94 15.28
CA ALA R 98 -34.69 -51.51 15.14
C ALA R 98 -33.62 -50.43 15.04
N GLY R 99 -33.93 -49.33 14.35
CA GLY R 99 -32.95 -48.26 14.21
C GLY R 99 -32.60 -47.60 15.53
N VAL R 100 -33.62 -47.30 16.35
CA VAL R 100 -33.37 -46.62 17.61
C VAL R 100 -32.65 -47.53 18.59
N VAL R 101 -33.10 -48.78 18.70
CA VAL R 101 -32.45 -49.72 19.61
C VAL R 101 -31.03 -50.02 19.15
N GLY R 102 -30.83 -50.12 17.84
CA GLY R 102 -29.48 -50.29 17.33
C GLY R 102 -28.59 -49.10 17.64
N GLY R 103 -29.17 -47.90 17.67
CA GLY R 103 -28.39 -46.72 18.01
C GLY R 103 -27.87 -46.74 19.43
N ILE R 104 -28.69 -47.21 20.38
CA ILE R 104 -28.25 -47.29 21.77
C ILE R 104 -27.13 -48.31 21.91
N VAL R 105 -27.21 -49.41 21.17
CA VAL R 105 -26.18 -50.45 21.22
C VAL R 105 -24.84 -49.88 20.72
N ILE R 106 -24.88 -49.10 19.64
CA ILE R 106 -23.66 -48.50 19.12
C ILE R 106 -23.15 -47.40 20.06
N MET R 107 -24.05 -46.54 20.55
CA MET R 107 -23.64 -45.44 21.40
C MET R 107 -23.01 -45.93 22.69
N PHE R 108 -23.78 -46.64 23.52
CA PHE R 108 -23.23 -47.22 24.73
C PHE R 108 -22.29 -48.36 24.39
N GLY R 109 -21.19 -48.46 25.13
CA GLY R 109 -20.20 -49.48 24.82
C GLY R 109 -19.42 -49.22 23.56
N ALA R 110 -19.33 -47.96 23.13
CA ALA R 110 -18.54 -47.64 21.94
C ALA R 110 -17.05 -47.83 22.20
N SER R 111 -16.63 -47.83 23.47
CA SER R 111 -15.23 -48.07 23.78
C SER R 111 -14.81 -49.48 23.36
N PHE R 112 -15.68 -50.47 23.59
CA PHE R 112 -15.38 -51.82 23.16
C PHE R 112 -15.30 -51.94 21.64
N LEU R 113 -16.20 -51.24 20.94
CA LEU R 113 -16.15 -51.24 19.48
C LEU R 113 -14.86 -50.59 18.98
N GLY R 114 -14.45 -49.49 19.60
CA GLY R 114 -13.21 -48.84 19.19
C GLY R 114 -11.99 -49.69 19.42
N LYS R 115 -11.93 -50.39 20.56
CA LYS R 115 -10.80 -51.26 20.84
C LYS R 115 -10.73 -52.42 19.86
N THR R 116 -11.88 -53.03 19.55
CA THR R 116 -11.89 -54.16 18.63
C THR R 116 -11.46 -53.74 17.23
N LEU R 117 -11.97 -52.60 16.75
CA LEU R 117 -11.64 -52.13 15.41
C LEU R 117 -10.16 -51.75 15.31
N THR R 118 -9.67 -50.95 16.27
CA THR R 118 -8.27 -50.55 16.25
C THR R 118 -7.35 -51.75 16.43
N GLY R 119 -7.70 -52.66 17.33
CA GLY R 119 -6.89 -53.83 17.60
C GLY R 119 -6.03 -53.75 18.85
N GLY R 120 -6.17 -52.71 19.65
CA GLY R 120 -5.39 -52.58 20.86
C GLY R 120 -5.87 -51.41 21.68
N GLY R 121 -5.34 -51.32 22.90
CA GLY R 121 -5.70 -50.25 23.82
C GLY R 121 -5.99 -50.75 25.21
N GLY S 52 21.31 -26.10 17.57
CA GLY S 52 20.06 -25.55 18.08
C GLY S 52 19.00 -26.59 18.33
N GLY S 53 17.83 -26.38 17.75
CA GLY S 53 16.73 -27.32 17.91
C GLY S 53 16.92 -28.57 17.06
N THR S 54 16.04 -29.53 17.28
CA THR S 54 16.12 -30.79 16.54
C THR S 54 15.75 -30.57 15.08
N ASP S 55 16.19 -31.49 14.24
CA ASP S 55 15.95 -31.38 12.81
C ASP S 55 14.46 -31.51 12.51
N PRO S 56 13.98 -30.89 11.42
CA PRO S 56 12.54 -30.96 11.12
C PRO S 56 12.01 -32.36 10.90
N ALA S 57 12.87 -33.31 10.53
CA ALA S 57 12.41 -34.68 10.33
C ALA S 57 11.92 -35.30 11.63
N THR S 58 12.52 -34.91 12.76
CA THR S 58 12.11 -35.46 14.05
C THR S 58 10.78 -34.88 14.50
N MET S 59 10.57 -33.58 14.28
CA MET S 59 9.36 -32.93 14.75
C MET S 59 8.11 -33.50 14.10
N VAL S 60 8.15 -33.71 12.79
CA VAL S 60 6.99 -34.26 12.10
C VAL S 60 6.71 -35.70 12.53
N ASN S 61 7.74 -36.41 13.01
CA ASN S 61 7.52 -37.73 13.58
C ASN S 61 6.78 -37.63 14.91
N ASN S 62 7.08 -36.60 15.70
CA ASN S 62 6.41 -36.44 16.99
C ASN S 62 4.93 -36.18 16.83
N ILE S 63 4.55 -35.41 15.80
CA ILE S 63 3.13 -35.16 15.54
C ILE S 63 2.43 -36.46 15.16
N CYS S 64 3.06 -37.26 14.31
CA CYS S 64 2.45 -38.53 13.89
C CYS S 64 2.28 -39.48 15.07
N THR S 65 3.30 -39.56 15.93
CA THR S 65 3.20 -40.42 17.11
C THR S 65 2.11 -39.94 18.06
N PHE S 66 2.01 -38.63 18.27
CA PHE S 66 0.99 -38.10 19.17
C PHE S 66 -0.41 -38.33 18.64
N ILE S 67 -0.61 -38.09 17.33
CA ILE S 67 -1.94 -38.24 16.75
C ILE S 67 -2.38 -39.70 16.79
N LEU S 68 -1.49 -40.62 16.42
CA LEU S 68 -1.80 -42.05 16.39
C LEU S 68 -1.54 -42.74 17.71
N GLY S 69 -1.44 -41.99 18.81
CA GLY S 69 -1.21 -42.56 20.11
C GLY S 69 -2.50 -42.69 20.90
N PRO S 70 -2.39 -42.53 22.23
CA PRO S 70 -3.61 -42.57 23.06
C PRO S 70 -4.63 -41.51 22.71
N PHE S 71 -4.18 -40.35 22.21
CA PHE S 71 -5.13 -39.29 21.82
C PHE S 71 -6.00 -39.75 20.65
N GLY S 72 -5.40 -40.42 19.66
CA GLY S 72 -6.17 -40.87 18.52
C GLY S 72 -7.18 -41.95 18.87
N GLN S 73 -6.80 -42.86 19.77
CA GLN S 73 -7.71 -43.94 20.16
C GLN S 73 -8.96 -43.40 20.83
N SER S 74 -8.82 -42.35 21.65
CA SER S 74 -9.98 -41.75 22.29
C SER S 74 -10.80 -40.93 21.31
N LEU S 75 -10.20 -40.52 20.20
CA LEU S 75 -10.97 -39.86 19.15
C LEU S 75 -11.86 -40.86 18.41
N ALA S 76 -11.42 -42.12 18.32
CA ALA S 76 -12.21 -43.14 17.63
C ALA S 76 -13.52 -43.41 18.35
N VAL S 77 -13.49 -43.49 19.68
CA VAL S 77 -14.70 -43.79 20.43
C VAL S 77 -15.67 -42.62 20.38
N LEU S 78 -15.18 -41.39 20.25
CA LEU S 78 -16.06 -40.25 20.11
C LEU S 78 -16.78 -40.26 18.77
N GLY S 79 -16.09 -40.69 17.71
CA GLY S 79 -16.73 -40.79 16.41
C GLY S 79 -17.81 -41.87 16.38
N ILE S 80 -17.56 -42.98 17.07
CA ILE S 80 -18.55 -44.06 17.12
C ILE S 80 -19.76 -43.64 17.93
N VAL S 81 -19.54 -42.86 19.01
CA VAL S 81 -20.66 -42.38 19.82
C VAL S 81 -21.58 -41.51 19.00
N ALA S 82 -21.01 -40.68 18.11
CA ALA S 82 -21.84 -39.80 17.28
C ALA S 82 -22.74 -40.59 16.34
N ILE S 83 -22.35 -41.82 15.99
CA ILE S 83 -23.22 -42.65 15.16
C ILE S 83 -24.46 -43.06 15.95
N GLY S 84 -24.27 -43.53 17.18
CA GLY S 84 -25.40 -43.97 17.98
C GLY S 84 -26.34 -42.83 18.33
N ILE S 85 -25.78 -41.66 18.63
CA ILE S 85 -26.60 -40.49 18.95
C ILE S 85 -27.39 -40.05 17.71
N SER S 86 -26.79 -40.18 16.52
CA SER S 86 -27.46 -39.73 15.31
C SER S 86 -28.55 -40.69 14.85
N TRP S 87 -28.38 -41.99 15.04
CA TRP S 87 -29.41 -42.93 14.60
C TRP S 87 -30.71 -42.71 15.34
N MET S 88 -30.66 -42.53 16.66
CA MET S 88 -31.83 -42.07 17.40
C MET S 88 -31.96 -40.57 17.26
N PHE S 89 -33.17 -40.06 17.54
CA PHE S 89 -33.51 -38.66 17.28
C PHE S 89 -33.24 -38.28 15.83
N GLY S 90 -33.47 -39.21 14.90
CA GLY S 90 -33.19 -38.96 13.49
C GLY S 90 -33.45 -40.15 12.60
N ARG S 91 -32.59 -40.35 11.60
CA ARG S 91 -32.74 -41.39 10.62
C ARG S 91 -31.49 -42.27 10.58
N ALA S 92 -31.68 -43.56 10.37
CA ALA S 92 -30.60 -44.53 10.30
C ALA S 92 -30.36 -44.93 8.86
N SER S 93 -29.10 -44.89 8.43
CA SER S 93 -28.75 -45.21 7.05
C SER S 93 -27.38 -45.88 7.02
N LEU S 94 -27.14 -46.64 5.96
CA LEU S 94 -25.86 -47.32 5.81
C LEU S 94 -24.75 -46.35 5.38
N GLY S 95 -25.11 -45.24 4.73
CA GLY S 95 -24.09 -44.30 4.31
C GLY S 95 -23.40 -43.62 5.48
N LEU S 96 -24.17 -43.29 6.52
CA LEU S 96 -23.60 -42.58 7.66
C LEU S 96 -22.60 -43.45 8.42
N VAL S 97 -22.97 -44.71 8.68
CA VAL S 97 -22.09 -45.59 9.43
C VAL S 97 -20.85 -45.95 8.61
N ALA S 98 -21.02 -46.12 7.30
CA ALA S 98 -19.89 -46.47 6.45
C ALA S 98 -18.87 -45.34 6.38
N GLY S 99 -19.34 -44.09 6.34
CA GLY S 99 -18.42 -42.97 6.26
C GLY S 99 -17.56 -42.82 7.49
N VAL S 100 -18.15 -42.95 8.68
CA VAL S 100 -17.40 -42.77 9.91
C VAL S 100 -16.43 -43.92 10.12
N VAL S 101 -16.88 -45.16 9.90
CA VAL S 101 -15.99 -46.31 10.07
C VAL S 101 -14.89 -46.29 9.03
N GLY S 102 -15.20 -45.86 7.80
CA GLY S 102 -14.17 -45.70 6.80
C GLY S 102 -13.15 -44.64 7.18
N GLY S 103 -13.59 -43.61 7.88
CA GLY S 103 -12.67 -42.58 8.32
C GLY S 103 -11.64 -43.08 9.31
N ILE S 104 -12.06 -43.94 10.24
CA ILE S 104 -11.13 -44.51 11.22
C ILE S 104 -10.11 -45.40 10.52
N VAL S 105 -10.56 -46.15 9.50
CA VAL S 105 -9.64 -47.01 8.76
C VAL S 105 -8.58 -46.19 8.05
N ILE S 106 -8.97 -45.06 7.46
CA ILE S 106 -8.00 -44.20 6.79
C ILE S 106 -7.10 -43.51 7.80
N MET S 107 -7.68 -42.99 8.88
CA MET S 107 -6.90 -42.24 9.88
C MET S 107 -5.86 -43.13 10.53
N PHE S 108 -6.30 -44.16 11.25
CA PHE S 108 -5.37 -45.11 11.84
C PHE S 108 -4.71 -45.95 10.76
N GLY S 109 -3.42 -46.23 10.94
CA GLY S 109 -2.69 -46.95 9.92
C GLY S 109 -2.44 -46.17 8.66
N ALA S 110 -2.44 -44.84 8.73
CA ALA S 110 -2.15 -44.02 7.56
C ALA S 110 -0.70 -44.15 7.14
N SER S 111 0.18 -44.59 8.05
CA SER S 111 1.58 -44.81 7.69
C SER S 111 1.70 -45.91 6.64
N PHE S 112 0.92 -46.99 6.78
CA PHE S 112 0.96 -48.06 5.79
C PHE S 112 0.44 -47.57 4.44
N LEU S 113 -0.62 -46.75 4.45
CA LEU S 113 -1.13 -46.19 3.20
C LEU S 113 -0.10 -45.28 2.53
N GLY S 114 0.60 -44.48 3.32
CA GLY S 114 1.62 -43.61 2.76
C GLY S 114 2.78 -44.37 2.16
N LYS S 115 3.22 -45.43 2.83
CA LYS S 115 4.32 -46.25 2.31
C LYS S 115 3.93 -46.94 1.01
N THR S 116 2.71 -47.48 0.95
CA THR S 116 2.27 -48.18 -0.25
C THR S 116 2.16 -47.23 -1.43
N LEU S 117 1.58 -46.04 -1.20
CA LEU S 117 1.41 -45.08 -2.28
C LEU S 117 2.75 -44.55 -2.78
N THR S 118 3.63 -44.14 -1.86
CA THR S 118 4.93 -43.63 -2.24
C THR S 118 5.77 -44.72 -2.90
N GLY S 119 5.73 -45.93 -2.36
CA GLY S 119 6.50 -47.04 -2.88
C GLY S 119 7.77 -47.36 -2.13
N GLY S 120 8.02 -46.71 -1.00
CA GLY S 120 9.21 -46.98 -0.23
C GLY S 120 9.17 -46.25 1.09
N GLY S 121 10.13 -46.58 1.95
CA GLY S 121 10.22 -45.98 3.27
C GLY S 121 10.46 -46.99 4.37
N GLY T 52 34.35 -19.03 -3.00
CA GLY T 52 33.43 -18.83 -1.88
C GLY T 52 32.47 -19.98 -1.68
N GLY T 53 31.19 -19.66 -1.63
CA GLY T 53 30.17 -20.69 -1.45
C GLY T 53 29.94 -21.50 -2.72
N THR T 54 29.15 -22.55 -2.57
CA THR T 54 28.85 -23.42 -3.69
C THR T 54 27.97 -22.70 -4.70
N ASP T 55 27.99 -23.20 -5.94
CA ASP T 55 27.23 -22.58 -7.00
C ASP T 55 25.72 -22.72 -6.74
N PRO T 56 24.91 -21.79 -7.25
CA PRO T 56 23.47 -21.85 -6.97
C PRO T 56 22.80 -23.10 -7.50
N ALA T 57 23.39 -23.76 -8.49
CA ALA T 57 22.79 -24.99 -9.02
C ALA T 57 22.79 -26.10 -7.97
N THR T 58 23.81 -26.11 -7.09
CA THR T 58 23.88 -27.14 -6.07
C THR T 58 22.87 -26.90 -4.95
N MET T 59 22.68 -25.63 -4.57
CA MET T 59 21.79 -25.31 -3.45
C MET T 59 20.35 -25.70 -3.75
N VAL T 60 19.87 -25.40 -4.96
CA VAL T 60 18.49 -25.76 -5.31
C VAL T 60 18.32 -27.26 -5.38
N ASN T 61 19.39 -28.01 -5.64
CA ASN T 61 19.32 -29.46 -5.58
C ASN T 61 19.15 -29.94 -4.15
N ASN T 62 19.80 -29.27 -3.20
CA ASN T 62 19.69 -29.66 -1.80
C ASN T 62 18.27 -29.49 -1.27
N ILE T 63 17.59 -28.43 -1.70
CA ILE T 63 16.20 -28.22 -1.28
C ILE T 63 15.32 -29.34 -1.83
N CYS T 64 15.52 -29.71 -3.10
CA CYS T 64 14.72 -30.76 -3.70
C CYS T 64 14.95 -32.10 -3.01
N THR T 65 16.21 -32.41 -2.69
CA THR T 65 16.51 -33.66 -2.00
C THR T 65 15.90 -33.67 -0.60
N PHE T 66 15.98 -32.55 0.12
CA PHE T 66 15.42 -32.48 1.47
C PHE T 66 13.90 -32.62 1.44
N ILE T 67 13.24 -31.93 0.52
CA ILE T 67 11.78 -31.97 0.48
C ILE T 67 11.29 -33.36 0.11
N LEU T 68 11.91 -34.00 -0.88
CA LEU T 68 11.50 -35.32 -1.33
C LEU T 68 12.21 -36.44 -0.58
N GLY T 69 12.78 -36.15 0.59
CA GLY T 69 13.44 -37.15 1.39
C GLY T 69 12.56 -37.68 2.49
N PRO T 70 13.16 -38.02 3.64
CA PRO T 70 12.36 -38.48 4.78
C PRO T 70 11.36 -37.46 5.27
N PHE T 71 11.65 -36.16 5.13
CA PHE T 71 10.71 -35.13 5.55
C PHE T 71 9.43 -35.18 4.73
N GLY T 72 9.56 -35.37 3.42
CA GLY T 72 8.37 -35.42 2.57
C GLY T 72 7.51 -36.65 2.83
N GLN T 73 8.14 -37.79 3.10
CA GLN T 73 7.38 -39.00 3.36
C GLN T 73 6.53 -38.87 4.61
N SER T 74 7.04 -38.21 5.65
CA SER T 74 6.25 -38.01 6.86
C SER T 74 5.18 -36.94 6.66
N LEU T 75 5.33 -36.09 5.65
CA LEU T 75 4.26 -35.16 5.30
C LEU T 75 3.09 -35.88 4.64
N ALA T 76 3.39 -36.97 3.91
CA ALA T 76 2.33 -37.71 3.24
C ALA T 76 1.37 -38.35 4.25
N VAL T 77 1.90 -38.93 5.32
CA VAL T 77 1.06 -39.59 6.29
C VAL T 77 0.21 -38.58 7.07
N LEU T 78 0.71 -37.35 7.24
CA LEU T 78 -0.08 -36.32 7.90
C LEU T 78 -1.25 -35.89 7.03
N GLY T 79 -1.05 -35.83 5.72
CA GLY T 79 -2.15 -35.50 4.83
C GLY T 79 -3.23 -36.58 4.80
N ILE T 80 -2.81 -37.84 4.86
CA ILE T 80 -3.78 -38.94 4.86
C ILE T 80 -4.55 -38.95 6.17
N VAL T 81 -3.89 -38.63 7.29
CA VAL T 81 -4.56 -38.59 8.57
C VAL T 81 -5.69 -37.55 8.56
N ALA T 82 -5.44 -36.41 7.92
CA ALA T 82 -6.46 -35.36 7.87
C ALA T 82 -7.70 -35.81 7.12
N ILE T 83 -7.56 -36.77 6.20
CA ILE T 83 -8.73 -37.30 5.51
C ILE T 83 -9.61 -38.09 6.49
N GLY T 84 -8.99 -38.97 7.27
CA GLY T 84 -9.76 -39.77 8.22
C GLY T 84 -10.41 -38.94 9.30
N ILE T 85 -9.70 -37.92 9.79
CA ILE T 85 -10.26 -37.05 10.81
C ILE T 85 -11.42 -36.24 10.23
N SER T 86 -11.33 -35.86 8.96
CA SER T 86 -12.38 -35.04 8.35
C SER T 86 -13.63 -35.84 8.01
N TRP T 87 -13.49 -37.12 7.61
CA TRP T 87 -14.68 -37.91 7.28
C TRP T 87 -15.58 -38.09 8.49
N MET T 88 -15.02 -38.41 9.64
CA MET T 88 -15.78 -38.38 10.88
C MET T 88 -15.85 -36.94 11.38
N PHE T 89 -16.82 -36.69 12.27
CA PHE T 89 -17.13 -35.33 12.72
C PHE T 89 -17.42 -34.41 11.54
N GLY T 90 -18.04 -34.94 10.48
CA GLY T 90 -18.31 -34.15 9.30
C GLY T 90 -18.97 -34.93 8.19
N ARG T 91 -18.56 -34.66 6.94
CA ARG T 91 -19.17 -35.28 5.77
C ARG T 91 -18.08 -35.95 4.93
N ALA T 92 -18.43 -37.09 4.33
CA ALA T 92 -17.52 -37.85 3.50
C ALA T 92 -17.89 -37.66 2.03
N SER T 93 -16.88 -37.34 1.21
CA SER T 93 -17.11 -37.10 -0.21
C SER T 93 -15.91 -37.57 -1.00
N LEU T 94 -16.14 -37.86 -2.28
CA LEU T 94 -15.07 -38.31 -3.16
C LEU T 94 -14.15 -37.16 -3.56
N GLY T 95 -14.64 -35.93 -3.56
CA GLY T 95 -13.80 -34.81 -3.94
C GLY T 95 -12.68 -34.55 -2.95
N LEU T 96 -12.96 -34.72 -1.66
CA LEU T 96 -11.95 -34.44 -0.64
C LEU T 96 -10.81 -35.44 -0.71
N VAL T 97 -11.13 -36.73 -0.83
CA VAL T 97 -10.08 -37.76 -0.86
C VAL T 97 -9.28 -37.67 -2.16
N ALA T 98 -9.96 -37.35 -3.27
CA ALA T 98 -9.27 -37.24 -4.55
C ALA T 98 -8.27 -36.09 -4.56
N GLY T 99 -8.64 -34.96 -3.94
CA GLY T 99 -7.75 -33.82 -3.93
C GLY T 99 -6.47 -34.07 -3.16
N VAL T 100 -6.57 -34.69 -1.98
CA VAL T 100 -5.39 -34.92 -1.16
C VAL T 100 -4.49 -35.98 -1.79
N VAL T 101 -5.08 -37.07 -2.28
CA VAL T 101 -4.28 -38.12 -2.91
C VAL T 101 -3.65 -37.61 -4.20
N GLY T 102 -4.38 -36.78 -4.95
CA GLY T 102 -3.81 -36.17 -6.14
C GLY T 102 -2.65 -35.24 -5.80
N GLY T 103 -2.71 -34.60 -4.63
CA GLY T 103 -1.62 -33.73 -4.22
C GLY T 103 -0.33 -34.48 -3.97
N ILE T 104 -0.43 -35.65 -3.35
CA ILE T 104 0.76 -36.45 -3.09
C ILE T 104 1.37 -36.93 -4.40
N VAL T 105 0.53 -37.28 -5.38
CA VAL T 105 1.02 -37.72 -6.68
C VAL T 105 1.79 -36.59 -7.37
N ILE T 106 1.28 -35.36 -7.30
CA ILE T 106 1.97 -34.23 -7.90
C ILE T 106 3.23 -33.90 -7.12
N MET T 107 3.15 -33.88 -5.79
CA MET T 107 4.31 -33.50 -4.97
C MET T 107 5.46 -34.47 -5.15
N PHE T 108 5.25 -35.73 -4.77
CA PHE T 108 6.27 -36.74 -4.99
C PHE T 108 6.40 -37.05 -6.47
N GLY T 109 7.64 -37.26 -6.91
CA GLY T 109 7.87 -37.48 -8.33
C GLY T 109 7.68 -36.26 -9.19
N ALA T 110 7.79 -35.06 -8.61
CA ALA T 110 7.68 -33.84 -9.40
C ALA T 110 8.85 -33.68 -10.36
N SER T 111 9.97 -34.35 -10.09
CA SER T 111 11.10 -34.29 -11.00
C SER T 111 10.74 -34.89 -12.36
N PHE T 112 10.01 -36.01 -12.35
CA PHE T 112 9.57 -36.62 -13.60
C PHE T 112 8.61 -35.71 -14.36
N LEU T 113 7.71 -35.05 -13.64
CA LEU T 113 6.79 -34.11 -14.29
C LEU T 113 7.56 -32.93 -14.89
N GLY T 114 8.56 -32.41 -14.18
CA GLY T 114 9.34 -31.32 -14.71
C GLY T 114 10.12 -31.69 -15.95
N LYS T 115 10.71 -32.89 -15.96
CA LYS T 115 11.48 -33.34 -17.12
C LYS T 115 10.56 -33.53 -18.33
N THR T 116 9.39 -34.11 -18.13
CA THR T 116 8.47 -34.34 -19.25
C THR T 116 7.98 -33.03 -19.83
N LEU T 117 7.62 -32.06 -18.97
CA LEU T 117 7.11 -30.79 -19.44
C LEU T 117 8.20 -30.00 -20.17
N THR T 118 9.38 -29.89 -19.57
CA THR T 118 10.48 -29.15 -20.20
C THR T 118 10.92 -29.85 -21.49
N GLY T 119 11.01 -31.17 -21.47
CA GLY T 119 11.44 -31.92 -22.63
C GLY T 119 12.88 -32.39 -22.60
N GLY T 120 13.58 -32.19 -21.49
CA GLY T 120 14.97 -32.63 -21.40
C GLY T 120 15.47 -32.46 -19.98
N GLY T 121 16.66 -33.01 -19.75
CA GLY T 121 17.30 -32.94 -18.45
C GLY T 121 17.87 -34.26 -17.99
N GLY U 52 38.96 -3.56 -22.56
CA GLY U 52 38.56 -3.88 -21.21
C GLY U 52 37.67 -5.11 -21.11
N GLY U 53 36.53 -4.94 -20.46
CA GLY U 53 35.60 -6.04 -20.31
C GLY U 53 34.84 -6.33 -21.60
N THR U 54 34.09 -7.42 -21.57
CA THR U 54 33.32 -7.83 -22.74
C THR U 54 32.18 -6.86 -22.99
N ASP U 55 31.69 -6.85 -24.23
CA ASP U 55 30.62 -5.94 -24.60
C ASP U 55 29.32 -6.31 -23.86
N PRO U 56 28.45 -5.33 -23.61
CA PRO U 56 27.21 -5.61 -22.86
C PRO U 56 26.31 -6.63 -23.53
N ALA U 57 26.42 -6.82 -24.85
CA ALA U 57 25.60 -7.80 -25.53
C ALA U 57 25.93 -9.22 -25.06
N THR U 58 27.19 -9.48 -24.72
CA THR U 58 27.58 -10.81 -24.28
C THR U 58 27.10 -11.09 -22.86
N MET U 59 27.15 -10.08 -21.99
CA MET U 59 26.79 -10.29 -20.58
C MET U 59 25.32 -10.67 -20.44
N VAL U 60 24.43 -9.98 -21.16
CA VAL U 60 23.01 -10.28 -21.07
C VAL U 60 22.71 -11.66 -21.64
N ASN U 61 23.55 -12.16 -22.56
CA ASN U 61 23.40 -13.52 -23.02
C ASN U 61 23.77 -14.52 -21.94
N ASN U 62 24.77 -14.20 -21.13
CA ASN U 62 25.19 -15.11 -20.05
C ASN U 62 24.09 -15.28 -19.01
N ILE U 63 23.37 -14.19 -18.71
CA ILE U 63 22.27 -14.28 -17.75
C ILE U 63 21.17 -15.18 -18.30
N CYS U 64 20.84 -15.02 -19.58
CA CYS U 64 19.80 -15.84 -20.19
C CYS U 64 20.18 -17.32 -20.21
N THR U 65 21.45 -17.61 -20.54
CA THR U 65 21.90 -19.00 -20.54
C THR U 65 21.88 -19.59 -19.13
N PHE U 66 22.30 -18.82 -18.14
CA PHE U 66 22.31 -19.32 -16.77
C PHE U 66 20.90 -19.57 -16.25
N ILE U 67 19.97 -18.65 -16.52
CA ILE U 67 18.61 -18.79 -16.02
C ILE U 67 17.92 -19.99 -16.67
N LEU U 68 18.07 -20.14 -17.98
CA LEU U 68 17.43 -21.22 -18.72
C LEU U 68 18.30 -22.48 -18.78
N GLY U 69 19.28 -22.60 -17.90
CA GLY U 69 20.13 -23.77 -17.87
C GLY U 69 19.71 -24.75 -16.79
N PRO U 70 20.67 -25.45 -16.20
CA PRO U 70 20.34 -26.38 -15.11
C PRO U 70 19.68 -25.70 -13.92
N PHE U 71 20.00 -24.43 -13.66
CA PHE U 71 19.36 -23.72 -12.55
C PHE U 71 17.86 -23.57 -12.78
N GLY U 72 17.46 -23.24 -14.00
CA GLY U 72 16.04 -23.07 -14.28
C GLY U 72 15.26 -24.37 -14.20
N GLN U 73 15.86 -25.47 -14.65
CA GLN U 73 15.18 -26.75 -14.61
C GLN U 73 14.88 -27.19 -13.18
N SER U 74 15.79 -26.92 -12.25
CA SER U 74 15.56 -27.26 -10.85
C SER U 74 14.56 -26.30 -10.20
N LEU U 75 14.37 -25.12 -10.80
CA LEU U 75 13.32 -24.22 -10.33
C LEU U 75 11.94 -24.74 -10.71
N ALA U 76 11.85 -25.45 -11.85
CA ALA U 76 10.58 -25.97 -12.30
C ALA U 76 10.03 -27.02 -11.33
N VAL U 77 10.90 -27.91 -10.85
CA VAL U 77 10.45 -28.97 -9.95
C VAL U 77 10.03 -28.40 -8.61
N LEU U 78 10.65 -27.29 -8.18
CA LEU U 78 10.23 -26.66 -6.93
C LEU U 78 8.85 -26.04 -7.05
N GLY U 79 8.53 -25.46 -8.21
CA GLY U 79 7.20 -24.92 -8.42
C GLY U 79 6.14 -25.99 -8.44
N ILE U 80 6.45 -27.15 -9.04
CA ILE U 80 5.49 -28.25 -9.08
C ILE U 80 5.27 -28.82 -7.68
N VAL U 81 6.33 -28.90 -6.88
CA VAL U 81 6.21 -29.41 -5.52
C VAL U 81 5.25 -28.54 -4.72
N ALA U 82 5.31 -27.22 -4.90
CA ALA U 82 4.42 -26.32 -4.17
C ALA U 82 2.95 -26.56 -4.50
N ILE U 83 2.67 -27.09 -5.69
CA ILE U 83 1.29 -27.43 -6.03
C ILE U 83 0.80 -28.60 -5.18
N GLY U 84 1.61 -29.65 -5.09
CA GLY U 84 1.20 -30.81 -4.31
C GLY U 84 1.08 -30.52 -2.82
N ILE U 85 1.99 -29.70 -2.30
CA ILE U 85 1.93 -29.32 -0.89
C ILE U 85 0.69 -28.47 -0.62
N SER U 86 0.31 -27.63 -1.58
CA SER U 86 -0.83 -26.74 -1.39
C SER U 86 -2.17 -27.46 -1.50
N TRP U 87 -2.27 -28.47 -2.37
CA TRP U 87 -3.54 -29.18 -2.51
C TRP U 87 -3.93 -29.88 -1.22
N MET U 88 -2.99 -30.57 -0.59
CA MET U 88 -3.22 -31.07 0.76
C MET U 88 -3.00 -29.94 1.76
N PHE U 89 -3.52 -30.13 2.96
CA PHE U 89 -3.55 -29.07 3.98
C PHE U 89 -4.20 -27.80 3.44
N GLY U 90 -5.22 -27.95 2.60
CA GLY U 90 -5.87 -26.80 1.99
C GLY U 90 -6.94 -27.16 1.01
N ARG U 91 -7.04 -26.40 -0.08
CA ARG U 91 -8.08 -26.57 -1.08
C ARG U 91 -7.46 -26.78 -2.45
N ALA U 92 -8.08 -27.64 -3.26
CA ALA U 92 -7.62 -27.95 -4.60
C ALA U 92 -8.50 -27.24 -5.62
N SER U 93 -7.87 -26.56 -6.58
CA SER U 93 -8.60 -25.81 -7.59
C SER U 93 -7.84 -25.85 -8.90
N LEU U 94 -8.57 -25.64 -9.99
CA LEU U 94 -7.95 -25.64 -11.32
C LEU U 94 -7.17 -24.34 -11.56
N GLY U 95 -7.54 -23.25 -10.90
CA GLY U 95 -6.84 -22.00 -11.11
C GLY U 95 -5.41 -22.04 -10.61
N LEU U 96 -5.18 -22.70 -9.48
CA LEU U 96 -3.84 -22.75 -8.89
C LEU U 96 -2.88 -23.54 -9.77
N VAL U 97 -3.31 -24.71 -10.24
CA VAL U 97 -2.43 -25.55 -11.06
C VAL U 97 -2.19 -24.91 -12.42
N ALA U 98 -3.21 -24.25 -12.98
CA ALA U 98 -3.05 -23.62 -14.28
C ALA U 98 -2.08 -22.46 -14.23
N GLY U 99 -2.10 -21.69 -13.14
CA GLY U 99 -1.19 -20.55 -13.02
C GLY U 99 0.27 -20.96 -12.96
N VAL U 100 0.58 -22.00 -12.17
CA VAL U 100 1.97 -22.41 -12.01
C VAL U 100 2.48 -23.07 -13.29
N VAL U 101 1.68 -23.94 -13.89
CA VAL U 101 2.10 -24.60 -15.13
C VAL U 101 2.22 -23.58 -16.26
N GLY U 102 1.31 -22.61 -16.30
CA GLY U 102 1.44 -21.53 -17.27
C GLY U 102 2.69 -20.71 -17.08
N GLY U 103 3.13 -20.56 -15.82
CA GLY U 103 4.35 -19.82 -15.55
C GLY U 103 5.58 -20.50 -16.13
N ILE U 104 5.65 -21.83 -16.02
CA ILE U 104 6.79 -22.55 -16.56
C ILE U 104 6.82 -22.44 -18.08
N VAL U 105 5.64 -22.46 -18.71
CA VAL U 105 5.56 -22.33 -20.17
C VAL U 105 6.09 -20.97 -20.61
N ILE U 106 5.72 -19.91 -19.88
CA ILE U 106 6.22 -18.58 -20.22
C ILE U 106 7.70 -18.45 -19.92
N MET U 107 8.13 -18.94 -18.75
CA MET U 107 9.53 -18.80 -18.35
C MET U 107 10.46 -19.53 -19.31
N PHE U 108 10.34 -20.85 -19.40
CA PHE U 108 11.11 -21.62 -20.35
C PHE U 108 10.65 -21.33 -21.77
N GLY U 109 11.60 -21.24 -22.69
CA GLY U 109 11.25 -20.89 -24.06
C GLY U 109 10.83 -19.45 -24.24
N ALA U 110 11.25 -18.56 -23.35
CA ALA U 110 10.92 -17.14 -23.49
C ALA U 110 11.64 -16.53 -24.69
N SER U 111 12.73 -17.16 -25.14
CA SER U 111 13.42 -16.65 -26.33
C SER U 111 12.54 -16.73 -27.55
N PHE U 112 11.78 -17.82 -27.69
CA PHE U 112 10.86 -17.95 -28.83
C PHE U 112 9.75 -16.91 -28.75
N LEU U 113 9.24 -16.65 -27.55
CA LEU U 113 8.21 -15.62 -27.39
C LEU U 113 8.76 -14.24 -27.74
N GLY U 114 10.00 -13.95 -27.32
CA GLY U 114 10.59 -12.66 -27.64
C GLY U 114 10.81 -12.47 -29.13
N LYS U 115 11.27 -13.53 -29.81
CA LYS U 115 11.48 -13.43 -31.25
C LYS U 115 10.17 -13.22 -32.00
N THR U 116 9.12 -13.95 -31.61
CA THR U 116 7.84 -13.81 -32.28
C THR U 116 7.25 -12.42 -32.08
N LEU U 117 7.32 -11.90 -30.86
CA LEU U 117 6.76 -10.59 -30.58
C LEU U 117 7.53 -9.49 -31.30
N THR U 118 8.86 -9.50 -31.20
CA THR U 118 9.67 -8.50 -31.87
C THR U 118 9.55 -8.61 -33.38
N GLY U 119 9.54 -9.82 -33.92
CA GLY U 119 9.45 -10.04 -35.34
C GLY U 119 10.75 -10.35 -36.04
N GLY U 120 11.83 -10.53 -35.30
CA GLY U 120 13.11 -10.85 -35.91
C GLY U 120 14.13 -11.19 -34.85
N GLY U 121 15.28 -11.66 -35.31
CA GLY U 121 16.36 -12.05 -34.43
C GLY U 121 16.98 -13.39 -34.76
N GLY V 52 36.80 18.51 -34.88
CA GLY V 52 36.93 17.67 -33.70
C GLY V 52 36.07 16.42 -33.75
N GLY V 53 35.27 16.22 -32.71
CA GLY V 53 34.40 15.07 -32.65
C GLY V 53 33.19 15.23 -33.56
N THR V 54 32.43 14.14 -33.68
CA THR V 54 31.25 14.14 -34.52
C THR V 54 30.16 15.02 -33.92
N ASP V 55 29.24 15.46 -34.78
CA ASP V 55 28.17 16.34 -34.35
C ASP V 55 27.24 15.62 -33.37
N PRO V 56 26.60 16.35 -32.46
CA PRO V 56 25.73 15.69 -31.47
C PRO V 56 24.57 14.93 -32.08
N ALA V 57 24.16 15.26 -33.30
CA ALA V 57 23.07 14.55 -33.94
C ALA V 57 23.44 13.09 -34.21
N THR V 58 24.72 12.83 -34.50
CA THR V 58 25.16 11.47 -34.79
C THR V 58 25.24 10.64 -33.52
N MET V 59 25.69 11.24 -32.41
CA MET V 59 25.88 10.48 -31.18
C MET V 59 24.56 9.95 -30.64
N VAL V 60 23.51 10.78 -30.64
CA VAL V 60 22.22 10.34 -30.15
C VAL V 60 21.62 9.26 -31.04
N ASN V 61 22.03 9.22 -32.32
CA ASN V 61 21.61 8.13 -33.19
C ASN V 61 22.29 6.82 -32.80
N ASN V 62 23.56 6.91 -32.37
CA ASN V 62 24.28 5.71 -31.97
C ASN V 62 23.66 5.07 -30.73
N ILE V 63 23.19 5.88 -29.79
CA ILE V 63 22.52 5.34 -28.60
C ILE V 63 21.24 4.61 -28.99
N CYS V 64 20.46 5.23 -29.89
CA CYS V 64 19.20 4.60 -30.32
C CYS V 64 19.46 3.29 -31.05
N THR V 65 20.47 3.25 -31.90
CA THR V 65 20.80 2.01 -32.62
C THR V 65 21.27 0.93 -31.66
N PHE V 66 22.09 1.30 -30.67
CA PHE V 66 22.59 0.32 -29.72
C PHE V 66 21.48 -0.22 -28.84
N ILE V 67 20.58 0.64 -28.36
CA ILE V 67 19.50 0.20 -27.48
C ILE V 67 18.54 -0.72 -28.23
N LEU V 68 18.17 -0.34 -29.46
CA LEU V 68 17.23 -1.12 -30.25
C LEU V 68 17.91 -2.17 -31.11
N GLY V 69 19.15 -2.54 -30.78
CA GLY V 69 19.87 -3.55 -31.52
C GLY V 69 19.81 -4.90 -30.83
N PRO V 70 20.88 -5.68 -30.96
CA PRO V 70 20.93 -6.98 -30.26
C PRO V 70 20.82 -6.87 -28.76
N PHE V 71 21.30 -5.76 -28.17
CA PHE V 71 21.18 -5.59 -26.72
C PHE V 71 19.73 -5.50 -26.28
N GLY V 72 18.91 -4.76 -27.04
CA GLY V 72 17.51 -4.63 -26.68
C GLY V 72 16.74 -5.92 -26.81
N GLN V 73 17.04 -6.72 -27.85
CA GLN V 73 16.34 -7.97 -28.05
C GLN V 73 16.58 -8.94 -26.89
N SER V 74 17.79 -8.96 -26.35
CA SER V 74 18.09 -9.82 -25.21
C SER V 74 17.48 -9.27 -23.93
N LEU V 75 17.16 -7.98 -23.89
CA LEU V 75 16.44 -7.42 -22.76
C LEU V 75 14.98 -7.88 -22.76
N ALA V 76 14.42 -8.10 -23.95
CA ALA V 76 13.03 -8.53 -24.05
C ALA V 76 12.83 -9.91 -23.43
N VAL V 77 13.75 -10.84 -23.70
CA VAL V 77 13.59 -12.19 -23.17
C VAL V 77 13.77 -12.21 -21.66
N LEU V 78 14.57 -11.30 -21.11
CA LEU V 78 14.72 -11.23 -19.66
C LEU V 78 13.45 -10.74 -19.00
N GLY V 79 12.75 -9.79 -19.64
CA GLY V 79 11.49 -9.33 -19.10
C GLY V 79 10.41 -10.40 -19.13
N ILE V 80 10.40 -11.21 -20.19
CA ILE V 80 9.42 -12.29 -20.29
C ILE V 80 9.71 -13.37 -19.25
N VAL V 81 10.99 -13.65 -19.00
CA VAL V 81 11.36 -14.65 -18.00
C VAL V 81 10.85 -14.24 -16.62
N ALA V 82 10.91 -12.95 -16.30
CA ALA V 82 10.45 -12.47 -15.00
C ALA V 82 8.95 -12.69 -14.82
N ILE V 83 8.19 -12.77 -15.91
CA ILE V 83 6.76 -13.07 -15.81
C ILE V 83 6.56 -14.50 -15.35
N GLY V 84 7.28 -15.45 -15.98
CA GLY V 84 7.12 -16.85 -15.62
C GLY V 84 7.59 -17.13 -14.21
N ILE V 85 8.69 -16.50 -13.80
CA ILE V 85 9.19 -16.70 -12.44
C ILE V 85 8.21 -16.13 -11.42
N SER V 86 7.55 -15.02 -11.77
CA SER V 86 6.64 -14.38 -10.83
C SER V 86 5.32 -15.11 -10.70
N TRP V 87 4.81 -15.72 -11.79
CA TRP V 87 3.54 -16.43 -11.69
C TRP V 87 3.63 -17.60 -10.72
N MET V 88 4.69 -18.39 -10.81
CA MET V 88 4.97 -19.39 -9.78
C MET V 88 5.62 -18.70 -8.59
N PHE V 89 5.59 -19.38 -7.44
CA PHE V 89 6.03 -18.79 -6.17
C PHE V 89 5.31 -17.47 -5.89
N GLY V 90 4.04 -17.38 -6.27
CA GLY V 90 3.30 -16.15 -6.10
C GLY V 90 1.88 -16.20 -6.66
N ARG V 91 1.44 -15.10 -7.26
CA ARG V 91 0.08 -14.98 -7.77
C ARG V 91 0.12 -14.59 -9.24
N ALA V 92 -0.82 -15.13 -10.00
CA ALA V 92 -0.92 -14.87 -11.44
C ALA V 92 -2.08 -13.91 -11.70
N SER V 93 -1.82 -12.87 -12.47
CA SER V 93 -2.84 -11.86 -12.76
C SER V 93 -2.63 -11.32 -14.17
N LEU V 94 -3.71 -10.79 -14.74
CA LEU V 94 -3.64 -10.23 -16.09
C LEU V 94 -2.92 -8.87 -16.10
N GLY V 95 -2.94 -8.15 -14.98
CA GLY V 95 -2.29 -6.85 -14.95
C GLY V 95 -0.78 -6.96 -15.08
N LEU V 96 -0.19 -7.97 -14.47
CA LEU V 96 1.27 -8.11 -14.49
C LEU V 96 1.76 -8.44 -15.90
N VAL V 97 1.10 -9.38 -16.59
CA VAL V 97 1.55 -9.75 -17.93
C VAL V 97 1.29 -8.63 -18.92
N ALA V 98 0.18 -7.91 -18.75
CA ALA V 98 -0.13 -6.81 -19.67
C ALA V 98 0.89 -5.68 -19.55
N GLY V 99 1.33 -5.38 -18.33
CA GLY V 99 2.28 -4.30 -18.15
C GLY V 99 3.63 -4.58 -18.79
N VAL V 100 4.14 -5.80 -18.64
CA VAL V 100 5.45 -6.12 -19.19
C VAL V 100 5.39 -6.19 -20.71
N VAL V 101 4.36 -6.84 -21.26
CA VAL V 101 4.23 -6.94 -22.71
C VAL V 101 3.98 -5.57 -23.31
N GLY V 102 3.20 -4.73 -22.64
CA GLY V 102 3.01 -3.37 -23.09
C GLY V 102 4.30 -2.57 -23.09
N GLY V 103 5.19 -2.87 -22.13
CA GLY V 103 6.47 -2.18 -22.09
C GLY V 103 7.34 -2.48 -23.29
N ILE V 104 7.35 -3.74 -23.73
CA ILE V 104 8.14 -4.10 -24.90
C ILE V 104 7.60 -3.41 -26.15
N VAL V 105 6.28 -3.31 -26.25
CA VAL V 105 5.66 -2.65 -27.40
C VAL V 105 6.07 -1.17 -27.45
N ILE V 106 6.08 -0.51 -26.29
CA ILE V 106 6.49 0.89 -26.26
C ILE V 106 7.99 1.03 -26.51
N MET V 107 8.80 0.17 -25.88
CA MET V 107 10.25 0.27 -26.02
C MET V 107 10.69 0.05 -27.45
N PHE V 108 10.45 -1.15 -27.98
CA PHE V 108 10.75 -1.42 -29.38
C PHE V 108 9.80 -0.66 -30.30
N GLY V 109 10.34 -0.14 -31.40
CA GLY V 109 9.51 0.66 -32.28
C GLY V 109 9.15 2.01 -31.73
N ALA V 110 9.94 2.54 -30.79
CA ALA V 110 9.67 3.87 -30.25
C ALA V 110 9.93 4.95 -31.29
N SER V 111 10.71 4.65 -32.32
CA SER V 111 10.93 5.61 -33.40
C SER V 111 9.64 5.94 -34.13
N PHE V 112 8.82 4.91 -34.37
CA PHE V 112 7.53 5.14 -35.03
C PHE V 112 6.61 5.97 -34.14
N LEU V 113 6.61 5.72 -32.84
CA LEU V 113 5.79 6.51 -31.92
C LEU V 113 6.26 7.96 -31.90
N GLY V 114 7.58 8.18 -31.90
CA GLY V 114 8.09 9.54 -31.90
C GLY V 114 7.74 10.29 -33.17
N LYS V 115 7.83 9.63 -34.31
CA LYS V 115 7.49 10.28 -35.58
C LYS V 115 6.00 10.64 -35.63
N THR V 116 5.14 9.73 -35.18
CA THR V 116 3.70 10.00 -35.21
C THR V 116 3.33 11.15 -34.29
N LEU V 117 3.90 11.17 -33.09
CA LEU V 117 3.59 12.23 -32.14
C LEU V 117 4.09 13.58 -32.61
N THR V 118 5.36 13.64 -33.04
CA THR V 118 5.93 14.90 -33.53
C THR V 118 5.22 15.37 -34.80
N GLY V 119 4.93 14.44 -35.71
CA GLY V 119 4.28 14.77 -36.95
C GLY V 119 5.19 14.85 -38.16
N GLY V 120 6.46 14.51 -38.02
CA GLY V 120 7.37 14.56 -39.14
C GLY V 120 8.71 13.94 -38.76
N GLY V 121 9.55 13.77 -39.77
CA GLY V 121 10.87 13.19 -39.57
C GLY V 121 11.21 12.13 -40.60
N GLY W 52 31.61 43.28 -36.04
CA GLY W 52 32.13 42.08 -35.42
C GLY W 52 31.23 40.88 -35.61
N GLY W 53 30.88 40.23 -34.51
CA GLY W 53 30.01 39.07 -34.56
C GLY W 53 28.56 39.45 -34.81
N THR W 54 27.75 38.42 -35.03
CA THR W 54 26.33 38.64 -35.30
C THR W 54 25.62 39.13 -34.05
N ASP W 55 24.48 39.78 -34.25
CA ASP W 55 23.73 40.33 -33.13
C ASP W 55 23.19 39.21 -32.25
N PRO W 56 22.99 39.49 -30.95
CA PRO W 56 22.53 38.43 -30.04
C PRO W 56 21.18 37.85 -30.41
N ALA W 57 20.35 38.59 -31.15
CA ALA W 57 19.05 38.06 -31.55
C ALA W 57 19.20 36.87 -32.48
N THR W 58 20.25 36.86 -33.30
CA THR W 58 20.44 35.76 -34.23
C THR W 58 20.94 34.50 -33.51
N MET W 59 21.83 34.68 -32.53
CA MET W 59 22.42 33.53 -31.84
C MET W 59 21.37 32.73 -31.09
N VAL W 60 20.47 33.40 -30.38
CA VAL W 60 19.43 32.69 -29.64
C VAL W 60 18.47 31.98 -30.58
N ASN W 61 18.34 32.46 -31.82
CA ASN W 61 17.55 31.75 -32.82
C ASN W 61 18.24 30.46 -33.25
N ASN W 62 19.58 30.48 -33.33
CA ASN W 62 20.31 29.29 -33.73
C ASN W 62 20.17 28.17 -32.69
N ILE W 63 20.15 28.53 -31.41
CA ILE W 63 19.96 27.52 -30.37
C ILE W 63 18.58 26.90 -30.49
N CYS W 64 17.55 27.72 -30.72
CA CYS W 64 16.19 27.21 -30.84
C CYS W 64 16.05 26.29 -32.04
N THR W 65 16.65 26.67 -33.17
CA THR W 65 16.59 25.83 -34.37
C THR W 65 17.32 24.51 -34.15
N PHE W 66 18.48 24.55 -33.50
CA PHE W 66 19.24 23.33 -33.26
C PHE W 66 18.50 22.39 -32.30
N ILE W 67 17.93 22.94 -31.23
CA ILE W 67 17.24 22.10 -30.25
C ILE W 67 16.01 21.45 -30.86
N LEU W 68 15.22 22.22 -31.61
CA LEU W 68 13.99 21.73 -32.21
C LEU W 68 14.22 21.14 -33.60
N GLY W 69 15.46 20.79 -33.93
CA GLY W 69 15.76 20.20 -35.21
C GLY W 69 15.88 18.69 -35.14
N PRO W 70 16.77 18.12 -35.95
CA PRO W 70 16.99 16.67 -35.88
C PRO W 70 17.47 16.19 -34.52
N PHE W 71 18.22 17.02 -33.79
CA PHE W 71 18.68 16.63 -32.46
C PHE W 71 17.50 16.42 -31.50
N GLY W 72 16.51 17.31 -31.55
CA GLY W 72 15.38 17.17 -30.66
C GLY W 72 14.52 15.96 -30.97
N GLN W 73 14.35 15.65 -32.25
CA GLN W 73 13.53 14.50 -32.64
C GLN W 73 14.13 13.20 -32.13
N SER W 74 15.47 13.07 -32.15
CA SER W 74 16.11 11.88 -31.62
C SER W 74 16.09 11.84 -30.10
N LEU W 75 15.89 13.00 -29.46
CA LEU W 75 15.70 13.01 -28.02
C LEU W 75 14.32 12.47 -27.65
N ALA W 76 13.33 12.66 -28.51
CA ALA W 76 11.99 12.19 -28.23
C ALA W 76 11.94 10.66 -28.17
N VAL W 77 12.63 9.99 -29.10
CA VAL W 77 12.59 8.53 -29.11
C VAL W 77 13.33 7.95 -27.92
N LEU W 78 14.35 8.66 -27.40
CA LEU W 78 15.04 8.18 -26.22
C LEU W 78 14.15 8.27 -24.99
N GLY W 79 13.34 9.33 -24.90
CA GLY W 79 12.41 9.43 -23.78
C GLY W 79 11.33 8.37 -23.82
N ILE W 80 10.85 8.02 -25.00
CA ILE W 80 9.85 6.98 -25.14
C ILE W 80 10.43 5.61 -24.78
N VAL W 81 11.69 5.38 -25.16
CA VAL W 81 12.34 4.11 -24.84
C VAL W 81 12.43 3.92 -23.34
N ALA W 82 12.70 5.00 -22.60
CA ALA W 82 12.80 4.90 -21.15
C ALA W 82 11.48 4.49 -20.51
N ILE W 83 10.36 4.78 -21.17
CA ILE W 83 9.06 4.33 -20.65
C ILE W 83 8.95 2.82 -20.74
N GLY W 84 9.30 2.25 -21.90
CA GLY W 84 9.20 0.81 -22.07
C GLY W 84 10.15 0.05 -21.18
N ILE W 85 11.37 0.57 -21.00
CA ILE W 85 12.34 -0.08 -20.13
C ILE W 85 11.87 -0.03 -18.68
N SER W 86 11.21 1.07 -18.30
CA SER W 86 10.77 1.23 -16.91
C SER W 86 9.55 0.38 -16.57
N TRP W 87 8.63 0.19 -17.53
CA TRP W 87 7.44 -0.61 -17.24
C TRP W 87 7.80 -2.05 -16.90
N MET W 88 8.70 -2.66 -17.69
CA MET W 88 9.27 -3.93 -17.31
C MET W 88 10.40 -3.69 -16.30
N PHE W 89 10.75 -4.76 -15.58
CA PHE W 89 11.69 -4.66 -14.44
C PHE W 89 11.22 -3.62 -13.43
N GLY W 90 9.91 -3.50 -13.24
CA GLY W 90 9.37 -2.50 -12.33
C GLY W 90 7.86 -2.46 -12.29
N ARG W 91 7.30 -1.25 -12.20
CA ARG W 91 5.87 -1.06 -12.07
C ARG W 91 5.36 -0.15 -13.18
N ALA W 92 4.16 -0.44 -13.67
CA ALA W 92 3.54 0.34 -14.73
C ALA W 92 2.43 1.22 -14.14
N SER W 93 2.45 2.51 -14.50
CA SER W 93 1.48 3.45 -13.97
C SER W 93 1.17 4.49 -15.03
N LEU W 94 0.00 5.11 -14.90
CA LEU W 94 -0.42 6.14 -15.85
C LEU W 94 0.32 7.46 -15.61
N GLY W 95 0.79 7.70 -14.38
CA GLY W 95 1.50 8.93 -14.10
C GLY W 95 2.83 9.02 -14.83
N LEU W 96 3.54 7.90 -14.93
CA LEU W 96 4.85 7.91 -15.57
C LEU W 96 4.75 8.20 -17.06
N VAL W 97 3.82 7.53 -17.74
CA VAL W 97 3.68 7.72 -19.18
C VAL W 97 3.15 9.12 -19.49
N ALA W 98 2.24 9.62 -18.64
CA ALA W 98 1.68 10.95 -18.89
C ALA W 98 2.73 12.03 -18.74
N GLY W 99 3.63 11.89 -17.77
CA GLY W 99 4.66 12.90 -17.55
C GLY W 99 5.63 13.01 -18.72
N VAL W 100 6.08 11.87 -19.24
CA VAL W 100 7.04 11.90 -20.34
C VAL W 100 6.40 12.40 -21.63
N VAL W 101 5.19 11.92 -21.94
CA VAL W 101 4.51 12.36 -23.15
C VAL W 101 4.15 13.84 -23.04
N GLY W 102 3.75 14.28 -21.85
CA GLY W 102 3.49 15.70 -21.64
C GLY W 102 4.74 16.54 -21.82
N GLY W 103 5.90 15.99 -21.47
CA GLY W 103 7.15 16.72 -21.66
C GLY W 103 7.47 16.97 -23.12
N ILE W 104 7.22 15.98 -23.97
CA ILE W 104 7.48 16.16 -25.41
C ILE W 104 6.54 17.21 -25.98
N VAL W 105 5.29 17.24 -25.52
CA VAL W 105 4.33 18.24 -25.99
C VAL W 105 4.78 19.64 -25.63
N ILE W 106 5.29 19.81 -24.41
CA ILE W 106 5.78 21.13 -24.00
C ILE W 106 7.07 21.48 -24.73
N MET W 107 8.00 20.53 -24.84
CA MET W 107 9.29 20.80 -25.47
C MET W 107 9.12 21.17 -26.93
N PHE W 108 8.62 20.25 -27.74
CA PHE W 108 8.34 20.56 -29.14
C PHE W 108 7.17 21.52 -29.24
N GLY W 109 7.27 22.46 -30.18
CA GLY W 109 6.23 23.47 -30.31
C GLY W 109 6.20 24.47 -29.19
N ALA W 110 7.34 24.67 -28.50
CA ALA W 110 7.38 25.66 -27.43
C ALA W 110 7.30 27.08 -27.98
N SER W 111 7.60 27.26 -29.28
CA SER W 111 7.47 28.57 -29.89
C SER W 111 6.01 29.03 -29.89
N PHE W 112 5.09 28.11 -30.18
CA PHE W 112 3.67 28.46 -30.15
C PHE W 112 3.21 28.80 -28.74
N LEU W 113 3.70 28.07 -27.74
CA LEU W 113 3.36 28.39 -26.35
C LEU W 113 3.91 29.76 -25.95
N GLY W 114 5.13 30.08 -26.38
CA GLY W 114 5.70 31.37 -26.05
C GLY W 114 4.94 32.52 -26.69
N LYS W 115 4.53 32.35 -27.95
CA LYS W 115 3.78 33.39 -28.64
C LYS W 115 2.42 33.62 -27.98
N THR W 116 1.74 32.54 -27.62
CA THR W 116 0.42 32.66 -27.00
C THR W 116 0.52 33.35 -25.64
N LEU W 117 1.50 32.97 -24.84
CA LEU W 117 1.65 33.55 -23.50
C LEU W 117 2.03 35.02 -23.59
N THR W 118 3.03 35.34 -24.41
CA THR W 118 3.45 36.74 -24.55
C THR W 118 2.34 37.59 -25.17
N GLY W 119 1.66 37.05 -26.18
CA GLY W 119 0.61 37.77 -26.85
C GLY W 119 1.00 38.39 -28.18
N GLY W 120 2.20 38.12 -28.68
CA GLY W 120 2.62 38.69 -29.95
C GLY W 120 3.94 38.08 -30.37
N GLY W 121 4.32 38.38 -31.61
CA GLY W 121 5.56 37.88 -32.17
C GLY W 121 5.41 37.34 -33.57
N GLY X 52 28.03 66.12 -25.48
CA GLY X 52 28.66 64.82 -25.62
C GLY X 52 27.67 63.71 -25.91
N GLY X 53 27.74 62.66 -25.09
CA GLY X 53 26.83 61.54 -25.26
C GLY X 53 25.43 61.85 -24.77
N THR X 54 24.52 60.92 -25.05
CA THR X 54 23.13 61.09 -24.65
C THR X 54 22.99 61.00 -23.13
N ASP X 55 21.90 61.57 -22.63
CA ASP X 55 21.67 61.59 -21.20
C ASP X 55 21.45 60.18 -20.67
N PRO X 56 21.78 59.92 -19.40
CA PRO X 56 21.63 58.56 -18.86
C PRO X 56 20.21 58.04 -18.88
N ALA X 57 19.21 58.93 -18.91
CA ALA X 57 17.82 58.49 -18.96
C ALA X 57 17.52 57.74 -20.25
N THR X 58 18.17 58.14 -21.35
CA THR X 58 17.92 57.49 -22.63
C THR X 58 18.57 56.12 -22.69
N MET X 59 19.78 55.98 -22.13
CA MET X 59 20.51 54.72 -22.21
C MET X 59 19.78 53.60 -21.49
N VAL X 60 19.26 53.87 -20.30
CA VAL X 60 18.53 52.84 -19.55
C VAL X 60 17.24 52.46 -20.26
N ASN X 61 16.68 53.37 -21.06
CA ASN X 61 15.52 53.01 -21.89
C ASN X 61 15.91 52.04 -23.00
N ASN X 62 17.11 52.22 -23.56
CA ASN X 62 17.55 51.34 -24.64
C ASN X 62 17.74 49.90 -24.14
N ILE X 63 18.24 49.74 -22.91
CA ILE X 63 18.39 48.40 -22.35
C ILE X 63 17.03 47.75 -22.16
N CYS X 64 16.06 48.50 -21.65
CA CYS X 64 14.73 47.95 -21.45
C CYS X 64 14.07 47.55 -22.76
N THR X 65 14.23 48.39 -23.79
CA THR X 65 13.66 48.06 -25.09
C THR X 65 14.32 46.83 -25.69
N PHE X 66 15.64 46.72 -25.57
CA PHE X 66 16.36 45.57 -26.12
C PHE X 66 15.97 44.28 -25.40
N ILE X 67 15.90 44.32 -24.07
CA ILE X 67 15.58 43.12 -23.30
C ILE X 67 14.17 42.65 -23.60
N LEU X 68 13.20 43.57 -23.62
CA LEU X 68 11.81 43.23 -23.87
C LEU X 68 11.45 43.23 -25.35
N GLY X 69 12.44 43.15 -26.23
CA GLY X 69 12.18 43.12 -27.65
C GLY X 69 12.24 41.71 -28.20
N PRO X 70 12.70 41.57 -29.45
CA PRO X 70 12.83 40.23 -30.04
C PRO X 70 13.76 39.32 -29.26
N PHE X 71 14.78 39.88 -28.60
CA PHE X 71 15.69 39.05 -27.81
C PHE X 71 14.96 38.38 -26.64
N GLY X 72 14.09 39.14 -25.96
CA GLY X 72 13.37 38.57 -24.83
C GLY X 72 12.39 37.50 -25.24
N GLN X 73 11.71 37.68 -26.38
CA GLN X 73 10.74 36.70 -26.83
C GLN X 73 11.40 35.35 -27.13
N SER X 74 12.61 35.36 -27.69
CA SER X 74 13.32 34.12 -27.96
C SER X 74 13.88 33.52 -26.68
N LEU X 75 14.02 34.32 -25.62
CA LEU X 75 14.40 33.77 -24.32
C LEU X 75 13.24 33.00 -23.70
N ALA X 76 12.01 33.42 -23.98
CA ALA X 76 10.84 32.75 -23.42
C ALA X 76 10.73 31.32 -23.93
N VAL X 77 10.95 31.12 -25.23
CA VAL X 77 10.82 29.77 -25.79
C VAL X 77 11.91 28.86 -25.28
N LEU X 78 13.10 29.40 -24.96
CA LEU X 78 14.16 28.58 -24.41
C LEU X 78 13.82 28.11 -22.99
N GLY X 79 13.17 28.98 -22.21
CA GLY X 79 12.75 28.58 -20.89
C GLY X 79 11.67 27.50 -20.92
N ILE X 80 10.75 27.59 -21.87
CA ILE X 80 9.70 26.59 -22.00
C ILE X 80 10.29 25.25 -22.45
N VAL X 81 11.29 25.29 -23.32
CA VAL X 81 11.92 24.06 -23.79
C VAL X 81 12.56 23.32 -22.63
N ALA X 82 13.17 24.06 -21.70
CA ALA X 82 13.82 23.43 -20.55
C ALA X 82 12.81 22.70 -19.67
N ILE X 83 11.55 23.10 -19.69
CA ILE X 83 10.52 22.38 -18.94
C ILE X 83 10.28 21.01 -19.56
N GLY X 84 10.13 20.96 -20.87
CA GLY X 84 9.87 19.69 -21.53
C GLY X 84 11.04 18.73 -21.44
N ILE X 85 12.26 19.26 -21.54
CA ILE X 85 13.44 18.41 -21.42
C ILE X 85 13.56 17.89 -20.00
N SER X 86 13.18 18.68 -19.01
CA SER X 86 13.32 18.26 -17.62
C SER X 86 12.26 17.24 -17.20
N TRP X 87 11.04 17.35 -17.73
CA TRP X 87 10.00 16.40 -17.34
C TRP X 87 10.37 14.97 -17.75
N MET X 88 10.86 14.80 -18.98
CA MET X 88 11.44 13.53 -19.36
C MET X 88 12.88 13.46 -18.85
N PHE X 89 13.42 12.24 -18.78
CA PHE X 89 14.71 11.99 -18.14
C PHE X 89 14.74 12.53 -16.72
N GLY X 90 13.62 12.44 -16.01
CA GLY X 90 13.53 12.97 -14.67
C GLY X 90 12.16 12.86 -14.04
N ARG X 91 11.75 13.88 -13.29
CA ARG X 91 10.50 13.88 -12.57
C ARG X 91 9.66 15.09 -12.96
N ALA X 92 8.36 14.90 -13.03
CA ALA X 92 7.43 15.97 -13.39
C ALA X 92 6.70 16.45 -12.14
N SER X 93 6.66 17.77 -11.95
CA SER X 93 6.03 18.36 -10.79
C SER X 93 5.41 19.69 -11.16
N LEU X 94 4.42 20.11 -10.36
CA LEU X 94 3.75 21.38 -10.60
C LEU X 94 4.60 22.56 -10.19
N GLY X 95 5.52 22.36 -9.23
CA GLY X 95 6.36 23.46 -8.80
C GLY X 95 7.31 23.93 -9.87
N LEU X 96 7.86 23.01 -10.65
CA LEU X 96 8.83 23.37 -11.68
C LEU X 96 8.18 24.19 -12.80
N VAL X 97 7.01 23.76 -13.27
CA VAL X 97 6.35 24.46 -14.36
C VAL X 97 5.84 25.82 -13.89
N ALA X 98 5.36 25.88 -12.64
CA ALA X 98 4.83 27.14 -12.11
C ALA X 98 5.94 28.19 -11.97
N GLY X 99 7.13 27.76 -11.55
CA GLY X 99 8.22 28.70 -11.37
C GLY X 99 8.67 29.34 -12.68
N VAL X 100 8.81 28.53 -13.73
CA VAL X 100 9.29 29.06 -15.01
C VAL X 100 8.24 29.94 -15.66
N VAL X 101 6.97 29.51 -15.65
CA VAL X 101 5.91 30.32 -16.25
C VAL X 101 5.71 31.60 -15.45
N GLY X 102 5.83 31.53 -14.12
CA GLY X 102 5.77 32.73 -13.31
C GLY X 102 6.92 33.68 -13.61
N GLY X 103 8.07 33.14 -13.96
CA GLY X 103 9.20 34.00 -14.31
C GLY X 103 8.96 34.82 -15.56
N ILE X 104 8.33 34.21 -16.57
CA ILE X 104 8.04 34.93 -17.80
C ILE X 104 7.02 36.04 -17.53
N VAL X 105 6.05 35.77 -16.66
CA VAL X 105 5.04 36.78 -16.32
C VAL X 105 5.70 37.99 -15.64
N ILE X 106 6.65 37.74 -14.74
CA ILE X 106 7.35 38.83 -14.08
C ILE X 106 8.28 39.54 -15.05
N MET X 107 9.02 38.79 -15.86
CA MET X 107 10.00 39.40 -16.76
C MET X 107 9.30 40.29 -17.79
N PHE X 108 8.46 39.69 -18.64
CA PHE X 108 7.70 40.48 -19.59
C PHE X 108 6.64 41.30 -18.87
N GLY X 109 6.44 42.53 -19.34
CA GLY X 109 5.51 43.40 -18.67
C GLY X 109 5.97 43.91 -17.33
N ALA X 110 7.29 43.93 -17.09
CA ALA X 110 7.81 44.45 -15.83
C ALA X 110 7.62 45.95 -15.73
N SER X 111 7.42 46.63 -16.85
CA SER X 111 7.14 48.07 -16.82
C SER X 111 5.83 48.35 -16.10
N PHE X 112 4.80 47.54 -16.34
CA PHE X 112 3.54 47.72 -15.65
C PHE X 112 3.68 47.46 -14.16
N LEU X 113 4.47 46.45 -13.78
CA LEU X 113 4.71 46.19 -12.36
C LEU X 113 5.45 47.34 -11.71
N GLY X 114 6.43 47.91 -12.41
CA GLY X 114 7.17 49.03 -11.84
C GLY X 114 6.31 50.27 -11.66
N LYS X 115 5.44 50.55 -12.63
CA LYS X 115 4.55 51.70 -12.52
C LYS X 115 3.56 51.54 -11.38
N THR X 116 3.00 50.34 -11.23
CA THR X 116 2.03 50.10 -10.15
C THR X 116 2.68 50.23 -8.78
N LEU X 117 3.88 49.66 -8.63
CA LEU X 117 4.56 49.71 -7.33
C LEU X 117 4.97 51.12 -6.98
N THR X 118 5.60 51.83 -7.92
CA THR X 118 6.03 53.20 -7.67
C THR X 118 4.83 54.11 -7.45
N GLY X 119 3.79 53.95 -8.25
CA GLY X 119 2.61 54.77 -8.15
C GLY X 119 2.49 55.88 -9.17
N GLY X 120 3.39 55.93 -10.15
CA GLY X 120 3.32 56.96 -11.16
C GLY X 120 4.35 56.69 -12.25
N GLY X 121 4.24 57.47 -13.31
CA GLY X 121 5.14 57.34 -14.45
C GLY X 121 4.43 57.35 -15.79
N GLY Y 52 30.42 82.84 -6.59
CA GLY Y 52 30.87 81.76 -7.43
C GLY Y 52 29.77 80.75 -7.73
N GLY Y 53 30.06 79.48 -7.46
CA GLY Y 53 29.10 78.43 -7.69
C GLY Y 53 28.00 78.40 -6.64
N THR Y 54 27.00 77.57 -6.88
CA THR Y 54 25.88 77.46 -5.96
C THR Y 54 26.33 76.80 -4.66
N ASP Y 55 25.56 77.04 -3.59
CA ASP Y 55 25.90 76.49 -2.29
C ASP Y 55 25.80 74.97 -2.31
N PRO Y 56 26.57 74.27 -1.46
CA PRO Y 56 26.54 72.81 -1.47
C PRO Y 56 25.18 72.21 -1.14
N ALA Y 57 24.32 72.96 -0.44
CA ALA Y 57 22.99 72.44 -0.12
C ALA Y 57 22.16 72.23 -1.39
N THR Y 58 22.37 73.07 -2.41
CA THR Y 58 21.60 72.93 -3.65
C THR Y 58 22.09 71.73 -4.47
N MET Y 59 23.41 71.50 -4.50
CA MET Y 59 23.96 70.44 -5.34
C MET Y 59 23.48 69.07 -4.88
N VAL Y 60 23.48 68.82 -3.57
CA VAL Y 60 23.03 67.53 -3.06
C VAL Y 60 21.53 67.34 -3.31
N ASN Y 61 20.77 68.42 -3.43
CA ASN Y 61 19.38 68.30 -3.82
C ASN Y 61 19.24 67.87 -5.27
N ASN Y 62 20.13 68.35 -6.14
CA ASN Y 62 20.07 67.97 -7.55
C ASN Y 62 20.33 66.49 -7.75
N ILE Y 63 21.25 65.92 -6.96
CA ILE Y 63 21.52 64.48 -7.06
C ILE Y 63 20.29 63.69 -6.64
N CYS Y 64 19.64 64.11 -5.55
CA CYS Y 64 18.46 63.40 -5.08
C CYS Y 64 17.32 63.47 -6.09
N THR Y 65 17.12 64.65 -6.70
CA THR Y 65 16.07 64.79 -7.71
C THR Y 65 16.38 63.94 -8.93
N PHE Y 66 17.64 63.91 -9.37
CA PHE Y 66 18.00 63.12 -10.54
C PHE Y 66 17.84 61.62 -10.28
N ILE Y 67 18.28 61.16 -9.12
CA ILE Y 67 18.20 59.73 -8.80
C ILE Y 67 16.75 59.28 -8.70
N LEU Y 68 15.91 60.06 -8.02
CA LEU Y 68 14.51 59.72 -7.82
C LEU Y 68 13.61 60.24 -8.93
N GLY Y 69 14.18 60.60 -10.08
CA GLY Y 69 13.40 61.08 -11.20
C GLY Y 69 13.14 60.00 -12.22
N PRO Y 70 13.09 60.38 -13.50
CA PRO Y 70 12.88 59.37 -14.55
C PRO Y 70 13.98 58.31 -14.59
N PHE Y 71 15.21 58.66 -14.22
CA PHE Y 71 16.29 57.68 -14.21
C PHE Y 71 16.02 56.58 -13.20
N GLY Y 72 15.53 56.93 -12.01
CA GLY Y 72 15.26 55.92 -10.99
C GLY Y 72 14.12 55.00 -11.38
N GLN Y 73 13.08 55.54 -12.02
CA GLN Y 73 11.94 54.72 -12.41
C GLN Y 73 12.34 53.65 -13.42
N SER Y 74 13.24 53.99 -14.34
CA SER Y 74 13.71 52.99 -15.31
C SER Y 74 14.67 52.00 -14.67
N LEU Y 75 15.26 52.35 -13.53
CA LEU Y 75 16.07 51.39 -12.79
C LEU Y 75 15.19 50.34 -12.12
N ALA Y 76 13.97 50.73 -11.73
CA ALA Y 76 13.07 49.81 -11.07
C ALA Y 76 12.66 48.67 -12.01
N VAL Y 77 12.36 48.99 -13.26
CA VAL Y 77 11.93 47.96 -14.20
C VAL Y 77 13.07 47.01 -14.54
N LEU Y 78 14.32 47.50 -14.50
CA LEU Y 78 15.45 46.62 -14.75
C LEU Y 78 15.65 45.63 -13.61
N GLY Y 79 15.41 46.08 -12.38
CA GLY Y 79 15.50 45.16 -11.25
C GLY Y 79 14.42 44.09 -11.28
N ILE Y 80 13.22 44.46 -11.70
CA ILE Y 80 12.13 43.48 -11.79
C ILE Y 80 12.40 42.47 -12.90
N VAL Y 81 12.99 42.93 -14.01
CA VAL Y 81 13.32 42.03 -15.12
C VAL Y 81 14.30 40.96 -14.65
N ALA Y 82 15.27 41.35 -13.82
CA ALA Y 82 16.25 40.38 -13.33
C ALA Y 82 15.62 39.28 -12.49
N ILE Y 83 14.47 39.56 -11.87
CA ILE Y 83 13.76 38.53 -11.12
C ILE Y 83 13.22 37.47 -12.08
N GLY Y 84 12.55 37.91 -13.15
CA GLY Y 84 11.98 36.97 -14.09
C GLY Y 84 13.03 36.15 -14.82
N ILE Y 85 14.14 36.78 -15.18
CA ILE Y 85 15.23 36.07 -15.84
C ILE Y 85 15.85 35.05 -14.90
N SER Y 86 15.92 35.37 -13.60
CA SER Y 86 16.55 34.48 -12.65
C SER Y 86 15.68 33.28 -12.29
N TRP Y 87 14.35 33.47 -12.22
CA TRP Y 87 13.48 32.36 -11.87
C TRP Y 87 13.55 31.24 -12.90
N MET Y 88 13.52 31.57 -14.18
CA MET Y 88 13.83 30.61 -15.22
C MET Y 88 15.35 30.47 -15.35
N PHE Y 89 15.78 29.37 -15.96
CA PHE Y 89 17.20 29.01 -16.01
C PHE Y 89 17.81 28.97 -14.61
N GLY Y 90 17.04 28.52 -13.62
CA GLY Y 90 17.52 28.50 -12.26
C GLY Y 90 16.49 28.04 -11.25
N ARG Y 91 16.47 28.66 -10.08
CA ARG Y 91 15.58 28.27 -8.99
C ARG Y 91 14.76 29.47 -8.55
N ALA Y 92 13.50 29.21 -8.18
CA ALA Y 92 12.59 30.24 -7.73
C ALA Y 92 12.42 30.16 -6.21
N SER Y 93 12.56 31.30 -5.54
CA SER Y 93 12.46 31.34 -4.09
C SER Y 93 11.83 32.66 -3.66
N LEU Y 94 11.25 32.65 -2.46
CA LEU Y 94 10.63 33.86 -1.92
C LEU Y 94 11.67 34.87 -1.44
N GLY Y 95 12.86 34.40 -1.06
CA GLY Y 95 13.88 35.32 -0.59
C GLY Y 95 14.38 36.25 -1.67
N LEU Y 96 14.51 35.74 -2.90
CA LEU Y 96 15.04 36.55 -4.00
C LEU Y 96 14.08 37.66 -4.37
N VAL Y 97 12.79 37.34 -4.50
CA VAL Y 97 11.81 38.35 -4.90
C VAL Y 97 11.62 39.38 -3.79
N ALA Y 98 11.65 38.92 -2.53
CA ALA Y 98 11.45 39.84 -1.41
C ALA Y 98 12.60 40.84 -1.30
N GLY Y 99 13.83 40.40 -1.57
CA GLY Y 99 14.97 41.29 -1.47
C GLY Y 99 14.93 42.41 -2.50
N VAL Y 100 14.60 42.07 -3.75
CA VAL Y 100 14.59 43.08 -4.81
C VAL Y 100 13.43 44.06 -4.61
N VAL Y 101 12.25 43.55 -4.30
CA VAL Y 101 11.09 44.43 -4.08
C VAL Y 101 11.30 45.29 -2.84
N GLY Y 102 11.92 44.72 -1.80
CA GLY Y 102 12.25 45.52 -0.64
C GLY Y 102 13.25 46.62 -0.95
N GLY Y 103 14.15 46.35 -1.90
CA GLY Y 103 15.12 47.37 -2.29
C GLY Y 103 14.47 48.57 -2.94
N ILE Y 104 13.47 48.34 -3.79
CA ILE Y 104 12.77 49.45 -4.44
C ILE Y 104 12.02 50.28 -3.41
N VAL Y 105 11.44 49.62 -2.41
CA VAL Y 105 10.71 50.33 -1.35
C VAL Y 105 11.65 51.24 -0.57
N ILE Y 106 12.86 50.75 -0.27
CA ILE Y 106 13.83 51.56 0.45
C ILE Y 106 14.37 52.68 -0.45
N MET Y 107 14.70 52.35 -1.70
CA MET Y 107 15.29 53.34 -2.60
C MET Y 107 14.32 54.48 -2.87
N PHE Y 108 13.18 54.18 -3.49
CA PHE Y 108 12.17 55.20 -3.70
C PHE Y 108 11.52 55.60 -2.38
N GLY Y 109 11.24 56.89 -2.23
CA GLY Y 109 10.70 57.36 -0.98
C GLY Y 109 11.68 57.37 0.16
N ALA Y 110 12.99 57.40 -0.13
CA ALA Y 110 13.98 57.45 0.93
C ALA Y 110 13.94 58.79 1.67
N SER Y 111 13.38 59.82 1.05
CA SER Y 111 13.24 61.11 1.74
C SER Y 111 12.33 60.98 2.95
N PHE Y 112 11.23 60.23 2.81
CA PHE Y 112 10.33 60.03 3.95
C PHE Y 112 11.02 59.24 5.06
N LEU Y 113 11.82 58.24 4.70
CA LEU Y 113 12.56 57.48 5.70
C LEU Y 113 13.58 58.36 6.42
N GLY Y 114 14.26 59.23 5.67
CA GLY Y 114 15.24 60.11 6.29
C GLY Y 114 14.59 61.11 7.24
N LYS Y 115 13.44 61.66 6.86
CA LYS Y 115 12.75 62.61 7.72
C LYS Y 115 12.25 61.93 9.00
N THR Y 116 11.72 60.72 8.89
CA THR Y 116 11.22 60.01 10.07
C THR Y 116 12.35 59.67 11.03
N LEU Y 117 13.47 59.18 10.49
CA LEU Y 117 14.60 58.80 11.34
C LEU Y 117 15.21 60.02 12.02
N THR Y 118 15.48 61.07 11.25
CA THR Y 118 16.06 62.28 11.83
C THR Y 118 15.11 62.94 12.82
N GLY Y 119 13.82 62.99 12.48
CA GLY Y 119 12.84 63.61 13.32
C GLY Y 119 12.41 65.01 12.93
N GLY Y 120 12.88 65.50 11.79
CA GLY Y 120 12.51 66.83 11.34
C GLY Y 120 13.00 67.08 9.93
N GLY Y 121 12.56 68.19 9.38
CA GLY Y 121 12.94 68.58 8.03
C GLY Y 121 11.78 69.03 7.17
N GLY Z 52 40.92 91.31 14.86
CA GLY Z 52 40.92 90.67 13.56
C GLY Z 52 39.74 89.75 13.34
N GLY Z 53 40.03 88.51 12.97
CA GLY Z 53 38.98 87.55 12.75
C GLY Z 53 38.37 87.03 14.04
N THR Z 54 37.30 86.27 13.89
CA THR Z 54 36.62 85.71 15.05
C THR Z 54 37.48 84.65 15.73
N ASP Z 55 37.19 84.40 17.00
CA ASP Z 55 37.97 83.43 17.77
C ASP Z 55 37.76 82.03 17.21
N PRO Z 56 38.75 81.14 17.37
CA PRO Z 56 38.62 79.78 16.81
C PRO Z 56 37.46 78.99 17.37
N ALA Z 57 36.98 79.34 18.56
CA ALA Z 57 35.84 78.62 19.14
C ALA Z 57 34.58 78.83 18.31
N THR Z 58 34.44 80.01 17.69
CA THR Z 58 33.25 80.28 16.88
C THR Z 58 33.29 79.54 15.56
N MET Z 59 34.49 79.45 14.94
CA MET Z 59 34.60 78.83 13.62
C MET Z 59 34.24 77.36 13.66
N VAL Z 60 34.72 76.63 14.67
CA VAL Z 60 34.42 75.21 14.78
C VAL Z 60 32.94 74.99 15.06
N ASN Z 61 32.26 75.97 15.66
CA ASN Z 61 30.82 75.88 15.82
C ASN Z 61 30.11 76.02 14.48
N ASN Z 62 30.63 76.87 13.60
CA ASN Z 62 30.00 77.06 12.29
C ASN Z 62 30.07 75.78 11.45
N ILE Z 63 31.18 75.04 11.54
CA ILE Z 63 31.28 73.79 10.81
C ILE Z 63 30.26 72.79 11.33
N CYS Z 64 30.11 72.70 12.65
CA CYS Z 64 29.15 71.76 13.23
C CYS Z 64 27.72 72.12 12.84
N THR Z 65 27.39 73.41 12.85
CA THR Z 65 26.05 73.82 12.45
C THR Z 65 25.80 73.53 10.98
N PHE Z 66 26.79 73.78 10.12
CA PHE Z 66 26.62 73.54 8.69
C PHE Z 66 26.46 72.04 8.40
N ILE Z 67 27.29 71.21 9.04
CA ILE Z 67 27.23 69.77 8.79
C ILE Z 67 25.91 69.19 9.25
N LEU Z 68 25.46 69.56 10.45
CA LEU Z 68 24.21 69.05 11.01
C LEU Z 68 23.00 69.88 10.62
N GLY Z 69 23.11 70.69 9.57
CA GLY Z 69 22.00 71.48 9.11
C GLY Z 69 21.28 70.86 7.94
N PRO Z 70 20.77 71.68 7.02
CA PRO Z 70 20.11 71.13 5.83
C PRO Z 70 21.02 70.27 4.97
N PHE Z 71 22.33 70.56 4.96
CA PHE Z 71 23.26 69.75 4.18
C PHE Z 71 23.33 68.33 4.71
N GLY Z 72 23.35 68.16 6.02
CA GLY Z 72 23.43 66.83 6.59
C GLY Z 72 22.17 66.01 6.35
N GLN Z 73 21.01 66.66 6.42
CA GLN Z 73 19.75 65.95 6.21
C GLN Z 73 19.66 65.39 4.80
N SER Z 74 20.15 66.13 3.80
CA SER Z 74 20.14 65.62 2.43
C SER Z 74 21.21 64.55 2.21
N LEU Z 75 22.21 64.50 3.10
CA LEU Z 75 23.17 63.40 3.04
C LEU Z 75 22.55 62.10 3.54
N ALA Z 76 21.60 62.21 4.48
CA ALA Z 76 20.96 61.02 5.03
C ALA Z 76 20.15 60.29 3.95
N VAL Z 77 19.41 61.03 3.13
CA VAL Z 77 18.59 60.40 2.12
C VAL Z 77 19.44 59.76 1.03
N LEU Z 78 20.64 60.31 0.77
CA LEU Z 78 21.53 59.70 -0.21
C LEU Z 78 22.08 58.37 0.31
N GLY Z 79 22.36 58.29 1.61
CA GLY Z 79 22.82 57.02 2.18
C GLY Z 79 21.75 55.96 2.15
N ILE Z 80 20.49 56.34 2.39
CA ILE Z 80 19.39 55.39 2.35
C ILE Z 80 19.14 54.90 0.93
N VAL Z 81 19.29 55.79 -0.05
CA VAL Z 81 19.11 55.42 -1.45
C VAL Z 81 20.12 54.34 -1.85
N ALA Z 82 21.36 54.46 -1.36
CA ALA Z 82 22.38 53.49 -1.70
C ALA Z 82 22.05 52.10 -1.16
N ILE Z 83 21.24 52.01 -0.11
CA ILE Z 83 20.82 50.71 0.39
C ILE Z 83 19.86 50.05 -0.61
N GLY Z 84 18.88 50.81 -1.08
CA GLY Z 84 17.93 50.24 -2.03
C GLY Z 84 18.56 49.86 -3.35
N ILE Z 85 19.49 50.68 -3.83
CA ILE Z 85 20.18 50.36 -5.08
C ILE Z 85 21.04 49.11 -4.91
N SER Z 86 21.64 48.94 -3.72
CA SER Z 86 22.52 47.80 -3.50
C SER Z 86 21.77 46.50 -3.31
N TRP Z 87 20.59 46.52 -2.69
CA TRP Z 87 19.84 45.28 -2.49
C TRP Z 87 19.44 44.65 -3.81
N MET Z 88 18.94 45.44 -4.75
CA MET Z 88 18.76 44.96 -6.11
C MET Z 88 20.10 45.03 -6.84
N PHE Z 89 20.19 44.28 -7.95
CA PHE Z 89 21.45 44.10 -8.67
C PHE Z 89 22.55 43.59 -7.74
N GLY Z 90 22.19 42.73 -6.78
CA GLY Z 90 23.15 42.24 -5.82
C GLY Z 90 22.55 41.34 -4.76
N ARG Z 91 23.03 41.47 -3.52
CA ARG Z 91 22.61 40.62 -2.42
C ARG Z 91 22.09 41.49 -1.27
N ALA Z 92 21.07 40.99 -0.59
CA ALA Z 92 20.47 41.69 0.54
C ALA Z 92 20.89 41.02 1.83
N SER Z 93 21.36 41.83 2.79
CA SER Z 93 21.83 41.31 4.07
C SER Z 93 21.51 42.31 5.17
N LEU Z 94 21.43 41.79 6.40
CA LEU Z 94 21.15 42.65 7.55
C LEU Z 94 22.35 43.49 7.94
N GLY Z 95 23.56 43.02 7.64
CA GLY Z 95 24.75 43.78 7.99
C GLY Z 95 24.85 45.09 7.25
N LEU Z 96 24.47 45.10 5.97
CA LEU Z 96 24.59 46.31 5.16
C LEU Z 96 23.64 47.39 5.64
N VAL Z 97 22.38 47.03 5.89
CA VAL Z 97 21.39 48.02 6.32
C VAL Z 97 21.71 48.53 7.72
N ALA Z 98 22.20 47.64 8.59
CA ALA Z 98 22.51 48.04 9.96
C ALA Z 98 23.67 49.03 9.99
N GLY Z 99 24.67 48.83 9.14
CA GLY Z 99 25.82 49.72 9.13
C GLY Z 99 25.47 51.13 8.71
N VAL Z 100 24.66 51.26 7.65
CA VAL Z 100 24.31 52.58 7.15
C VAL Z 100 23.39 53.31 8.13
N VAL Z 101 22.38 52.61 8.65
CA VAL Z 101 21.46 53.24 9.60
C VAL Z 101 22.19 53.59 10.89
N GLY Z 102 23.11 52.73 11.32
CA GLY Z 102 23.92 53.05 12.47
C GLY Z 102 24.80 54.27 12.25
N GLY Z 103 25.25 54.46 11.01
CA GLY Z 103 26.06 55.64 10.71
C GLY Z 103 25.29 56.94 10.86
N ILE Z 104 24.03 56.95 10.44
CA ILE Z 104 23.21 58.16 10.58
C ILE Z 104 22.97 58.46 12.05
N VAL Z 105 22.78 57.43 12.87
CA VAL Z 105 22.57 57.62 14.30
C VAL Z 105 23.79 58.25 14.95
N ILE Z 106 24.99 57.78 14.56
CA ILE Z 106 26.21 58.35 15.11
C ILE Z 106 26.44 59.77 14.57
N MET Z 107 26.25 59.96 13.27
CA MET Z 107 26.50 61.27 12.67
C MET Z 107 25.58 62.34 13.24
N PHE Z 108 24.28 62.20 13.04
CA PHE Z 108 23.33 63.12 13.63
C PHE Z 108 23.27 62.94 15.14
N GLY Z 109 23.16 64.04 15.87
CA GLY Z 109 23.17 63.96 17.31
C GLY Z 109 24.51 63.61 17.90
N ALA Z 110 25.61 63.88 17.17
CA ALA Z 110 26.94 63.61 17.71
C ALA Z 110 27.28 64.55 18.85
N SER Z 111 26.59 65.69 18.95
CA SER Z 111 26.81 66.60 20.07
C SER Z 111 26.43 65.94 21.39
N PHE Z 112 25.32 65.20 21.41
CA PHE Z 112 24.92 64.51 22.62
C PHE Z 112 25.92 63.42 22.99
N LEU Z 113 26.44 62.71 22.00
CA LEU Z 113 27.46 61.70 22.28
C LEU Z 113 28.74 62.33 22.83
N GLY Z 114 29.14 63.47 22.28
CA GLY Z 114 30.33 64.13 22.77
C GLY Z 114 30.17 64.64 24.20
N LYS Z 115 29.00 65.19 24.52
CA LYS Z 115 28.76 65.67 25.88
C LYS Z 115 28.75 64.52 26.88
N THR Z 116 28.13 63.40 26.53
CA THR Z 116 28.07 62.26 27.44
C THR Z 116 29.46 61.68 27.68
N LEU Z 117 30.25 61.54 26.62
CA LEU Z 117 31.58 60.97 26.76
C LEU Z 117 32.50 61.88 27.57
N THR Z 118 32.53 63.18 27.22
CA THR Z 118 33.37 64.11 27.94
C THR Z 118 32.91 64.26 29.40
N GLY Z 119 31.61 64.33 29.62
CA GLY Z 119 31.06 64.49 30.95
C GLY Z 119 30.61 65.89 31.30
N GLY Z 120 30.64 66.81 30.36
CA GLY Z 120 30.21 68.17 30.64
C GLY Z 120 30.15 68.98 29.36
N GLY Z 121 29.60 70.18 29.47
CA GLY Z 121 29.47 71.08 28.35
C GLY Z 121 28.09 71.71 28.24
N GLY AA 52 59.47 91.98 32.13
CA GLY AA 52 58.93 91.87 30.78
C GLY AA 52 57.69 91.01 30.70
N GLY AA 53 57.73 90.02 29.81
CA GLY AA 53 56.60 89.12 29.65
C GLY AA 53 56.52 88.11 30.77
N THR AA 54 55.42 87.36 30.77
CA THR AA 54 55.20 86.36 31.80
C THR AA 54 56.18 85.20 31.64
N ASP AA 55 56.39 84.46 32.72
CA ASP AA 55 57.33 83.35 32.70
C ASP AA 55 56.83 82.24 31.78
N PRO AA 56 57.74 81.46 31.20
CA PRO AA 56 57.31 80.41 30.26
C PRO AA 56 56.40 79.36 30.88
N ALA AA 57 56.44 79.19 32.20
CA ALA AA 57 55.57 78.22 32.85
C ALA AA 57 54.10 78.61 32.70
N THR AA 58 53.81 79.91 32.68
CA THR AA 58 52.43 80.35 32.56
C THR AA 58 51.90 80.18 31.14
N MET AA 59 52.76 80.44 30.14
CA MET AA 59 52.31 80.37 28.75
C MET AA 59 51.90 78.96 28.35
N VAL AA 60 52.69 77.96 28.75
CA VAL AA 60 52.34 76.58 28.40
C VAL AA 60 51.08 76.14 29.13
N ASN AA 61 50.75 76.76 30.26
CA ASN AA 61 49.47 76.50 30.91
C ASN AA 61 48.32 77.06 30.10
N ASN AA 62 48.52 78.22 29.47
CA ASN AA 62 47.46 78.83 28.69
C ASN AA 62 47.10 77.98 27.47
N ILE AA 63 48.11 77.36 26.85
CA ILE AA 63 47.84 76.48 25.71
C ILE AA 63 47.03 75.27 26.15
N CYS AA 64 47.40 74.68 27.30
CA CYS AA 64 46.68 73.52 27.80
C CYS AA 64 45.23 73.87 28.13
N THR AA 65 45.01 75.02 28.76
CA THR AA 65 43.66 75.44 29.09
C THR AA 65 42.83 75.70 27.83
N PHE AA 66 43.43 76.34 26.84
CA PHE AA 66 42.71 76.63 25.59
C PHE AA 66 42.36 75.36 24.84
N ILE AA 67 43.30 74.41 24.76
CA ILE AA 67 43.05 73.18 24.02
C ILE AA 67 41.97 72.35 24.68
N LEU AA 68 42.04 72.21 26.00
CA LEU AA 68 41.09 71.41 26.76
C LEU AA 68 39.87 72.22 27.21
N GLY AA 69 39.61 73.37 26.59
CA GLY AA 69 38.47 74.18 26.93
C GLY AA 69 37.33 73.97 25.96
N PRO AA 70 36.56 75.04 25.71
CA PRO AA 70 35.45 74.93 24.74
C PRO AA 70 35.91 74.53 23.34
N PHE AA 71 37.13 74.93 22.95
CA PHE AA 71 37.63 74.55 21.62
C PHE AA 71 37.79 73.04 21.50
N GLY AA 72 38.32 72.40 22.54
CA GLY AA 72 38.51 70.95 22.49
C GLY AA 72 37.20 70.18 22.46
N GLN AA 73 36.20 70.66 23.20
CA GLN AA 73 34.91 69.97 23.23
C GLN AA 73 34.25 69.97 21.86
N SER AA 74 34.37 71.07 21.11
CA SER AA 74 33.80 71.12 19.77
C SER AA 74 34.64 70.31 18.78
N LEU AA 75 35.90 70.02 19.11
CA LEU AA 75 36.67 69.11 18.29
C LEU AA 75 36.21 67.67 18.45
N ALA AA 76 35.70 67.33 19.65
CA ALA AA 76 35.23 65.97 19.90
C ALA AA 76 34.04 65.63 19.02
N VAL AA 77 33.09 66.56 18.89
CA VAL AA 77 31.89 66.28 18.10
C VAL AA 77 32.22 66.18 16.62
N LEU AA 78 33.25 66.89 16.16
CA LEU AA 78 33.66 66.77 14.76
C LEU AA 78 34.28 65.40 14.48
N GLY AA 79 35.03 64.86 15.44
CA GLY AA 79 35.58 63.53 15.27
C GLY AA 79 34.51 62.45 15.25
N ILE AA 80 33.48 62.61 16.08
CA ILE AA 80 32.38 61.64 16.10
C ILE AA 80 31.58 61.71 14.80
N VAL AA 81 31.40 62.92 14.27
CA VAL AA 81 30.67 63.08 13.01
C VAL AA 81 31.37 62.32 11.88
N ALA AA 82 32.70 62.36 11.87
CA ALA AA 82 33.46 61.68 10.81
C ALA AA 82 33.25 60.17 10.87
N ILE AA 83 32.91 59.62 12.03
CA ILE AA 83 32.62 58.20 12.13
C ILE AA 83 31.32 57.87 11.40
N GLY AA 84 30.28 58.67 11.65
CA GLY AA 84 29.00 58.41 11.01
C GLY AA 84 29.05 58.61 9.50
N ILE AA 85 29.78 59.63 9.06
CA ILE AA 85 29.91 59.87 7.63
C ILE AA 85 30.69 58.73 6.97
N SER AA 86 31.68 58.18 7.68
CA SER AA 86 32.51 57.13 7.09
C SER AA 86 31.79 55.78 7.04
N TRP AA 87 30.94 55.47 8.03
CA TRP AA 87 30.25 54.19 8.02
C TRP AA 87 29.33 54.06 6.79
N MET AA 88 28.56 55.10 6.50
CA MET AA 88 27.85 55.16 5.24
C MET AA 88 28.80 55.61 4.14
N PHE AA 89 28.40 55.35 2.89
CA PHE AA 89 29.28 55.56 1.73
C PHE AA 89 30.61 54.83 1.90
N GLY AA 90 30.59 53.65 2.53
CA GLY AA 90 31.81 52.92 2.78
C GLY AA 90 31.60 51.64 3.56
N ARG AA 91 32.53 51.34 4.47
CA ARG AA 91 32.50 50.10 5.24
C ARG AA 91 32.53 50.43 6.73
N ALA AA 92 31.82 49.62 7.51
CA ALA AA 92 31.74 49.79 8.96
C ALA AA 92 32.58 48.72 9.64
N SER AA 93 33.43 49.15 10.57
CA SER AA 93 34.32 48.23 11.27
C SER AA 93 34.51 48.71 12.70
N LEU AA 94 34.88 47.76 13.57
CA LEU AA 94 35.12 48.10 14.97
C LEU AA 94 36.44 48.82 15.17
N GLY AA 95 37.40 48.62 14.27
CA GLY AA 95 38.68 49.29 14.41
C GLY AA 95 38.59 50.78 14.24
N LEU AA 96 37.75 51.24 13.31
CA LEU AA 96 37.63 52.67 13.03
C LEU AA 96 37.01 53.41 14.21
N VAL AA 97 35.92 52.87 14.77
CA VAL AA 97 35.24 53.53 15.88
C VAL AA 97 36.11 53.50 17.13
N ALA AA 98 36.83 52.39 17.35
CA ALA AA 98 37.67 52.28 18.54
C ALA AA 98 38.82 53.28 18.50
N GLY AA 99 39.40 53.50 17.32
CA GLY AA 99 40.52 54.43 17.22
C GLY AA 99 40.13 55.86 17.53
N VAL AA 100 38.98 56.31 17.00
CA VAL AA 100 38.57 57.69 17.21
C VAL AA 100 38.14 57.92 18.66
N VAL AA 101 37.36 56.98 19.21
CA VAL AA 101 36.92 57.11 20.60
C VAL AA 101 38.11 57.02 21.55
N GLY AA 102 39.07 56.14 21.24
CA GLY AA 102 40.28 56.08 22.03
C GLY AA 102 41.08 57.37 21.97
N GLY AA 103 41.04 58.06 20.83
CA GLY AA 103 41.74 59.33 20.71
C GLY AA 103 41.19 60.39 21.62
N ILE AA 104 39.86 60.46 21.75
CA ILE AA 104 39.25 61.44 22.65
C ILE AA 104 39.62 61.15 24.09
N VAL AA 105 39.68 59.87 24.45
CA VAL AA 105 40.04 59.49 25.81
C VAL AA 105 41.46 59.93 26.14
N ILE AA 106 42.38 59.76 25.18
CA ILE AA 106 43.76 60.18 25.39
C ILE AA 106 43.87 61.70 25.40
N MET AA 107 43.20 62.37 24.45
CA MET AA 107 43.29 63.82 24.33
C MET AA 107 42.74 64.50 25.57
N PHE AA 108 41.45 64.34 25.85
CA PHE AA 108 40.87 64.89 27.06
C PHE AA 108 41.38 64.14 28.28
N GLY AA 109 41.63 64.88 29.36
CA GLY AA 109 42.19 64.25 30.54
C GLY AA 109 43.63 63.83 30.39
N ALA AA 110 44.37 64.45 29.47
CA ALA AA 110 45.79 64.11 29.31
C ALA AA 110 46.61 64.58 30.51
N SER AA 111 46.09 65.54 31.28
CA SER AA 111 46.78 65.98 32.49
C SER AA 111 46.89 64.84 33.49
N PHE AA 112 45.82 64.06 33.65
CA PHE AA 112 45.88 62.92 34.57
C PHE AA 112 46.86 61.87 34.09
N LEU AA 113 46.92 61.63 32.77
CA LEU AA 113 47.89 60.69 32.24
C LEU AA 113 49.32 61.17 32.46
N GLY AA 114 49.56 62.47 32.27
CA GLY AA 114 50.88 63.00 32.50
C GLY AA 114 51.32 62.91 33.95
N LYS AA 115 50.41 63.19 34.88
CA LYS AA 115 50.74 63.11 36.29
C LYS AA 115 51.04 61.68 36.70
N THR AA 116 50.25 60.71 36.21
CA THR AA 116 50.48 59.32 36.58
C THR AA 116 51.80 58.82 36.03
N LEU AA 117 52.12 59.15 34.78
CA LEU AA 117 53.37 58.69 34.18
C LEU AA 117 54.58 59.31 34.85
N THR AA 118 54.56 60.63 35.04
CA THR AA 118 55.67 61.30 35.69
C THR AA 118 55.82 60.85 37.15
N GLY AA 119 54.71 60.71 37.85
CA GLY AA 119 54.72 60.31 39.25
C GLY AA 119 54.55 61.43 40.24
N GLY AA 120 54.27 62.64 39.79
CA GLY AA 120 54.08 63.75 40.71
C GLY AA 120 53.58 64.97 39.95
N GLY AA 121 53.21 65.99 40.72
CA GLY AA 121 52.71 67.23 40.16
C GLY AA 121 51.45 67.73 40.84
N GLY BA 52 83.18 87.66 40.04
CA GLY BA 52 82.16 88.04 39.07
C GLY BA 52 80.93 87.16 39.14
N GLY BA 53 80.55 86.59 37.99
CA GLY BA 53 79.40 85.72 37.94
C GLY BA 53 79.68 84.36 38.53
N THR BA 54 78.61 83.57 38.66
CA THR BA 54 78.73 82.23 39.22
C THR BA 54 79.49 81.32 38.27
N ASP BA 55 80.04 80.24 38.83
CA ASP BA 55 80.82 79.31 38.03
C ASP BA 55 79.94 78.59 37.02
N PRO BA 56 80.50 78.17 35.88
CA PRO BA 56 79.68 77.52 34.85
C PRO BA 56 79.01 76.25 35.31
N ALA BA 57 79.54 75.59 36.34
CA ALA BA 57 78.91 74.37 36.85
C ALA BA 57 77.53 74.66 37.43
N THR BA 58 77.34 75.84 38.02
CA THR BA 58 76.05 76.18 38.60
C THR BA 58 75.02 76.51 37.54
N MET BA 59 75.44 77.20 36.47
CA MET BA 59 74.49 77.63 35.44
C MET BA 59 73.87 76.44 34.73
N VAL BA 60 74.67 75.43 34.38
CA VAL BA 60 74.13 74.26 33.70
C VAL BA 60 73.20 73.47 34.60
N ASN BA 61 73.39 73.59 35.92
CA ASN BA 61 72.43 72.98 36.86
C ASN BA 61 71.10 73.70 36.83
N ASN BA 62 71.12 75.03 36.67
CA ASN BA 62 69.88 75.80 36.64
C ASN BA 62 69.04 75.44 35.42
N ILE BA 63 69.68 75.20 34.28
CA ILE BA 63 68.95 74.80 33.09
C ILE BA 63 68.28 73.44 33.30
N CYS BA 64 69.02 72.49 33.90
CA CYS BA 64 68.46 71.17 34.15
C CYS BA 64 67.29 71.24 35.11
N THR BA 65 67.40 72.04 36.17
CA THR BA 65 66.30 72.18 37.12
C THR BA 65 65.08 72.83 36.47
N PHE BA 66 65.31 73.85 35.64
CA PHE BA 66 64.19 74.52 34.98
C PHE BA 66 63.49 73.60 33.99
N ILE BA 67 64.26 72.85 33.20
CA ILE BA 67 63.66 71.98 32.19
C ILE BA 67 62.86 70.87 32.85
N LEU BA 68 63.42 70.24 33.89
CA LEU BA 68 62.77 69.14 34.57
C LEU BA 68 61.87 69.60 35.72
N GLY BA 69 61.49 70.87 35.73
CA GLY BA 69 60.62 71.39 36.76
C GLY BA 69 59.17 71.46 36.30
N PRO BA 70 58.44 72.47 36.78
CA PRO BA 70 57.05 72.63 36.34
C PRO BA 70 56.91 72.85 34.85
N PHE BA 71 57.92 73.46 34.20
CA PHE BA 71 57.84 73.66 32.75
C PHE BA 71 57.85 72.33 32.01
N GLY BA 72 58.68 71.39 32.44
CA GLY BA 72 58.74 70.11 31.78
C GLY BA 72 57.47 69.29 31.95
N GLN BA 73 56.85 69.35 33.13
CA GLN BA 73 55.64 68.60 33.38
C GLN BA 73 54.50 69.06 32.48
N SER BA 74 54.41 70.36 32.22
CA SER BA 74 53.37 70.87 31.32
C SER BA 74 53.70 70.57 29.86
N LEU BA 75 54.97 70.29 29.56
CA LEU BA 75 55.32 69.84 28.22
C LEU BA 75 54.85 68.40 27.99
N ALA BA 76 54.81 67.60 29.04
CA ALA BA 76 54.39 66.20 28.91
C ALA BA 76 52.92 66.12 28.50
N VAL BA 77 52.07 66.94 29.10
CA VAL BA 77 50.64 66.88 28.79
C VAL BA 77 50.38 67.37 27.37
N LEU BA 78 51.20 68.29 26.86
CA LEU BA 78 51.04 68.75 25.48
C LEU BA 78 51.40 67.65 24.49
N GLY BA 79 52.42 66.84 24.81
CA GLY BA 79 52.77 65.74 23.95
C GLY BA 79 51.70 64.66 23.92
N ILE BA 80 51.07 64.40 25.07
CA ILE BA 80 50.01 63.40 25.13
C ILE BA 80 48.78 63.89 24.37
N VAL BA 81 48.48 65.19 24.44
CA VAL BA 81 47.35 65.75 23.72
C VAL BA 81 47.51 65.54 22.22
N ALA BA 82 48.74 65.70 21.72
CA ALA BA 82 48.99 65.53 20.29
C ALA BA 82 48.71 64.10 19.83
N ILE BA 83 48.82 63.13 20.73
CA ILE BA 83 48.48 61.75 20.37
C ILE BA 83 46.98 61.63 20.12
N GLY BA 84 46.17 62.16 21.03
CA GLY BA 84 44.73 62.06 20.88
C GLY BA 84 44.22 62.82 19.67
N ILE BA 85 44.79 63.99 19.41
CA ILE BA 85 44.38 64.77 18.24
C ILE BA 85 44.77 64.04 16.95
N SER BA 86 45.91 63.35 16.97
CA SER BA 86 46.38 62.67 15.76
C SER BA 86 45.60 61.39 15.47
N TRP BA 87 45.18 60.65 16.50
CA TRP BA 87 44.45 59.41 16.26
C TRP BA 87 43.13 59.67 15.54
N MET BA 88 42.38 60.68 15.97
CA MET BA 88 41.24 61.14 15.20
C MET BA 88 41.73 62.07 14.09
N PHE BA 89 40.87 62.26 13.08
CA PHE BA 89 41.25 62.97 11.86
C PHE BA 89 42.50 62.35 11.22
N GLY BA 90 42.63 61.03 11.30
CA GLY BA 90 43.80 60.37 10.78
C GLY BA 90 43.82 58.87 11.02
N ARG BA 91 45.00 58.34 11.33
CA ARG BA 91 45.19 56.90 11.51
C ARG BA 91 45.81 56.63 12.88
N ALA BA 92 45.39 55.53 13.50
CA ALA BA 92 45.88 55.13 14.81
C ALA BA 92 46.85 53.96 14.66
N SER BA 93 48.02 54.08 15.30
CA SER BA 93 49.04 53.05 15.19
C SER BA 93 49.80 52.96 16.51
N LEU BA 94 50.40 51.80 16.75
CA LEU BA 94 51.17 51.59 17.96
C LEU BA 94 52.52 52.30 17.91
N GLY BA 95 53.05 52.54 16.71
CA GLY BA 95 54.34 53.22 16.60
C GLY BA 95 54.28 54.66 17.07
N LEU BA 96 53.17 55.35 16.77
CA LEU BA 96 53.07 56.76 17.13
C LEU BA 96 52.99 56.94 18.65
N VAL BA 97 52.16 56.14 19.31
CA VAL BA 97 52.01 56.27 20.76
C VAL BA 97 53.29 55.83 21.48
N ALA BA 98 53.95 54.80 20.97
CA ALA BA 98 55.18 54.33 21.60
C ALA BA 98 56.29 55.35 21.52
N GLY BA 99 56.39 56.06 20.40
CA GLY BA 99 57.44 57.05 20.25
C GLY BA 99 57.30 58.22 21.20
N VAL BA 100 56.07 58.74 21.36
CA VAL BA 100 55.86 59.89 22.22
C VAL BA 100 56.03 59.51 23.69
N VAL BA 101 55.48 58.37 24.10
CA VAL BA 101 55.61 57.94 25.48
C VAL BA 101 57.05 57.58 25.79
N GLY BA 102 57.76 56.98 24.83
CA GLY BA 102 59.18 56.73 25.02
C GLY BA 102 59.98 58.00 25.15
N GLY BA 103 59.55 59.07 24.48
CA GLY BA 103 60.24 60.35 24.60
C GLY BA 103 60.15 60.93 25.99
N ILE BA 104 58.98 60.83 26.62
CA ILE BA 104 58.82 61.34 27.98
C ILE BA 104 59.70 60.56 28.96
N VAL BA 105 59.80 59.25 28.74
CA VAL BA 105 60.63 58.41 29.61
C VAL BA 105 62.10 58.83 29.51
N ILE BA 106 62.57 59.11 28.29
CA ILE BA 106 63.95 59.54 28.12
C ILE BA 106 64.15 60.95 28.66
N MET BA 107 63.21 61.86 28.37
CA MET BA 107 63.35 63.24 28.79
C MET BA 107 63.38 63.37 30.31
N PHE BA 108 62.27 62.99 30.96
CA PHE BA 108 62.24 62.99 32.42
C PHE BA 108 63.13 61.88 32.96
N GLY BA 109 63.82 62.18 34.06
CA GLY BA 109 64.73 61.21 34.61
C GLY BA 109 65.98 61.00 33.77
N ALA BA 110 66.36 61.97 32.95
CA ALA BA 110 67.58 61.86 32.16
C ALA BA 110 68.82 61.90 33.04
N SER BA 111 68.70 62.46 34.25
CA SER BA 111 69.83 62.46 35.17
C SER BA 111 70.24 61.04 35.55
N PHE BA 112 69.26 60.16 35.79
CA PHE BA 112 69.58 58.77 36.10
C PHE BA 112 70.24 58.08 34.92
N LEU BA 113 69.77 58.35 33.70
CA LEU BA 113 70.40 57.77 32.52
C LEU BA 113 71.83 58.26 32.35
N GLY BA 114 72.07 59.55 32.60
CA GLY BA 114 73.42 60.08 32.50
C GLY BA 114 74.37 59.48 33.52
N LYS BA 115 73.89 59.31 34.75
CA LYS BA 115 74.74 58.72 35.79
C LYS BA 115 75.08 57.27 35.47
N THR BA 116 74.10 56.50 34.99
CA THR BA 116 74.34 55.09 34.67
C THR BA 116 75.33 54.96 33.53
N LEU BA 117 75.16 55.77 32.48
CA LEU BA 117 76.05 55.68 31.32
C LEU BA 117 77.46 56.11 31.67
N THR BA 118 77.60 57.25 32.35
CA THR BA 118 78.93 57.72 32.73
C THR BA 118 79.59 56.77 33.73
N GLY BA 119 78.82 56.27 34.69
CA GLY BA 119 79.34 55.39 35.71
C GLY BA 119 79.64 56.01 37.04
N GLY BA 120 79.29 57.28 37.23
CA GLY BA 120 79.54 57.94 38.50
C GLY BA 120 78.88 59.30 38.52
N GLY BA 121 78.90 59.92 39.70
CA GLY BA 121 78.31 61.23 39.88
C GLY BA 121 77.44 61.32 41.13
N GLY CA 52 -40.00 -43.75 36.69
CA GLY CA 52 -41.11 -43.30 35.88
C GLY CA 52 -42.33 -44.18 35.99
N GLY CA 53 -42.83 -44.63 34.84
CA GLY CA 53 -43.99 -45.49 34.82
C GLY CA 53 -43.66 -46.92 35.23
N THR CA 54 -44.71 -47.71 35.38
CA THR CA 54 -44.55 -49.10 35.79
C THR CA 54 -43.89 -49.91 34.68
N ASP CA 55 -43.28 -51.03 35.06
CA ASP CA 55 -42.59 -51.87 34.10
C ASP CA 55 -43.59 -52.48 33.10
N PRO CA 56 -43.14 -52.79 31.89
CA PRO CA 56 -44.07 -53.33 30.89
C PRO CA 56 -44.70 -54.65 31.27
N ALA CA 57 -44.08 -55.40 32.18
CA ALA CA 57 -44.65 -56.67 32.62
C ALA CA 57 -45.96 -56.45 33.36
N THR CA 58 -46.08 -55.34 34.08
CA THR CA 58 -47.30 -55.07 34.83
C THR CA 58 -48.43 -54.64 33.92
N MET CA 59 -48.13 -53.84 32.89
CA MET CA 59 -49.17 -53.31 32.02
C MET CA 59 -49.88 -54.42 31.25
N VAL CA 60 -49.11 -55.39 30.72
CA VAL CA 60 -49.73 -56.47 29.97
C VAL CA 60 -50.56 -57.36 30.90
N ASN CA 61 -50.25 -57.38 32.19
CA ASN CA 61 -51.10 -58.09 33.15
C ASN CA 61 -52.43 -57.37 33.34
N ASN CA 62 -52.41 -56.03 33.32
CA ASN CA 62 -53.64 -55.27 33.49
C ASN CA 62 -54.61 -55.51 32.34
N ILE CA 63 -54.08 -55.63 31.12
CA ILE CA 63 -54.95 -55.92 29.96
C ILE CA 63 -55.59 -57.29 30.11
N CYS CA 64 -54.80 -58.28 30.53
CA CYS CA 64 -55.34 -59.62 30.70
C CYS CA 64 -56.41 -59.67 31.77
N THR CA 65 -56.18 -58.97 32.90
CA THR CA 65 -57.18 -58.94 33.96
C THR CA 65 -58.45 -58.23 33.52
N PHE CA 66 -58.32 -57.13 32.78
CA PHE CA 66 -59.49 -56.40 32.31
C PHE CA 66 -60.29 -57.21 31.30
N ILE CA 67 -59.61 -57.88 30.36
CA ILE CA 67 -60.32 -58.65 29.34
C ILE CA 67 -61.05 -59.83 29.96
N LEU CA 68 -60.39 -60.55 30.87
CA LEU CA 68 -60.97 -61.73 31.50
C LEU CA 68 -61.74 -61.39 32.78
N GLY CA 69 -62.12 -60.13 32.96
CA GLY CA 69 -62.87 -59.71 34.12
C GLY CA 69 -64.36 -59.61 33.83
N PRO CA 70 -65.03 -58.66 34.49
CA PRO CA 70 -66.46 -58.45 34.20
C PRO CA 70 -66.74 -58.09 32.76
N PHE CA 71 -65.82 -57.41 32.08
CA PHE CA 71 -66.04 -57.06 30.68
C PHE CA 71 -66.11 -58.30 29.81
N GLY CA 72 -65.24 -59.29 30.06
CA GLY CA 72 -65.27 -60.50 29.25
C GLY CA 72 -66.51 -61.33 29.46
N GLN CA 73 -66.99 -61.39 30.71
CA GLN CA 73 -68.19 -62.17 31.00
C GLN CA 73 -69.41 -61.62 30.28
N SER CA 74 -69.53 -60.30 30.16
CA SER CA 74 -70.64 -59.71 29.43
C SER CA 74 -70.47 -59.86 27.92
N LEU CA 75 -69.24 -60.10 27.47
CA LEU CA 75 -69.04 -60.42 26.06
C LEU CA 75 -69.54 -61.82 25.73
N ALA CA 76 -69.47 -62.73 26.70
CA ALA CA 76 -69.91 -64.10 26.47
C ALA CA 76 -71.41 -64.15 26.20
N VAL CA 77 -72.19 -63.39 26.98
CA VAL CA 77 -73.64 -63.44 26.80
C VAL CA 77 -74.05 -62.80 25.48
N LEU CA 78 -73.28 -61.83 24.98
CA LEU CA 78 -73.59 -61.24 23.69
C LEU CA 78 -73.33 -62.23 22.56
N GLY CA 79 -72.29 -63.05 22.68
CA GLY CA 79 -72.04 -64.06 21.67
C GLY CA 79 -73.11 -65.13 21.65
N ILE CA 80 -73.61 -65.52 22.82
CA ILE CA 80 -74.68 -66.52 22.89
C ILE CA 80 -75.97 -65.96 22.31
N VAL CA 81 -76.25 -64.67 22.55
CA VAL CA 81 -77.46 -64.06 22.02
C VAL CA 81 -77.44 -64.10 20.49
N ALA CA 82 -76.27 -63.89 19.88
CA ALA CA 82 -76.18 -63.91 18.42
C ALA CA 82 -76.51 -65.28 17.85
N ILE CA 83 -76.32 -66.35 18.64
CA ILE CA 83 -76.70 -67.68 18.18
C ILE CA 83 -78.21 -67.79 18.07
N GLY CA 84 -78.93 -67.35 19.11
CA GLY CA 84 -80.38 -67.44 19.10
C GLY CA 84 -81.00 -66.56 18.03
N ILE CA 85 -80.45 -65.37 17.82
CA ILE CA 85 -80.98 -64.47 16.80
C ILE CA 85 -80.73 -65.07 15.42
N SER CA 86 -79.60 -65.75 15.23
CA SER CA 86 -79.26 -66.30 13.93
C SER CA 86 -80.07 -67.55 13.58
N TRP CA 87 -80.39 -68.40 14.57
CA TRP CA 87 -81.15 -69.61 14.28
C TRP CA 87 -82.53 -69.27 13.73
N MET CA 88 -83.22 -68.32 14.35
CA MET CA 88 -84.44 -67.78 13.75
C MET CA 88 -84.06 -66.74 12.68
N PHE CA 89 -85.02 -66.46 11.80
CA PHE CA 89 -84.76 -65.63 10.63
C PHE CA 89 -83.60 -66.16 9.80
N GLY CA 90 -83.46 -67.49 9.74
CA GLY CA 90 -82.35 -68.09 9.02
C GLY CA 90 -82.31 -69.60 9.11
N ARG CA 91 -81.11 -70.16 9.23
CA ARG CA 91 -80.92 -71.60 9.24
C ARG CA 91 -80.17 -72.00 10.51
N ALA CA 92 -80.52 -73.17 11.05
CA ALA CA 92 -79.90 -73.70 12.25
C ALA CA 92 -78.97 -74.84 11.88
N SER CA 93 -77.74 -74.79 12.40
CA SER CA 93 -76.73 -75.80 12.10
C SER CA 93 -75.84 -76.02 13.31
N LEU CA 94 -75.22 -77.20 13.36
CA LEU CA 94 -74.32 -77.52 14.46
C LEU CA 94 -72.99 -76.79 14.34
N GLY CA 95 -72.58 -76.43 13.12
CA GLY CA 95 -71.32 -75.74 12.95
C GLY CA 95 -71.31 -74.36 13.57
N LEU CA 96 -72.44 -73.65 13.47
CA LEU CA 96 -72.50 -72.28 13.97
C LEU CA 96 -72.42 -72.26 15.50
N VAL CA 97 -73.18 -73.14 16.17
CA VAL CA 97 -73.18 -73.15 17.62
C VAL CA 97 -71.84 -73.65 18.16
N ALA CA 98 -71.23 -74.62 17.47
CA ALA CA 98 -69.95 -75.16 17.93
C ALA CA 98 -68.85 -74.11 17.84
N GLY CA 99 -68.86 -73.30 16.79
CA GLY CA 99 -67.82 -72.29 16.63
C GLY CA 99 -67.86 -71.23 17.71
N VAL CA 100 -69.06 -70.74 18.04
CA VAL CA 100 -69.17 -69.68 19.05
C VAL CA 100 -68.86 -70.22 20.44
N VAL CA 101 -69.37 -71.39 20.79
CA VAL CA 101 -69.10 -71.96 22.10
C VAL CA 101 -67.63 -72.33 22.21
N GLY CA 102 -67.03 -72.83 21.13
CA GLY CA 102 -65.61 -73.09 21.14
C GLY CA 102 -64.78 -71.83 21.33
N GLY CA 103 -65.29 -70.71 20.81
CA GLY CA 103 -64.57 -69.45 20.99
C GLY CA 103 -64.51 -69.01 22.43
N ILE CA 104 -65.61 -69.19 23.17
CA ILE CA 104 -65.62 -68.82 24.58
C ILE CA 104 -64.66 -69.69 25.38
N VAL CA 105 -64.59 -70.98 25.02
CA VAL CA 105 -63.67 -71.89 25.71
C VAL CA 105 -62.23 -71.47 25.50
N ILE CA 106 -61.88 -71.06 24.27
CA ILE CA 106 -60.52 -70.60 24.00
C ILE CA 106 -60.27 -69.25 24.67
N MET CA 107 -61.22 -68.32 24.56
CA MET CA 107 -61.02 -66.98 25.11
C MET CA 107 -60.84 -67.03 26.62
N PHE CA 108 -61.87 -67.46 27.34
CA PHE CA 108 -61.76 -67.62 28.78
C PHE CA 108 -60.83 -68.78 29.12
N GLY CA 109 -60.02 -68.59 30.16
CA GLY CA 109 -59.05 -69.61 30.51
C GLY CA 109 -57.90 -69.73 29.54
N ALA CA 110 -57.61 -68.66 28.78
CA ALA CA 110 -56.48 -68.69 27.87
C ALA CA 110 -55.15 -68.72 28.61
N SER CA 111 -55.14 -68.31 29.88
CA SER CA 111 -53.92 -68.39 30.66
C SER CA 111 -53.48 -69.84 30.85
N PHE CA 112 -54.43 -70.74 31.10
CA PHE CA 112 -54.10 -72.15 31.24
C PHE CA 112 -53.57 -72.72 29.92
N LEU CA 113 -54.15 -72.32 28.80
CA LEU CA 113 -53.66 -72.78 27.51
C LEU CA 113 -52.25 -72.27 27.24
N GLY CA 114 -51.98 -71.01 27.59
CA GLY CA 114 -50.65 -70.47 27.41
C GLY CA 114 -49.60 -71.16 28.25
N LYS CA 115 -49.94 -71.46 29.51
CA LYS CA 115 -49.00 -72.15 30.38
C LYS CA 115 -48.71 -73.56 29.88
N THR CA 116 -49.73 -74.28 29.43
CA THR CA 116 -49.53 -75.64 28.95
C THR CA 116 -48.67 -75.66 27.70
N LEU CA 117 -48.94 -74.74 26.76
CA LEU CA 117 -48.18 -74.71 25.51
C LEU CA 117 -46.73 -74.31 25.76
N THR CA 118 -46.51 -73.25 26.53
CA THR CA 118 -45.15 -72.81 26.82
C THR CA 118 -44.40 -73.84 27.64
N GLY CA 119 -45.07 -74.45 28.63
CA GLY CA 119 -44.45 -75.44 29.48
C GLY CA 119 -44.01 -74.95 30.84
N GLY CA 120 -44.33 -73.71 31.19
CA GLY CA 120 -43.95 -73.18 32.49
C GLY CA 120 -44.59 -71.82 32.71
N GLY CA 121 -44.45 -71.34 33.95
CA GLY CA 121 -45.01 -70.06 34.33
C GLY CA 121 -45.75 -70.10 35.65
N GLY DA 52 -15.95 -47.98 29.64
CA GLY DA 52 -17.26 -47.35 29.55
C GLY DA 52 -18.41 -48.31 29.76
N GLY DA 53 -19.34 -48.33 28.81
CA GLY DA 53 -20.48 -49.21 28.90
C GLY DA 53 -20.11 -50.66 28.58
N THR DA 54 -21.08 -51.54 28.80
CA THR DA 54 -20.87 -52.96 28.54
C THR DA 54 -20.75 -53.22 27.04
N ASP DA 55 -20.12 -54.35 26.71
CA ASP DA 55 -19.91 -54.69 25.32
C ASP DA 55 -21.25 -54.96 24.62
N PRO DA 56 -21.32 -54.74 23.30
CA PRO DA 56 -22.60 -54.94 22.61
C PRO DA 56 -23.13 -56.37 22.67
N ALA DA 57 -22.26 -57.34 22.91
CA ALA DA 57 -22.71 -58.73 22.99
C ALA DA 57 -23.62 -58.93 24.21
N THR DA 58 -23.37 -58.19 25.29
CA THR DA 58 -24.19 -58.34 26.49
C THR DA 58 -25.55 -57.69 26.32
N MET DA 59 -25.61 -56.53 25.64
CA MET DA 59 -26.86 -55.81 25.50
C MET DA 59 -27.89 -56.60 24.70
N VAL DA 60 -27.45 -57.22 23.60
CA VAL DA 60 -28.38 -57.99 22.78
C VAL DA 60 -28.86 -59.23 23.54
N ASN DA 61 -28.07 -59.72 24.50
CA ASN DA 61 -28.54 -60.82 25.35
C ASN DA 61 -29.63 -60.34 26.29
N ASN DA 62 -29.55 -59.10 26.78
CA ASN DA 62 -30.56 -58.58 27.68
C ASN DA 62 -31.90 -58.44 27.00
N ILE DA 63 -31.90 -58.04 25.71
CA ILE DA 63 -33.15 -57.94 24.96
C ILE DA 63 -33.79 -59.31 24.81
N CYS DA 64 -32.97 -60.33 24.48
CA CYS DA 64 -33.50 -61.67 24.31
C CYS DA 64 -34.07 -62.21 25.61
N THR DA 65 -33.38 -61.98 26.73
CA THR DA 65 -33.88 -62.45 28.01
C THR DA 65 -35.18 -61.74 28.39
N PHE DA 66 -35.26 -60.42 28.15
CA PHE DA 66 -36.47 -59.68 28.48
C PHE DA 66 -37.66 -60.12 27.63
N ILE DA 67 -37.44 -60.31 26.32
CA ILE DA 67 -38.53 -60.70 25.43
C ILE DA 67 -39.05 -62.08 25.78
N LEU DA 68 -38.14 -63.04 26.00
CA LEU DA 68 -38.52 -64.41 26.31
C LEU DA 68 -38.71 -64.65 27.81
N GLY DA 69 -38.90 -63.59 28.59
CA GLY DA 69 -39.13 -63.72 30.01
C GLY DA 69 -40.59 -63.64 30.36
N PRO DA 70 -40.89 -63.09 31.54
CA PRO DA 70 -42.31 -62.92 31.92
C PRO DA 70 -43.10 -62.05 30.96
N PHE DA 71 -42.46 -61.08 30.30
CA PHE DA 71 -43.17 -60.25 29.33
C PHE DA 71 -43.67 -61.07 28.15
N GLY DA 72 -42.84 -61.99 27.65
CA GLY DA 72 -43.26 -62.80 26.52
C GLY DA 72 -44.37 -63.76 26.85
N GLN DA 73 -44.35 -64.34 28.06
CA GLN DA 73 -45.40 -65.27 28.46
C GLN DA 73 -46.76 -64.60 28.53
N SER DA 74 -46.81 -63.35 28.97
CA SER DA 74 -48.08 -62.62 29.01
C SER DA 74 -48.51 -62.17 27.63
N LEU DA 75 -47.57 -62.11 26.67
CA LEU DA 75 -47.94 -61.85 25.30
C LEU DA 75 -48.62 -63.05 24.67
N ALA DA 76 -48.25 -64.26 25.11
CA ALA DA 76 -48.85 -65.47 24.56
C ALA DA 76 -50.33 -65.56 24.88
N VAL DA 77 -50.71 -65.22 26.12
CA VAL DA 77 -52.12 -65.32 26.50
C VAL DA 77 -52.95 -64.27 25.79
N LEU DA 78 -52.36 -63.12 25.45
CA LEU DA 78 -53.10 -62.10 24.71
C LEU DA 78 -53.37 -62.56 23.28
N GLY DA 79 -52.41 -63.27 22.67
CA GLY DA 79 -52.64 -63.80 21.34
C GLY DA 79 -53.71 -64.88 21.31
N ILE DA 80 -53.75 -65.71 22.34
CA ILE DA 80 -54.77 -66.76 22.42
C ILE DA 80 -56.15 -66.15 22.64
N VAL DA 81 -56.23 -65.08 23.44
CA VAL DA 81 -57.50 -64.41 23.69
C VAL DA 81 -58.08 -63.87 22.38
N ALA DA 82 -57.22 -63.33 21.51
CA ALA DA 82 -57.69 -62.79 20.24
C ALA DA 82 -58.31 -63.87 19.36
N ILE DA 83 -57.91 -65.12 19.53
CA ILE DA 83 -58.53 -66.21 18.78
C ILE DA 83 -59.97 -66.41 19.21
N GLY DA 84 -60.20 -66.47 20.54
CA GLY DA 84 -61.55 -66.67 21.04
C GLY DA 84 -62.47 -65.52 20.72
N ILE DA 85 -61.96 -64.29 20.80
CA ILE DA 85 -62.77 -63.12 20.46
C ILE DA 85 -63.12 -63.11 18.98
N SER DA 86 -62.19 -63.58 18.15
CA SER DA 86 -62.42 -63.56 16.70
C SER DA 86 -63.38 -64.65 16.23
N TRP DA 87 -63.35 -65.83 16.87
CA TRP DA 87 -64.25 -66.90 16.45
C TRP DA 87 -65.71 -66.51 16.64
N MET DA 88 -66.05 -65.94 17.78
CA MET DA 88 -67.36 -65.32 17.95
C MET DA 88 -67.35 -63.93 17.31
N PHE DA 89 -68.55 -63.41 17.04
CA PHE DA 89 -68.71 -62.17 16.27
C PHE DA 89 -67.98 -62.25 14.93
N GLY DA 90 -67.98 -63.43 14.31
CA GLY DA 90 -67.27 -63.62 13.05
C GLY DA 90 -67.31 -65.04 12.54
N ARG DA 91 -66.20 -65.50 11.98
CA ARG DA 91 -66.11 -66.81 11.35
C ARG DA 91 -64.96 -67.59 11.98
N ALA DA 92 -65.16 -68.90 12.12
CA ALA DA 92 -64.16 -69.79 12.69
C ALA DA 92 -63.52 -70.61 11.58
N SER DA 93 -62.19 -70.66 11.58
CA SER DA 93 -61.46 -71.38 10.55
C SER DA 93 -60.18 -71.96 11.15
N LEU DA 94 -59.68 -73.01 10.50
CA LEU DA 94 -58.45 -73.66 10.96
C LEU DA 94 -57.22 -72.82 10.64
N GLY DA 95 -57.28 -71.99 9.60
CA GLY DA 95 -56.13 -71.18 9.24
C GLY DA 95 -55.80 -70.14 10.29
N LEU DA 96 -56.83 -69.54 10.90
CA LEU DA 96 -56.59 -68.48 11.88
C LEU DA 96 -55.93 -69.03 13.14
N VAL DA 97 -56.43 -70.16 13.65
CA VAL DA 97 -55.88 -70.73 14.87
C VAL DA 97 -54.48 -71.27 14.62
N ALA DA 98 -54.24 -71.86 13.44
CA ALA DA 98 -52.93 -72.41 13.13
C ALA DA 98 -51.88 -71.31 13.04
N GLY DA 99 -52.24 -70.16 12.48
CA GLY DA 99 -51.27 -69.09 12.34
C GLY DA 99 -50.81 -68.52 13.68
N VAL DA 100 -51.76 -68.31 14.59
CA VAL DA 100 -51.40 -67.72 15.89
C VAL DA 100 -50.60 -68.71 16.73
N VAL DA 101 -51.04 -69.97 16.77
CA VAL DA 101 -50.32 -70.99 17.54
C VAL DA 101 -48.95 -71.24 16.95
N GLY DA 102 -48.86 -71.23 15.61
CA GLY DA 102 -47.55 -71.34 14.98
C GLY DA 102 -46.64 -70.18 15.30
N GLY DA 103 -47.21 -68.99 15.49
CA GLY DA 103 -46.40 -67.84 15.86
C GLY DA 103 -45.76 -67.98 17.23
N ILE DA 104 -46.50 -68.52 18.19
CA ILE DA 104 -45.95 -68.72 19.53
C ILE DA 104 -44.82 -69.74 19.50
N VAL DA 105 -44.97 -70.77 18.67
CA VAL DA 105 -43.93 -71.80 18.55
C VAL DA 105 -42.65 -71.20 17.99
N ILE DA 106 -42.78 -70.32 16.99
CA ILE DA 106 -41.60 -69.67 16.42
C ILE DA 106 -41.01 -68.66 17.40
N MET DA 107 -41.86 -67.86 18.03
CA MET DA 107 -41.38 -66.82 18.94
C MET DA 107 -40.64 -67.42 20.12
N PHE DA 108 -41.34 -68.19 20.95
CA PHE DA 108 -40.70 -68.87 22.06
C PHE DA 108 -39.79 -69.98 21.55
N GLY DA 109 -38.63 -70.13 22.19
CA GLY DA 109 -37.68 -71.11 21.72
C GLY DA 109 -37.00 -70.75 20.42
N ALA DA 110 -36.94 -69.46 20.08
CA ALA DA 110 -36.26 -69.03 18.87
C ALA DA 110 -34.76 -69.24 18.98
N SER DA 111 -34.23 -69.34 20.20
CA SER DA 111 -32.81 -69.61 20.38
C SER DA 111 -32.43 -70.97 19.81
N PHE DA 112 -33.28 -71.97 20.03
CA PHE DA 112 -33.02 -73.29 19.47
C PHE DA 112 -33.07 -73.28 17.95
N LEU DA 113 -34.02 -72.53 17.38
CA LEU DA 113 -34.08 -72.42 15.92
C LEU DA 113 -32.85 -71.71 15.37
N GLY DA 114 -32.38 -70.67 16.05
CA GLY DA 114 -31.19 -69.98 15.59
C GLY DA 114 -29.94 -70.85 15.64
N LYS DA 115 -29.80 -71.64 16.70
CA LYS DA 115 -28.64 -72.52 16.83
C LYS DA 115 -28.66 -73.60 15.75
N THR DA 116 -29.83 -74.18 15.49
CA THR DA 116 -29.93 -75.24 14.47
C THR DA 116 -29.62 -74.69 13.09
N LEU DA 117 -30.16 -73.52 12.76
CA LEU DA 117 -29.94 -72.95 11.43
C LEU DA 117 -28.48 -72.55 11.24
N THR DA 118 -27.90 -71.84 12.22
CA THR DA 118 -26.51 -71.43 12.11
C THR DA 118 -25.58 -72.63 12.12
N GLY DA 119 -25.86 -73.61 12.96
CA GLY DA 119 -25.03 -74.79 13.07
C GLY DA 119 -24.07 -74.82 14.24
N GLY DA 120 -24.14 -73.84 15.13
CA GLY DA 120 -23.26 -73.82 16.29
C GLY DA 120 -23.67 -72.72 17.23
N GLY DA 121 -23.03 -72.73 18.40
CA GLY DA 121 -23.32 -71.74 19.43
C GLY DA 121 -23.49 -72.34 20.81
N GLY EA 52 3.15 -47.01 12.98
CA GLY EA 52 1.95 -46.51 13.64
C GLY EA 52 0.91 -47.59 13.88
N GLY EA 53 -0.32 -47.33 13.43
CA GLY EA 53 -1.39 -48.28 13.59
C GLY EA 53 -1.27 -49.44 12.62
N THR EA 54 -2.14 -50.44 12.84
CA THR EA 54 -2.13 -51.63 11.99
C THR EA 54 -2.61 -51.28 10.59
N ASP EA 55 -2.25 -52.14 9.64
CA ASP EA 55 -2.61 -51.91 8.24
C ASP EA 55 -4.13 -52.02 8.07
N PRO EA 56 -4.69 -51.32 7.07
CA PRO EA 56 -6.14 -51.35 6.89
C PRO EA 56 -6.70 -52.73 6.60
N ALA EA 57 -5.87 -53.65 6.08
CA ALA EA 57 -6.35 -54.99 5.81
C ALA EA 57 -6.73 -55.72 7.09
N THR EA 58 -6.05 -55.43 8.19
CA THR EA 58 -6.35 -56.10 9.46
C THR EA 58 -7.63 -55.56 10.08
N MET EA 59 -7.86 -54.24 9.97
CA MET EA 59 -9.02 -53.63 10.61
C MET EA 59 -10.32 -54.15 10.01
N VAL EA 60 -10.39 -54.26 8.68
CA VAL EA 60 -11.61 -54.75 8.05
C VAL EA 60 -11.84 -56.22 8.38
N ASN EA 61 -10.79 -56.96 8.71
CA ASN EA 61 -10.96 -58.33 9.19
C ASN EA 61 -11.59 -58.35 10.57
N ASN EA 62 -11.22 -57.39 11.42
CA ASN EA 62 -11.78 -57.34 12.77
C ASN EA 62 -13.28 -57.07 12.75
N ILE EA 63 -13.73 -56.22 11.83
CA ILE EA 63 -15.16 -55.95 11.71
C ILE EA 63 -15.91 -57.22 11.29
N CYS EA 64 -15.35 -57.94 10.32
CA CYS EA 64 -15.99 -59.17 9.85
C CYS EA 64 -16.05 -60.21 10.96
N THR EA 65 -14.98 -60.36 11.73
CA THR EA 65 -14.98 -61.32 12.83
C THR EA 65 -15.99 -60.93 13.90
N PHE EA 66 -16.06 -59.64 14.23
CA PHE EA 66 -17.00 -59.18 15.25
C PHE EA 66 -18.45 -59.38 14.81
N ILE EA 67 -18.75 -59.04 13.55
CA ILE EA 67 -20.13 -59.15 13.07
C ILE EA 67 -20.57 -60.61 13.03
N LEU EA 68 -19.71 -61.49 12.51
CA LEU EA 68 -20.03 -62.90 12.38
C LEU EA 68 -19.66 -63.71 13.63
N GLY EA 69 -19.46 -63.05 14.76
CA GLY EA 69 -19.14 -63.73 15.99
C GLY EA 69 -20.35 -63.93 16.88
N PRO EA 70 -20.14 -63.87 18.19
CA PRO EA 70 -21.28 -63.98 19.12
C PRO EA 70 -22.32 -62.90 18.94
N PHE EA 71 -21.92 -61.70 18.51
CA PHE EA 71 -22.89 -60.63 18.29
C PHE EA 71 -23.85 -60.98 17.17
N GLY EA 72 -23.35 -61.56 16.07
CA GLY EA 72 -24.21 -61.92 14.96
C GLY EA 72 -25.18 -63.03 15.30
N GLN EA 73 -24.74 -64.02 16.08
CA GLN EA 73 -25.61 -65.12 16.46
C GLN EA 73 -26.80 -64.65 17.28
N SER EA 74 -26.59 -63.68 18.18
CA SER EA 74 -27.69 -63.13 18.96
C SER EA 74 -28.59 -62.23 18.13
N LEU EA 75 -28.08 -61.73 17.00
CA LEU EA 75 -28.94 -61.00 16.07
C LEU EA 75 -29.89 -61.93 15.33
N ALA EA 76 -29.46 -63.18 15.11
CA ALA EA 76 -30.30 -64.13 14.40
C ALA EA 76 -31.55 -64.47 15.20
N VAL EA 77 -31.40 -64.67 16.52
CA VAL EA 77 -32.55 -65.03 17.33
C VAL EA 77 -33.53 -63.86 17.45
N LEU EA 78 -33.03 -62.62 17.39
CA LEU EA 78 -33.93 -61.47 17.42
C LEU EA 78 -34.75 -61.38 16.15
N GLY EA 79 -34.15 -61.71 15.01
CA GLY EA 79 -34.91 -61.72 13.76
C GLY EA 79 -35.98 -62.79 13.73
N ILE EA 80 -35.67 -63.96 14.29
CA ILE EA 80 -36.66 -65.04 14.35
C ILE EA 80 -37.81 -64.68 15.29
N VAL EA 81 -37.49 -64.01 16.40
CA VAL EA 81 -38.53 -63.60 17.34
C VAL EA 81 -39.52 -62.67 16.67
N ALA EA 82 -39.04 -61.76 15.81
CA ALA EA 82 -39.92 -60.82 15.13
C ALA EA 82 -40.89 -61.53 14.20
N ILE EA 83 -40.54 -62.72 13.72
CA ILE EA 83 -41.47 -63.49 12.90
C ILE EA 83 -42.66 -63.97 13.74
N GLY EA 84 -42.36 -64.54 14.92
CA GLY EA 84 -43.42 -65.04 15.76
C GLY EA 84 -44.32 -63.94 16.29
N ILE EA 85 -43.74 -62.79 16.64
CA ILE EA 85 -44.53 -61.67 17.11
C ILE EA 85 -45.42 -61.13 16.00
N SER EA 86 -44.92 -61.16 14.76
CA SER EA 86 -45.69 -60.61 13.64
C SER EA 86 -46.81 -61.52 13.20
N TRP EA 87 -46.63 -62.85 13.26
CA TRP EA 87 -47.69 -63.75 12.84
C TRP EA 87 -48.94 -63.59 13.70
N MET EA 88 -48.77 -63.52 15.01
CA MET EA 88 -49.87 -63.14 15.88
C MET EA 88 -50.01 -61.61 15.87
N PHE EA 89 -51.19 -61.14 16.29
CA PHE EA 89 -51.54 -59.73 16.19
C PHE EA 89 -51.40 -59.23 14.75
N GLY EA 90 -51.70 -60.07 13.78
CA GLY EA 90 -51.55 -59.71 12.39
C GLY EA 90 -51.88 -60.83 11.41
N ARG EA 91 -51.10 -60.93 10.34
CA ARG EA 91 -51.34 -61.90 9.28
C ARG EA 91 -50.10 -62.75 9.07
N ALA EA 92 -50.32 -64.03 8.77
CA ALA EA 92 -49.24 -64.98 8.53
C ALA EA 92 -49.12 -65.26 7.04
N SER EA 93 -47.90 -65.18 6.51
CA SER EA 93 -47.67 -65.38 5.10
C SER EA 93 -46.31 -66.04 4.90
N LEU EA 94 -46.16 -66.71 3.75
CA LEU EA 94 -44.90 -67.37 3.44
C LEU EA 94 -43.83 -66.37 3.02
N GLY EA 95 -44.24 -65.21 2.48
CA GLY EA 95 -43.26 -64.23 2.05
C GLY EA 95 -42.47 -63.64 3.21
N LEU EA 96 -43.14 -63.41 4.34
CA LEU EA 96 -42.48 -62.79 5.49
C LEU EA 96 -41.43 -63.72 6.09
N VAL EA 97 -41.78 -64.99 6.28
CA VAL EA 97 -40.84 -65.93 6.88
C VAL EA 97 -39.67 -66.21 5.93
N ALA EA 98 -39.95 -66.28 4.62
CA ALA EA 98 -38.90 -66.56 3.66
C ALA EA 98 -37.88 -65.42 3.59
N GLY EA 99 -38.35 -64.18 3.70
CA GLY EA 99 -37.44 -63.05 3.63
C GLY EA 99 -36.48 -62.99 4.80
N VAL EA 100 -36.98 -63.22 6.02
CA VAL EA 100 -36.12 -63.14 7.19
C VAL EA 100 -35.13 -64.31 7.22
N VAL EA 101 -35.60 -65.52 6.94
CA VAL EA 101 -34.71 -66.68 6.94
C VAL EA 101 -33.69 -66.56 5.81
N GLY EA 102 -34.11 -66.05 4.66
CA GLY EA 102 -33.16 -65.79 3.59
C GLY EA 102 -32.12 -64.77 3.97
N GLY EA 103 -32.49 -63.79 4.80
CA GLY EA 103 -31.53 -62.80 5.24
C GLY EA 103 -30.43 -63.39 6.09
N ILE EA 104 -30.78 -64.32 6.99
CA ILE EA 104 -29.77 -64.95 7.82
C ILE EA 104 -28.81 -65.78 6.98
N VAL EA 105 -29.34 -66.44 5.94
CA VAL EA 105 -28.50 -67.25 5.06
C VAL EA 105 -27.49 -66.36 4.33
N ILE EA 106 -27.92 -65.19 3.86
CA ILE EA 106 -27.01 -64.27 3.19
C ILE EA 106 -26.03 -63.66 4.18
N MET EA 107 -26.52 -63.24 5.35
CA MET EA 107 -25.66 -62.57 6.33
C MET EA 107 -24.56 -63.51 6.82
N PHE EA 108 -24.94 -64.60 7.48
CA PHE EA 108 -23.97 -65.59 7.91
C PHE EA 108 -23.40 -66.33 6.71
N GLY EA 109 -22.12 -66.61 6.76
CA GLY EA 109 -21.48 -67.25 5.62
C GLY EA 109 -21.33 -66.37 4.41
N ALA EA 110 -21.31 -65.04 4.61
CA ALA EA 110 -21.12 -64.13 3.49
C ALA EA 110 -19.70 -64.22 2.93
N SER EA 111 -18.75 -64.73 3.73
CA SER EA 111 -17.39 -64.92 3.23
C SER EA 111 -17.36 -65.93 2.09
N PHE EA 112 -18.13 -67.01 2.21
CA PHE EA 112 -18.19 -68.00 1.13
C PHE EA 112 -18.82 -67.41 -0.12
N LEU EA 113 -19.86 -66.59 0.03
CA LEU EA 113 -20.47 -65.93 -1.11
C LEU EA 113 -19.49 -64.97 -1.78
N GLY EA 114 -18.73 -64.22 -0.98
CA GLY EA 114 -17.76 -63.30 -1.56
C GLY EA 114 -16.66 -64.01 -2.31
N LYS EA 115 -16.16 -65.13 -1.77
CA LYS EA 115 -15.12 -65.88 -2.45
C LYS EA 115 -15.61 -66.47 -3.76
N THR EA 116 -16.84 -67.01 -3.76
CA THR EA 116 -17.37 -67.60 -4.99
C THR EA 116 -17.59 -66.56 -6.07
N LEU EA 117 -18.13 -65.39 -5.69
CA LEU EA 117 -18.39 -64.34 -6.66
C LEU EA 117 -17.10 -63.78 -7.22
N THR EA 118 -16.15 -63.44 -6.35
CA THR EA 118 -14.87 -62.89 -6.81
C THR EA 118 -14.10 -63.93 -7.62
N GLY EA 119 -14.10 -65.18 -7.18
CA GLY EA 119 -13.37 -66.23 -7.85
C GLY EA 119 -12.05 -66.61 -7.24
N GLY EA 120 -11.71 -66.05 -6.09
CA GLY EA 120 -10.44 -66.39 -5.45
C GLY EA 120 -10.38 -65.77 -4.06
N GLY EA 121 -9.36 -66.17 -3.32
CA GLY EA 121 -9.15 -65.68 -1.96
C GLY EA 121 -8.83 -66.78 -0.98
N GLY FA 52 14.41 -38.15 -7.98
CA GLY FA 52 13.61 -38.04 -6.78
C GLY FA 52 12.66 -39.21 -6.59
N GLY FA 53 11.38 -38.91 -6.41
CA GLY FA 53 10.39 -39.95 -6.23
C GLY FA 53 10.05 -40.64 -7.52
N THR FA 54 9.26 -41.71 -7.40
CA THR FA 54 8.86 -42.49 -8.57
C THR FA 54 7.91 -41.69 -9.44
N ASP FA 55 7.82 -42.08 -10.71
CA ASP FA 55 6.97 -41.38 -11.65
C ASP FA 55 5.49 -41.54 -11.27
N PRO FA 56 4.65 -40.57 -11.62
CA PRO FA 56 3.23 -40.66 -11.24
C PRO FA 56 2.51 -41.87 -11.80
N ALA FA 57 3.02 -42.44 -12.90
CA ALA FA 57 2.37 -43.63 -13.47
C ALA FA 57 2.46 -44.81 -12.53
N THR FA 58 3.54 -44.90 -11.74
CA THR FA 58 3.70 -46.02 -10.82
C THR FA 58 2.79 -45.87 -9.61
N MET FA 59 2.64 -44.64 -9.10
CA MET FA 59 1.85 -44.42 -7.90
C MET FA 59 0.39 -44.79 -8.10
N VAL FA 60 -0.19 -44.40 -9.24
CA VAL FA 60 -1.59 -44.72 -9.50
C VAL FA 60 -1.78 -46.22 -9.69
N ASN FA 61 -0.73 -46.94 -10.10
CA ASN FA 61 -0.80 -48.38 -10.15
C ASN FA 61 -0.85 -48.99 -8.76
N ASN FA 62 -0.12 -48.39 -7.80
CA ASN FA 62 -0.11 -48.90 -6.44
C ASN FA 62 -1.48 -48.78 -5.79
N ILE FA 63 -2.20 -47.69 -6.07
CA ILE FA 63 -3.55 -47.53 -5.52
C ILE FA 63 -4.48 -48.60 -6.08
N CYS FA 64 -4.38 -48.85 -7.39
CA CYS FA 64 -5.24 -49.86 -8.00
C CYS FA 64 -4.95 -51.25 -7.46
N THR FA 65 -3.67 -51.58 -7.27
CA THR FA 65 -3.31 -52.88 -6.71
C THR FA 65 -3.80 -53.02 -5.28
N PHE FA 66 -3.66 -51.96 -4.48
CA PHE FA 66 -4.10 -52.02 -3.09
C PHE FA 66 -5.61 -52.15 -2.98
N ILE FA 67 -6.35 -51.39 -3.79
CA ILE FA 67 -7.82 -51.43 -3.71
C ILE FA 67 -8.33 -52.80 -4.15
N LEU FA 68 -7.80 -53.34 -5.25
CA LEU FA 68 -8.25 -54.62 -5.77
C LEU FA 68 -7.48 -55.80 -5.18
N GLY FA 69 -6.82 -55.61 -4.05
CA GLY FA 69 -6.09 -56.67 -3.39
C GLY FA 69 -6.88 -57.29 -2.26
N PRO FA 70 -6.19 -57.73 -1.21
CA PRO FA 70 -6.88 -58.29 -0.05
C PRO FA 70 -7.84 -57.31 0.61
N PHE FA 71 -7.55 -56.01 0.55
CA PHE FA 71 -8.45 -55.03 1.14
C PHE FA 71 -9.80 -55.01 0.43
N GLY FA 72 -9.79 -55.09 -0.90
CA GLY FA 72 -11.03 -55.07 -1.64
C GLY FA 72 -11.88 -56.31 -1.41
N GLN FA 73 -11.23 -57.47 -1.30
CA GLN FA 73 -11.97 -58.71 -1.08
C GLN FA 73 -12.72 -58.70 0.25
N SER FA 74 -12.11 -58.11 1.28
CA SER FA 74 -12.79 -58.02 2.57
C SER FA 74 -13.87 -56.94 2.56
N LEU FA 75 -13.81 -56.01 1.61
CA LEU FA 75 -14.90 -55.07 1.43
C LEU FA 75 -16.12 -55.73 0.82
N ALA FA 76 -15.89 -56.75 -0.01
CA ALA FA 76 -17.01 -57.44 -0.66
C ALA FA 76 -17.88 -58.15 0.37
N VAL FA 77 -17.25 -58.82 1.34
CA VAL FA 77 -18.03 -59.57 2.32
C VAL FA 77 -18.79 -58.64 3.24
N LEU FA 78 -18.28 -57.43 3.47
CA LEU FA 78 -19.01 -56.46 4.29
C LEU FA 78 -20.26 -55.96 3.56
N GLY FA 79 -20.17 -55.78 2.24
CA GLY FA 79 -21.33 -55.38 1.48
C GLY FA 79 -22.41 -56.46 1.45
N ILE FA 80 -22.00 -57.72 1.36
CA ILE FA 80 -22.96 -58.82 1.37
C ILE FA 80 -23.63 -58.95 2.72
N VAL FA 81 -22.86 -58.73 3.80
CA VAL FA 81 -23.43 -58.80 5.15
C VAL FA 81 -24.54 -57.77 5.32
N ALA FA 82 -24.35 -56.57 4.76
CA ALA FA 82 -25.36 -55.53 4.88
C ALA FA 82 -26.67 -55.91 4.20
N ILE FA 83 -26.61 -56.80 3.20
CA ILE FA 83 -27.84 -57.27 2.57
C ILE FA 83 -28.63 -58.14 3.54
N GLY FA 84 -27.95 -59.08 4.20
CA GLY FA 84 -28.64 -59.96 5.14
C GLY FA 84 -29.19 -59.23 6.33
N ILE FA 85 -28.44 -58.25 6.84
CA ILE FA 85 -28.92 -57.47 7.98
C ILE FA 85 -30.12 -56.63 7.58
N SER FA 86 -30.14 -56.14 6.33
CA SER FA 86 -31.23 -55.28 5.90
C SER FA 86 -32.50 -56.06 5.60
N TRP FA 87 -32.40 -57.28 5.08
CA TRP FA 87 -33.60 -58.05 4.77
C TRP FA 87 -34.41 -58.33 6.03
N MET FA 88 -33.75 -58.75 7.11
CA MET FA 88 -34.41 -58.83 8.40
C MET FA 88 -34.43 -57.44 9.04
N PHE FA 89 -35.32 -57.27 10.02
CA PHE FA 89 -35.59 -55.95 10.60
C PHE FA 89 -35.97 -54.93 9.52
N GLY FA 90 -36.69 -55.38 8.50
CA GLY FA 90 -37.05 -54.49 7.41
C GLY FA 90 -37.80 -55.18 6.29
N ARG FA 91 -37.50 -54.80 5.05
CA ARG FA 91 -38.20 -55.32 3.88
C ARG FA 91 -37.20 -55.91 2.90
N ALA FA 92 -37.60 -57.00 2.24
CA ALA FA 92 -36.77 -57.68 1.27
C ALA FA 92 -37.25 -57.36 -0.14
N SER FA 93 -36.32 -56.98 -1.01
CA SER FA 93 -36.67 -56.61 -2.38
C SER FA 93 -35.54 -57.01 -3.31
N LEU FA 94 -35.89 -57.19 -4.59
CA LEU FA 94 -34.89 -57.56 -5.59
C LEU FA 94 -33.99 -56.39 -5.97
N GLY FA 95 -34.49 -55.16 -5.82
CA GLY FA 95 -33.69 -54.00 -6.17
C GLY FA 95 -32.48 -53.83 -5.26
N LEU FA 96 -32.66 -54.10 -3.97
CA LEU FA 96 -31.56 -53.90 -3.02
C LEU FA 96 -30.43 -54.89 -3.27
N VAL FA 97 -30.76 -56.18 -3.47
CA VAL FA 97 -29.72 -57.18 -3.68
C VAL FA 97 -29.04 -56.98 -5.03
N ALA FA 98 -29.80 -56.57 -6.05
CA ALA FA 98 -29.22 -56.36 -7.37
C ALA FA 98 -28.23 -55.20 -7.37
N GLY FA 99 -28.54 -54.13 -6.63
CA GLY FA 99 -27.64 -52.99 -6.59
C GLY FA 99 -26.31 -53.29 -5.96
N VAL FA 100 -26.32 -54.02 -4.84
CA VAL FA 100 -25.07 -54.31 -4.14
C VAL FA 100 -24.23 -55.31 -4.93
N VAL FA 101 -24.86 -56.36 -5.46
CA VAL FA 101 -24.12 -57.35 -6.24
C VAL FA 101 -23.59 -56.72 -7.53
N GLY FA 102 -24.39 -55.84 -8.15
CA GLY FA 102 -23.91 -55.12 -9.31
C GLY FA 102 -22.73 -54.22 -8.99
N GLY FA 103 -22.69 -53.67 -7.78
CA GLY FA 103 -21.57 -52.84 -7.39
C GLY FA 103 -20.26 -53.61 -7.31
N ILE FA 104 -20.31 -54.83 -6.80
CA ILE FA 104 -19.10 -55.66 -6.71
C ILE FA 104 -18.60 -56.01 -8.11
N VAL FA 105 -19.53 -56.27 -9.03
CA VAL FA 105 -19.15 -56.60 -10.40
C VAL FA 105 -18.44 -55.42 -11.06
N ILE FA 106 -18.94 -54.20 -10.83
CA ILE FA 106 -18.30 -53.02 -11.40
C ILE FA 106 -16.97 -52.75 -10.70
N MET FA 107 -16.94 -52.84 -9.37
CA MET FA 107 -15.73 -52.52 -8.62
C MET FA 107 -14.60 -53.47 -8.98
N PHE FA 108 -14.77 -54.76 -8.68
CA PHE FA 108 -13.78 -55.75 -9.08
C PHE FA 108 -13.77 -55.93 -10.58
N GLY FA 109 -12.57 -56.10 -11.15
CA GLY FA 109 -12.47 -56.19 -12.59
C GLY FA 109 -12.73 -54.91 -13.33
N ALA FA 110 -12.56 -53.75 -12.66
CA ALA FA 110 -12.74 -52.48 -13.33
C ALA FA 110 -11.65 -52.22 -14.36
N SER FA 111 -10.52 -52.91 -14.26
CA SER FA 111 -9.47 -52.77 -15.25
C SER FA 111 -9.95 -53.26 -16.62
N PHE FA 112 -10.69 -54.38 -16.64
CA PHE FA 112 -11.21 -54.88 -17.90
C PHE FA 112 -12.24 -53.91 -18.50
N LEU FA 113 -13.07 -53.31 -17.65
CA LEU FA 113 -14.03 -52.32 -18.14
C LEU FA 113 -13.33 -51.10 -18.69
N GLY FA 114 -12.26 -50.65 -18.04
CA GLY FA 114 -11.53 -49.50 -18.54
C GLY FA 114 -10.85 -49.76 -19.86
N LYS FA 115 -10.27 -50.96 -20.02
CA LYS FA 115 -9.61 -51.30 -21.27
C LYS FA 115 -10.61 -51.39 -22.42
N THR FA 116 -11.78 -51.99 -22.16
CA THR FA 116 -12.79 -52.13 -23.22
C THR FA 116 -13.32 -50.77 -23.64
N LEU FA 117 -13.60 -49.89 -22.67
CA LEU FA 117 -14.15 -48.57 -22.99
C LEU FA 117 -13.13 -47.72 -23.73
N THR FA 118 -11.90 -47.67 -23.23
CA THR FA 118 -10.86 -46.87 -23.89
C THR FA 118 -10.52 -47.44 -25.26
N GLY FA 119 -10.44 -48.77 -25.37
CA GLY FA 119 -10.11 -49.42 -26.62
C GLY FA 119 -8.68 -49.88 -26.75
N GLY FA 120 -7.88 -49.77 -25.70
CA GLY FA 120 -6.50 -50.22 -25.76
C GLY FA 120 -5.87 -50.17 -24.38
N GLY FA 121 -4.67 -50.72 -24.30
CA GLY FA 121 -3.93 -50.76 -23.05
C GLY FA 121 -3.32 -52.12 -22.76
N GLY GA 52 17.39 -21.03 -26.47
CA GLY GA 52 17.11 -21.46 -25.11
C GLY GA 52 16.23 -22.69 -25.04
N GLY GA 53 15.14 -22.60 -24.29
CA GLY GA 53 14.22 -23.70 -24.16
C GLY GA 53 13.37 -23.89 -25.39
N THR GA 54 12.62 -24.99 -25.40
CA THR GA 54 11.75 -25.30 -26.53
C THR GA 54 10.60 -24.32 -26.60
N ASP GA 55 10.00 -24.20 -27.79
CA ASP GA 55 8.91 -23.27 -27.98
C ASP GA 55 7.68 -23.70 -27.17
N PRO GA 56 6.83 -22.75 -26.78
CA PRO GA 56 5.66 -23.11 -25.95
C PRO GA 56 4.71 -24.07 -26.63
N ALA GA 57 4.71 -24.14 -27.97
CA ALA GA 57 3.82 -25.07 -28.65
C ALA GA 57 4.18 -26.52 -28.34
N THR GA 58 5.47 -26.79 -28.13
CA THR GA 58 5.90 -28.15 -27.83
C THR GA 58 5.53 -28.56 -26.41
N MET GA 59 5.66 -27.63 -25.46
CA MET GA 59 5.41 -27.97 -24.06
C MET GA 59 3.97 -28.36 -23.82
N VAL GA 60 3.03 -27.61 -24.40
CA VAL GA 60 1.61 -27.93 -24.22
C VAL GA 60 1.27 -29.26 -24.88
N ASN GA 61 2.03 -29.67 -25.89
CA ASN GA 61 1.84 -30.99 -26.47
C ASN GA 61 2.29 -32.09 -25.51
N ASN GA 62 3.36 -31.82 -24.75
CA ASN GA 62 3.86 -32.81 -23.80
C ASN GA 62 2.86 -33.07 -22.69
N ILE GA 63 2.16 -32.02 -22.23
CA ILE GA 63 1.14 -32.20 -21.20
C ILE GA 63 0.00 -33.05 -21.73
N CYS GA 64 -0.43 -32.79 -22.96
CA CYS GA 64 -1.53 -33.56 -23.55
C CYS GA 64 -1.15 -35.02 -23.72
N THR GA 65 0.08 -35.29 -24.18
CA THR GA 65 0.54 -36.66 -24.35
C THR GA 65 0.62 -37.38 -23.00
N PHE GA 66 1.13 -36.69 -21.97
CA PHE GA 66 1.26 -37.31 -20.65
C PHE GA 66 -0.11 -37.61 -20.05
N ILE GA 67 -1.06 -36.66 -20.16
CA ILE GA 67 -2.37 -36.86 -19.56
C ILE GA 67 -3.11 -38.01 -20.25
N LEU GA 68 -3.07 -38.04 -21.58
CA LEU GA 68 -3.77 -39.06 -22.35
C LEU GA 68 -2.92 -40.30 -22.59
N GLY GA 69 -1.86 -40.50 -21.81
CA GLY GA 69 -1.01 -41.66 -21.95
C GLY GA 69 -1.34 -42.73 -20.93
N PRO GA 70 -0.34 -43.46 -20.47
CA PRO GA 70 -0.58 -44.48 -19.44
C PRO GA 70 -1.13 -43.92 -18.15
N PHE GA 71 -0.80 -42.67 -17.81
CA PHE GA 71 -1.34 -42.07 -16.59
C PHE GA 71 -2.85 -41.90 -16.68
N GLY GA 72 -3.35 -41.47 -17.83
CA GLY GA 72 -4.79 -41.29 -17.98
C GLY GA 72 -5.56 -42.59 -17.95
N GLN GA 73 -5.00 -43.65 -18.54
CA GLN GA 73 -5.69 -44.93 -18.55
C GLN GA 73 -5.86 -45.48 -17.15
N SER GA 74 -4.87 -45.29 -16.27
CA SER GA 74 -5.00 -45.75 -14.89
C SER GA 74 -5.93 -44.85 -14.09
N LEU GA 75 -6.16 -43.62 -14.55
CA LEU GA 75 -7.18 -42.79 -13.92
C LEU GA 75 -8.58 -43.27 -14.24
N ALA GA 76 -8.76 -43.88 -15.42
CA ALA GA 76 -10.08 -44.37 -15.80
C ALA GA 76 -10.54 -45.50 -14.88
N VAL GA 77 -9.63 -46.42 -14.56
CA VAL GA 77 -10.02 -47.56 -13.72
C VAL GA 77 -10.32 -47.11 -12.30
N LEU GA 78 -9.67 -46.03 -11.83
CA LEU GA 78 -9.97 -45.51 -10.50
C LEU GA 78 -11.36 -44.89 -10.45
N GLY GA 79 -11.77 -44.23 -11.53
CA GLY GA 79 -13.11 -43.68 -11.57
C GLY GA 79 -14.18 -44.74 -11.61
N ILE GA 80 -13.92 -45.84 -12.33
CA ILE GA 80 -14.88 -46.93 -12.38
C ILE GA 80 -14.98 -47.63 -11.03
N VAL GA 81 -13.86 -47.77 -10.32
CA VAL GA 81 -13.87 -48.39 -9.00
C VAL GA 81 -14.76 -47.61 -8.05
N ALA GA 82 -14.72 -46.27 -8.14
CA ALA GA 82 -15.53 -45.44 -7.25
C ALA GA 82 -17.02 -45.66 -7.48
N ILE GA 83 -17.41 -46.09 -8.68
CA ILE GA 83 -18.82 -46.40 -8.92
C ILE GA 83 -19.23 -47.64 -8.14
N GLY GA 84 -18.42 -48.70 -8.21
CA GLY GA 84 -18.75 -49.93 -7.50
C GLY GA 84 -18.75 -49.75 -5.99
N ILE GA 85 -17.80 -48.98 -5.47
CA ILE GA 85 -17.75 -48.73 -4.04
C ILE GA 85 -18.96 -47.90 -3.60
N SER GA 86 -19.42 -46.98 -4.45
CA SER GA 86 -20.53 -46.12 -4.08
C SER GA 86 -21.88 -46.84 -4.14
N TRP GA 87 -22.06 -47.76 -5.10
CA TRP GA 87 -23.34 -48.46 -5.19
C TRP GA 87 -23.63 -49.28 -3.93
N MET GA 88 -22.63 -50.02 -3.44
CA MET GA 88 -22.74 -50.63 -2.14
C MET GA 88 -22.43 -49.58 -1.06
N PHE GA 89 -22.87 -49.88 0.17
CA PHE GA 89 -22.80 -48.92 1.27
C PHE GA 89 -23.50 -47.60 0.90
N GLY GA 90 -24.58 -47.69 0.14
CA GLY GA 90 -25.27 -46.49 -0.31
C GLY GA 90 -26.44 -46.77 -1.24
N ARG GA 91 -26.61 -45.93 -2.24
CA ARG GA 91 -27.73 -46.02 -3.17
C ARG GA 91 -27.22 -46.11 -4.60
N ALA GA 92 -27.92 -46.89 -5.41
CA ALA GA 92 -27.57 -47.08 -6.82
C ALA GA 92 -28.54 -46.30 -7.70
N SER GA 93 -27.99 -45.54 -8.63
CA SER GA 93 -28.80 -44.71 -9.52
C SER GA 93 -28.14 -44.62 -10.89
N LEU GA 94 -28.96 -44.34 -11.90
CA LEU GA 94 -28.45 -44.21 -13.26
C LEU GA 94 -27.69 -42.91 -13.46
N GLY GA 95 -28.01 -41.87 -12.68
CA GLY GA 95 -27.33 -40.60 -12.84
C GLY GA 95 -25.86 -40.68 -12.47
N LEU GA 96 -25.54 -41.44 -11.42
CA LEU GA 96 -24.15 -41.52 -10.95
C LEU GA 96 -23.27 -42.24 -11.97
N VAL GA 97 -23.74 -43.36 -12.50
CA VAL GA 97 -22.94 -44.12 -13.45
C VAL GA 97 -22.81 -43.37 -14.77
N ALA GA 98 -23.87 -42.67 -15.19
CA ALA GA 98 -23.83 -41.93 -16.44
C ALA GA 98 -22.83 -40.77 -16.37
N GLY GA 99 -22.76 -40.10 -15.22
CA GLY GA 99 -21.85 -38.97 -15.09
C GLY GA 99 -20.39 -39.38 -15.18
N VAL GA 100 -20.02 -40.46 -14.50
CA VAL GA 100 -18.63 -40.90 -14.50
C VAL GA 100 -18.22 -41.43 -15.86
N VAL GA 101 -19.07 -42.26 -16.47
CA VAL GA 101 -18.76 -42.81 -17.80
C VAL GA 101 -18.74 -41.70 -18.83
N GLY GA 102 -19.64 -40.72 -18.72
CA GLY GA 102 -19.60 -39.58 -19.61
C GLY GA 102 -18.32 -38.77 -19.45
N GLY GA 103 -17.79 -38.72 -18.22
CA GLY GA 103 -16.54 -38.00 -18.00
C GLY GA 103 -15.36 -38.61 -18.72
N ILE GA 104 -15.29 -39.95 -18.74
CA ILE GA 104 -14.19 -40.62 -19.44
C ILE GA 104 -14.30 -40.38 -20.93
N VAL GA 105 -15.53 -40.36 -21.46
CA VAL GA 105 -15.72 -40.10 -22.89
C VAL GA 105 -15.24 -38.71 -23.26
N ILE GA 106 -15.53 -37.72 -22.42
CA ILE GA 106 -15.07 -36.36 -22.69
C ILE GA 106 -13.56 -36.25 -22.49
N MET GA 107 -13.04 -36.84 -21.41
CA MET GA 107 -11.61 -36.72 -21.12
C MET GA 107 -10.77 -37.36 -22.21
N PHE GA 108 -10.91 -38.67 -22.40
CA PHE GA 108 -10.20 -39.35 -23.48
C PHE GA 108 -10.79 -38.94 -24.82
N GLY GA 109 -9.91 -38.77 -25.81
CA GLY GA 109 -10.37 -38.31 -27.10
C GLY GA 109 -10.81 -36.86 -27.14
N ALA GA 110 -10.31 -36.05 -26.20
CA ALA GA 110 -10.66 -34.62 -26.21
C ALA GA 110 -10.03 -33.90 -27.40
N SER GA 111 -8.99 -34.48 -27.99
CA SER GA 111 -8.39 -33.88 -29.18
C SER GA 111 -9.39 -33.86 -30.34
N PHE GA 112 -10.15 -34.95 -30.50
CA PHE GA 112 -11.16 -34.97 -31.56
C PHE GA 112 -12.25 -33.96 -31.30
N LEU GA 113 -12.67 -33.79 -30.04
CA LEU GA 113 -13.67 -32.79 -29.72
C LEU GA 113 -13.15 -31.38 -29.99
N GLY GA 114 -11.89 -31.13 -29.65
CA GLY GA 114 -11.32 -29.81 -29.91
C GLY GA 114 -11.23 -29.49 -31.39
N LYS GA 115 -10.83 -30.48 -32.20
CA LYS GA 115 -10.73 -30.26 -33.63
C LYS GA 115 -12.09 -30.00 -34.25
N THR GA 116 -13.11 -30.76 -33.83
CA THR GA 116 -14.45 -30.58 -34.39
C THR GA 116 -15.01 -29.21 -34.03
N LEU GA 117 -14.84 -28.79 -32.77
CA LEU GA 117 -15.37 -27.51 -32.33
C LEU GA 117 -14.66 -26.35 -33.02
N THR GA 118 -13.33 -26.38 -33.03
CA THR GA 118 -12.57 -25.31 -33.68
C THR GA 118 -12.83 -25.28 -35.18
N GLY GA 119 -12.88 -26.46 -35.81
CA GLY GA 119 -13.10 -26.55 -37.24
C GLY GA 119 -11.86 -26.79 -38.07
N GLY GA 120 -10.71 -27.04 -37.44
CA GLY GA 120 -9.49 -27.29 -38.18
C GLY GA 120 -8.39 -27.71 -37.24
N GLY GA 121 -7.28 -28.15 -37.84
CA GLY GA 121 -6.13 -28.59 -37.08
C GLY GA 121 -5.55 -29.90 -37.58
N GLY HA 52 14.19 1.99 -36.70
CA GLY HA 52 14.43 1.05 -35.61
C GLY HA 52 13.56 -0.19 -35.69
N GLY HA 53 12.85 -0.47 -34.61
CA GLY HA 53 11.98 -1.63 -34.58
C GLY HA 53 10.70 -1.42 -35.36
N THR HA 54 9.93 -2.49 -35.50
CA THR HA 54 8.68 -2.42 -36.24
C THR HA 54 7.66 -1.60 -35.49
N ASP HA 55 6.66 -1.10 -36.22
CA ASP HA 55 5.64 -0.26 -35.61
C ASP HA 55 4.79 -1.07 -34.64
N PRO HA 56 4.22 -0.42 -33.61
CA PRO HA 56 3.45 -1.16 -32.62
C PRO HA 56 2.24 -1.88 -33.19
N ALA HA 57 1.72 -1.44 -34.34
CA ALA HA 57 0.58 -2.12 -34.94
C ALA HA 57 0.94 -3.53 -35.36
N THR HA 58 2.18 -3.76 -35.78
CA THR HA 58 2.59 -5.09 -36.22
C THR HA 58 2.78 -6.03 -35.03
N MET HA 59 3.32 -5.53 -33.93
CA MET HA 59 3.61 -6.38 -32.77
C MET HA 59 2.34 -6.97 -32.17
N VAL HA 60 1.29 -6.14 -32.02
CA VAL HA 60 0.05 -6.63 -31.46
C VAL HA 60 -0.63 -7.63 -32.39
N ASN HA 61 -0.33 -7.55 -33.70
CA ASN HA 61 -0.83 -8.58 -34.62
C ASN HA 61 -0.10 -9.91 -34.39
N ASN HA 62 1.19 -9.86 -34.06
CA ASN HA 62 1.94 -11.09 -33.83
C ASN HA 62 1.43 -11.82 -32.60
N ILE HA 63 1.03 -11.10 -31.55
CA ILE HA 63 0.48 -11.74 -30.37
C ILE HA 63 -0.84 -12.44 -30.71
N CYS HA 64 -1.69 -11.76 -31.49
CA CYS HA 64 -2.98 -12.35 -31.86
C CYS HA 64 -2.79 -13.59 -32.71
N THR HA 65 -1.85 -13.55 -33.66
CA THR HA 65 -1.60 -14.72 -34.49
C THR HA 65 -1.04 -15.87 -33.67
N PHE HA 66 -0.13 -15.59 -32.73
CA PHE HA 66 0.45 -16.64 -31.90
C PHE HA 66 -0.61 -17.27 -30.99
N ILE HA 67 -1.45 -16.44 -30.36
CA ILE HA 67 -2.45 -16.97 -29.44
C ILE HA 67 -3.47 -17.82 -30.17
N LEU HA 68 -3.95 -17.35 -31.32
CA LEU HA 68 -4.96 -18.07 -32.10
C LEU HA 68 -4.35 -19.05 -33.09
N GLY HA 69 -3.09 -19.42 -32.91
CA GLY HA 69 -2.44 -20.37 -33.79
C GLY HA 69 -2.44 -21.77 -33.21
N PRO HA 70 -1.38 -22.53 -33.50
CA PRO HA 70 -1.27 -23.88 -32.93
C PRO HA 70 -1.26 -23.90 -31.41
N PHE HA 71 -0.73 -22.85 -30.77
CA PHE HA 71 -0.72 -22.79 -29.31
C PHE HA 71 -2.13 -22.74 -28.75
N GLY HA 72 -3.01 -21.95 -29.38
CA GLY HA 72 -4.38 -21.86 -28.88
C GLY HA 72 -5.17 -23.14 -29.05
N GLN HA 73 -4.95 -23.84 -30.17
CA GLN HA 73 -5.67 -25.08 -30.41
C GLN HA 73 -5.33 -26.14 -29.37
N SER HA 74 -4.07 -26.21 -28.94
CA SER HA 74 -3.69 -27.16 -27.90
C SER HA 74 -4.18 -26.71 -26.53
N LEU HA 75 -4.49 -25.43 -26.37
CA LEU HA 75 -5.12 -24.99 -25.13
C LEU HA 75 -6.57 -25.44 -25.05
N ALA HA 76 -7.23 -25.57 -26.20
CA ALA HA 76 -8.63 -25.99 -26.22
C ALA HA 76 -8.77 -27.42 -25.70
N VAL HA 77 -7.88 -28.31 -26.12
CA VAL HA 77 -7.99 -29.71 -25.70
C VAL HA 77 -7.68 -29.86 -24.22
N LEU HA 78 -6.84 -28.99 -23.67
CA LEU HA 78 -6.57 -29.05 -22.23
C LEU HA 78 -7.79 -28.61 -21.43
N GLY HA 79 -8.53 -27.63 -21.92
CA GLY HA 79 -9.75 -27.21 -21.24
C GLY HA 79 -10.82 -28.28 -21.27
N ILE HA 80 -10.93 -29.00 -22.39
CA ILE HA 80 -11.91 -30.07 -22.49
C ILE HA 80 -11.53 -31.24 -21.58
N VAL HA 81 -10.24 -31.52 -21.46
CA VAL HA 81 -9.78 -32.60 -20.59
C VAL HA 81 -10.19 -32.31 -19.14
N ALA HA 82 -10.09 -31.05 -18.72
CA ALA HA 82 -10.44 -30.69 -17.35
C ALA HA 82 -11.91 -30.94 -17.06
N ILE HA 83 -12.77 -30.92 -18.09
CA ILE HA 83 -14.18 -31.24 -17.88
C ILE HA 83 -14.34 -32.71 -17.54
N GLY HA 84 -13.68 -33.59 -18.31
CA GLY HA 84 -13.82 -35.02 -18.04
C GLY HA 84 -13.22 -35.42 -16.71
N ILE HA 85 -12.09 -34.82 -16.34
CA ILE HA 85 -11.48 -35.13 -15.05
C ILE HA 85 -12.37 -34.65 -13.91
N SER HA 86 -13.05 -33.51 -14.11
CA SER HA 86 -13.88 -32.96 -13.05
C SER HA 86 -15.19 -33.72 -12.87
N TRP HA 87 -15.79 -34.23 -13.94
CA TRP HA 87 -17.05 -34.95 -13.80
C TRP HA 87 -16.88 -36.20 -12.95
N MET HA 88 -15.84 -36.97 -13.19
CA MET HA 88 -15.48 -38.05 -12.28
C MET HA 88 -14.70 -37.47 -11.10
N PHE HA 89 -14.65 -38.24 -10.01
CA PHE HA 89 -14.11 -37.76 -8.74
C PHE HA 89 -14.79 -36.47 -8.29
N GLY HA 90 -16.10 -36.36 -8.55
CA GLY HA 90 -16.81 -35.15 -8.21
C GLY HA 90 -18.27 -35.16 -8.65
N ARG HA 91 -18.76 -34.02 -9.11
CA ARG HA 91 -20.15 -33.85 -9.50
C ARG HA 91 -20.23 -33.35 -10.93
N ALA HA 92 -21.25 -33.83 -11.66
CA ALA HA 92 -21.48 -33.44 -13.05
C ALA HA 92 -22.64 -32.47 -13.12
N SER HA 93 -22.45 -31.36 -13.83
CA SER HA 93 -23.48 -30.34 -13.95
C SER HA 93 -23.39 -29.69 -15.32
N LEU HA 94 -24.51 -29.11 -15.75
CA LEU HA 94 -24.56 -28.44 -17.05
C LEU HA 94 -23.85 -27.09 -17.00
N GLY HA 95 -23.78 -26.46 -15.82
CA GLY HA 95 -23.11 -25.17 -15.73
C GLY HA 95 -21.62 -25.25 -16.01
N LEU HA 96 -20.97 -26.31 -15.54
CA LEU HA 96 -19.53 -26.45 -15.70
C LEU HA 96 -19.16 -26.64 -17.16
N VAL HA 97 -19.87 -27.53 -17.87
CA VAL HA 97 -19.55 -27.79 -19.27
C VAL HA 97 -19.88 -26.58 -20.14
N ALA HA 98 -20.97 -25.88 -19.82
CA ALA HA 98 -21.37 -24.72 -20.61
C ALA HA 98 -20.34 -23.59 -20.48
N GLY HA 99 -19.79 -23.40 -19.28
CA GLY HA 99 -18.82 -22.33 -19.09
C GLY HA 99 -17.55 -22.54 -19.87
N VAL HA 100 -17.01 -23.77 -19.85
CA VAL HA 100 -15.76 -24.04 -20.54
C VAL HA 100 -15.94 -23.99 -22.06
N VAL HA 101 -17.02 -24.59 -22.56
CA VAL HA 101 -17.27 -24.57 -24.00
C VAL HA 101 -17.57 -23.15 -24.47
N GLY HA 102 -18.29 -22.38 -23.65
CA GLY HA 102 -18.52 -20.99 -23.98
C GLY HA 102 -17.23 -20.18 -24.02
N GLY HA 103 -16.27 -20.55 -23.17
CA GLY HA 103 -14.98 -19.86 -23.18
C GLY HA 103 -14.21 -20.05 -24.47
N ILE HA 104 -14.24 -21.27 -25.02
CA ILE HA 104 -13.55 -21.53 -26.28
C ILE HA 104 -14.20 -20.75 -27.41
N VAL HA 105 -15.54 -20.63 -27.39
CA VAL HA 105 -16.25 -19.88 -28.41
C VAL HA 105 -15.84 -18.41 -28.38
N ILE HA 106 -15.72 -17.84 -27.17
CA ILE HA 106 -15.31 -16.45 -27.06
C ILE HA 106 -13.83 -16.29 -27.43
N MET HA 107 -12.98 -17.19 -26.94
CA MET HA 107 -11.54 -17.07 -27.19
C MET HA 107 -11.23 -17.17 -28.68
N PHE HA 108 -11.52 -18.32 -29.29
CA PHE HA 108 -11.33 -18.47 -30.72
C PHE HA 108 -12.36 -17.64 -31.48
N GLY HA 109 -11.92 -17.03 -32.57
CA GLY HA 109 -12.81 -16.16 -33.32
C GLY HA 109 -13.12 -14.86 -32.62
N ALA HA 110 -12.26 -14.41 -31.71
CA ALA HA 110 -12.46 -13.13 -31.04
C ALA HA 110 -12.31 -11.96 -32.00
N SER HA 111 -11.61 -12.18 -33.12
CA SER HA 111 -11.48 -11.11 -34.12
C SER HA 111 -12.83 -10.75 -34.71
N PHE HA 112 -13.67 -11.75 -34.97
CA PHE HA 112 -15.01 -11.47 -35.50
C PHE HA 112 -15.86 -10.73 -34.48
N LEU HA 113 -15.74 -11.09 -33.19
CA LEU HA 113 -16.47 -10.38 -32.15
C LEU HA 113 -16.00 -8.93 -32.04
N GLY HA 114 -14.69 -8.71 -32.14
CA GLY HA 114 -14.18 -7.36 -32.07
C GLY HA 114 -14.63 -6.49 -33.23
N LYS HA 115 -14.64 -7.06 -34.44
CA LYS HA 115 -15.09 -6.31 -35.60
C LYS HA 115 -16.57 -5.95 -35.51
N THR HA 116 -17.39 -6.91 -35.06
CA THR HA 116 -18.83 -6.64 -34.95
C THR HA 116 -19.12 -5.57 -33.91
N LEU HA 117 -18.45 -5.65 -32.75
CA LEU HA 117 -18.68 -4.67 -31.70
C LEU HA 117 -18.21 -3.29 -32.10
N THR HA 118 -16.98 -3.18 -32.63
CA THR HA 118 -16.47 -1.89 -33.05
C THR HA 118 -17.28 -1.32 -34.21
N GLY HA 119 -17.65 -2.17 -35.16
CA GLY HA 119 -18.39 -1.74 -36.33
C GLY HA 119 -17.59 -1.55 -37.59
N GLY HA 120 -16.31 -1.89 -37.58
CA GLY HA 120 -15.49 -1.74 -38.77
C GLY HA 120 -14.14 -2.39 -38.56
N GLY HA 121 -13.38 -2.46 -39.65
CA GLY HA 121 -12.06 -3.06 -39.61
C GLY HA 121 -11.80 -4.01 -40.75
N GLY IA 52 8.93 26.77 -35.31
CA GLY IA 52 9.49 25.52 -34.84
C GLY IA 52 8.59 24.32 -35.05
N GLY IA 53 8.33 23.58 -33.98
CA GLY IA 53 7.46 22.43 -34.06
C GLY IA 53 5.99 22.82 -34.16
N THR IA 54 5.16 21.81 -34.40
CA THR IA 54 3.74 22.04 -34.53
C THR IA 54 3.13 22.43 -33.17
N ASP IA 55 1.97 23.07 -33.23
CA ASP IA 55 1.32 23.53 -32.02
C ASP IA 55 0.85 22.33 -31.18
N PRO IA 56 0.76 22.50 -29.85
CA PRO IA 56 0.38 21.36 -28.99
C PRO IA 56 -1.00 20.81 -29.29
N ALA IA 57 -1.88 21.60 -29.90
CA ALA IA 57 -3.22 21.11 -30.24
C ALA IA 57 -3.15 20.00 -31.27
N THR IA 58 -2.17 20.06 -32.17
CA THR IA 58 -2.05 19.04 -33.20
C THR IA 58 -1.49 17.73 -32.64
N MET IA 59 -0.53 17.83 -31.72
CA MET IA 59 0.12 16.63 -31.19
C MET IA 59 -0.87 15.76 -30.42
N VAL IA 60 -1.71 16.37 -29.59
CA VAL IA 60 -2.68 15.59 -28.82
C VAL IA 60 -3.72 14.96 -29.74
N ASN IA 61 -3.95 15.54 -30.92
CA ASN IA 61 -4.82 14.91 -31.90
C ASN IA 61 -4.17 13.67 -32.48
N ASN IA 62 -2.85 13.70 -32.69
CA ASN IA 62 -2.15 12.55 -33.24
C ASN IA 62 -2.21 11.35 -32.30
N ILE IA 63 -2.12 11.60 -30.99
CA ILE IA 63 -2.21 10.51 -30.02
C ILE IA 63 -3.61 9.88 -30.07
N CYS IA 64 -4.64 10.72 -30.15
CA CYS IA 64 -6.01 10.20 -30.20
C CYS IA 64 -6.25 9.39 -31.46
N THR IA 65 -5.74 9.88 -32.60
CA THR IA 65 -5.90 9.13 -33.84
C THR IA 65 -5.17 7.80 -33.80
N PHE IA 66 -3.95 7.80 -33.25
CA PHE IA 66 -3.17 6.56 -33.17
C PHE IA 66 -3.82 5.55 -32.25
N ILE IA 67 -4.31 6.00 -31.08
CA ILE IA 67 -4.91 5.08 -30.13
C ILE IA 67 -6.19 4.48 -30.68
N LEU IA 68 -7.04 5.30 -31.29
CA LEU IA 68 -8.31 4.85 -31.84
C LEU IA 68 -8.21 4.38 -33.28
N GLY IA 69 -7.00 4.07 -33.75
CA GLY IA 69 -6.80 3.59 -35.09
C GLY IA 69 -6.67 2.08 -35.14
N PRO IA 70 -5.86 1.59 -36.09
CA PRO IA 70 -5.64 0.13 -36.15
C PRO IA 70 -5.04 -0.46 -34.89
N PHE IA 71 -4.24 0.32 -34.15
CA PHE IA 71 -3.67 -0.19 -32.90
C PHE IA 71 -4.75 -0.48 -31.87
N GLY IA 72 -5.74 0.41 -31.75
CA GLY IA 72 -6.81 0.19 -30.79
C GLY IA 72 -7.69 -1.00 -31.13
N GLN IA 73 -7.96 -1.20 -32.42
CA GLN IA 73 -8.80 -2.33 -32.82
C GLN IA 73 -8.17 -3.66 -32.48
N SER IA 74 -6.84 -3.77 -32.62
CA SER IA 74 -6.16 -5.01 -32.25
C SER IA 74 -6.05 -5.16 -30.74
N LEU IA 75 -6.19 -4.06 -30.00
CA LEU IA 75 -6.26 -4.17 -28.54
C LEU IA 75 -7.60 -4.75 -28.10
N ALA IA 76 -8.66 -4.50 -28.87
CA ALA IA 76 -9.98 -5.01 -28.52
C ALA IA 76 -10.02 -6.53 -28.57
N VAL IA 77 -9.42 -7.11 -29.61
CA VAL IA 77 -9.46 -8.57 -29.74
C VAL IA 77 -8.62 -9.24 -28.66
N LEU IA 78 -7.56 -8.58 -28.19
CA LEU IA 78 -6.77 -9.14 -27.10
C LEU IA 78 -7.55 -9.16 -25.79
N GLY IA 79 -8.36 -8.12 -25.56
CA GLY IA 79 -9.19 -8.11 -24.36
C GLY IA 79 -10.27 -9.19 -24.39
N ILE IA 80 -10.84 -9.43 -25.57
CA ILE IA 80 -11.86 -10.47 -25.69
C ILE IA 80 -11.25 -11.85 -25.51
N VAL IA 81 -10.02 -12.04 -26.01
CA VAL IA 81 -9.34 -13.33 -25.85
C VAL IA 81 -9.14 -13.65 -24.38
N ALA IA 82 -8.80 -12.63 -23.57
CA ALA IA 82 -8.58 -12.85 -22.16
C ALA IA 82 -9.84 -13.32 -21.45
N ILE IA 83 -11.02 -12.99 -21.98
CA ILE IA 83 -12.26 -13.48 -21.39
C ILE IA 83 -12.39 -14.98 -21.60
N GLY IA 84 -12.13 -15.45 -22.83
CA GLY IA 84 -12.24 -16.87 -23.10
C GLY IA 84 -11.22 -17.70 -22.37
N ILE IA 85 -10.00 -17.18 -22.25
CA ILE IA 85 -8.96 -17.90 -21.52
C ILE IA 85 -9.30 -17.97 -20.04
N SER IA 86 -9.93 -16.91 -19.51
CA SER IA 86 -10.25 -16.87 -18.09
C SER IA 86 -11.44 -17.76 -17.72
N TRP IA 87 -12.44 -17.87 -18.61
CA TRP IA 87 -13.59 -18.70 -18.29
C TRP IA 87 -13.20 -20.16 -18.11
N MET IA 88 -12.38 -20.69 -19.00
CA MET IA 88 -11.77 -21.99 -18.78
C MET IA 88 -10.57 -21.84 -17.85
N PHE IA 89 -10.15 -22.95 -17.25
CA PHE IA 89 -9.13 -22.94 -16.20
C PHE IA 89 -9.51 -21.99 -15.07
N GLY IA 90 -10.80 -21.89 -14.76
CA GLY IA 90 -11.25 -20.97 -13.74
C GLY IA 90 -12.75 -20.95 -13.56
N ARG IA 91 -13.31 -19.76 -13.33
CA ARG IA 91 -14.73 -19.59 -13.05
C ARG IA 91 -15.32 -18.60 -14.05
N ALA IA 92 -16.57 -18.84 -14.45
CA ALA IA 92 -17.27 -17.99 -15.39
C ALA IA 92 -18.32 -17.17 -14.64
N SER IA 93 -18.34 -15.86 -14.88
CA SER IA 93 -19.26 -14.97 -14.20
C SER IA 93 -19.66 -13.84 -15.15
N LEU IA 94 -20.82 -13.24 -14.87
CA LEU IA 94 -21.31 -12.14 -15.68
C LEU IA 94 -20.55 -10.85 -15.40
N GLY IA 95 -19.98 -10.71 -14.20
CA GLY IA 95 -19.25 -9.49 -13.88
C GLY IA 95 -17.99 -9.33 -14.70
N LEU IA 96 -17.29 -10.44 -14.96
CA LEU IA 96 -16.04 -10.37 -15.69
C LEU IA 96 -16.27 -9.96 -17.14
N VAL IA 97 -17.25 -10.57 -17.80
CA VAL IA 97 -17.51 -10.26 -19.21
C VAL IA 97 -18.06 -8.85 -19.35
N ALA IA 98 -18.90 -8.42 -18.40
CA ALA IA 98 -19.48 -7.08 -18.48
C ALA IA 98 -18.41 -6.00 -18.33
N GLY IA 99 -17.43 -6.23 -17.45
CA GLY IA 99 -16.39 -5.24 -17.24
C GLY IA 99 -15.52 -5.01 -18.46
N VAL IA 100 -15.12 -6.10 -19.13
CA VAL IA 100 -14.25 -5.98 -20.29
C VAL IA 100 -15.00 -5.37 -21.47
N VAL IA 101 -16.22 -5.84 -21.72
CA VAL IA 101 -17.00 -5.30 -22.83
C VAL IA 101 -17.36 -3.84 -22.56
N GLY IA 102 -17.65 -3.50 -21.31
CA GLY IA 102 -17.90 -2.11 -20.97
C GLY IA 102 -16.67 -1.24 -21.18
N GLY IA 103 -15.48 -1.82 -20.97
CA GLY IA 103 -14.25 -1.07 -21.20
C GLY IA 103 -14.06 -0.68 -22.66
N ILE IA 104 -14.37 -1.60 -23.57
CA ILE IA 104 -14.24 -1.31 -25.00
C ILE IA 104 -15.22 -0.21 -25.40
N VAL IA 105 -16.43 -0.24 -24.84
CA VAL IA 105 -17.43 0.78 -25.15
C VAL IA 105 -16.94 2.16 -24.71
N ILE IA 106 -16.32 2.24 -23.52
CA ILE IA 106 -15.81 3.52 -23.05
C ILE IA 106 -14.58 3.93 -23.85
N MET IA 107 -13.67 3.00 -24.12
CA MET IA 107 -12.43 3.33 -24.82
C MET IA 107 -12.72 3.83 -26.23
N PHE IA 108 -13.30 2.97 -27.07
CA PHE IA 108 -13.68 3.39 -28.40
C PHE IA 108 -14.86 4.35 -28.34
N GLY IA 109 -14.84 5.36 -29.20
CA GLY IA 109 -15.88 6.36 -29.15
C GLY IA 109 -15.82 7.28 -27.95
N ALA IA 110 -14.64 7.42 -27.35
CA ALA IA 110 -14.50 8.33 -26.21
C ALA IA 110 -14.63 9.79 -26.64
N SER IA 111 -14.43 10.08 -27.93
CA SER IA 111 -14.62 11.43 -28.41
C SER IA 111 -16.07 11.87 -28.26
N PHE IA 112 -17.02 10.98 -28.55
CA PHE IA 112 -18.42 11.31 -28.37
C PHE IA 112 -18.76 11.54 -26.90
N LEU IA 113 -18.19 10.72 -26.01
CA LEU IA 113 -18.42 10.93 -24.58
C LEU IA 113 -17.84 12.26 -24.11
N GLY IA 114 -16.65 12.62 -24.60
CA GLY IA 114 -16.07 13.90 -24.22
C GLY IA 114 -16.87 15.08 -24.71
N LYS IA 115 -17.38 15.01 -25.93
CA LYS IA 115 -18.19 16.11 -26.46
C LYS IA 115 -19.49 16.26 -25.67
N THR IA 116 -20.14 15.15 -25.35
CA THR IA 116 -21.40 15.22 -24.61
C THR IA 116 -21.20 15.78 -23.22
N LEU IA 117 -20.14 15.35 -22.53
CA LEU IA 117 -19.88 15.82 -21.17
C LEU IA 117 -19.51 17.29 -21.16
N THR IA 118 -18.59 17.70 -22.03
CA THR IA 118 -18.17 19.10 -22.09
C THR IA 118 -19.32 19.98 -22.55
N GLY IA 119 -20.09 19.53 -23.54
CA GLY IA 119 -21.20 20.30 -24.06
C GLY IA 119 -20.93 21.03 -25.36
N GLY IA 120 -19.77 20.82 -25.98
CA GLY IA 120 -19.46 21.48 -27.23
C GLY IA 120 -18.18 20.92 -27.81
N GLY IA 121 -17.90 21.34 -29.04
CA GLY IA 121 -16.71 20.89 -29.73
C GLY IA 121 -16.98 20.46 -31.16
N GLY JA 52 6.33 48.58 -22.60
CA GLY JA 52 6.94 47.30 -22.90
C GLY JA 52 5.93 46.21 -23.19
N GLY JA 53 6.06 45.10 -22.47
CA GLY JA 53 5.15 43.98 -22.65
C GLY JA 53 3.78 44.25 -22.03
N THR JA 54 2.86 43.34 -22.31
CA THR JA 54 1.51 43.47 -21.79
C THR JA 54 1.49 43.25 -20.28
N ASP JA 55 0.45 43.77 -19.63
CA ASP JA 55 0.34 43.67 -18.19
C ASP JA 55 0.16 42.22 -17.77
N PRO JA 56 0.59 41.86 -16.55
CA PRO JA 56 0.49 40.46 -16.12
C PRO JA 56 -0.94 39.93 -16.07
N ALA JA 57 -1.93 40.82 -15.94
CA ALA JA 57 -3.32 40.37 -15.90
C ALA JA 57 -3.73 39.74 -17.22
N THR JA 58 -3.17 40.23 -18.34
CA THR JA 58 -3.52 39.68 -19.64
C THR JA 58 -2.88 38.33 -19.88
N MET JA 59 -1.64 38.15 -19.43
CA MET JA 59 -0.92 36.90 -19.68
C MET JA 59 -1.59 35.72 -18.99
N VAL JA 60 -2.01 35.89 -17.73
CA VAL JA 60 -2.66 34.80 -17.03
C VAL JA 60 -4.02 34.47 -17.65
N ASN JA 61 -4.64 35.45 -18.33
CA ASN JA 61 -5.85 35.14 -19.08
C ASN JA 61 -5.57 34.28 -20.29
N ASN JA 62 -4.42 34.51 -20.95
CA ASN JA 62 -4.07 33.72 -22.13
C ASN JA 62 -3.84 32.25 -21.77
N ILE JA 63 -3.24 31.99 -20.60
CA ILE JA 63 -3.04 30.61 -20.17
C ILE JA 63 -4.38 29.94 -19.93
N CYS JA 64 -5.31 30.64 -19.27
CA CYS JA 64 -6.62 30.07 -19.00
C CYS JA 64 -7.38 29.77 -20.28
N THR JA 65 -7.32 30.69 -21.25
CA THR JA 65 -7.99 30.47 -22.53
C THR JA 65 -7.38 29.29 -23.28
N PHE JA 66 -6.05 29.19 -23.27
CA PHE JA 66 -5.39 28.09 -23.98
C PHE JA 66 -5.72 26.75 -23.34
N ILE JA 67 -5.68 26.68 -22.01
CA ILE JA 67 -5.93 25.41 -21.32
C ILE JA 67 -7.37 24.96 -21.53
N LEU JA 68 -8.33 25.87 -21.41
CA LEU JA 68 -9.74 25.55 -21.56
C LEU JA 68 -10.23 25.67 -23.00
N GLY JA 69 -9.31 25.67 -23.97
CA GLY JA 69 -9.68 25.76 -25.36
C GLY JA 69 -9.69 24.41 -26.03
N PRO JA 70 -9.32 24.37 -27.32
CA PRO JA 70 -9.24 23.07 -28.02
C PRO JA 70 -8.25 22.11 -27.40
N PHE JA 71 -7.17 22.61 -26.79
CA PHE JA 71 -6.20 21.73 -26.15
C PHE JA 71 -6.83 20.97 -24.98
N GLY JA 72 -7.64 21.65 -24.17
CA GLY JA 72 -8.27 20.99 -23.04
C GLY JA 72 -9.30 19.95 -23.45
N GLN JA 73 -10.05 20.23 -24.50
CA GLN JA 73 -11.06 19.28 -24.97
C GLN JA 73 -10.43 17.97 -25.43
N SER JA 74 -9.28 18.04 -26.09
CA SER JA 74 -8.59 16.82 -26.51
C SER JA 74 -7.92 16.12 -25.34
N LEU JA 75 -7.69 16.83 -24.23
CA LEU JA 75 -7.22 16.17 -23.02
C LEU JA 75 -8.31 15.35 -22.37
N ALA JA 76 -9.56 15.78 -22.51
CA ALA JA 76 -10.68 15.06 -21.91
C ALA JA 76 -10.84 13.67 -22.53
N VAL JA 77 -10.72 13.59 -23.86
CA VAL JA 77 -10.91 12.29 -24.52
C VAL JA 77 -9.77 11.34 -24.18
N LEU JA 78 -8.57 11.87 -23.91
CA LEU JA 78 -7.47 11.01 -23.52
C LEU JA 78 -7.68 10.42 -22.13
N GLY JA 79 -8.27 11.21 -21.23
CA GLY JA 79 -8.58 10.69 -19.90
C GLY JA 79 -9.65 9.63 -19.94
N ILE JA 80 -10.65 9.79 -20.80
CA ILE JA 80 -11.71 8.80 -20.92
C ILE JA 80 -11.16 7.51 -21.53
N VAL JA 81 -10.24 7.63 -22.49
CA VAL JA 81 -9.65 6.44 -23.11
C VAL JA 81 -8.91 5.61 -22.06
N ALA JA 82 -8.23 6.27 -21.12
CA ALA JA 82 -7.49 5.54 -20.09
C ALA JA 82 -8.42 4.74 -19.19
N ILE JA 83 -9.68 5.14 -19.07
CA ILE JA 83 -10.65 4.36 -18.31
C ILE JA 83 -10.94 3.03 -19.01
N GLY JA 84 -11.21 3.10 -20.32
CA GLY JA 84 -11.52 1.88 -21.06
C GLY JA 84 -10.35 0.93 -21.14
N ILE JA 85 -9.13 1.47 -21.30
CA ILE JA 85 -7.95 0.63 -21.36
C ILE JA 85 -7.70 -0.03 -20.00
N SER JA 86 -8.02 0.69 -18.91
CA SER JA 86 -7.76 0.16 -17.58
C SER JA 86 -8.78 -0.90 -17.16
N TRP JA 87 -10.04 -0.76 -17.57
CA TRP JA 87 -11.04 -1.75 -17.18
C TRP JA 87 -10.71 -3.13 -17.74
N MET JA 88 -10.33 -3.20 -19.01
CA MET JA 88 -9.77 -4.43 -19.55
C MET JA 88 -8.31 -4.54 -19.16
N PHE JA 89 -7.77 -5.75 -19.24
CA PHE JA 89 -6.42 -6.05 -18.74
C PHE JA 89 -6.28 -5.64 -17.28
N GLY JA 90 -7.34 -5.78 -16.49
CA GLY JA 90 -7.30 -5.37 -15.10
C GLY JA 90 -8.62 -5.54 -14.38
N ARG JA 91 -8.97 -4.58 -13.51
CA ARG JA 91 -10.16 -4.65 -12.69
C ARG JA 91 -11.01 -3.42 -12.91
N ALA JA 92 -12.32 -3.60 -12.88
CA ALA JA 92 -13.28 -2.52 -13.08
C ALA JA 92 -13.90 -2.15 -11.74
N SER JA 93 -13.92 -0.85 -11.44
CA SER JA 93 -14.44 -0.37 -10.17
C SER JA 93 -15.10 1.00 -10.38
N LEU JA 94 -16.02 1.33 -9.47
CA LEU JA 94 -16.70 2.62 -9.56
C LEU JA 94 -15.81 3.77 -9.11
N GLY JA 95 -14.82 3.49 -8.25
CA GLY JA 95 -13.94 4.55 -7.80
C GLY JA 95 -13.09 5.12 -8.91
N LEU JA 96 -12.61 4.26 -9.81
CA LEU JA 96 -11.73 4.73 -10.88
C LEU JA 96 -12.47 5.63 -11.86
N VAL JA 97 -13.67 5.23 -12.28
CA VAL JA 97 -14.42 6.03 -13.25
C VAL JA 97 -14.89 7.33 -12.61
N ALA JA 98 -15.26 7.29 -11.32
CA ALA JA 98 -15.74 8.49 -10.66
C ALA JA 98 -14.63 9.53 -10.52
N GLY JA 99 -13.40 9.08 -10.24
CA GLY JA 99 -12.30 10.01 -10.08
C GLY JA 99 -11.96 10.75 -11.36
N VAL JA 100 -11.91 10.03 -12.47
CA VAL JA 100 -11.53 10.67 -13.75
C VAL JA 100 -12.63 11.61 -14.22
N VAL JA 101 -13.89 11.17 -14.15
CA VAL JA 101 -15.00 12.01 -14.58
C VAL JA 101 -15.13 13.22 -13.66
N GLY JA 102 -14.90 13.03 -12.37
CA GLY JA 102 -14.90 14.17 -11.46
C GLY JA 102 -13.78 15.15 -11.76
N GLY JA 103 -12.66 14.65 -12.26
CA GLY JA 103 -11.56 15.54 -12.63
C GLY JA 103 -11.91 16.45 -13.78
N ILE JA 104 -12.62 15.93 -14.79
CA ILE JA 104 -13.01 16.75 -15.93
C ILE JA 104 -13.99 17.83 -15.47
N VAL JA 105 -14.89 17.49 -14.55
CA VAL JA 105 -15.86 18.46 -14.04
C VAL JA 105 -15.15 19.60 -13.32
N ILE JA 106 -14.13 19.27 -12.53
CA ILE JA 106 -13.38 20.31 -11.84
C ILE JA 106 -12.53 21.12 -12.81
N MET JA 107 -11.85 20.44 -13.74
CA MET JA 107 -10.97 21.12 -14.68
C MET JA 107 -11.74 22.08 -15.56
N PHE JA 108 -12.64 21.56 -16.39
CA PHE JA 108 -13.48 22.42 -17.20
C PHE JA 108 -14.47 23.18 -16.33
N GLY JA 109 -14.72 24.44 -16.68
CA GLY JA 109 -15.59 25.26 -15.86
C GLY JA 109 -15.01 25.64 -14.53
N ALA JA 110 -13.68 25.65 -14.40
CA ALA JA 110 -13.05 26.07 -13.15
C ALA JA 110 -13.24 27.55 -12.90
N SER JA 111 -13.53 28.33 -13.95
CA SER JA 111 -13.80 29.76 -13.77
C SER JA 111 -15.04 29.97 -12.92
N PHE JA 112 -16.09 29.17 -13.16
CA PHE JA 112 -17.29 29.28 -12.34
C PHE JA 112 -17.03 28.91 -10.88
N LEU JA 113 -16.21 27.88 -10.66
CA LEU JA 113 -15.86 27.49 -9.31
C LEU JA 113 -15.06 28.60 -8.61
N GLY JA 114 -14.13 29.22 -9.33
CA GLY JA 114 -13.35 30.30 -8.75
C GLY JA 114 -14.20 31.51 -8.39
N LYS JA 115 -15.15 31.87 -9.26
CA LYS JA 115 -16.02 33.00 -8.98
C LYS JA 115 -16.91 32.74 -7.77
N THR JA 116 -17.46 31.52 -7.67
CA THR JA 116 -18.34 31.19 -6.56
C THR JA 116 -17.57 31.21 -5.24
N LEU JA 117 -16.37 30.63 -5.23
CA LEU JA 117 -15.58 30.57 -4.00
C LEU JA 117 -15.13 31.97 -3.57
N THR JA 118 -14.58 32.74 -4.49
CA THR JA 118 -14.13 34.10 -4.17
C THR JA 118 -15.30 34.98 -3.77
N GLY JA 119 -16.42 34.88 -4.49
CA GLY JA 119 -17.59 35.68 -4.22
C GLY JA 119 -17.78 36.87 -5.13
N GLY JA 120 -16.97 37.01 -6.17
CA GLY JA 120 -17.11 38.12 -7.09
C GLY JA 120 -16.19 37.94 -8.28
N GLY JA 121 -16.38 38.82 -9.26
CA GLY JA 121 -15.57 38.78 -10.47
C GLY JA 121 -16.41 38.90 -11.74
N GLY KA 52 10.26 63.69 -2.61
CA GLY KA 52 10.64 62.68 -3.59
C GLY KA 52 9.52 61.69 -3.88
N GLY KA 53 9.83 60.41 -3.74
CA GLY KA 53 8.84 59.38 -3.98
C GLY KA 53 7.85 59.25 -2.83
N THR KA 54 6.83 58.44 -3.07
CA THR KA 54 5.79 58.25 -2.06
C THR KA 54 6.34 57.48 -0.87
N ASP KA 55 5.67 57.61 0.27
CA ASP KA 55 6.12 56.97 1.50
C ASP KA 55 6.01 55.45 1.36
N PRO KA 56 6.86 54.70 2.08
CA PRO KA 56 6.83 53.23 1.95
C PRO KA 56 5.51 52.61 2.34
N ALA KA 57 4.70 53.28 3.16
CA ALA KA 57 3.40 52.74 3.55
C ALA KA 57 2.47 52.61 2.35
N THR KA 58 2.59 53.54 1.39
CA THR KA 58 1.72 53.50 0.22
C THR KA 58 2.14 52.39 -0.74
N MET KA 59 3.44 52.17 -0.91
CA MET KA 59 3.91 51.18 -1.88
C MET KA 59 3.48 49.77 -1.49
N VAL KA 60 3.59 49.41 -0.21
CA VAL KA 60 3.18 48.09 0.22
C VAL KA 60 1.68 47.89 0.08
N ASN KA 61 0.91 48.99 0.12
CA ASN KA 61 -0.52 48.89 -0.16
C ASN KA 61 -0.78 48.58 -1.63
N ASN KA 62 0.05 49.14 -2.52
CA ASN KA 62 -0.15 48.89 -3.95
C ASN KA 62 0.10 47.42 -4.29
N ILE KA 63 1.08 46.79 -3.64
CA ILE KA 63 1.34 45.38 -3.88
C ILE KA 63 0.15 44.54 -3.43
N CYS KA 64 -0.40 44.86 -2.26
CA CYS KA 64 -1.55 44.11 -1.75
C CYS KA 64 -2.76 44.27 -2.65
N THR KA 65 -3.01 45.48 -3.14
CA THR KA 65 -4.14 45.70 -4.03
C THR KA 65 -3.95 44.96 -5.34
N PHE KA 66 -2.73 44.98 -5.89
CA PHE KA 66 -2.47 44.29 -7.15
C PHE KA 66 -2.61 42.78 -7.01
N ILE KA 67 -2.07 42.22 -5.93
CA ILE KA 67 -2.13 40.76 -5.73
C ILE KA 67 -3.56 40.30 -5.55
N LEU KA 68 -4.34 41.01 -4.73
CA LEU KA 68 -5.72 40.64 -4.44
C LEU KA 68 -6.71 41.26 -5.42
N GLY KA 69 -6.24 41.71 -6.58
CA GLY KA 69 -7.11 42.28 -7.58
C GLY KA 69 -7.46 41.29 -8.66
N PRO KA 70 -7.63 41.77 -9.89
CA PRO KA 70 -7.92 40.86 -11.01
C PRO KA 70 -6.84 39.82 -11.23
N PHE KA 71 -5.57 40.14 -10.93
CA PHE KA 71 -4.50 39.17 -11.10
C PHE KA 71 -4.67 37.98 -10.17
N GLY KA 72 -5.06 38.23 -8.92
CA GLY KA 72 -5.25 37.14 -7.99
C GLY KA 72 -6.41 36.24 -8.34
N GLN KA 73 -7.50 36.83 -8.83
CA GLN KA 73 -8.67 36.03 -9.20
C GLN KA 73 -8.36 35.06 -10.33
N SER KA 74 -7.54 35.48 -11.29
CA SER KA 74 -7.17 34.58 -12.38
C SER KA 74 -6.15 33.54 -11.92
N LEU KA 75 -5.46 33.80 -10.80
CA LEU KA 75 -4.60 32.78 -10.22
C LEU KA 75 -5.42 31.67 -9.56
N ALA KA 76 -6.60 32.02 -9.04
CA ALA KA 76 -7.44 31.03 -8.38
C ALA KA 76 -7.93 29.97 -9.37
N VAL KA 77 -8.34 30.40 -10.57
CA VAL KA 77 -8.84 29.45 -11.55
C VAL KA 77 -7.74 28.54 -12.06
N LEU KA 78 -6.49 29.04 -12.09
CA LEU KA 78 -5.38 28.19 -12.52
C LEU KA 78 -5.09 27.11 -11.48
N GLY KA 79 -5.23 27.44 -10.19
CA GLY KA 79 -5.04 26.44 -9.16
C GLY KA 79 -6.11 25.37 -9.19
N ILE KA 80 -7.35 25.76 -9.48
CA ILE KA 80 -8.44 24.80 -9.56
C ILE KA 80 -8.27 23.88 -10.77
N VAL KA 81 -7.78 24.44 -11.88
CA VAL KA 81 -7.55 23.63 -13.08
C VAL KA 81 -6.53 22.54 -12.79
N ALA KA 82 -5.49 22.85 -12.02
CA ALA KA 82 -4.47 21.86 -11.70
C ALA KA 82 -5.03 20.69 -10.91
N ILE KA 83 -6.12 20.91 -10.17
CA ILE KA 83 -6.76 19.81 -9.46
C ILE KA 83 -7.39 18.83 -10.44
N GLY KA 84 -8.14 19.36 -11.42
CA GLY KA 84 -8.80 18.50 -12.38
C GLY KA 84 -7.81 17.75 -13.26
N ILE KA 85 -6.73 18.42 -13.66
CA ILE KA 85 -5.71 17.76 -14.48
C ILE KA 85 -5.02 16.67 -13.68
N SER KA 86 -4.82 16.89 -12.37
CA SER KA 86 -4.11 15.92 -11.56
C SER KA 86 -4.96 14.70 -11.22
N TRP KA 87 -6.28 14.86 -11.03
CA TRP KA 87 -7.12 13.72 -10.70
C TRP KA 87 -7.13 12.69 -11.82
N MET KA 88 -7.27 13.13 -13.06
CA MET KA 88 -7.06 12.26 -14.19
C MET KA 88 -5.55 12.15 -14.47
N PHE KA 89 -5.18 11.10 -15.21
CA PHE KA 89 -3.76 10.75 -15.41
C PHE KA 89 -3.04 10.60 -14.08
N GLY KA 90 -3.72 10.07 -13.07
CA GLY KA 90 -3.13 9.94 -11.75
C GLY KA 90 -4.07 9.39 -10.71
N ARG KA 91 -3.99 9.91 -9.49
CA ARG KA 91 -4.77 9.43 -8.36
C ARG KA 91 -5.55 10.58 -7.75
N ALA KA 92 -6.78 10.27 -7.30
CA ALA KA 92 -7.65 11.25 -6.68
C ALA KA 92 -7.68 11.04 -5.17
N SER KA 93 -7.49 12.12 -4.42
CA SER KA 93 -7.46 12.04 -2.97
C SER KA 93 -8.04 13.32 -2.38
N LEU KA 94 -8.51 13.20 -1.13
CA LEU KA 94 -9.09 14.36 -0.45
C LEU KA 94 -8.01 15.33 0.03
N GLY KA 95 -6.80 14.84 0.26
CA GLY KA 95 -5.74 15.72 0.72
C GLY KA 95 -5.33 16.75 -0.32
N LEU KA 96 -5.30 16.34 -1.59
CA LEU KA 96 -4.87 17.24 -2.65
C LEU KA 96 -5.86 18.37 -2.85
N VAL KA 97 -7.16 18.06 -2.90
CA VAL KA 97 -8.17 19.09 -3.12
C VAL KA 97 -8.27 20.02 -1.91
N ALA KA 98 -8.12 19.46 -0.71
CA ALA KA 98 -8.22 20.28 0.50
C ALA KA 98 -7.07 21.27 0.59
N GLY KA 99 -5.87 20.86 0.19
CA GLY KA 99 -4.72 21.76 0.26
C GLY KA 99 -4.84 22.95 -0.66
N VAL KA 100 -5.29 22.72 -1.90
CA VAL KA 100 -5.38 23.82 -2.87
C VAL KA 100 -6.53 24.76 -2.49
N VAL KA 101 -7.68 24.22 -2.12
CA VAL KA 101 -8.80 25.07 -1.74
C VAL KA 101 -8.49 25.82 -0.46
N GLY KA 102 -7.80 25.18 0.48
CA GLY KA 102 -7.35 25.87 1.68
C GLY KA 102 -6.39 27.00 1.37
N GLY KA 103 -5.56 26.82 0.33
CA GLY KA 103 -4.64 27.88 -0.06
C GLY KA 103 -5.35 29.13 -0.54
N ILE KA 104 -6.42 28.96 -1.32
CA ILE KA 104 -7.16 30.11 -1.81
C ILE KA 104 -7.82 30.86 -0.64
N VAL KA 105 -8.31 30.10 0.34
CA VAL KA 105 -8.95 30.72 1.51
C VAL KA 105 -7.93 31.57 2.28
N ILE KA 106 -6.71 31.06 2.44
CA ILE KA 106 -5.69 31.82 3.13
C ILE KA 106 -5.23 33.01 2.29
N MET KA 107 -5.00 32.79 1.00
CA MET KA 107 -4.50 33.85 0.13
C MET KA 107 -5.48 35.02 0.04
N PHE KA 108 -6.67 34.76 -0.50
CA PHE KA 108 -7.70 35.79 -0.54
C PHE KA 108 -8.22 36.07 0.86
N GLY KA 109 -8.49 37.34 1.15
CA GLY KA 109 -8.92 37.70 2.47
C GLY KA 109 -7.85 37.60 3.53
N ALA KA 110 -6.57 37.68 3.13
CA ALA KA 110 -5.49 37.65 4.10
C ALA KA 110 -5.46 38.91 4.95
N SER KA 111 -6.08 39.99 4.48
CA SER KA 111 -6.16 41.21 5.27
C SER KA 111 -6.96 40.98 6.55
N PHE KA 112 -8.06 40.24 6.45
CA PHE KA 112 -8.85 39.92 7.63
C PHE KA 112 -8.08 39.05 8.61
N LEU KA 113 -7.31 38.09 8.09
CA LEU KA 113 -6.49 37.26 8.97
C LEU KA 113 -5.42 38.08 9.65
N GLY KA 114 -4.79 39.02 8.94
CA GLY KA 114 -3.78 39.85 9.55
C GLY KA 114 -4.34 40.76 10.63
N LYS KA 115 -5.52 41.33 10.39
CA LYS KA 115 -6.13 42.19 11.39
C LYS KA 115 -6.50 41.41 12.64
N THR KA 116 -7.06 40.21 12.48
CA THR KA 116 -7.46 39.41 13.63
C THR KA 116 -6.24 38.99 14.45
N LEU KA 117 -5.17 38.56 13.78
CA LEU KA 117 -3.98 38.12 14.49
C LEU KA 117 -3.30 39.27 15.23
N THR KA 118 -3.10 40.39 14.52
CA THR KA 118 -2.46 41.54 15.15
C THR KA 118 -3.33 42.11 16.27
N GLY KA 119 -4.65 42.19 16.05
CA GLY KA 119 -5.55 42.73 17.03
C GLY KA 119 -6.00 44.14 16.79
N GLY KA 120 -5.65 44.74 15.65
CA GLY KA 120 -6.06 46.10 15.36
C GLY KA 120 -5.68 46.46 13.95
N GLY KA 121 -6.16 47.63 13.52
CA GLY KA 121 -5.90 48.12 12.18
C GLY KA 121 -7.14 48.64 11.48
N GLY LA 52 22.62 70.40 18.51
CA GLY LA 52 22.51 69.86 17.16
C GLY LA 52 21.31 68.96 16.97
N GLY LA 53 21.56 67.75 16.47
CA GLY LA 53 20.49 66.81 16.25
C GLY LA 53 20.01 66.18 17.55
N THR LA 54 18.92 65.42 17.43
CA THR LA 54 18.34 64.78 18.59
C THR LA 54 19.26 63.67 19.09
N ASP LA 55 19.08 63.30 20.36
CA ASP LA 55 19.91 62.28 20.97
C ASP LA 55 19.66 60.92 20.32
N PRO LA 56 20.66 60.03 20.32
CA PRO LA 56 20.48 58.73 19.65
C PRO LA 56 19.37 57.88 20.25
N ALA LA 57 18.99 58.13 21.51
CA ALA LA 57 17.91 57.36 22.11
C ALA LA 57 16.58 57.63 21.40
N THR LA 58 16.38 58.85 20.91
CA THR LA 58 15.14 59.18 20.23
C THR LA 58 15.07 58.55 18.84
N MET LA 59 16.19 58.54 18.13
CA MET LA 59 16.20 58.03 16.76
C MET LA 59 15.84 56.55 16.70
N VAL LA 60 16.41 55.75 17.60
CA VAL LA 60 16.12 54.32 17.61
C VAL LA 60 14.66 54.07 18.00
N ASN LA 61 14.04 54.99 18.73
CA ASN LA 61 12.62 54.88 19.01
C ASN LA 61 11.79 55.12 17.74
N ASN LA 62 12.24 56.04 16.89
CA ASN LA 62 11.51 56.34 15.67
C ASN LA 62 11.50 55.15 14.72
N ILE LA 63 12.61 54.40 14.65
CA ILE LA 63 12.66 53.21 13.82
C ILE LA 63 11.68 52.16 14.34
N CYS LA 64 11.64 51.97 15.65
CA CYS LA 64 10.73 50.98 16.22
C CYS LA 64 9.27 51.36 15.99
N THR LA 65 8.94 52.64 16.14
CA THR LA 65 7.57 53.08 15.89
C THR LA 65 7.19 52.91 14.42
N PHE LA 66 8.12 53.24 13.51
CA PHE LA 66 7.82 53.10 12.08
C PHE LA 66 7.65 51.65 11.68
N ILE LA 67 8.52 50.77 12.17
CA ILE LA 67 8.44 49.36 11.80
C ILE LA 67 7.16 48.73 12.33
N LEU LA 68 6.81 49.00 13.58
CA LEU LA 68 5.62 48.44 14.21
C LEU LA 68 4.37 49.29 13.99
N GLY LA 69 4.39 50.18 13.01
CA GLY LA 69 3.25 51.01 12.72
C GLY LA 69 2.43 50.47 11.55
N PRO LA 70 1.85 51.37 10.76
CA PRO LA 70 1.10 50.92 9.58
C PRO LA 70 1.93 50.14 8.58
N PHE LA 71 3.23 50.45 8.48
CA PHE LA 71 4.09 49.71 7.56
C PHE LA 71 4.20 48.25 7.96
N GLY LA 72 4.34 47.96 9.25
CA GLY LA 72 4.46 46.59 9.70
C GLY LA 72 3.18 45.79 9.50
N GLN LA 73 2.03 46.43 9.72
CA GLN LA 73 0.76 45.72 9.55
C GLN LA 73 0.54 45.28 8.12
N SER LA 74 0.96 46.11 7.14
CA SER LA 74 0.83 45.72 5.74
C SER LA 74 1.87 44.68 5.35
N LEU LA 75 2.95 44.56 6.13
CA LEU LA 75 3.90 43.48 5.91
C LEU LA 75 3.32 42.14 6.35
N ALA LA 76 2.45 42.15 7.36
CA ALA LA 76 1.87 40.92 7.86
C ALA LA 76 0.96 40.28 6.80
N VAL LA 77 0.16 41.09 6.11
CA VAL LA 77 -0.75 40.53 5.12
C VAL LA 77 0.01 39.99 3.92
N LEU LA 78 1.18 40.57 3.61
CA LEU LA 78 1.99 40.05 2.51
C LEU LA 78 2.58 38.69 2.85
N GLY LA 79 2.97 38.49 4.12
CA GLY LA 79 3.46 37.19 4.53
C GLY LA 79 2.39 36.12 4.51
N ILE LA 80 1.17 36.48 4.88
CA ILE LA 80 0.07 35.53 4.86
C ILE LA 80 -0.30 35.16 3.43
N VAL LA 81 -0.23 36.13 2.52
CA VAL LA 81 -0.53 35.87 1.11
C VAL LA 81 0.44 34.85 0.54
N ALA LA 82 1.72 34.93 0.93
CA ALA LA 82 2.70 33.99 0.42
C ALA LA 82 2.41 32.56 0.85
N ILE LA 83 1.71 32.38 1.97
CA ILE LA 83 1.31 31.04 2.40
C ILE LA 83 0.29 30.47 1.44
N GLY LA 84 -0.74 31.24 1.10
CA GLY LA 84 -1.78 30.76 0.20
C GLY LA 84 -1.26 30.49 -1.20
N ILE LA 85 -0.36 31.35 -1.68
CA ILE LA 85 0.21 31.15 -3.01
C ILE LA 85 1.09 29.91 -3.01
N SER LA 86 1.78 29.63 -1.90
CA SER LA 86 2.68 28.49 -1.85
C SER LA 86 1.94 27.15 -1.71
N TRP LA 87 0.82 27.13 -1.00
CA TRP LA 87 0.09 25.87 -0.83
C TRP LA 87 -0.41 25.35 -2.17
N MET LA 88 -0.99 26.21 -3.00
CA MET LA 88 -1.28 25.85 -4.37
C MET LA 88 -0.02 25.99 -5.21
N PHE LA 89 -0.02 25.34 -6.38
CA PHE LA 89 1.17 25.22 -7.21
C PHE LA 89 2.35 24.64 -6.42
N GLY LA 90 2.07 23.71 -5.51
CA GLY LA 90 3.10 23.14 -4.69
C GLY LA 90 2.60 22.14 -3.66
N ARG LA 91 3.18 22.18 -2.46
CA ARG LA 91 2.85 21.24 -1.40
C ARG LA 91 2.44 22.00 -0.15
N ALA LA 92 1.48 21.44 0.58
CA ALA LA 92 0.97 22.03 1.81
C ALA LA 92 1.50 21.27 3.01
N SER LA 93 2.04 21.99 3.98
CA SER LA 93 2.62 21.37 5.17
C SER LA 93 2.39 22.27 6.38
N LEU LA 94 2.43 21.65 7.56
CA LEU LA 94 2.24 22.41 8.79
C LEU LA 94 3.47 23.21 9.16
N GLY LA 95 4.65 22.78 8.71
CA GLY LA 95 5.86 23.51 9.02
C GLY LA 95 5.91 24.89 8.39
N LEU LA 96 5.42 25.00 7.16
CA LEU LA 96 5.47 26.27 6.44
C LEU LA 96 4.56 27.31 7.08
N VAL LA 97 3.34 26.91 7.41
CA VAL LA 97 2.39 27.86 8.01
C VAL LA 97 2.82 28.25 9.41
N ALA LA 98 3.38 27.29 10.17
CA ALA LA 98 3.80 27.58 11.53
C ALA LA 98 4.97 28.57 11.54
N GLY LA 99 5.90 28.44 10.60
CA GLY LA 99 7.04 29.34 10.57
C GLY LA 99 6.65 30.78 10.29
N VAL LA 100 5.76 31.00 9.33
CA VAL LA 100 5.37 32.36 8.97
C VAL LA 100 4.54 32.99 10.07
N VAL LA 101 3.57 32.25 10.62
CA VAL LA 101 2.74 32.78 11.70
C VAL LA 101 3.58 33.03 12.95
N GLY LA 102 4.53 32.14 13.22
CA GLY LA 102 5.43 32.37 14.33
C GLY LA 102 6.29 33.61 14.14
N GLY LA 103 6.63 33.91 12.88
CA GLY LA 103 7.42 35.11 12.61
C GLY LA 103 6.67 36.39 12.95
N ILE LA 104 5.37 36.43 12.63
CA ILE LA 104 4.57 37.61 12.95
C ILE LA 104 4.46 37.79 14.45
N VAL LA 105 4.33 36.69 15.19
CA VAL LA 105 4.25 36.76 16.64
C VAL LA 105 5.52 37.33 17.24
N ILE LA 106 6.68 36.91 16.71
CA ILE LA 106 7.95 37.44 17.21
C ILE LA 106 8.13 38.90 16.78
N MET LA 107 7.81 39.20 15.51
CA MET LA 107 8.03 40.56 15.00
C MET LA 107 7.16 41.57 15.74
N PHE LA 108 5.85 41.44 15.64
CA PHE LA 108 4.95 42.31 16.39
C PHE LA 108 5.02 41.99 17.86
N GLY LA 109 4.98 43.03 18.70
CA GLY LA 109 5.11 42.82 20.12
C GLY LA 109 6.50 42.43 20.56
N ALA LA 110 7.52 42.76 19.78
CA ALA LA 110 8.89 42.47 20.16
C ALA LA 110 9.33 43.30 21.36
N SER LA 111 8.64 44.43 21.61
CA SER LA 111 8.97 45.24 22.78
C SER LA 111 8.70 44.48 24.07
N PHE LA 112 7.59 43.74 24.12
CA PHE LA 112 7.29 42.93 25.30
C PHE LA 112 8.32 41.83 25.49
N LEU LA 113 8.76 41.20 24.39
CA LEU LA 113 9.80 40.18 24.50
C LEU LA 113 11.11 40.76 24.99
N GLY LA 114 11.47 41.96 24.50
CA GLY LA 114 12.70 42.59 24.95
C GLY LA 114 12.67 42.96 26.43
N LYS LA 115 11.52 43.48 26.89
CA LYS LA 115 11.40 43.84 28.30
C LYS LA 115 11.48 42.61 29.20
N THR LA 116 10.83 41.51 28.81
CA THR LA 116 10.85 40.30 29.62
C THR LA 116 12.25 39.72 29.70
N LEU LA 117 12.95 39.67 28.56
CA LEU LA 117 14.29 39.09 28.54
C LEU LA 117 15.27 39.95 29.34
N THR LA 118 15.26 41.26 29.10
CA THR LA 118 16.17 42.15 29.83
C THR LA 118 15.84 42.17 31.32
N GLY LA 119 14.56 42.19 31.66
CA GLY LA 119 14.12 42.24 33.04
C GLY LA 119 13.71 43.61 33.55
N GLY LA 120 13.65 44.61 32.68
CA GLY LA 120 13.26 45.94 33.11
C GLY LA 120 13.09 46.85 31.91
N GLY LA 121 12.55 48.03 32.18
CA GLY LA 121 12.32 49.02 31.14
C GLY LA 121 10.94 49.66 31.21
N GLY MA 52 42.54 69.69 34.16
CA GLY MA 52 41.89 69.70 32.86
C GLY MA 52 40.65 68.83 32.81
N GLY MA 53 40.60 67.93 31.83
CA GLY MA 53 39.47 67.04 31.69
C GLY MA 53 39.47 65.94 32.73
N THR MA 54 38.37 65.18 32.75
CA THR MA 54 38.24 64.09 33.70
C THR MA 54 39.20 62.96 33.36
N ASP MA 55 39.50 62.13 34.36
CA ASP MA 55 40.43 61.03 34.17
C ASP MA 55 39.85 60.01 33.20
N PRO MA 56 40.72 59.27 32.48
CA PRO MA 56 40.21 58.31 31.49
C PRO MA 56 39.35 57.21 32.09
N ALA MA 57 39.50 56.92 33.39
CA ALA MA 57 38.68 55.89 34.01
C ALA MA 57 37.21 56.29 34.03
N THR MA 58 36.92 57.58 34.15
CA THR MA 58 35.53 58.03 34.18
C THR MA 58 34.90 57.98 32.79
N MET MA 59 35.66 58.32 31.75
CA MET MA 59 35.10 58.38 30.40
C MET MA 59 34.65 57.00 29.92
N VAL MA 60 35.47 55.97 30.16
CA VAL MA 60 35.09 54.63 29.74
C VAL MA 60 33.89 54.12 30.52
N ASN MA 61 33.67 54.65 31.73
CA ASN MA 61 32.45 54.31 32.45
C ASN MA 61 31.23 54.93 31.80
N ASN MA 62 31.37 56.16 31.26
CA ASN MA 62 30.25 56.82 30.62
C ASN MA 62 29.80 56.07 29.37
N ILE MA 63 30.74 55.51 28.61
CA ILE MA 63 30.39 54.74 27.43
C ILE MA 63 29.61 53.48 27.84
N CYS MA 64 30.06 52.80 28.89
CA CYS MA 64 29.38 51.59 29.34
C CYS MA 64 27.98 51.91 29.84
N THR MA 65 27.81 53.00 30.57
CA THR MA 65 26.48 53.38 31.05
C THR MA 65 25.57 53.75 29.89
N PHE MA 66 26.08 54.47 28.91
CA PHE MA 66 25.27 54.87 27.76
C PHE MA 66 24.85 53.66 26.93
N ILE MA 67 25.78 52.73 26.68
CA ILE MA 67 25.47 51.57 25.87
C ILE MA 67 24.44 50.68 26.55
N LEU MA 68 24.62 50.43 27.85
CA LEU MA 68 23.72 49.56 28.61
C LEU MA 68 22.55 50.32 29.22
N GLY MA 69 22.26 51.52 28.72
CA GLY MA 69 21.14 52.29 29.23
C GLY MA 69 19.92 52.16 28.34
N PRO MA 70 19.13 53.24 28.25
CA PRO MA 70 17.96 53.20 27.37
C PRO MA 70 18.29 52.94 25.91
N PHE MA 71 19.47 53.37 25.45
CA PHE MA 71 19.86 53.11 24.07
C PHE MA 71 20.01 51.61 23.81
N GLY MA 72 20.62 50.88 24.74
CA GLY MA 72 20.81 49.46 24.54
C GLY MA 72 19.50 48.68 24.55
N GLN MA 73 18.56 49.09 25.42
CA GLN MA 73 17.27 48.39 25.49
C GLN MA 73 16.50 48.51 24.19
N SER MA 74 16.57 49.67 23.53
CA SER MA 74 15.89 49.83 22.25
C SER MA 74 16.62 49.11 21.13
N LEU MA 75 17.91 48.80 21.33
CA LEU MA 75 18.62 47.97 20.36
C LEU MA 75 18.16 46.52 20.45
N ALA MA 76 17.75 46.08 21.64
CA ALA MA 76 17.31 44.69 21.82
C ALA MA 76 16.04 44.43 21.02
N VAL MA 77 15.09 45.36 21.05
CA VAL MA 77 13.83 45.14 20.34
C VAL MA 77 14.04 45.16 18.84
N LEU MA 78 15.03 45.91 18.35
CA LEU MA 78 15.32 45.92 16.91
C LEU MA 78 15.90 44.58 16.48
N GLY MA 79 16.73 43.96 17.32
CA GLY MA 79 17.27 42.66 16.98
C GLY MA 79 16.20 41.58 16.96
N ILE MA 80 15.23 41.66 17.87
CA ILE MA 80 14.15 40.69 17.91
C ILE MA 80 13.23 40.87 16.70
N VAL MA 81 13.01 42.11 16.27
CA VAL MA 81 12.18 42.37 15.11
C VAL MA 81 12.78 41.72 13.87
N ALA MA 82 14.11 41.77 13.75
CA ALA MA 82 14.77 41.18 12.58
C ALA MA 82 14.57 39.67 12.51
N ILE MA 83 14.34 39.03 13.66
CA ILE MA 83 14.04 37.60 13.65
C ILE MA 83 12.69 37.33 13.01
N GLY MA 84 11.66 38.10 13.42
CA GLY MA 84 10.34 37.89 12.86
C GLY MA 84 10.26 38.22 11.39
N ILE MA 85 10.96 39.28 10.96
CA ILE MA 85 10.97 39.64 9.55
C ILE MA 85 11.68 38.57 8.74
N SER MA 86 12.72 37.96 9.31
CA SER MA 86 13.50 36.96 8.58
C SER MA 86 12.78 35.61 8.46
N TRP MA 87 12.02 35.22 9.49
CA TRP MA 87 11.32 33.94 9.42
C TRP MA 87 10.31 33.92 8.28
N MET MA 88 9.52 34.98 8.14
CA MET MA 88 8.70 35.14 6.96
C MET MA 88 9.55 35.69 5.82
N PHE MA 89 9.07 35.53 4.59
CA PHE MA 89 9.84 35.83 3.38
C PHE MA 89 11.17 35.11 3.38
N GLY MA 90 11.20 33.89 3.90
CA GLY MA 90 12.44 33.14 3.98
C GLY MA 90 12.29 31.79 4.67
N ARG MA 91 13.30 31.42 5.48
CA ARG MA 91 13.33 30.13 6.13
C ARG MA 91 13.48 30.32 7.63
N ALA MA 92 12.83 29.45 8.40
CA ALA MA 92 12.88 29.49 9.85
C ALA MA 92 13.78 28.37 10.38
N SER MA 93 14.70 28.72 11.27
CA SER MA 93 15.64 27.75 11.80
C SER MA 93 15.96 28.11 13.25
N LEU MA 94 16.39 27.09 14.01
CA LEU MA 94 16.75 27.30 15.41
C LEU MA 94 18.08 28.02 15.55
N GLY MA 95 18.97 27.90 14.56
CA GLY MA 95 20.26 28.56 14.66
C GLY MA 95 20.15 30.08 14.63
N LEU MA 96 19.24 30.60 13.80
CA LEU MA 96 19.10 32.04 13.66
C LEU MA 96 18.58 32.67 14.95
N VAL MA 97 17.53 32.08 15.55
CA VAL MA 97 16.96 32.64 16.76
C VAL MA 97 17.93 32.51 17.93
N ALA MA 98 18.66 31.39 17.99
CA ALA MA 98 19.60 31.19 19.09
C ALA MA 98 20.75 32.19 19.05
N GLY MA 99 21.22 32.51 17.84
CA GLY MA 99 22.33 33.46 17.73
C GLY MA 99 21.97 34.85 18.19
N VAL MA 100 20.78 35.34 17.79
CA VAL MA 100 20.39 36.70 18.16
C VAL MA 100 20.09 36.79 19.65
N VAL MA 101 19.36 35.81 20.19
CA VAL MA 101 19.04 35.83 21.61
C VAL MA 101 20.30 35.65 22.45
N GLY MA 102 21.23 34.81 21.98
CA GLY MA 102 22.50 34.68 22.66
C GLY MA 102 23.30 35.98 22.65
N GLY MA 103 23.16 36.76 21.58
CA GLY MA 103 23.85 38.03 21.50
C GLY MA 103 23.38 39.02 22.56
N ILE MA 104 22.07 39.07 22.80
CA ILE MA 104 21.53 39.97 23.81
C ILE MA 104 22.01 39.56 25.20
N VAL MA 105 22.11 38.25 25.44
CA VAL MA 105 22.59 37.76 26.74
C VAL MA 105 24.03 38.18 26.97
N ILE MA 106 24.87 38.09 25.92
CA ILE MA 106 26.26 38.50 26.06
C ILE MA 106 26.36 40.02 26.18
N MET MA 107 25.62 40.75 25.36
CA MET MA 107 25.71 42.21 25.36
C MET MA 107 25.27 42.79 26.70
N PHE MA 108 24.00 42.59 27.07
CA PHE MA 108 23.52 43.04 28.37
C PHE MA 108 24.14 42.19 29.47
N GLY MA 109 24.47 42.82 30.58
CA GLY MA 109 25.13 42.11 31.65
C GLY MA 109 26.55 41.70 31.35
N ALA MA 110 27.22 42.40 30.43
CA ALA MA 110 28.61 42.09 30.12
C ALA MA 110 29.53 42.47 31.28
N SER MA 111 29.07 43.35 32.17
CA SER MA 111 29.87 43.68 33.35
C SER MA 111 30.07 42.47 34.25
N PHE MA 112 29.02 41.66 34.42
CA PHE MA 112 29.13 40.46 35.22
C PHE MA 112 30.08 39.46 34.58
N LEU MA 113 30.03 39.33 33.25
CA LEU MA 113 30.94 38.43 32.56
C LEU MA 113 32.38 38.91 32.70
N GLY MA 114 32.62 40.23 32.61
CA GLY MA 114 33.96 40.74 32.76
C GLY MA 114 34.51 40.54 34.16
N LYS MA 115 33.68 40.72 35.17
CA LYS MA 115 34.13 40.52 36.55
C LYS MA 115 34.47 39.05 36.81
N THR MA 116 33.63 38.14 36.31
CA THR MA 116 33.88 36.71 36.53
C THR MA 116 35.16 36.27 35.83
N LEU MA 117 35.37 36.72 34.59
CA LEU MA 117 36.56 36.31 33.84
C LEU MA 117 37.83 36.88 34.48
N THR MA 118 37.82 38.18 34.78
CA THR MA 118 38.99 38.80 35.39
C THR MA 118 39.26 38.23 36.78
N GLY MA 119 38.21 38.02 37.57
CA GLY MA 119 38.34 37.51 38.90
C GLY MA 119 38.25 38.53 40.01
N GLY MA 120 37.94 39.79 39.69
CA GLY MA 120 37.83 40.80 40.71
C GLY MA 120 37.27 42.08 40.10
N GLY MA 121 36.96 43.03 40.99
CA GLY MA 121 36.43 44.31 40.58
C GLY MA 121 35.22 44.74 41.39
N GLY NA 52 66.82 64.85 39.60
CA GLY NA 52 65.72 65.30 38.76
C GLY NA 52 64.50 64.41 38.85
N GLY NA 53 64.02 63.94 37.70
CA GLY NA 53 62.86 63.08 37.68
C GLY NA 53 63.19 61.66 38.11
N THR NA 54 62.13 60.87 38.27
CA THR NA 54 62.31 59.48 38.71
C THR NA 54 62.98 58.65 37.62
N ASP NA 55 63.57 57.54 38.04
CA ASP NA 55 64.30 56.69 37.10
C ASP NA 55 63.32 56.05 36.10
N PRO NA 56 63.79 55.73 34.89
CA PRO NA 56 62.88 55.17 33.88
C PRO NA 56 62.23 53.86 34.29
N ALA NA 57 62.86 53.12 35.21
CA ALA NA 57 62.27 51.85 35.66
C ALA NA 57 60.94 52.09 36.38
N THR NA 58 60.81 53.20 37.08
CA THR NA 58 59.57 53.48 37.80
C THR NA 58 58.46 53.90 36.87
N MET NA 59 58.78 54.68 35.83
CA MET NA 59 57.75 55.19 34.93
C MET NA 59 57.07 54.06 34.17
N VAL NA 60 57.83 53.10 33.67
CA VAL NA 60 57.24 51.98 32.94
C VAL NA 60 56.39 51.12 33.85
N ASN NA 61 56.69 51.12 35.15
CA ASN NA 61 55.81 50.43 36.10
C ASN NA 61 54.48 51.15 36.26
N ASN NA 62 54.50 52.48 36.21
CA ASN NA 62 53.26 53.25 36.35
C ASN NA 62 52.32 52.98 35.18
N ILE NA 63 52.86 52.84 33.97
CA ILE NA 63 52.03 52.54 32.81
C ILE NA 63 51.37 51.17 32.97
N CYS NA 64 52.16 50.18 33.43
CA CYS NA 64 51.62 48.83 33.61
C CYS NA 64 50.53 48.81 34.67
N THR NA 65 50.74 49.52 35.78
CA THR NA 65 49.73 49.57 36.83
C THR NA 65 48.46 50.27 36.34
N PHE NA 66 48.61 51.36 35.59
CA PHE NA 66 47.44 52.09 35.08
C PHE NA 66 46.65 51.24 34.08
N ILE NA 67 47.36 50.57 33.16
CA ILE NA 67 46.67 49.78 32.14
C ILE NA 67 45.93 48.61 32.77
N LEU NA 68 46.58 47.90 33.70
CA LEU NA 68 45.98 46.74 34.35
C LEU NA 68 45.19 47.10 35.60
N GLY NA 69 44.81 48.36 35.75
CA GLY NA 69 44.03 48.79 36.89
C GLY NA 69 42.55 48.89 36.57
N PRO NA 70 41.87 49.85 37.19
CA PRO NA 70 40.44 50.04 36.88
C PRO NA 70 40.18 50.38 35.43
N PHE NA 71 41.12 51.06 34.76
CA PHE NA 71 40.93 51.38 33.34
C PHE NA 71 40.86 50.12 32.49
N GLY NA 72 41.73 49.14 32.77
CA GLY NA 72 41.73 47.92 31.98
C GLY NA 72 40.48 47.09 32.20
N GLN NA 73 39.97 47.05 33.43
CA GLN NA 73 38.77 46.26 33.71
C GLN NA 73 37.56 46.80 32.95
N SER NA 74 37.45 48.12 32.82
CA SER NA 74 36.35 48.69 32.06
C SER NA 74 36.55 48.52 30.56
N LEU NA 75 37.79 48.27 30.13
CA LEU NA 75 38.02 47.94 28.72
C LEU NA 75 37.53 46.52 28.42
N ALA NA 76 37.58 45.63 29.41
CA ALA NA 76 37.15 44.26 29.19
C ALA NA 76 35.65 44.19 28.89
N VAL NA 77 34.84 44.96 29.64
CA VAL NA 77 33.40 44.91 29.44
C VAL NA 77 33.02 45.52 28.10
N LEU NA 78 33.80 46.48 27.60
CA LEU NA 78 33.52 47.05 26.28
C LEU NA 78 33.79 46.04 25.18
N GLY NA 79 34.84 45.24 25.34
CA GLY NA 79 35.11 44.20 24.36
C GLY NA 79 34.04 43.12 24.33
N ILE NA 80 33.52 42.76 25.50
CA ILE NA 80 32.45 41.76 25.57
C ILE NA 80 31.17 42.29 24.96
N VAL NA 81 30.88 43.59 25.16
CA VAL NA 81 29.69 44.19 24.59
C VAL NA 81 29.72 44.13 23.07
N ALA NA 82 30.91 44.33 22.48
CA ALA NA 82 31.02 44.28 21.03
C ALA NA 82 30.71 42.90 20.48
N ILE NA 83 30.89 41.85 21.27
CA ILE NA 83 30.52 40.51 20.84
C ILE NA 83 29.01 40.39 20.71
N GLY NA 84 28.27 40.85 21.72
CA GLY NA 84 26.82 40.75 21.69
C GLY NA 84 26.21 41.61 20.59
N ILE NA 85 26.76 42.80 20.38
CA ILE NA 85 26.26 43.67 19.32
C ILE NA 85 26.53 43.06 17.96
N SER NA 86 27.67 42.37 17.81
CA SER NA 86 28.03 41.80 16.52
C SER NA 86 27.24 40.54 16.18
N TRP NA 87 26.90 39.72 17.18
CA TRP NA 87 26.14 38.50 16.90
C TRP NA 87 24.77 38.82 16.31
N MET NA 88 24.06 39.78 16.90
CA MET NA 88 22.86 40.30 16.27
C MET NA 88 23.26 41.32 15.20
N PHE NA 89 22.31 41.59 14.29
CA PHE NA 89 22.59 42.41 13.10
C PHE NA 89 23.77 41.85 12.31
N GLY NA 90 23.91 40.53 12.27
CA GLY NA 90 25.04 39.92 11.59
C GLY NA 90 25.07 38.41 11.70
N ARG NA 91 26.27 37.86 11.86
CA ARG NA 91 26.47 36.41 11.91
C ARG NA 91 27.20 36.04 13.18
N ALA NA 92 26.84 34.88 13.74
CA ALA NA 92 27.44 34.38 14.97
C ALA NA 92 28.39 33.23 14.64
N SER NA 93 29.61 33.30 15.18
CA SER NA 93 30.61 32.29 14.90
C SER NA 93 31.48 32.09 16.14
N LEU NA 94 32.10 30.91 16.22
CA LEU NA 94 32.98 30.61 17.35
C LEU NA 94 34.31 31.33 17.24
N GLY NA 95 34.74 31.67 16.02
CA GLY NA 95 36.01 32.36 15.87
C GLY NA 95 36.00 33.75 16.45
N LEU NA 96 34.88 34.46 16.32
CA LEU NA 96 34.80 35.84 16.80
C LEU NA 96 34.86 35.89 18.33
N VAL NA 97 34.09 35.03 19.00
CA VAL NA 97 34.06 35.03 20.45
C VAL NA 97 35.39 34.55 21.02
N ALA NA 98 36.01 33.57 20.37
CA ALA NA 98 37.28 33.04 20.85
C ALA NA 98 38.39 34.08 20.76
N GLY NA 99 38.39 34.89 19.70
CA GLY NA 99 39.43 35.89 19.54
C GLY NA 99 39.37 36.96 20.61
N VAL NA 100 38.17 37.47 20.90
CA VAL NA 100 38.03 38.54 21.88
C VAL NA 100 38.33 38.03 23.29
N VAL NA 101 37.80 36.86 23.65
CA VAL NA 101 38.05 36.31 24.98
C VAL NA 101 39.52 35.95 25.12
N GLY NA 102 40.14 35.43 24.07
CA GLY NA 102 41.57 35.17 24.10
C GLY NA 102 42.38 36.44 24.28
N GLY NA 103 41.90 37.55 23.74
CA GLY NA 103 42.59 38.82 23.90
C GLY NA 103 42.63 39.28 25.34
N ILE NA 104 41.51 39.12 26.06
CA ILE NA 104 41.47 39.52 27.47
C ILE NA 104 42.43 38.66 28.29
N VAL NA 105 42.52 37.36 27.96
CA VAL NA 105 43.41 36.47 28.68
C VAL NA 105 44.86 36.90 28.50
N ILE NA 106 45.22 37.28 27.26
CA ILE NA 106 46.58 37.74 27.01
C ILE NA 106 46.83 39.09 27.66
N MET NA 107 45.88 40.02 27.52
CA MET NA 107 46.06 41.37 28.05
C MET NA 107 46.21 41.36 29.56
N PHE NA 108 45.17 40.93 30.28
CA PHE NA 108 45.26 40.80 31.72
C PHE NA 108 46.19 39.65 32.10
N GLY NA 109 46.97 39.86 33.14
CA GLY NA 109 47.94 38.84 33.53
C GLY NA 109 49.10 38.72 32.58
N ALA NA 110 49.41 39.76 31.81
CA ALA NA 110 50.56 39.71 30.91
C ALA NA 110 51.87 39.70 31.68
N SER NA 111 51.85 40.13 32.94
CA SER NA 111 53.06 40.08 33.76
C SER NA 111 53.50 38.63 33.98
N PHE NA 112 52.54 37.73 34.22
CA PHE NA 112 52.89 36.32 34.39
C PHE NA 112 53.43 35.73 33.10
N LEU NA 113 52.86 36.11 31.95
CA LEU NA 113 53.39 35.63 30.68
C LEU NA 113 54.81 36.15 30.44
N GLY NA 114 55.06 37.41 30.78
CA GLY NA 114 56.40 37.95 30.59
C GLY NA 114 57.43 37.28 31.47
N LYS NA 115 57.07 37.00 32.73
CA LYS NA 115 57.99 36.32 33.63
C LYS NA 115 58.31 34.91 33.17
N THR NA 116 57.29 34.18 32.71
CA THR NA 116 57.50 32.81 32.25
C THR NA 116 58.38 32.78 31.01
N LEU NA 117 58.13 33.67 30.06
CA LEU NA 117 58.90 33.68 28.83
C LEU NA 117 60.35 34.08 29.10
N THR NA 118 60.56 35.17 29.85
CA THR NA 118 61.92 35.61 30.16
C THR NA 118 62.65 34.59 31.01
N GLY NA 119 61.97 34.00 31.99
CA GLY NA 119 62.57 33.03 32.87
C GLY NA 119 62.98 33.55 34.24
N GLY NA 120 62.66 34.79 34.56
CA GLY NA 120 63.01 35.35 35.85
C GLY NA 120 62.36 36.70 36.04
N GLY NA 121 62.48 37.20 37.26
CA GLY NA 121 61.91 38.50 37.61
C GLY NA 121 61.15 38.48 38.93
N GLY OA 52 90.96 60.51 33.09
CA GLY OA 52 89.65 61.14 32.95
C GLY OA 52 88.50 60.17 33.17
N GLY OA 53 87.59 60.14 32.19
CA GLY OA 53 86.45 59.25 32.28
C GLY OA 53 86.83 57.80 31.99
N THR OA 54 85.86 56.91 32.21
CA THR OA 54 86.09 55.49 31.99
C THR OA 54 86.23 55.20 30.51
N ASP OA 55 86.87 54.08 30.20
CA ASP OA 55 87.11 53.70 28.81
C ASP OA 55 85.78 53.41 28.10
N PRO OA 56 85.73 53.61 26.78
CA PRO OA 56 84.46 53.39 26.06
C PRO OA 56 83.95 51.97 26.15
N ALA OA 57 84.82 51.00 26.41
CA ALA OA 57 84.36 49.61 26.53
C ALA OA 57 83.44 49.43 27.72
N THR OA 58 83.66 50.20 28.79
CA THR OA 58 82.82 50.07 29.98
C THR OA 58 81.45 50.71 29.76
N MET OA 59 81.41 51.84 29.07
CA MET OA 59 80.15 52.56 28.89
C MET OA 59 79.15 51.75 28.08
N VAL OA 60 79.60 51.11 27.00
CA VAL OA 60 78.69 50.32 26.18
C VAL OA 60 78.20 49.09 26.94
N ASN OA 61 78.98 48.63 27.93
CA ASN OA 61 78.49 47.55 28.80
C ASN OA 61 77.37 48.04 29.71
N ASN OA 62 77.47 49.29 30.17
CA ASN OA 62 76.42 49.83 31.04
C ASN OA 62 75.09 49.95 30.32
N ILE OA 63 75.12 50.32 29.04
CA ILE OA 63 73.88 50.40 28.26
C ILE OA 63 73.26 49.02 28.12
N CYS OA 64 74.08 48.01 27.83
CA CYS OA 64 73.56 46.66 27.67
C CYS OA 64 72.97 46.14 28.97
N THR OA 65 73.63 46.40 30.10
CA THR OA 65 73.10 45.96 31.39
C THR OA 65 71.80 46.67 31.72
N PHE OA 66 71.72 47.97 31.45
CA PHE OA 66 70.50 48.71 31.74
C PHE OA 66 69.34 48.25 30.87
N ILE OA 67 69.58 48.05 29.58
CA ILE OA 67 68.51 47.63 28.67
C ILE OA 67 67.98 46.26 29.04
N LEU OA 68 68.88 45.32 29.30
CA LEU OA 68 68.51 43.95 29.62
C LEU OA 68 68.29 43.73 31.13
N GLY OA 69 68.07 44.80 31.88
CA GLY OA 69 67.83 44.70 33.29
C GLY OA 69 66.35 44.78 33.63
N PRO OA 70 66.03 45.37 34.78
CA PRO OA 70 64.60 45.54 35.13
C PRO OA 70 63.83 46.38 34.14
N PHE OA 71 64.48 47.33 33.46
CA PHE OA 71 63.79 48.15 32.47
C PHE OA 71 63.32 47.30 31.29
N GLY OA 72 64.16 46.38 30.83
CA GLY OA 72 63.76 45.54 29.71
C GLY OA 72 62.65 44.58 30.04
N GLN OA 73 62.64 44.04 31.25
CA GLN OA 73 61.59 43.11 31.65
C GLN OA 73 60.23 43.77 31.67
N SER OA 74 60.16 45.03 32.10
CA SER OA 74 58.89 45.75 32.11
C SER OA 74 58.49 46.18 30.69
N LEU OA 75 59.44 46.22 29.76
CA LEU OA 75 59.10 46.46 28.36
C LEU OA 75 58.43 45.23 27.75
N ALA OA 76 58.81 44.04 28.22
CA ALA OA 76 58.22 42.82 27.68
C ALA OA 76 56.73 42.73 27.98
N VAL OA 77 56.32 43.09 29.20
CA VAL OA 77 54.92 43.00 29.56
C VAL OA 77 54.09 44.03 28.81
N LEU OA 78 54.68 45.17 28.46
CA LEU OA 78 53.96 46.17 27.68
C LEU OA 78 53.72 45.68 26.25
N GLY OA 79 54.69 44.97 25.68
CA GLY OA 79 54.49 44.41 24.36
C GLY OA 79 53.42 43.33 24.33
N ILE OA 80 53.36 42.51 25.38
CA ILE OA 80 52.34 41.47 25.46
C ILE OA 80 50.96 42.08 25.64
N VAL OA 81 50.87 43.17 26.41
CA VAL OA 81 49.59 43.83 26.61
C VAL OA 81 49.03 44.35 25.29
N ALA OA 82 49.91 44.86 24.42
CA ALA OA 82 49.46 45.38 23.13
C ALA OA 82 48.86 44.29 22.26
N ILE OA 83 49.27 43.03 22.47
CA ILE OA 83 48.66 41.93 21.72
C ILE OA 83 47.21 41.74 22.14
N GLY OA 84 46.96 41.71 23.45
CA GLY OA 84 45.60 41.51 23.93
C GLY OA 84 44.68 42.65 23.57
N ILE OA 85 45.19 43.88 23.63
CA ILE OA 85 44.38 45.04 23.27
C ILE OA 85 44.06 45.01 21.78
N SER OA 86 45.01 44.53 20.96
CA SER OA 86 44.80 44.53 19.52
C SER OA 86 43.86 43.43 19.05
N TRP OA 87 43.88 42.25 19.72
CA TRP OA 87 42.98 41.18 19.29
C TRP OA 87 41.52 41.57 19.44
N MET OA 88 41.16 42.17 20.57
CA MET OA 88 39.85 42.78 20.70
C MET OA 88 39.86 44.16 20.03
N PHE OA 89 38.67 44.67 19.72
CA PHE OA 89 38.52 45.89 18.93
C PHE OA 89 39.27 45.79 17.61
N GLY OA 90 39.29 44.60 17.02
CA GLY OA 90 40.03 44.39 15.78
C GLY OA 90 40.01 42.95 15.29
N ARG OA 91 41.13 42.49 14.75
CA ARG OA 91 41.23 41.16 14.16
C ARG OA 91 42.37 40.39 14.82
N ALA OA 92 42.17 39.09 14.99
CA ALA OA 92 43.16 38.21 15.60
C ALA OA 92 43.83 37.38 14.52
N SER OA 93 45.16 37.34 14.54
CA SER OA 93 45.92 36.59 13.54
C SER OA 93 47.17 36.03 14.18
N LEU OA 94 47.70 34.97 13.56
CA LEU OA 94 48.92 34.34 14.07
C LEU OA 94 50.15 35.17 13.74
N GLY OA 95 50.10 35.98 12.68
CA GLY OA 95 51.26 36.78 12.34
C GLY OA 95 51.57 37.85 13.37
N LEU OA 96 50.54 38.46 13.95
CA LEU OA 96 50.75 39.53 14.91
C LEU OA 96 51.39 39.00 16.20
N VAL OA 97 50.87 37.89 16.72
CA VAL OA 97 51.40 37.34 17.96
C VAL OA 97 52.82 36.80 17.75
N ALA OA 98 53.07 36.19 16.59
CA ALA OA 98 54.40 35.64 16.32
C ALA OA 98 55.45 36.74 16.23
N GLY OA 99 55.09 37.87 15.63
CA GLY OA 99 56.06 38.95 15.49
C GLY OA 99 56.49 39.54 16.82
N VAL OA 100 55.53 39.78 17.72
CA VAL OA 100 55.85 40.38 19.01
C VAL OA 100 56.63 39.41 19.89
N VAL OA 101 56.20 38.16 19.94
CA VAL OA 101 56.90 37.17 20.75
C VAL OA 101 58.29 36.90 20.19
N GLY OA 102 58.42 36.89 18.86
CA GLY OA 102 59.73 36.76 18.26
C GLY OA 102 60.64 37.93 18.58
N GLY OA 103 60.05 39.12 18.72
CA GLY OA 103 60.85 40.28 19.08
C GLY OA 103 61.47 40.18 20.47
N ILE OA 104 60.70 39.66 21.43
CA ILE OA 104 61.23 39.48 22.79
C ILE OA 104 62.36 38.46 22.78
N VAL OA 105 62.23 37.41 21.98
CA VAL OA 105 63.28 36.38 21.90
C VAL OA 105 64.56 36.98 21.36
N ILE OA 106 64.46 37.83 20.34
CA ILE OA 106 65.65 38.47 19.77
C ILE OA 106 66.21 39.51 20.75
N MET OA 107 65.35 40.32 21.35
CA MET OA 107 65.80 41.39 22.24
C MET OA 107 66.52 40.81 23.46
N PHE OA 108 65.81 40.05 24.28
CA PHE OA 108 66.44 39.40 25.42
C PHE OA 108 67.35 38.28 24.94
N GLY OA 109 68.50 38.14 25.61
CA GLY OA 109 69.46 37.15 25.19
C GLY OA 109 70.16 37.50 23.89
N ALA OA 110 70.22 38.78 23.53
CA ALA OA 110 70.93 39.19 22.32
C ALA OA 110 72.43 38.98 22.46
N SER OA 111 72.93 38.92 23.70
CA SER OA 111 74.35 38.66 23.91
C SER OA 111 74.74 37.28 23.38
N PHE OA 112 73.89 36.27 23.60
CA PHE OA 112 74.17 34.94 23.07
C PHE OA 112 74.15 34.93 21.55
N LEU OA 113 73.22 35.67 20.95
CA LEU OA 113 73.17 35.76 19.49
C LEU OA 113 74.42 36.44 18.95
N GLY OA 114 74.87 37.50 19.62
CA GLY OA 114 76.08 38.19 19.16
C GLY OA 114 77.31 37.32 19.26
N LYS OA 115 77.44 36.56 20.35
CA LYS OA 115 78.59 35.69 20.51
C LYS OA 115 78.61 34.58 19.45
N THR OA 116 77.44 33.99 19.17
CA THR OA 116 77.37 32.92 18.18
C THR OA 116 77.70 33.44 16.79
N LEU OA 117 77.17 34.60 16.43
CA LEU OA 117 77.42 35.15 15.10
C LEU OA 117 78.88 35.55 14.92
N THR OA 118 79.43 36.27 15.90
CA THR OA 118 80.83 36.69 15.81
C THR OA 118 81.76 35.49 15.86
N GLY OA 119 81.47 34.53 16.72
CA GLY OA 119 82.29 33.35 16.86
C GLY OA 119 83.23 33.34 18.05
N GLY OA 120 83.14 34.34 18.92
CA GLY OA 120 84.00 34.39 20.09
C GLY OA 120 83.57 35.51 21.02
N GLY OA 121 84.18 35.52 22.20
CA GLY OA 121 83.87 36.54 23.20
C GLY OA 121 83.67 35.95 24.59
N GLY PA 52 110.42 61.08 16.86
CA GLY PA 52 109.22 61.58 17.49
C GLY PA 52 108.17 60.52 17.73
N GLY PA 53 106.96 60.78 17.24
CA GLY PA 53 105.88 59.82 17.40
C GLY PA 53 106.02 58.63 16.46
N THR PA 54 105.15 57.65 16.68
CA THR PA 54 105.18 56.45 15.87
C THR PA 54 104.73 56.75 14.45
N ASP PA 55 105.11 55.88 13.51
CA ASP PA 55 104.78 56.08 12.11
C ASP PA 55 103.27 55.96 11.90
N PRO PA 56 102.73 56.65 10.88
CA PRO PA 56 101.28 56.60 10.67
C PRO PA 56 100.73 55.21 10.40
N ALA PA 57 101.57 54.30 9.91
CA ALA PA 57 101.10 52.93 9.65
C ALA PA 57 100.68 52.24 10.94
N THR PA 58 101.35 52.55 12.05
CA THR PA 58 101.02 51.92 13.32
C THR PA 58 99.73 52.46 13.91
N MET PA 59 99.50 53.77 13.76
CA MET PA 59 98.32 54.40 14.37
C MET PA 59 97.03 53.87 13.76
N VAL PA 60 96.99 53.73 12.43
CA VAL PA 60 95.79 53.22 11.78
C VAL PA 60 95.55 51.75 12.14
N ASN PA 61 96.60 51.02 12.50
CA ASN PA 61 96.41 49.67 13.00
C ASN PA 61 95.76 49.67 14.38
N ASN PA 62 96.10 50.65 15.22
CA ASN PA 62 95.52 50.73 16.55
C ASN PA 62 94.02 51.00 16.50
N ILE PA 63 93.58 51.83 15.55
CA ILE PA 63 92.16 52.10 15.39
C ILE PA 63 91.42 50.82 14.97
N CYS PA 64 92.00 50.07 14.04
CA CYS PA 64 91.37 48.84 13.58
C CYS PA 64 91.29 47.81 14.70
N THR PA 65 92.34 47.68 15.50
CA THR PA 65 92.32 46.74 16.62
C THR PA 65 91.29 47.15 17.66
N PHE PA 66 91.21 48.46 17.96
CA PHE PA 66 90.24 48.93 18.96
C PHE PA 66 88.81 48.73 18.49
N ILE PA 67 88.53 49.05 17.22
CA ILE PA 67 87.17 48.92 16.71
C ILE PA 67 86.73 47.46 16.68
N LEU PA 68 87.59 46.57 16.21
CA LEU PA 68 87.28 45.15 16.10
C LEU PA 68 87.63 44.37 17.37
N GLY PA 69 87.79 45.06 18.49
CA GLY PA 69 88.10 44.40 19.74
C GLY PA 69 86.87 44.22 20.61
N PRO PA 70 87.05 44.30 21.93
CA PRO PA 70 85.89 44.20 22.83
C PRO PA 70 84.85 45.29 22.60
N PHE PA 71 85.26 46.47 22.16
CA PHE PA 71 84.30 47.54 21.89
C PHE PA 71 83.36 47.16 20.76
N GLY PA 72 83.89 46.56 19.70
CA GLY PA 72 83.05 46.18 18.57
C GLY PA 72 82.07 45.08 18.91
N GLN PA 73 82.50 44.10 19.73
CA GLN PA 73 81.62 43.01 20.10
C GLN PA 73 80.41 43.50 20.89
N SER PA 74 80.60 44.49 21.76
CA SER PA 74 79.48 45.04 22.52
C SER PA 74 78.61 45.93 21.64
N LEU PA 75 79.14 46.40 20.51
CA LEU PA 75 78.30 47.12 19.55
C LEU PA 75 77.37 46.17 18.81
N ALA PA 76 77.80 44.92 18.62
CA ALA PA 76 76.97 43.95 17.92
C ALA PA 76 75.71 43.63 18.70
N VAL PA 77 75.83 43.46 20.02
CA VAL PA 77 74.66 43.11 20.83
C VAL PA 77 73.68 44.28 20.89
N LEU PA 78 74.17 45.52 20.82
CA LEU PA 78 73.27 46.67 20.81
C LEU PA 78 72.48 46.73 19.52
N GLY PA 79 73.11 46.38 18.39
CA GLY PA 79 72.38 46.35 17.14
C GLY PA 79 71.31 45.27 17.10
N ILE PA 80 71.59 44.12 17.70
CA ILE PA 80 70.61 43.03 17.74
C ILE PA 80 69.45 43.41 18.65
N VAL PA 81 69.74 44.11 19.76
CA VAL PA 81 68.68 44.54 20.67
C VAL PA 81 67.70 45.46 19.96
N ALA PA 82 68.21 46.34 19.09
CA ALA PA 82 67.34 47.26 18.37
C ALA PA 82 66.39 46.54 17.44
N ILE PA 83 66.74 45.33 16.99
CA ILE PA 83 65.82 44.55 16.17
C ILE PA 83 64.64 44.08 16.99
N GLY PA 84 64.91 43.54 18.18
CA GLY PA 84 63.82 43.05 19.02
C GLY PA 84 62.91 44.16 19.51
N ILE PA 85 63.48 45.32 19.84
CA ILE PA 85 62.69 46.46 20.29
C ILE PA 85 61.82 46.97 19.13
N SER PA 86 62.34 46.92 17.91
CA SER PA 86 61.61 47.44 16.76
C SER PA 86 60.49 46.52 16.31
N TRP PA 87 60.67 45.19 16.42
CA TRP PA 87 59.61 44.28 15.98
C TRP PA 87 58.35 44.45 16.81
N MET PA 88 58.49 44.55 18.12
CA MET PA 88 57.37 44.96 18.96
C MET PA 88 57.23 46.47 18.93
N PHE PA 89 56.05 46.96 19.31
CA PHE PA 89 55.69 48.36 19.16
C PHE PA 89 55.87 48.84 17.72
N GLY PA 90 55.58 47.97 16.75
CA GLY PA 90 55.77 48.31 15.35
C GLY PA 90 55.46 47.18 14.40
N ARG PA 91 56.27 47.04 13.35
CA ARG PA 91 56.04 46.06 12.30
C ARG PA 91 57.28 45.20 12.14
N ALA PA 92 57.07 43.91 11.87
CA ALA PA 92 58.16 42.96 11.67
C ALA PA 92 58.31 42.65 10.18
N SER PA 93 59.54 42.72 9.68
CA SER PA 93 59.80 42.48 8.27
C SER PA 93 61.17 41.83 8.11
N LEU PA 94 61.34 41.14 6.99
CA LEU PA 94 62.62 40.47 6.72
C LEU PA 94 63.69 41.46 6.29
N GLY PA 95 63.30 42.61 5.73
CA GLY PA 95 64.28 43.58 5.31
C GLY PA 95 65.04 44.20 6.47
N LEU PA 96 64.35 44.45 7.57
CA LEU PA 96 64.98 45.10 8.72
C LEU PA 96 66.02 44.18 9.37
N VAL PA 97 65.67 42.91 9.57
CA VAL PA 97 66.61 41.98 10.21
C VAL PA 97 67.78 41.69 9.29
N ALA PA 98 67.54 41.59 7.98
CA ALA PA 98 68.61 41.30 7.04
C ALA PA 98 69.63 42.43 6.98
N GLY PA 99 69.15 43.69 7.05
CA GLY PA 99 70.06 44.81 6.98
C GLY PA 99 71.00 44.89 8.17
N VAL PA 100 70.48 44.67 9.37
CA VAL PA 100 71.31 44.78 10.57
C VAL PA 100 72.30 43.63 10.65
N VAL PA 101 71.83 42.41 10.37
CA VAL PA 101 72.72 41.25 10.41
C VAL PA 101 73.76 41.34 9.31
N GLY PA 102 73.37 41.83 8.14
CA GLY PA 102 74.34 42.06 7.08
C GLY PA 102 75.39 43.10 7.46
N GLY PA 103 74.98 44.09 8.27
CA GLY PA 103 75.93 45.10 8.72
C GLY PA 103 77.02 44.52 9.59
N ILE PA 104 76.65 43.61 10.50
CA ILE PA 104 77.65 42.99 11.38
C ILE PA 104 78.62 42.15 10.56
N VAL PA 105 78.12 41.46 9.53
CA VAL PA 105 78.98 40.64 8.68
C VAL PA 105 80.00 41.52 7.96
N ILE PA 106 79.57 42.68 7.47
CA ILE PA 106 80.50 43.58 6.79
C ILE PA 106 81.46 44.22 7.79
N MET PA 107 80.95 44.66 8.93
CA MET PA 107 81.79 45.35 9.92
C MET PA 107 82.87 44.42 10.45
N PHE PA 108 82.47 43.35 11.13
CA PHE PA 108 83.44 42.37 11.60
C PHE PA 108 84.03 41.60 10.43
N GLY PA 109 85.33 41.32 10.50
CA GLY PA 109 85.98 40.66 9.40
C GLY PA 109 86.16 41.52 8.17
N ALA PA 110 86.17 42.84 8.34
CA ALA PA 110 86.39 43.74 7.20
C ALA PA 110 87.82 43.64 6.69
N SER PA 111 88.74 43.15 7.51
CA SER PA 111 90.11 42.95 7.05
C SER PA 111 90.17 41.92 5.93
N PHE PA 112 89.41 40.83 6.05
CA PHE PA 112 89.38 39.83 5.00
C PHE PA 112 88.77 40.40 3.72
N LEU PA 113 87.72 41.21 3.84
CA LEU PA 113 87.13 41.85 2.66
C LEU PA 113 88.13 42.79 1.99
N GLY PA 114 88.88 43.56 2.79
CA GLY PA 114 89.85 44.47 2.22
C GLY PA 114 90.97 43.75 1.50
N LYS PA 115 91.45 42.64 2.08
CA LYS PA 115 92.52 41.87 1.45
C LYS PA 115 92.05 41.26 0.13
N THR PA 116 90.83 40.71 0.10
CA THR PA 116 90.31 40.09 -1.11
C THR PA 116 90.12 41.13 -2.22
N LEU PA 117 89.56 42.29 -1.87
CA LEU PA 117 89.33 43.32 -2.88
C LEU PA 117 90.64 43.87 -3.42
N THR PA 118 91.56 44.23 -2.54
CA THR PA 118 92.85 44.77 -2.97
C THR PA 118 93.64 43.72 -3.74
N GLY PA 119 93.63 42.48 -3.28
CA GLY PA 119 94.37 41.42 -3.92
C GLY PA 119 95.69 41.05 -3.27
N GLY PA 120 96.00 41.62 -2.11
CA GLY PA 120 97.25 41.31 -1.44
C GLY PA 120 97.28 41.95 -0.07
N GLY PA 121 98.29 41.57 0.70
CA GLY PA 121 98.46 42.10 2.04
C GLY PA 121 98.77 41.02 3.07
N GLY QA 52 -15.48 -67.51 8.14
CA GLY QA 52 -16.61 -67.07 8.93
C GLY QA 52 -17.63 -68.16 9.17
N GLY QA 53 -18.88 -67.88 8.85
CA GLY QA 53 -19.94 -68.84 9.01
C GLY QA 53 -19.91 -69.93 7.95
N THR QA 54 -20.76 -70.93 8.16
CA THR QA 54 -20.81 -72.06 7.22
C THR QA 54 -21.41 -71.60 5.90
N ASP QA 55 -21.12 -72.37 4.85
CA ASP QA 55 -21.60 -72.03 3.52
C ASP QA 55 -23.13 -72.15 3.45
N PRO QA 56 -23.77 -71.36 2.58
CA PRO QA 56 -25.24 -71.39 2.52
C PRO QA 56 -25.82 -72.75 2.16
N ALA QA 57 -25.03 -73.61 1.50
CA ALA QA 57 -25.54 -74.94 1.15
C ALA QA 57 -25.81 -75.77 2.40
N THR QA 58 -25.02 -75.57 3.46
CA THR QA 58 -25.22 -76.33 4.68
C THR QA 58 -26.46 -75.85 5.45
N MET QA 59 -26.69 -74.54 5.48
CA MET QA 59 -27.80 -73.99 6.25
C MET QA 59 -29.14 -74.47 5.73
N VAL QA 60 -29.32 -74.47 4.40
CA VAL QA 60 -30.59 -74.92 3.84
C VAL QA 60 -30.80 -76.41 4.07
N ASN QA 61 -29.71 -77.17 4.25
CA ASN QA 61 -29.85 -78.57 4.63
C ASN QA 61 -30.35 -78.71 6.05
N ASN QA 62 -29.92 -77.82 6.95
CA ASN QA 62 -30.36 -77.89 8.34
C ASN QA 62 -31.86 -77.62 8.46
N ILE QA 63 -32.39 -76.71 7.65
CA ILE QA 63 -33.82 -76.43 7.68
C ILE QA 63 -34.60 -77.66 7.22
N CYS QA 64 -34.12 -78.31 6.15
CA CYS QA 64 -34.80 -79.50 5.64
C CYS QA 64 -34.78 -80.63 6.65
N THR QA 65 -33.64 -80.83 7.31
CA THR QA 65 -33.55 -81.88 8.33
C THR QA 65 -34.46 -81.59 9.51
N PHE QA 66 -34.51 -80.33 9.95
CA PHE QA 66 -35.36 -79.96 11.09
C PHE QA 66 -36.84 -80.13 10.75
N ILE QA 67 -37.25 -79.69 9.56
CA ILE QA 67 -38.66 -79.77 9.19
C ILE QA 67 -39.10 -81.22 9.05
N LEU QA 68 -38.29 -82.06 8.40
CA LEU QA 68 -38.62 -83.45 8.19
C LEU QA 68 -38.15 -84.35 9.32
N GLY QA 69 -37.85 -83.79 10.48
CA GLY QA 69 -37.42 -84.56 11.62
C GLY QA 69 -38.56 -84.84 12.58
N PRO QA 70 -38.23 -84.90 13.88
CA PRO QA 70 -39.30 -85.10 14.89
C PRO QA 70 -40.35 -84.01 14.88
N PHE QA 71 -39.98 -82.77 14.53
CA PHE QA 71 -40.97 -81.69 14.47
C PHE QA 71 -42.03 -81.96 13.40
N GLY QA 72 -41.61 -82.45 12.24
CA GLY QA 72 -42.57 -82.72 11.17
C GLY QA 72 -43.50 -83.86 11.50
N GLN QA 73 -43.00 -84.90 12.17
CA GLN QA 73 -43.83 -86.04 12.51
C GLN QA 73 -44.95 -85.65 13.48
N SER QA 74 -44.67 -84.75 14.42
CA SER QA 74 -45.70 -84.28 15.34
C SER QA 74 -46.66 -83.32 14.65
N LEU QA 75 -46.25 -82.72 13.53
CA LEU QA 75 -47.18 -81.91 12.74
C LEU QA 75 -48.19 -82.80 12.02
N ALA QA 76 -47.78 -84.01 11.65
CA ALA QA 76 -48.68 -84.92 10.94
C ALA QA 76 -49.86 -85.32 11.81
N VAL QA 77 -49.60 -85.63 13.09
CA VAL QA 77 -50.68 -86.07 13.97
C VAL QA 77 -51.64 -84.92 14.27
N LEU QA 78 -51.15 -83.68 14.26
CA LEU QA 78 -52.05 -82.54 14.47
C LEU QA 78 -52.97 -82.35 13.28
N GLY QA 79 -52.47 -82.58 12.06
CA GLY QA 79 -53.33 -82.48 10.89
C GLY QA 79 -54.40 -83.57 10.87
N ILE QA 80 -54.05 -84.77 11.30
CA ILE QA 80 -55.02 -85.86 11.35
C ILE QA 80 -56.09 -85.59 12.41
N VAL QA 81 -55.68 -85.01 13.54
CA VAL QA 81 -56.64 -84.68 14.59
C VAL QA 81 -57.69 -83.70 14.09
N ALA QA 82 -57.27 -82.73 13.27
CA ALA QA 82 -58.20 -81.74 12.74
C ALA QA 82 -59.25 -82.38 11.85
N ILE QA 83 -58.95 -83.53 11.24
CA ILE QA 83 -59.94 -84.24 10.44
C ILE QA 83 -61.04 -84.78 11.34
N GLY QA 84 -60.65 -85.44 12.43
CA GLY QA 84 -61.65 -86.03 13.32
C GLY QA 84 -62.49 -84.98 14.01
N ILE QA 85 -61.88 -83.86 14.40
CA ILE QA 85 -62.64 -82.78 15.04
C ILE QA 85 -63.61 -82.16 14.05
N SER QA 86 -63.22 -82.08 12.77
CA SER QA 86 -64.07 -81.45 11.77
C SER QA 86 -65.24 -82.33 11.34
N TRP QA 87 -65.04 -83.66 11.29
CA TRP QA 87 -66.14 -84.53 10.88
C TRP QA 87 -67.31 -84.45 11.85
N MET QA 88 -67.04 -84.49 13.15
CA MET QA 88 -68.06 -84.19 14.13
C MET QA 88 -68.20 -82.68 14.27
N PHE QA 89 -69.33 -82.24 14.82
CA PHE QA 89 -69.70 -80.82 14.86
C PHE QA 89 -69.67 -80.20 13.47
N GLY QA 90 -70.06 -80.97 12.45
CA GLY QA 90 -70.02 -80.49 11.08
C GLY QA 90 -70.44 -81.52 10.06
N ARG QA 91 -69.74 -81.53 8.91
CA ARG QA 91 -70.08 -82.42 7.81
C ARG QA 91 -68.86 -83.24 7.42
N ALA QA 92 -69.11 -84.50 7.04
CA ALA QA 92 -68.05 -85.41 6.63
C ALA QA 92 -68.06 -85.56 5.12
N SER QA 93 -66.88 -85.43 4.50
CA SER QA 93 -66.77 -85.52 3.05
C SER QA 93 -65.43 -86.14 2.68
N LEU QA 94 -65.38 -86.72 1.48
CA LEU QA 94 -64.15 -87.35 1.01
C LEU QA 94 -63.12 -86.30 0.58
N GLY QA 95 -63.57 -85.11 0.18
CA GLY QA 95 -62.63 -84.09 -0.24
C GLY QA 95 -61.75 -83.59 0.89
N LEU QA 96 -62.32 -83.46 2.08
CA LEU QA 96 -61.57 -82.93 3.22
C LEU QA 96 -60.47 -83.90 3.65
N VAL QA 97 -60.80 -85.18 3.76
CA VAL QA 97 -59.81 -86.17 4.20
C VAL QA 97 -58.74 -86.36 3.14
N ALA QA 98 -59.12 -86.32 1.86
CA ALA QA 98 -58.15 -86.51 0.79
C ALA QA 98 -57.14 -85.37 0.74
N GLY QA 99 -57.60 -84.13 0.98
CA GLY QA 99 -56.71 -82.99 0.93
C GLY QA 99 -55.64 -83.03 2.01
N VAL QA 100 -56.04 -83.37 3.25
CA VAL QA 100 -55.09 -83.38 4.36
C VAL QA 100 -54.10 -84.53 4.20
N VAL QA 101 -54.60 -85.73 3.86
CA VAL QA 101 -53.71 -86.87 3.69
C VAL QA 101 -52.78 -86.66 2.50
N GLY QA 102 -53.30 -86.05 1.43
CA GLY QA 102 -52.44 -85.70 0.30
C GLY QA 102 -51.36 -84.70 0.67
N GLY QA 103 -51.68 -83.80 1.61
CA GLY QA 103 -50.68 -82.85 2.06
C GLY QA 103 -49.50 -83.49 2.76
N ILE QA 104 -49.78 -84.49 3.61
CA ILE QA 104 -48.70 -85.19 4.30
C ILE QA 104 -47.82 -85.94 3.31
N VAL QA 105 -48.43 -86.52 2.27
CA VAL QA 105 -47.67 -87.24 1.25
C VAL QA 105 -46.72 -86.29 0.53
N ILE QA 106 -47.20 -85.09 0.20
CA ILE QA 106 -46.34 -84.11 -0.48
C ILE QA 106 -45.29 -83.58 0.48
N MET QA 107 -45.68 -83.25 1.71
CA MET QA 107 -44.73 -82.67 2.66
C MET QA 107 -43.60 -83.64 2.98
N PHE QA 108 -43.93 -84.78 3.59
CA PHE QA 108 -42.92 -85.79 3.85
C PHE QA 108 -42.46 -86.43 2.55
N GLY QA 109 -41.16 -86.71 2.46
CA GLY QA 109 -40.63 -87.25 1.23
C GLY QA 109 -40.57 -86.26 0.09
N ALA QA 110 -40.55 -84.96 0.38
CA ALA QA 110 -40.45 -83.96 -0.66
C ALA QA 110 -39.08 -83.99 -1.34
N SER QA 111 -38.08 -84.56 -0.68
CA SER QA 111 -36.76 -84.69 -1.30
C SER QA 111 -36.82 -85.60 -2.51
N PHE QA 112 -37.57 -86.70 -2.43
CA PHE QA 112 -37.72 -87.59 -3.57
C PHE QA 112 -38.45 -86.90 -4.71
N LEU QA 113 -39.48 -86.11 -4.40
CA LEU QA 113 -40.19 -85.36 -5.43
C LEU QA 113 -39.27 -84.34 -6.10
N GLY QA 114 -38.45 -83.66 -5.31
CA GLY QA 114 -37.52 -82.70 -5.89
C GLY QA 114 -36.48 -83.33 -6.79
N LYS QA 115 -35.96 -84.48 -6.38
CA LYS QA 115 -34.97 -85.17 -7.20
C LYS QA 115 -35.57 -85.65 -8.52
N THR QA 116 -36.79 -86.20 -8.46
CA THR QA 116 -37.44 -86.70 -9.68
C THR QA 116 -37.73 -85.56 -10.65
N LEU QA 117 -38.24 -84.44 -10.13
CA LEU QA 117 -38.59 -83.31 -11.00
C LEU QA 117 -37.34 -82.70 -11.61
N THR QA 118 -36.32 -82.43 -10.79
CA THR QA 118 -35.09 -81.84 -11.31
C THR QA 118 -34.38 -82.79 -12.27
N GLY QA 119 -34.34 -84.08 -11.93
CA GLY QA 119 -33.69 -85.06 -12.75
C GLY QA 119 -32.32 -85.48 -12.28
N GLY QA 120 -31.87 -85.02 -11.12
CA GLY QA 120 -30.56 -85.40 -10.61
C GLY QA 120 -30.39 -84.90 -9.19
N GLY QA 121 -29.30 -85.34 -8.58
CA GLY QA 121 -28.99 -84.97 -7.21
C GLY QA 121 -28.58 -86.13 -6.34
N GLY RA 52 -5.94 -56.88 -12.87
CA GLY RA 52 -6.64 -56.87 -11.60
C GLY RA 52 -7.57 -58.06 -11.43
N GLY RA 53 -8.83 -57.78 -11.12
CA GLY RA 53 -9.81 -58.83 -10.94
C GLY RA 53 -10.26 -59.43 -12.26
N THR RA 54 -11.03 -60.51 -12.16
CA THR RA 54 -11.52 -61.19 -13.35
C THR RA 54 -12.56 -60.32 -14.07
N ASP RA 55 -12.75 -60.60 -15.35
CA ASP RA 55 -13.67 -59.83 -16.16
C ASP RA 55 -15.11 -60.04 -15.68
N PRO RA 56 -15.98 -59.05 -15.87
CA PRO RA 56 -17.36 -59.18 -15.38
C PRO RA 56 -18.12 -60.34 -15.98
N ALA RA 57 -17.72 -60.82 -17.16
CA ALA RA 57 -18.41 -61.96 -17.77
C ALA RA 57 -18.24 -63.22 -16.93
N THR RA 58 -17.10 -63.36 -16.26
CA THR RA 58 -16.86 -64.55 -15.44
C THR RA 58 -17.66 -64.51 -14.15
N MET RA 59 -17.78 -63.33 -13.54
CA MET RA 59 -18.45 -63.22 -12.25
C MET RA 59 -19.93 -63.57 -12.36
N VAL RA 60 -20.60 -63.09 -13.41
CA VAL RA 60 -22.02 -63.40 -13.58
C VAL RA 60 -22.23 -64.88 -13.87
N ASN RA 61 -21.22 -65.54 -14.43
CA ASN RA 61 -21.30 -67.00 -14.59
C ASN RA 61 -21.23 -67.71 -13.26
N ASN RA 62 -20.42 -67.19 -12.32
CA ASN RA 62 -20.30 -67.81 -11.02
C ASN RA 62 -21.61 -67.75 -10.24
N ILE RA 63 -22.34 -66.65 -10.37
CA ILE RA 63 -23.64 -66.54 -9.70
C ILE RA 63 -24.61 -67.56 -10.27
N CYS RA 64 -24.63 -67.71 -11.59
CA CYS RA 64 -25.53 -68.67 -12.22
C CYS RA 64 -25.20 -70.10 -11.81
N THR RA 65 -23.91 -70.43 -11.76
CA THR RA 65 -23.51 -71.77 -11.34
C THR RA 65 -23.88 -72.04 -9.88
N PHE RA 66 -23.67 -71.04 -9.02
CA PHE RA 66 -23.98 -71.21 -7.61
C PHE RA 66 -25.49 -71.37 -7.38
N ILE RA 67 -26.29 -70.55 -8.06
CA ILE RA 67 -27.74 -70.60 -7.87
C ILE RA 67 -28.30 -71.93 -8.36
N LEU RA 68 -27.86 -72.38 -9.54
CA LEU RA 68 -28.35 -73.61 -10.13
C LEU RA 68 -27.54 -74.83 -9.71
N GLY RA 69 -26.78 -74.73 -8.62
CA GLY RA 69 -26.00 -75.84 -8.12
C GLY RA 69 -26.69 -76.56 -6.99
N PRO RA 70 -25.91 -77.08 -6.04
CA PRO RA 70 -26.51 -77.73 -4.87
C PRO RA 70 -27.40 -76.82 -4.05
N PHE RA 71 -27.12 -75.51 -4.02
CA PHE RA 71 -27.97 -74.58 -3.28
C PHE RA 71 -29.38 -74.52 -3.88
N GLY RA 72 -29.47 -74.49 -5.21
CA GLY RA 72 -30.78 -74.42 -5.84
C GLY RA 72 -31.60 -75.68 -5.64
N GLN RA 73 -30.95 -76.84 -5.68
CA GLN RA 73 -31.67 -78.10 -5.50
C GLN RA 73 -32.30 -78.20 -4.12
N SER RA 74 -31.61 -77.70 -3.09
CA SER RA 74 -32.18 -77.71 -1.74
C SER RA 74 -33.26 -76.66 -1.58
N LEU RA 75 -33.27 -75.65 -2.46
CA LEU RA 75 -34.37 -74.68 -2.45
C LEU RA 75 -35.64 -75.31 -3.02
N ALA RA 76 -35.49 -76.25 -3.95
CA ALA RA 76 -36.65 -76.89 -4.55
C ALA RA 76 -37.43 -77.71 -3.53
N VAL RA 77 -36.73 -78.45 -2.66
CA VAL RA 77 -37.41 -79.28 -1.68
C VAL RA 77 -38.10 -78.42 -0.63
N LEU RA 78 -37.57 -77.23 -0.34
CA LEU RA 78 -38.23 -76.34 0.61
C LEU RA 78 -39.53 -75.79 0.03
N GLY RA 79 -39.55 -75.51 -1.27
CA GLY RA 79 -40.77 -75.05 -1.89
C GLY RA 79 -41.85 -76.13 -1.92
N ILE RA 80 -41.45 -77.38 -2.15
CA ILE RA 80 -42.40 -78.48 -2.16
C ILE RA 80 -42.96 -78.72 -0.76
N VAL RA 81 -42.11 -78.58 0.26
CA VAL RA 81 -42.56 -78.77 1.64
C VAL RA 81 -43.65 -77.76 1.98
N ALA RA 82 -43.51 -76.52 1.51
CA ALA RA 82 -44.51 -75.49 1.81
C ALA RA 82 -45.86 -75.83 1.21
N ILE RA 83 -45.90 -76.63 0.14
CA ILE RA 83 -47.17 -77.07 -0.42
C ILE RA 83 -47.88 -78.02 0.54
N GLY RA 84 -47.14 -79.00 1.05
CA GLY RA 84 -47.75 -79.96 1.96
C GLY RA 84 -48.20 -79.33 3.26
N ILE RA 85 -47.41 -78.40 3.79
CA ILE RA 85 -47.79 -77.71 5.02
C ILE RA 85 -49.02 -76.85 4.79
N SER RA 86 -49.14 -76.26 3.61
CA SER RA 86 -50.26 -75.37 3.33
C SER RA 86 -51.56 -76.13 3.07
N TRP RA 87 -51.50 -77.30 2.45
CA TRP RA 87 -52.72 -78.05 2.18
C TRP RA 87 -53.42 -78.45 3.48
N MET RA 88 -52.68 -78.95 4.45
CA MET RA 88 -53.22 -79.14 5.79
C MET RA 88 -53.20 -77.81 6.54
N PHE RA 89 -53.99 -77.72 7.59
CA PHE RA 89 -54.22 -76.46 8.31
C PHE RA 89 -54.68 -75.36 7.36
N GLY RA 90 -55.49 -75.72 6.36
CA GLY RA 90 -55.93 -74.75 5.38
C GLY RA 90 -56.78 -75.35 4.28
N ARG RA 91 -56.59 -74.87 3.05
CA ARG RA 91 -57.38 -75.29 1.91
C ARG RA 91 -56.47 -75.79 0.80
N ALA RA 92 -56.92 -76.82 0.09
CA ALA RA 92 -56.18 -77.42 -1.00
C ALA RA 92 -56.77 -76.99 -2.34
N SER RA 93 -55.93 -76.52 -3.25
CA SER RA 93 -56.39 -76.06 -4.55
C SER RA 93 -55.33 -76.37 -5.59
N LEU RA 94 -55.79 -76.44 -6.85
CA LEU RA 94 -54.88 -76.72 -7.96
C LEU RA 94 -54.03 -75.52 -8.32
N GLY RA 95 -54.51 -74.31 -8.02
CA GLY RA 95 -53.72 -73.12 -8.34
C GLY RA 95 -52.45 -73.01 -7.53
N LEU RA 96 -52.51 -73.39 -6.25
CA LEU RA 96 -51.35 -73.28 -5.39
C LEU RA 96 -50.24 -74.23 -5.81
N VAL RA 97 -50.59 -75.49 -6.09
CA VAL RA 97 -49.58 -76.47 -6.47
C VAL RA 97 -49.00 -76.15 -7.85
N ALA RA 98 -49.85 -75.66 -8.76
CA ALA RA 98 -49.38 -75.35 -10.10
C ALA RA 98 -48.39 -74.18 -10.09
N GLY RA 99 -48.64 -73.18 -9.24
CA GLY RA 99 -47.75 -72.04 -9.18
C GLY RA 99 -46.36 -72.39 -8.70
N VAL RA 100 -46.27 -73.20 -7.64
CA VAL RA 100 -44.97 -73.55 -7.07
C VAL RA 100 -44.20 -74.46 -8.01
N VAL RA 101 -44.87 -75.47 -8.57
CA VAL RA 101 -44.21 -76.39 -9.50
C VAL RA 101 -43.80 -75.66 -10.77
N GLY RA 102 -44.64 -74.73 -11.23
CA GLY RA 102 -44.26 -73.92 -12.37
C GLY RA 102 -43.06 -73.04 -12.09
N GLY RA 103 -42.91 -72.60 -10.84
CA GLY RA 103 -41.76 -71.79 -10.47
C GLY RA 103 -40.45 -72.56 -10.57
N ILE RA 104 -40.46 -73.82 -10.15
CA ILE RA 104 -39.25 -74.63 -10.24
C ILE RA 104 -38.87 -74.86 -11.69
N VAL RA 105 -39.87 -75.05 -12.56
CA VAL RA 105 -39.60 -75.27 -13.98
C VAL RA 105 -38.95 -74.04 -14.59
N ILE RA 106 -39.43 -72.85 -14.22
CA ILE RA 106 -38.83 -71.62 -14.74
C ILE RA 106 -37.45 -71.39 -14.14
N MET RA 107 -37.31 -71.59 -12.83
CA MET RA 107 -36.05 -71.33 -12.16
C MET RA 107 -34.95 -72.25 -12.70
N PHE RA 108 -35.09 -73.55 -12.50
CA PHE RA 108 -34.13 -74.51 -13.04
C PHE RA 108 -34.25 -74.56 -14.56
N GLY RA 109 -33.11 -74.66 -15.23
CA GLY RA 109 -33.13 -74.65 -16.69
C GLY RA 109 -33.46 -73.30 -17.28
N ALA RA 110 -33.22 -72.21 -16.54
CA ALA RA 110 -33.46 -70.89 -17.09
C ALA RA 110 -32.47 -70.54 -18.18
N SER RA 111 -31.32 -71.23 -18.23
CA SER RA 111 -30.36 -71.00 -19.30
C SER RA 111 -30.95 -71.38 -20.65
N PHE RA 112 -31.69 -72.49 -20.71
CA PHE RA 112 -32.33 -72.89 -21.95
C PHE RA 112 -33.39 -71.89 -22.38
N LEU RA 113 -34.15 -71.37 -21.42
CA LEU RA 113 -35.16 -70.35 -21.74
C LEU RA 113 -34.49 -69.07 -22.26
N GLY RA 114 -33.39 -68.67 -21.65
CA GLY RA 114 -32.70 -67.48 -22.11
C GLY RA 114 -32.12 -67.63 -23.50
N LYS RA 115 -31.55 -68.80 -23.81
CA LYS RA 115 -31.01 -69.04 -25.14
C LYS RA 115 -32.11 -69.03 -26.19
N THR RA 116 -33.25 -69.67 -25.90
CA THR RA 116 -34.34 -69.72 -26.87
C THR RA 116 -34.90 -68.34 -27.13
N LEU RA 117 -35.11 -67.54 -26.08
CA LEU RA 117 -35.67 -66.21 -26.25
C LEU RA 117 -34.71 -65.29 -27.00
N THR RA 118 -33.45 -65.26 -26.59
CA THR RA 118 -32.47 -64.42 -27.27
C THR RA 118 -32.25 -64.88 -28.71
N GLY RA 119 -32.18 -66.18 -28.94
CA GLY RA 119 -31.95 -66.72 -30.25
C GLY RA 119 -30.54 -67.16 -30.54
N GLY RA 120 -29.66 -67.15 -29.55
CA GLY RA 120 -28.28 -67.57 -29.77
C GLY RA 120 -27.55 -67.63 -28.45
N GLY RA 121 -26.33 -68.18 -28.51
CA GLY RA 121 -25.49 -68.31 -27.34
C GLY RA 121 -24.87 -69.69 -27.21
N GLY SA 52 -4.50 -38.24 -30.08
CA GLY SA 52 -4.67 -38.79 -28.74
C GLY SA 52 -5.54 -40.02 -28.70
N GLY SA 53 -6.56 -40.00 -27.86
CA GLY SA 53 -7.47 -41.12 -27.74
C GLY SA 53 -8.43 -41.20 -28.90
N THR SA 54 -9.17 -42.31 -28.94
CA THR SA 54 -10.12 -42.53 -30.01
C THR SA 54 -11.29 -41.55 -29.90
N ASP SA 55 -11.98 -41.35 -31.02
CA ASP SA 55 -13.09 -40.40 -31.05
C ASP SA 55 -14.24 -40.90 -30.18
N PRO SA 56 -15.05 -39.99 -29.64
CA PRO SA 56 -16.14 -40.43 -28.75
C PRO SA 56 -17.15 -41.34 -29.41
N ALA SA 57 -17.27 -41.30 -30.75
CA ALA SA 57 -18.21 -42.17 -31.43
C ALA SA 57 -17.82 -43.63 -31.27
N THR SA 58 -16.52 -43.93 -31.20
CA THR SA 58 -16.08 -45.30 -31.05
C THR SA 58 -16.32 -45.83 -29.64
N MET SA 59 -16.10 -44.98 -28.63
CA MET SA 59 -16.23 -45.43 -27.24
C MET SA 59 -17.66 -45.84 -26.91
N VAL SA 60 -18.65 -45.06 -27.36
CA VAL SA 60 -20.04 -45.40 -27.08
C VAL SA 60 -20.45 -46.67 -27.82
N ASN SA 61 -19.77 -46.99 -28.92
CA ASN SA 61 -20.01 -48.27 -29.59
C ASN SA 61 -19.48 -49.44 -28.76
N ASN SA 62 -18.34 -49.23 -28.08
CA ASN SA 62 -17.77 -50.29 -27.26
C ASN SA 62 -18.68 -50.65 -26.08
N ILE SA 63 -19.33 -49.64 -25.49
CA ILE SA 63 -20.25 -49.91 -24.40
C ILE SA 63 -21.44 -50.73 -24.90
N CYS SA 64 -21.98 -50.36 -26.07
CA CYS SA 64 -23.12 -51.09 -26.62
C CYS SA 64 -22.75 -52.53 -26.95
N THR SA 65 -21.57 -52.74 -27.52
CA THR SA 65 -21.13 -54.10 -27.84
C THR SA 65 -20.93 -54.92 -26.57
N PHE SA 66 -20.34 -54.32 -25.53
CA PHE SA 66 -20.10 -55.04 -24.29
C PHE SA 66 -21.41 -55.40 -23.59
N ILE SA 67 -22.36 -54.45 -23.54
CA ILE SA 67 -23.63 -54.71 -22.86
C ILE SA 67 -24.42 -55.79 -23.58
N LEU SA 68 -24.49 -55.72 -24.90
CA LEU SA 68 -25.26 -56.68 -25.68
C LEU SA 68 -24.42 -57.89 -26.10
N GLY SA 69 -23.30 -58.14 -25.43
CA GLY SA 69 -22.48 -59.28 -25.73
C GLY SA 69 -22.72 -60.43 -24.78
N PRO SA 70 -21.68 -61.20 -24.47
CA PRO SA 70 -21.83 -62.30 -23.52
C PRO SA 70 -22.28 -61.85 -22.14
N PHE SA 71 -21.92 -60.64 -21.72
CA PHE SA 71 -22.35 -60.13 -20.42
C PHE SA 71 -23.87 -59.97 -20.37
N GLY SA 72 -24.46 -59.45 -21.44
CA GLY SA 72 -25.91 -59.26 -21.45
C GLY SA 72 -26.67 -60.56 -21.45
N GLN SA 73 -26.17 -61.57 -22.17
CA GLN SA 73 -26.85 -62.86 -22.23
C GLN SA 73 -26.91 -63.52 -20.87
N SER SA 74 -25.85 -63.40 -20.07
CA SER SA 74 -25.86 -63.97 -18.73
C SER SA 74 -26.71 -63.15 -17.77
N LEU SA 75 -26.99 -61.89 -18.12
CA LEU SA 75 -27.94 -61.10 -17.34
C LEU SA 75 -29.37 -61.57 -17.58
N ALA SA 76 -29.65 -62.08 -18.78
CA ALA SA 76 -31.00 -62.54 -19.09
C ALA SA 76 -31.38 -63.75 -18.23
N VAL SA 77 -30.45 -64.70 -18.07
CA VAL SA 77 -30.76 -65.89 -17.29
C VAL SA 77 -30.94 -65.55 -15.81
N LEU SA 78 -30.26 -64.52 -15.32
CA LEU SA 78 -30.44 -64.13 -13.93
C LEU SA 78 -31.82 -63.52 -13.71
N GLY SA 79 -32.32 -62.77 -14.69
CA GLY SA 79 -33.65 -62.21 -14.59
C GLY SA 79 -34.73 -63.29 -14.61
N ILE SA 80 -34.54 -64.32 -15.43
CA ILE SA 80 -35.49 -65.41 -15.49
C ILE SA 80 -35.48 -66.22 -14.20
N VAL SA 81 -34.30 -66.39 -13.61
CA VAL SA 81 -34.21 -67.13 -12.35
C VAL SA 81 -35.00 -66.43 -11.26
N ALA SA 82 -34.97 -65.09 -11.24
CA ALA SA 82 -35.70 -64.35 -10.22
C ALA SA 82 -37.20 -64.56 -10.34
N ILE SA 83 -37.70 -64.89 -11.54
CA ILE SA 83 -39.12 -65.19 -11.69
C ILE SA 83 -39.47 -66.49 -10.99
N GLY SA 84 -38.66 -67.53 -11.20
CA GLY SA 84 -38.94 -68.81 -10.57
C GLY SA 84 -38.81 -68.77 -9.06
N ILE SA 85 -37.82 -68.03 -8.56
CA ILE SA 85 -37.64 -67.89 -7.11
C ILE SA 85 -38.81 -67.12 -6.51
N SER SA 86 -39.34 -66.14 -7.25
CA SER SA 86 -40.42 -65.32 -6.71
C SER SA 86 -41.76 -66.02 -6.72
N TRP SA 87 -42.03 -66.88 -7.72
CA TRP SA 87 -43.31 -67.58 -7.77
C TRP SA 87 -43.49 -68.49 -6.56
N MET SA 88 -42.46 -69.26 -6.21
CA MET SA 88 -42.46 -69.98 -4.96
C MET SA 88 -42.06 -69.03 -3.83
N PHE SA 89 -42.39 -69.42 -2.60
CA PHE SA 89 -42.23 -68.55 -1.43
C PHE SA 89 -42.95 -67.22 -1.64
N GLY SA 90 -44.09 -67.25 -2.31
CA GLY SA 90 -44.81 -66.03 -2.60
C GLY SA 90 -46.06 -66.23 -3.44
N ARG SA 91 -46.32 -65.31 -4.36
CA ARG SA 91 -47.51 -65.33 -5.18
C ARG SA 91 -47.13 -65.30 -6.66
N ALA SA 92 -47.90 -66.01 -7.47
CA ALA SA 92 -47.66 -66.09 -8.91
C ALA SA 92 -48.70 -65.24 -9.64
N SER SA 93 -48.23 -64.40 -10.55
CA SER SA 93 -49.12 -63.51 -11.30
C SER SA 93 -48.57 -63.31 -12.70
N LEU SA 94 -49.48 -62.94 -13.62
CA LEU SA 94 -49.08 -62.70 -14.99
C LEU SA 94 -48.34 -61.38 -15.16
N GLY SA 95 -48.59 -60.42 -14.28
CA GLY SA 95 -47.92 -59.14 -14.38
C GLY SA 95 -46.43 -59.24 -14.14
N LEU SA 96 -46.02 -60.08 -13.19
CA LEU SA 96 -44.60 -60.19 -12.85
C LEU SA 96 -43.81 -60.81 -14.00
N VAL SA 97 -44.33 -61.89 -14.57
CA VAL SA 97 -43.61 -62.57 -15.65
C VAL SA 97 -43.59 -61.70 -16.91
N ALA SA 98 -44.68 -60.99 -17.17
CA ALA SA 98 -44.74 -60.13 -18.36
C ALA SA 98 -43.75 -58.99 -18.28
N GLY SA 99 -43.58 -58.42 -17.09
CA GLY SA 99 -42.65 -57.29 -16.94
C GLY SA 99 -41.21 -57.68 -17.19
N VAL SA 100 -40.79 -58.82 -16.64
CA VAL SA 100 -39.40 -59.23 -16.78
C VAL SA 100 -39.11 -59.66 -18.22
N VAL SA 101 -40.01 -60.44 -18.83
CA VAL SA 101 -39.81 -60.87 -20.20
C VAL SA 101 -39.87 -59.69 -21.15
N GLY SA 102 -40.76 -58.73 -20.88
CA GLY SA 102 -40.79 -57.52 -21.67
C GLY SA 102 -39.51 -56.71 -21.55
N GLY SA 103 -38.87 -56.75 -20.38
CA GLY SA 103 -37.61 -56.05 -20.20
C GLY SA 103 -36.50 -56.60 -21.07
N ILE SA 104 -36.43 -57.93 -21.19
CA ILE SA 104 -35.41 -58.54 -22.03
C ILE SA 104 -35.63 -58.17 -23.50
N VAL SA 105 -36.90 -58.11 -23.92
CA VAL SA 105 -37.21 -57.74 -25.30
C VAL SA 105 -36.76 -56.32 -25.60
N ILE SA 106 -36.98 -55.41 -24.64
CA ILE SA 106 -36.55 -54.02 -24.84
C ILE SA 106 -35.02 -53.92 -24.77
N MET SA 107 -34.41 -54.59 -23.80
CA MET SA 107 -32.96 -54.49 -23.61
C MET SA 107 -32.21 -55.03 -24.82
N PHE SA 108 -32.37 -56.32 -25.10
CA PHE SA 108 -31.76 -56.91 -26.29
C PHE SA 108 -32.46 -56.40 -27.54
N GLY SA 109 -31.67 -56.14 -28.59
CA GLY SA 109 -32.24 -55.58 -29.79
C GLY SA 109 -32.67 -54.14 -29.66
N ALA SA 110 -32.10 -53.40 -28.72
CA ALA SA 110 -32.44 -51.98 -28.57
C ALA SA 110 -31.92 -51.17 -29.74
N SER SA 111 -30.93 -51.68 -30.47
CA SER SA 111 -30.44 -50.99 -31.65
C SER SA 111 -31.52 -50.87 -32.71
N PHE SA 112 -32.30 -51.94 -32.91
CA PHE SA 112 -33.39 -51.89 -33.88
C PHE SA 112 -34.46 -50.90 -33.44
N LEU SA 113 -34.77 -50.85 -32.14
CA LEU SA 113 -35.74 -49.88 -31.65
C LEU SA 113 -35.25 -48.45 -31.84
N GLY SA 114 -33.95 -48.21 -31.60
CA GLY SA 114 -33.41 -46.88 -31.79
C GLY SA 114 -33.44 -46.44 -33.24
N LYS SA 115 -33.11 -47.36 -34.16
CA LYS SA 115 -33.13 -47.03 -35.58
C LYS SA 115 -34.55 -46.72 -36.06
N THR SA 116 -35.52 -47.51 -35.62
CA THR SA 116 -36.91 -47.29 -36.04
C THR SA 116 -37.44 -45.97 -35.52
N LEU SA 117 -37.16 -45.65 -34.25
CA LEU SA 117 -37.65 -44.41 -33.67
C LEU SA 117 -37.01 -43.20 -34.31
N THR SA 118 -35.67 -43.21 -34.44
CA THR SA 118 -34.97 -42.09 -35.06
C THR SA 118 -35.36 -41.94 -36.53
N GLY SA 119 -35.46 -43.06 -37.25
CA GLY SA 119 -35.79 -43.04 -38.65
C GLY SA 119 -34.63 -43.21 -39.60
N GLY SA 120 -33.44 -43.49 -39.09
CA GLY SA 120 -32.28 -43.68 -39.95
C GLY SA 120 -31.11 -44.17 -39.14
N GLY SA 121 -30.06 -44.55 -39.87
CA GLY SA 121 -28.84 -45.04 -39.25
C GLY SA 121 -28.30 -46.30 -39.91
N GLY TA 52 -8.53 -14.46 -38.02
CA GLY TA 52 -8.21 -15.48 -37.04
C GLY TA 52 -9.08 -16.71 -37.14
N GLY TA 53 -9.69 -17.10 -36.03
CA GLY TA 53 -10.56 -18.26 -36.02
C GLY TA 53 -11.90 -17.98 -36.68
N THR TA 54 -12.67 -19.05 -36.84
CA THR TA 54 -13.98 -18.93 -37.47
C THR TA 54 -14.94 -18.16 -36.55
N ASP TA 55 -15.99 -17.61 -37.15
CA ASP TA 55 -16.96 -16.83 -36.40
C ASP TA 55 -17.71 -17.73 -35.42
N PRO TA 56 -18.19 -17.17 -34.30
CA PRO TA 56 -18.88 -18.00 -33.31
C PRO TA 56 -20.14 -18.67 -33.83
N ALA TA 57 -20.75 -18.14 -34.89
CA ALA TA 57 -21.94 -18.77 -35.45
C ALA TA 57 -21.63 -20.14 -36.02
N THR TA 58 -20.42 -20.32 -36.56
CA THR TA 58 -20.05 -21.61 -37.13
C THR TA 58 -19.77 -22.65 -36.05
N MET TA 59 -19.13 -22.23 -34.96
CA MET TA 59 -18.75 -23.18 -33.92
C MET TA 59 -19.97 -23.81 -33.26
N VAL TA 60 -20.99 -23.02 -32.96
CA VAL TA 60 -22.19 -23.56 -32.33
C VAL TA 60 -22.94 -24.48 -33.28
N ASN TA 61 -22.76 -24.30 -34.59
CA ASN TA 61 -23.32 -25.24 -35.56
C ASN TA 61 -22.59 -26.58 -35.50
N ASN TA 62 -21.28 -26.55 -35.28
CA ASN TA 62 -20.51 -27.79 -35.22
C ASN TA 62 -20.92 -28.64 -34.02
N ILE TA 63 -21.22 -28.00 -32.89
CA ILE TA 63 -21.67 -28.74 -31.71
C ILE TA 63 -23.02 -29.41 -32.00
N CYS TA 64 -23.93 -28.68 -32.64
CA CYS TA 64 -25.24 -29.24 -32.94
C CYS TA 64 -25.14 -30.41 -33.91
N THR TA 65 -24.27 -30.28 -34.93
CA THR TA 65 -24.09 -31.37 -35.88
C THR TA 65 -23.48 -32.60 -35.21
N PHE TA 66 -22.49 -32.38 -34.33
CA PHE TA 66 -21.85 -33.50 -33.65
C PHE TA 66 -22.81 -34.21 -32.70
N ILE TA 67 -23.60 -33.44 -31.94
CA ILE TA 67 -24.52 -34.05 -30.98
C ILE TA 67 -25.60 -34.84 -31.69
N LEU TA 68 -26.18 -34.28 -32.75
CA LEU TA 68 -27.25 -34.93 -33.50
C LEU TA 68 -26.73 -35.82 -34.63
N GLY TA 69 -25.46 -36.21 -34.58
CA GLY TA 69 -24.89 -37.06 -35.59
C GLY TA 69 -24.84 -38.51 -35.14
N PRO TA 70 -23.81 -39.24 -35.58
CA PRO TA 70 -23.65 -40.64 -35.13
C PRO TA 70 -23.51 -40.77 -33.62
N PHE TA 71 -22.93 -39.78 -32.95
CA PHE TA 71 -22.79 -39.85 -31.50
C PHE TA 71 -24.16 -39.85 -30.82
N GLY TA 72 -25.08 -39.01 -31.28
CA GLY TA 72 -26.40 -38.97 -30.67
C GLY TA 72 -27.20 -40.24 -30.89
N GLN TA 73 -27.08 -40.84 -32.07
CA GLN TA 73 -27.82 -42.07 -32.36
C GLN TA 73 -27.40 -43.21 -31.44
N SER TA 74 -26.10 -43.30 -31.12
CA SER TA 74 -25.64 -44.33 -30.21
C SER TA 74 -26.00 -44.01 -28.77
N LEU TA 75 -26.30 -42.75 -28.47
CA LEU TA 75 -26.82 -42.41 -27.15
C LEU TA 75 -28.26 -42.88 -26.98
N ALA TA 76 -29.02 -42.91 -28.08
CA ALA TA 76 -30.41 -43.34 -28.01
C ALA TA 76 -30.52 -44.81 -27.61
N VAL TA 77 -29.66 -45.66 -28.18
CA VAL TA 77 -29.74 -47.09 -27.87
C VAL TA 77 -29.31 -47.35 -26.43
N LEU TA 78 -28.41 -46.54 -25.88
CA LEU TA 78 -28.03 -46.71 -24.49
C LEU TA 78 -29.17 -46.35 -23.54
N GLY TA 79 -29.95 -45.33 -23.90
CA GLY TA 79 -31.11 -44.99 -23.09
C GLY TA 79 -32.18 -46.05 -23.11
N ILE TA 80 -32.38 -46.68 -24.27
CA ILE TA 80 -33.37 -47.74 -24.38
C ILE TA 80 -32.92 -48.97 -23.60
N VAL TA 81 -31.62 -49.26 -23.62
CA VAL TA 81 -31.09 -50.41 -22.88
C VAL TA 81 -31.36 -50.25 -21.38
N ALA TA 82 -31.23 -49.02 -20.87
CA ALA TA 82 -31.46 -48.78 -19.45
C ALA TA 82 -32.91 -49.06 -19.06
N ILE TA 83 -33.85 -48.96 -20.01
CA ILE TA 83 -35.23 -49.31 -19.71
C ILE TA 83 -35.37 -50.80 -19.47
N GLY TA 84 -34.79 -51.61 -20.37
CA GLY TA 84 -34.89 -53.05 -20.22
C GLY TA 84 -34.19 -53.57 -18.98
N ILE TA 85 -33.04 -53.00 -18.66
CA ILE TA 85 -32.31 -53.40 -17.46
C ILE TA 85 -33.10 -53.03 -16.21
N SER TA 86 -33.79 -51.88 -16.25
CA SER TA 86 -34.52 -51.43 -15.08
C SER TA 86 -35.81 -52.20 -14.85
N TRP TA 87 -36.50 -52.62 -15.92
CA TRP TA 87 -37.75 -53.36 -15.73
C TRP TA 87 -37.52 -54.68 -15.00
N MET TA 88 -36.50 -55.42 -15.40
CA MET TA 88 -36.06 -56.57 -14.61
C MET TA 88 -35.20 -56.08 -13.45
N PHE TA 89 -35.04 -56.94 -12.44
CA PHE TA 89 -34.39 -56.56 -11.18
C PHE TA 89 -35.04 -55.33 -10.57
N GLY TA 90 -36.35 -55.20 -10.72
CA GLY TA 90 -37.04 -54.03 -10.21
C GLY TA 90 -38.53 -54.01 -10.52
N ARG TA 91 -39.06 -52.83 -10.84
CA ARG TA 91 -40.47 -52.64 -11.09
C ARG TA 91 -40.69 -52.02 -12.47
N ALA TA 92 -41.75 -52.44 -13.14
CA ALA TA 92 -42.09 -51.94 -14.47
C ALA TA 92 -43.27 -50.98 -14.36
N SER TA 93 -43.13 -49.80 -14.98
CA SER TA 93 -44.16 -48.79 -14.93
C SER TA 93 -44.19 -48.02 -16.24
N LEU TA 94 -45.35 -47.42 -16.53
CA LEU TA 94 -45.51 -46.64 -17.75
C LEU TA 94 -44.79 -45.29 -17.66
N GLY TA 95 -44.61 -44.76 -16.44
CA GLY TA 95 -43.94 -43.49 -16.30
C GLY TA 95 -42.48 -43.53 -16.70
N LEU TA 96 -41.80 -44.63 -16.38
CA LEU TA 96 -40.37 -44.74 -16.68
C LEU TA 96 -40.13 -44.81 -18.18
N VAL TA 97 -40.90 -45.64 -18.89
CA VAL TA 97 -40.70 -45.78 -20.32
C VAL TA 97 -41.10 -44.50 -21.06
N ALA TA 98 -42.16 -43.84 -20.60
CA ALA TA 98 -42.62 -42.62 -21.25
C ALA TA 98 -41.59 -41.50 -21.11
N GLY TA 99 -40.94 -41.40 -19.95
CA GLY TA 99 -39.94 -40.35 -19.75
C GLY TA 99 -38.74 -40.48 -20.66
N VAL TA 100 -38.22 -41.71 -20.80
CA VAL TA 100 -37.03 -41.91 -21.61
C VAL TA 100 -37.34 -41.73 -23.09
N VAL TA 101 -38.46 -42.30 -23.55
CA VAL TA 101 -38.84 -42.15 -24.96
C VAL TA 101 -39.17 -40.71 -25.28
N GLY TA 102 -39.82 -40.00 -24.34
CA GLY TA 102 -40.07 -38.59 -24.52
C GLY TA 102 -38.78 -37.78 -24.60
N GLY TA 103 -37.75 -38.22 -23.88
CA GLY TA 103 -36.48 -37.53 -23.94
C GLY TA 103 -35.82 -37.61 -25.30
N ILE TA 104 -35.90 -38.77 -25.94
CA ILE TA 104 -35.31 -38.92 -27.28
C ILE TA 104 -36.05 -38.05 -28.28
N VAL TA 105 -37.38 -37.94 -28.13
CA VAL TA 105 -38.18 -37.11 -29.04
C VAL TA 105 -37.78 -35.65 -28.90
N ILE TA 106 -37.55 -35.18 -27.68
CA ILE TA 106 -37.13 -33.80 -27.47
C ILE TA 106 -35.69 -33.60 -27.95
N MET TA 107 -34.79 -34.53 -27.62
CA MET TA 107 -33.39 -34.39 -27.98
C MET TA 107 -33.21 -34.36 -29.50
N PHE TA 108 -33.55 -35.45 -30.16
CA PHE TA 108 -33.48 -35.48 -31.62
C PHE TA 108 -34.57 -34.60 -32.21
N GLY TA 109 -34.22 -33.89 -33.29
CA GLY TA 109 -35.17 -32.97 -33.87
C GLY TA 109 -35.42 -31.73 -33.05
N ALA TA 110 -34.48 -31.36 -32.18
CA ALA TA 110 -34.63 -30.14 -31.40
C ALA TA 110 -34.55 -28.90 -32.26
N SER TA 111 -33.95 -29.01 -33.44
CA SER TA 111 -33.90 -27.87 -34.35
C SER TA 111 -35.30 -27.46 -34.80
N PHE TA 112 -36.16 -28.45 -35.08
CA PHE TA 112 -37.55 -28.13 -35.45
C PHE TA 112 -38.30 -27.48 -34.31
N LEU TA 113 -38.07 -27.95 -33.07
CA LEU TA 113 -38.71 -27.33 -31.92
C LEU TA 113 -38.22 -25.90 -31.73
N GLY TA 114 -36.93 -25.65 -31.92
CA GLY TA 114 -36.41 -24.30 -31.78
C GLY TA 114 -36.96 -23.36 -32.82
N LYS TA 115 -37.08 -23.81 -34.06
CA LYS TA 115 -37.62 -22.98 -35.13
C LYS TA 115 -39.08 -22.64 -34.87
N THR TA 116 -39.87 -23.62 -34.44
CA THR TA 116 -41.29 -23.38 -34.18
C THR TA 116 -41.48 -22.40 -33.03
N LEU TA 117 -40.72 -22.57 -31.95
CA LEU TA 117 -40.86 -21.69 -30.79
C LEU TA 117 -40.42 -20.27 -31.12
N THR TA 118 -39.25 -20.13 -31.74
CA THR TA 118 -38.77 -18.79 -32.09
C THR TA 118 -39.67 -18.13 -33.12
N GLY TA 119 -40.12 -18.90 -34.11
CA GLY TA 119 -40.97 -18.38 -35.17
C GLY TA 119 -40.27 -18.07 -36.47
N GLY TA 120 -39.00 -18.41 -36.60
CA GLY TA 120 -38.28 -18.16 -37.84
C GLY TA 120 -36.92 -18.81 -37.80
N GLY TA 121 -36.26 -18.80 -38.95
CA GLY TA 121 -34.94 -19.37 -39.08
C GLY TA 121 -34.78 -20.25 -40.32
N GLY UA 52 -13.59 10.08 -34.06
CA GLY UA 52 -12.99 8.81 -33.75
C GLY UA 52 -13.91 7.64 -33.99
N GLY UA 53 -14.08 6.80 -32.97
CA GLY UA 53 -14.96 5.66 -33.07
C GLY UA 53 -16.42 6.05 -33.01
N THR UA 54 -17.28 5.05 -33.26
CA THR UA 54 -18.71 5.29 -33.25
C THR UA 54 -19.20 5.55 -31.83
N ASP UA 55 -20.35 6.21 -31.72
CA ASP UA 55 -20.90 6.55 -30.42
C ASP UA 55 -21.29 5.28 -29.65
N PRO UA 56 -21.27 5.33 -28.31
CA PRO UA 56 -21.58 4.13 -27.53
C PRO UA 56 -22.98 3.60 -27.76
N ALA UA 57 -23.91 4.44 -28.21
CA ALA UA 57 -25.27 3.96 -28.48
C ALA UA 57 -25.29 2.94 -29.61
N THR UA 58 -24.40 3.08 -30.58
CA THR UA 58 -24.36 2.15 -31.70
C THR UA 58 -23.77 0.81 -31.30
N MET UA 59 -22.72 0.84 -30.46
CA MET UA 59 -22.04 -0.40 -30.09
C MET UA 59 -22.96 -1.35 -29.31
N VAL UA 60 -23.72 -0.81 -28.37
CA VAL UA 60 -24.62 -1.65 -27.58
C VAL UA 60 -25.74 -2.21 -28.46
N ASN UA 61 -26.06 -1.53 -29.56
CA ASN UA 61 -27.02 -2.09 -30.52
C ASN UA 61 -26.42 -3.28 -31.26
N ASN UA 62 -25.13 -3.21 -31.56
CA ASN UA 62 -24.47 -4.31 -32.27
C ASN UA 62 -24.46 -5.58 -31.44
N ILE UA 63 -24.25 -5.45 -30.13
CA ILE UA 63 -24.28 -6.61 -29.25
C ILE UA 63 -25.66 -7.24 -29.24
N CYS UA 64 -26.70 -6.40 -29.15
CA CYS UA 64 -28.07 -6.92 -29.12
C CYS UA 64 -28.42 -7.63 -30.43
N THR UA 65 -28.02 -7.05 -31.57
CA THR UA 65 -28.28 -7.68 -32.86
C THR UA 65 -27.54 -9.00 -32.99
N PHE UA 66 -26.28 -9.05 -32.54
CA PHE UA 66 -25.50 -10.28 -32.63
C PHE UA 66 -26.08 -11.38 -31.75
N ILE UA 67 -26.46 -11.03 -30.51
CA ILE UA 67 -26.98 -12.03 -29.58
C ILE UA 67 -28.31 -12.59 -30.08
N LEU UA 68 -29.21 -11.72 -30.54
CA LEU UA 68 -30.52 -12.13 -31.01
C LEU UA 68 -30.54 -12.48 -32.50
N GLY UA 69 -29.37 -12.74 -33.09
CA GLY UA 69 -29.30 -13.10 -34.48
C GLY UA 69 -29.18 -14.60 -34.67
N PRO UA 70 -28.44 -15.01 -35.71
CA PRO UA 70 -28.23 -16.46 -35.93
C PRO UA 70 -27.53 -17.15 -34.77
N PHE UA 71 -26.67 -16.43 -34.04
CA PHE UA 71 -26.00 -17.03 -32.89
C PHE UA 71 -26.99 -17.41 -31.80
N GLY UA 72 -27.96 -16.55 -31.54
CA GLY UA 72 -28.94 -16.86 -30.50
C GLY UA 72 -29.85 -18.01 -30.86
N GLN UA 73 -30.23 -18.11 -32.13
CA GLN UA 73 -31.10 -19.19 -32.56
C GLN UA 73 -30.45 -20.56 -32.39
N SER UA 74 -29.14 -20.64 -32.65
CA SER UA 74 -28.44 -21.90 -32.45
C SER UA 74 -28.20 -22.19 -30.97
N LEU UA 75 -28.28 -21.16 -30.12
CA LEU UA 75 -28.22 -21.39 -28.68
C LEU UA 75 -29.51 -22.01 -28.18
N ALA UA 76 -30.63 -21.69 -28.84
CA ALA UA 76 -31.92 -22.24 -28.41
C ALA UA 76 -31.96 -23.75 -28.59
N VAL UA 77 -31.46 -24.25 -29.72
CA VAL UA 77 -31.50 -25.68 -29.98
C VAL UA 77 -30.59 -26.44 -29.04
N LEU UA 78 -29.49 -25.81 -28.59
CA LEU UA 78 -28.61 -26.46 -27.63
C LEU UA 78 -29.27 -26.59 -26.27
N GLY UA 79 -30.06 -25.59 -25.87
CA GLY UA 79 -30.79 -25.68 -24.62
C GLY UA 79 -31.86 -26.75 -24.65
N ILE UA 80 -32.53 -26.90 -25.79
CA ILE UA 80 -33.57 -27.93 -25.91
C ILE UA 80 -32.94 -29.32 -25.90
N VAL UA 81 -31.76 -29.46 -26.52
CA VAL UA 81 -31.07 -30.75 -26.53
C VAL UA 81 -30.74 -31.19 -25.12
N ALA UA 82 -30.34 -30.25 -24.26
CA ALA UA 82 -30.00 -30.60 -22.88
C ALA UA 82 -31.19 -31.12 -22.11
N ILE UA 83 -32.41 -30.75 -22.52
CA ILE UA 83 -33.61 -31.30 -21.88
C ILE UA 83 -33.74 -32.78 -22.19
N GLY UA 84 -33.60 -33.14 -23.47
CA GLY UA 84 -33.75 -34.53 -23.86
C GLY UA 84 -32.66 -35.42 -23.28
N ILE UA 85 -31.43 -34.91 -23.23
CA ILE UA 85 -30.33 -35.67 -22.65
C ILE UA 85 -30.55 -35.87 -21.15
N SER UA 86 -31.13 -34.87 -20.49
CA SER UA 86 -31.33 -34.95 -19.04
C SER UA 86 -32.48 -35.86 -18.65
N TRP UA 87 -33.55 -35.91 -19.46
CA TRP UA 87 -34.68 -36.77 -19.12
C TRP UA 87 -34.27 -38.24 -19.10
N MET UA 88 -33.53 -38.68 -20.10
CA MET UA 88 -32.91 -40.00 -20.05
C MET UA 88 -31.64 -39.92 -19.21
N PHE UA 89 -31.17 -41.08 -18.74
CA PHE UA 89 -30.07 -41.15 -17.79
C PHE UA 89 -30.34 -40.30 -16.55
N GLY UA 90 -31.60 -40.24 -16.12
CA GLY UA 90 -31.96 -39.41 -14.99
C GLY UA 90 -33.45 -39.41 -14.69
N ARG UA 91 -33.98 -38.25 -14.31
CA ARG UA 91 -35.36 -38.11 -13.91
C ARG UA 91 -36.04 -37.03 -14.75
N ALA UA 92 -37.31 -37.25 -15.07
CA ALA UA 92 -38.10 -36.33 -15.87
C ALA UA 92 -39.07 -35.58 -14.96
N SER UA 93 -39.11 -34.25 -15.09
CA SER UA 93 -39.97 -33.43 -14.27
C SER UA 93 -40.45 -32.23 -15.07
N LEU UA 94 -41.57 -31.66 -14.65
CA LEU UA 94 -42.13 -30.50 -15.31
C LEU UA 94 -41.34 -29.23 -14.98
N GLY UA 95 -40.68 -29.19 -13.84
CA GLY UA 95 -39.92 -28.00 -13.48
C GLY UA 95 -38.73 -27.76 -14.39
N LEU UA 96 -38.06 -28.84 -14.79
CA LEU UA 96 -36.86 -28.69 -15.63
C LEU UA 96 -37.22 -28.17 -17.01
N VAL UA 97 -38.26 -28.74 -17.63
CA VAL UA 97 -38.63 -28.31 -18.98
C VAL UA 97 -39.20 -26.89 -18.95
N ALA UA 98 -39.95 -26.54 -17.90
CA ALA UA 98 -40.53 -25.21 -17.81
C ALA UA 98 -39.45 -24.14 -17.66
N GLY UA 99 -38.41 -24.44 -16.90
CA GLY UA 99 -37.34 -23.45 -16.69
C GLY UA 99 -36.59 -23.13 -17.97
N VAL UA 100 -36.24 -24.16 -18.75
CA VAL UA 100 -35.46 -23.93 -19.97
C VAL UA 100 -36.32 -23.24 -21.02
N VAL UA 101 -37.56 -23.68 -21.20
CA VAL UA 101 -38.43 -23.05 -22.20
C VAL UA 101 -38.76 -21.62 -21.78
N GLY UA 102 -38.95 -21.40 -20.48
CA GLY UA 102 -39.15 -20.03 -20.00
C GLY UA 102 -37.95 -19.15 -20.24
N GLY UA 103 -36.75 -19.73 -20.19
CA GLY UA 103 -35.55 -18.96 -20.45
C GLY UA 103 -35.48 -18.45 -21.88
N ILE UA 104 -35.87 -19.30 -22.84
CA ILE UA 104 -35.86 -18.87 -24.25
C ILE UA 104 -36.86 -17.76 -24.47
N VAL UA 105 -38.02 -17.83 -23.81
CA VAL UA 105 -39.03 -16.80 -23.95
C VAL UA 105 -38.51 -15.47 -23.42
N ILE UA 106 -37.81 -15.48 -22.30
CA ILE UA 106 -37.24 -14.25 -21.77
C ILE UA 106 -36.09 -13.75 -22.63
N MET UA 107 -35.20 -14.66 -23.04
CA MET UA 107 -34.03 -14.26 -23.83
C MET UA 107 -34.44 -13.65 -25.16
N PHE UA 108 -35.09 -14.44 -26.02
CA PHE UA 108 -35.59 -13.91 -27.28
C PHE UA 108 -36.76 -12.96 -27.03
N GLY UA 109 -36.80 -11.88 -27.80
CA GLY UA 109 -37.83 -10.88 -27.58
C GLY UA 109 -37.66 -10.08 -26.32
N ALA UA 110 -36.43 -9.98 -25.80
CA ALA UA 110 -36.19 -9.17 -24.61
C ALA UA 110 -36.36 -7.69 -24.89
N SER UA 111 -36.27 -7.29 -26.16
CA SER UA 111 -36.50 -5.90 -26.52
C SER UA 111 -37.93 -5.47 -26.20
N PHE UA 112 -38.89 -6.35 -26.48
CA PHE UA 112 -40.28 -6.04 -26.16
C PHE UA 112 -40.49 -5.94 -24.65
N LEU UA 113 -39.85 -6.82 -23.89
CA LEU UA 113 -39.95 -6.73 -22.43
C LEU UA 113 -39.34 -5.45 -21.90
N GLY UA 114 -38.19 -5.04 -22.46
CA GLY UA 114 -37.57 -3.81 -22.03
C GLY UA 114 -38.41 -2.58 -22.33
N LYS UA 115 -39.03 -2.55 -23.52
CA LYS UA 115 -39.87 -1.42 -23.88
C LYS UA 115 -41.10 -1.33 -22.98
N THR UA 116 -41.73 -2.48 -22.69
CA THR UA 116 -42.92 -2.47 -21.85
C THR UA 116 -42.60 -2.03 -20.43
N LEU UA 117 -41.49 -2.53 -19.88
CA LEU UA 117 -41.11 -2.17 -18.51
C LEU UA 117 -40.74 -0.70 -18.40
N THR UA 118 -39.88 -0.22 -19.31
CA THR UA 118 -39.48 1.19 -19.29
C THR UA 118 -40.67 2.10 -19.57
N GLY UA 119 -41.51 1.74 -20.52
CA GLY UA 119 -42.66 2.54 -20.88
C GLY UA 119 -42.50 3.37 -22.14
N GLY UA 120 -41.40 3.22 -22.86
CA GLY UA 120 -41.20 3.99 -24.08
C GLY UA 120 -39.97 3.49 -24.80
N GLY UA 121 -39.80 4.01 -26.02
CA GLY UA 121 -38.67 3.63 -26.85
C GLY UA 121 -39.06 3.32 -28.28
N GLY VA 52 -15.09 30.76 -19.39
CA GLY VA 52 -14.51 29.51 -19.85
C GLY VA 52 -15.53 28.43 -20.14
N GLY VA 53 -15.35 27.27 -19.53
CA GLY VA 53 -16.28 26.17 -19.73
C GLY VA 53 -17.58 26.38 -18.98
N THR VA 54 -18.54 25.49 -19.25
CA THR VA 54 -19.83 25.58 -18.61
C THR VA 54 -19.72 25.23 -17.13
N ASP VA 55 -20.70 25.69 -16.35
CA ASP VA 55 -20.69 25.46 -14.91
C ASP VA 55 -20.84 23.98 -14.60
N PRO VA 56 -20.30 23.53 -13.47
CA PRO VA 56 -20.37 22.09 -13.15
C PRO VA 56 -21.78 21.56 -13.02
N ALA VA 57 -22.76 22.42 -12.72
CA ALA VA 57 -24.14 21.96 -12.61
C ALA VA 57 -24.66 21.45 -13.95
N THR VA 58 -24.21 22.03 -15.06
CA THR VA 58 -24.67 21.59 -16.37
C THR VA 58 -24.05 20.26 -16.77
N MET VA 59 -22.77 20.06 -16.45
CA MET VA 59 -22.08 18.84 -16.86
C MET VA 59 -22.70 17.60 -16.23
N VAL VA 60 -23.01 17.66 -14.93
CA VAL VA 60 -23.60 16.50 -14.26
C VAL VA 60 -24.99 16.23 -14.79
N ASN VA 61 -25.67 17.25 -15.33
CA ASN VA 61 -26.95 17.01 -15.99
C ASN VA 61 -26.77 16.25 -17.30
N ASN VA 62 -25.68 16.54 -18.02
CA ASN VA 62 -25.43 15.85 -19.28
C ASN VA 62 -25.18 14.37 -19.07
N ILE VA 63 -24.48 14.01 -17.99
CA ILE VA 63 -24.25 12.59 -17.69
C ILE VA 63 -25.56 11.89 -17.39
N CYS VA 64 -26.43 12.54 -16.60
CA CYS VA 64 -27.72 11.94 -16.28
C CYS VA 64 -28.59 11.76 -17.51
N THR VA 65 -28.60 12.75 -18.40
CA THR VA 65 -29.38 12.63 -19.62
C THR VA 65 -28.85 11.52 -20.52
N PHE VA 66 -27.51 11.43 -20.64
CA PHE VA 66 -26.92 10.39 -21.48
C PHE VA 66 -27.18 9.00 -20.93
N ILE VA 67 -27.05 8.81 -19.62
CA ILE VA 67 -27.24 7.49 -19.03
C ILE VA 67 -28.69 7.05 -19.16
N LEU VA 68 -29.63 7.95 -18.87
CA LEU VA 68 -31.05 7.63 -18.93
C LEU VA 68 -31.65 7.87 -20.31
N GLY VA 69 -30.83 7.96 -21.34
CA GLY VA 69 -31.32 8.16 -22.69
C GLY VA 69 -31.38 6.87 -23.47
N PRO VA 70 -31.12 6.94 -24.78
CA PRO VA 70 -31.11 5.72 -25.59
C PRO VA 70 -30.07 4.70 -25.14
N PHE VA 71 -28.95 5.16 -24.58
CA PHE VA 71 -27.93 4.23 -24.10
C PHE VA 71 -28.46 3.37 -22.95
N GLY VA 72 -29.20 3.98 -22.03
CA GLY VA 72 -29.73 3.22 -20.90
C GLY VA 72 -30.77 2.22 -21.30
N GLN VA 73 -31.63 2.57 -22.27
CA GLN VA 73 -32.67 1.66 -22.72
C GLN VA 73 -32.08 0.40 -23.34
N SER VA 74 -30.99 0.53 -24.08
CA SER VA 74 -30.34 -0.64 -24.66
C SER VA 74 -29.58 -1.45 -23.61
N LEU VA 75 -29.25 -0.82 -22.48
CA LEU VA 75 -28.67 -1.57 -21.37
C LEU VA 75 -29.72 -2.46 -20.71
N ALA VA 76 -30.98 -2.02 -20.70
CA ALA VA 76 -32.05 -2.79 -20.07
C ALA VA 76 -32.25 -4.12 -20.79
N VAL VA 77 -32.25 -4.11 -22.13
CA VAL VA 77 -32.49 -5.34 -22.87
C VAL VA 77 -31.33 -6.31 -22.72
N LEU VA 78 -30.12 -5.80 -22.52
CA LEU VA 78 -28.98 -6.68 -22.29
C LEU VA 78 -29.08 -7.38 -20.93
N GLY VA 79 -29.59 -6.67 -19.91
CA GLY VA 79 -29.78 -7.30 -18.62
C GLY VA 79 -30.86 -8.37 -18.64
N ILE VA 80 -31.92 -8.13 -19.41
CA ILE VA 80 -32.99 -9.12 -19.52
C ILE VA 80 -32.51 -10.35 -20.29
N VAL VA 81 -31.66 -10.15 -21.31
CA VAL VA 81 -31.13 -11.27 -22.06
C VAL VA 81 -30.31 -12.19 -21.16
N ALA VA 82 -29.54 -11.61 -20.23
CA ALA VA 82 -28.73 -12.41 -19.34
C ALA VA 82 -29.58 -13.30 -18.43
N ILE VA 83 -30.82 -12.91 -18.17
CA ILE VA 83 -31.72 -13.76 -17.39
C ILE VA 83 -32.07 -15.01 -18.17
N GLY VA 84 -32.46 -14.85 -19.44
CA GLY VA 84 -32.83 -16.00 -20.25
C GLY VA 84 -31.67 -16.93 -20.51
N ILE VA 85 -30.48 -16.38 -20.74
CA ILE VA 85 -29.30 -17.21 -20.95
C ILE VA 85 -28.94 -17.97 -19.69
N SER VA 86 -29.15 -17.35 -18.52
CA SER VA 86 -28.78 -17.99 -17.27
C SER VA 86 -29.77 -19.08 -16.85
N TRP VA 87 -31.06 -18.92 -17.14
CA TRP VA 87 -32.02 -19.94 -16.75
C TRP VA 87 -31.76 -21.27 -17.45
N MET VA 88 -31.47 -21.23 -18.75
CA MET VA 88 -30.98 -22.40 -19.43
C MET VA 88 -29.48 -22.53 -19.18
N PHE VA 89 -28.96 -23.74 -19.40
CA PHE VA 89 -27.57 -24.07 -19.04
C PHE VA 89 -27.30 -23.78 -17.57
N GLY VA 90 -28.29 -24.00 -16.71
CA GLY VA 90 -28.13 -23.70 -15.30
C GLY VA 90 -29.38 -23.94 -14.49
N ARG VA 91 -29.65 -23.06 -13.52
CA ARG VA 91 -30.77 -23.20 -12.61
C ARG VA 91 -31.64 -21.96 -12.65
N ALA VA 92 -32.95 -22.15 -12.53
CA ALA VA 92 -33.91 -21.06 -12.55
C ALA VA 92 -34.41 -20.80 -11.14
N SER VA 93 -34.40 -19.53 -10.73
CA SER VA 93 -34.82 -19.17 -9.39
C SER VA 93 -35.49 -17.79 -9.42
N LEU VA 94 -36.33 -17.54 -8.42
CA LEU VA 94 -37.02 -16.25 -8.33
C LEU VA 94 -36.09 -15.15 -7.87
N GLY VA 95 -35.03 -15.48 -7.14
CA GLY VA 95 -34.11 -14.46 -6.66
C GLY VA 95 -33.35 -13.80 -7.79
N LEU VA 96 -32.95 -14.56 -8.80
CA LEU VA 96 -32.16 -14.02 -9.89
C LEU VA 96 -32.98 -13.04 -10.73
N VAL VA 97 -34.21 -13.42 -11.08
CA VAL VA 97 -35.05 -12.54 -11.90
C VAL VA 97 -35.46 -11.29 -11.13
N ALA VA 98 -35.72 -11.44 -9.83
CA ALA VA 98 -36.14 -10.30 -9.02
C ALA VA 98 -35.02 -9.27 -8.90
N GLY VA 99 -33.77 -9.74 -8.76
CA GLY VA 99 -32.66 -8.82 -8.61
C GLY VA 99 -32.42 -7.98 -9.85
N VAL VA 100 -32.47 -8.60 -11.02
CA VAL VA 100 -32.21 -7.86 -12.26
C VAL VA 100 -33.34 -6.89 -12.56
N VAL VA 101 -34.59 -7.34 -12.43
CA VAL VA 101 -35.73 -6.46 -12.68
C VAL VA 101 -35.78 -5.34 -11.67
N GLY VA 102 -35.44 -5.63 -10.41
CA GLY VA 102 -35.35 -4.58 -9.41
C GLY VA 102 -34.27 -3.57 -9.73
N GLY VA 103 -33.19 -4.01 -10.36
CA GLY VA 103 -32.13 -3.10 -10.74
C GLY VA 103 -32.57 -2.09 -11.78
N ILE VA 104 -33.36 -2.53 -12.76
CA ILE VA 104 -33.85 -1.62 -13.79
C ILE VA 104 -34.79 -0.58 -13.18
N VAL VA 105 -35.61 -1.01 -12.20
CA VAL VA 105 -36.52 -0.10 -11.54
C VAL VA 105 -35.76 0.98 -10.79
N ILE VA 106 -34.67 0.60 -10.12
CA ILE VA 106 -33.87 1.59 -9.39
C ILE VA 106 -33.10 2.47 -10.37
N MET VA 107 -32.51 1.88 -11.42
CA MET VA 107 -31.70 2.63 -12.36
C MET VA 107 -32.54 3.68 -13.10
N PHE VA 108 -33.51 3.22 -13.87
CA PHE VA 108 -34.42 4.14 -14.55
C PHE VA 108 -35.33 4.81 -13.54
N GLY VA 109 -35.60 6.10 -13.75
CA GLY VA 109 -36.40 6.83 -12.79
C GLY VA 109 -35.70 7.11 -11.49
N ALA VA 110 -34.37 7.12 -11.48
CA ALA VA 110 -33.64 7.43 -10.25
C ALA VA 110 -33.80 8.90 -9.87
N SER VA 111 -34.18 9.75 -10.82
CA SER VA 111 -34.42 11.15 -10.49
C SER VA 111 -35.59 11.30 -9.53
N PHE VA 112 -36.65 10.51 -9.74
CA PHE VA 112 -37.79 10.55 -8.82
C PHE VA 112 -37.40 10.05 -7.44
N LEU VA 113 -36.57 9.01 -7.37
CA LEU VA 113 -36.11 8.52 -6.08
C LEU VA 113 -35.25 9.56 -5.37
N GLY VA 114 -34.39 10.25 -6.11
CA GLY VA 114 -33.56 11.28 -5.50
C GLY VA 114 -34.37 12.44 -4.97
N LYS VA 115 -35.39 12.87 -5.73
CA LYS VA 115 -36.22 13.98 -5.29
C LYS VA 115 -37.01 13.60 -4.03
N THR VA 116 -37.55 12.39 -3.99
CA THR VA 116 -38.33 11.96 -2.83
C THR VA 116 -37.46 11.87 -1.58
N LEU VA 117 -36.27 11.30 -1.73
CA LEU VA 117 -35.38 11.15 -0.58
C LEU VA 117 -34.89 12.50 -0.07
N THR VA 118 -34.42 13.36 -0.97
CA THR VA 118 -33.94 14.67 -0.56
C THR VA 118 -35.07 15.52 -0.01
N GLY VA 119 -36.24 15.47 -0.63
CA GLY VA 119 -37.38 16.25 -0.20
C GLY VA 119 -37.65 17.50 -0.99
N GLY VA 120 -36.93 17.74 -2.08
CA GLY VA 120 -37.15 18.93 -2.88
C GLY VA 120 -36.33 18.85 -4.15
N GLY VA 121 -36.61 19.80 -5.05
CA GLY VA 121 -35.90 19.86 -6.32
C GLY VA 121 -36.83 20.09 -7.50
N GLY WA 52 -9.45 44.15 1.39
CA GLY WA 52 -9.17 43.23 0.31
C GLY WA 52 -10.29 42.25 0.04
N GLY WA 53 -9.98 40.96 0.03
CA GLY WA 53 -10.98 39.95 -0.19
C GLY WA 53 -11.87 39.73 1.01
N THR WA 54 -12.92 38.93 0.80
CA THR WA 54 -13.87 38.65 1.86
C THR WA 54 -13.22 37.79 2.94
N ASP WA 55 -13.80 37.82 4.14
CA ASP WA 55 -13.25 37.08 5.26
C ASP WA 55 -13.36 35.58 5.01
N PRO WA 56 -12.47 34.78 5.59
CA PRO WA 56 -12.51 33.33 5.33
C PRO WA 56 -13.80 32.66 5.78
N ALA WA 57 -14.53 33.26 6.72
CA ALA WA 57 -15.79 32.67 7.17
C ALA WA 57 -16.82 32.65 6.04
N THR WA 58 -16.78 33.65 5.16
CA THR WA 58 -17.74 33.71 4.05
C THR WA 58 -17.41 32.69 2.98
N MET WA 59 -16.13 32.49 2.69
CA MET WA 59 -15.73 31.59 1.61
C MET WA 59 -16.14 30.14 1.90
N VAL WA 60 -15.92 29.69 3.14
CA VAL WA 60 -16.29 28.32 3.49
C VAL WA 60 -17.80 28.14 3.46
N ASN WA 61 -18.57 29.22 3.65
CA ASN WA 61 -20.01 29.14 3.50
C ASN WA 61 -20.39 28.95 2.03
N ASN WA 62 -19.65 29.58 1.12
CA ASN WA 62 -19.95 29.45 -0.30
C ASN WA 62 -19.73 28.02 -0.79
N ILE WA 63 -18.70 27.35 -0.28
CA ILE WA 63 -18.47 25.96 -0.66
C ILE WA 63 -19.62 25.08 -0.18
N CYS WA 64 -20.07 25.30 1.06
CA CYS WA 64 -21.16 24.50 1.60
C CYS WA 64 -22.46 24.72 0.82
N THR WA 65 -22.75 25.97 0.45
CA THR WA 65 -23.94 26.26 -0.33
C THR WA 65 -23.86 25.62 -1.71
N PHE WA 66 -22.68 25.70 -2.35
CA PHE WA 66 -22.54 25.12 -3.69
C PHE WA 66 -22.67 23.61 -3.66
N ILE WA 67 -22.04 22.95 -2.67
CA ILE WA 67 -22.08 21.49 -2.60
C ILE WA 67 -23.51 21.01 -2.33
N LEU WA 68 -24.20 21.64 -1.39
CA LEU WA 68 -25.55 21.24 -1.02
C LEU WA 68 -26.62 21.94 -1.86
N GLY WA 69 -26.25 22.48 -3.02
CA GLY WA 69 -27.19 23.13 -3.88
C GLY WA 69 -27.64 22.22 -5.02
N PRO WA 70 -27.91 22.82 -6.19
CA PRO WA 70 -28.29 22.00 -7.36
C PRO WA 70 -27.23 20.98 -7.76
N PHE WA 71 -25.95 21.29 -7.53
CA PHE WA 71 -24.89 20.34 -7.87
C PHE WA 71 -25.00 19.07 -7.03
N GLY WA 72 -25.28 19.22 -5.73
CA GLY WA 72 -25.38 18.05 -4.87
C GLY WA 72 -26.57 17.18 -5.20
N GLN WA 73 -27.70 17.80 -5.56
CA GLN WA 73 -28.90 17.03 -5.89
C GLN WA 73 -28.69 16.16 -7.12
N SER WA 74 -27.95 16.66 -8.12
CA SER WA 74 -27.66 15.85 -9.30
C SER WA 74 -26.61 14.78 -9.00
N LEU WA 75 -25.84 14.96 -7.93
CA LEU WA 75 -24.93 13.90 -7.52
C LEU WA 75 -25.69 12.74 -6.89
N ALA WA 76 -26.82 13.03 -6.24
CA ALA WA 76 -27.61 11.98 -5.60
C ALA WA 76 -28.18 11.01 -6.63
N VAL WA 77 -28.68 11.53 -7.76
CA VAL WA 77 -29.27 10.66 -8.77
C VAL WA 77 -28.21 9.81 -9.44
N LEU WA 78 -26.97 10.31 -9.53
CA LEU WA 78 -25.90 9.51 -10.11
C LEU WA 78 -25.52 8.35 -9.20
N GLY WA 79 -25.56 8.57 -7.89
CA GLY WA 79 -25.29 7.48 -6.96
C GLY WA 79 -26.36 6.41 -6.98
N ILE WA 80 -27.62 6.82 -7.13
CA ILE WA 80 -28.71 5.86 -7.20
C ILE WA 80 -28.63 5.06 -8.50
N VAL WA 81 -28.24 5.70 -9.60
CA VAL WA 81 -28.11 5.01 -10.87
C VAL WA 81 -27.08 3.89 -10.77
N ALA WA 82 -25.98 4.15 -10.06
CA ALA WA 82 -24.94 3.14 -9.92
C ALA WA 82 -25.43 1.91 -9.17
N ILE WA 83 -26.45 2.05 -8.34
CA ILE WA 83 -27.03 0.90 -7.67
C ILE WA 83 -27.75 0.00 -8.68
N GLY WA 84 -28.57 0.60 -9.54
CA GLY WA 84 -29.31 -0.18 -10.51
C GLY WA 84 -28.40 -0.85 -11.54
N ILE WA 85 -27.35 -0.15 -11.96
CA ILE WA 85 -26.40 -0.73 -12.90
C ILE WA 85 -25.65 -1.87 -12.26
N SER WA 86 -25.35 -1.76 -10.97
CA SER WA 86 -24.57 -2.79 -10.29
C SER WA 86 -25.39 -4.05 -9.98
N TRP WA 87 -26.69 -3.89 -9.68
CA TRP WA 87 -27.50 -5.07 -9.37
C TRP WA 87 -27.60 -6.01 -10.57
N MET WA 88 -27.85 -5.46 -11.76
CA MET WA 88 -27.72 -6.23 -12.97
C MET WA 88 -26.26 -6.31 -13.38
N PHE WA 89 -25.94 -7.29 -14.24
CA PHE WA 89 -24.55 -7.62 -14.58
C PHE WA 89 -23.72 -7.88 -13.33
N GLY WA 90 -24.32 -8.49 -12.31
CA GLY WA 90 -23.61 -8.73 -11.07
C GLY WA 90 -24.47 -9.37 -10.00
N ARG WA 91 -24.29 -8.95 -8.75
CA ARG WA 91 -24.97 -9.53 -7.61
C ARG WA 91 -25.71 -8.45 -6.84
N ALA WA 92 -26.88 -8.79 -6.32
CA ALA WA 92 -27.70 -7.86 -5.55
C ALA WA 92 -27.61 -8.20 -4.07
N SER WA 93 -27.35 -7.19 -3.25
CA SER WA 93 -27.21 -7.39 -1.81
C SER WA 93 -27.74 -6.18 -1.06
N LEU WA 94 -28.11 -6.39 0.20
CA LEU WA 94 -28.62 -5.30 1.02
C LEU WA 94 -27.50 -4.37 1.48
N GLY WA 95 -26.27 -4.87 1.58
CA GLY WA 95 -25.18 -4.02 2.02
C GLY WA 95 -24.86 -2.91 1.03
N LEU WA 96 -24.94 -3.21 -0.27
CA LEU WA 96 -24.59 -2.22 -1.28
C LEU WA 96 -25.59 -1.08 -1.30
N VAL WA 97 -26.90 -1.40 -1.26
CA VAL WA 97 -27.91 -0.35 -1.31
C VAL WA 97 -27.92 0.46 -0.03
N ALA WA 98 -27.67 -0.20 1.11
CA ALA WA 98 -27.66 0.53 2.39
C ALA WA 98 -26.51 1.52 2.46
N GLY WA 99 -25.35 1.14 1.93
CA GLY WA 99 -24.20 2.04 1.98
C GLY WA 99 -24.40 3.31 1.17
N VAL WA 100 -24.94 3.17 -0.04
CA VAL WA 100 -25.12 4.35 -0.90
C VAL WA 100 -26.21 5.25 -0.36
N VAL WA 101 -27.34 4.67 0.06
CA VAL WA 101 -28.43 5.48 0.62
C VAL WA 101 -28.01 6.12 1.93
N GLY WA 102 -27.23 5.40 2.74
CA GLY WA 102 -26.70 6.01 3.95
C GLY WA 102 -25.76 7.15 3.66
N GLY WA 103 -25.03 7.08 2.55
CA GLY WA 103 -24.14 8.16 2.17
C GLY WA 103 -24.87 9.44 1.85
N ILE WA 104 -26.01 9.34 1.15
CA ILE WA 104 -26.80 10.53 0.82
C ILE WA 104 -27.35 11.16 2.09
N VAL WA 105 -27.76 10.33 3.05
CA VAL WA 105 -28.30 10.85 4.32
C VAL WA 105 -27.23 11.62 5.07
N ILE WA 106 -25.99 11.11 5.08
CA ILE WA 106 -24.90 11.82 5.76
C ILE WA 106 -24.51 13.07 4.98
N MET WA 107 -24.40 12.97 3.65
CA MET WA 107 -23.97 14.10 2.84
C MET WA 107 -24.95 15.26 2.94
N PHE WA 108 -26.18 15.04 2.47
CA PHE WA 108 -27.21 16.07 2.60
C PHE WA 108 -27.62 16.23 4.07
N GLY WA 109 -27.87 17.46 4.47
CA GLY WA 109 -28.18 17.72 5.86
C GLY WA 109 -27.02 17.54 6.81
N ALA WA 110 -25.78 17.66 6.31
CA ALA WA 110 -24.63 17.55 7.19
C ALA WA 110 -24.52 18.73 8.13
N SER WA 111 -25.18 19.85 7.80
CA SER WA 111 -25.19 20.99 8.71
C SER WA 111 -25.88 20.65 10.01
N PHE WA 112 -26.99 19.91 9.94
CA PHE WA 112 -27.68 19.51 11.16
C PHE WA 112 -26.84 18.56 11.99
N LEU WA 113 -26.12 17.64 11.33
CA LEU WA 113 -25.22 16.75 12.06
C LEU WA 113 -24.10 17.51 12.73
N GLY WA 114 -23.53 18.51 12.04
CA GLY WA 114 -22.47 19.30 12.63
C GLY WA 114 -22.93 20.11 13.84
N LYS WA 115 -24.12 20.69 13.74
CA LYS WA 115 -24.66 21.47 14.86
C LYS WA 115 -24.92 20.58 16.07
N THR WA 116 -25.49 19.39 15.85
CA THR WA 116 -25.79 18.49 16.96
C THR WA 116 -24.52 18.02 17.64
N LEU WA 117 -23.51 17.65 16.85
CA LEU WA 117 -22.26 17.15 17.42
C LEU WA 117 -21.53 18.25 18.19
N THR WA 118 -21.38 19.42 17.57
CA THR WA 118 -20.69 20.53 18.24
C THR WA 118 -21.47 21.00 19.46
N GLY WA 119 -22.79 21.08 19.36
CA GLY WA 119 -23.61 21.52 20.45
C GLY WA 119 -24.09 22.96 20.36
N GLY WA 120 -23.82 23.65 19.27
CA GLY WA 120 -24.25 25.03 19.12
C GLY WA 120 -23.99 25.51 17.71
N GLY WA 121 -24.51 26.69 17.43
CA GLY WA 121 -24.36 27.31 16.11
C GLY WA 121 -25.65 27.87 15.56
N GLY XA 52 4.64 49.10 21.89
CA GLY XA 52 4.42 48.67 20.53
C GLY XA 52 3.21 47.79 20.36
N GLY XA 53 3.42 46.63 19.74
CA GLY XA 53 2.33 45.70 19.53
C GLY XA 53 1.95 44.96 20.80
N THR XA 54 0.86 44.21 20.72
CA THR XA 54 0.37 43.47 21.86
C THR XA 54 1.32 42.32 22.19
N ASP XA 55 1.25 41.85 23.44
CA ASP XA 55 2.13 40.79 23.89
C ASP XA 55 1.82 39.48 23.15
N PRO XA 56 2.82 38.61 22.99
CA PRO XA 56 2.59 37.36 22.24
C PRO XA 56 1.52 36.47 22.84
N ALA XA 57 1.25 36.60 24.15
CA ALA XA 57 0.21 35.78 24.77
C ALA XA 57 -1.16 36.09 24.21
N THR XA 58 -1.40 37.36 23.83
CA THR XA 58 -2.70 37.73 23.29
C THR XA 58 -2.88 37.23 21.86
N MET XA 59 -1.81 37.28 21.05
CA MET XA 59 -1.93 36.89 19.65
C MET XA 59 -2.28 35.41 19.50
N VAL XA 60 -1.65 34.54 20.28
CA VAL XA 60 -1.95 33.12 20.20
C VAL XA 60 -3.37 32.82 20.68
N ASN XA 61 -3.92 33.68 21.54
CA ASN XA 61 -5.32 33.54 21.92
C ASN XA 61 -6.25 33.88 20.76
N ASN XA 62 -5.87 34.88 19.95
CA ASN XA 62 -6.70 35.27 18.81
C ASN XA 62 -6.79 34.16 17.79
N ILE XA 63 -5.69 33.44 17.56
CA ILE XA 63 -5.71 32.31 16.63
C ILE XA 63 -6.64 31.22 17.13
N CYS XA 64 -6.57 30.92 18.43
CA CYS XA 64 -7.43 29.88 18.99
C CYS XA 64 -8.91 30.27 18.90
N THR XA 65 -9.22 31.54 19.19
CA THR XA 65 -10.61 31.99 19.09
C THR XA 65 -11.10 31.94 17.65
N PHE XA 66 -10.26 32.35 16.70
CA PHE XA 66 -10.67 32.34 15.30
C PHE XA 66 -10.88 30.92 14.79
N ILE XA 67 -9.98 29.99 15.13
CA ILE XA 67 -10.09 28.62 14.64
C ILE XA 67 -11.33 27.95 15.22
N LEU XA 68 -11.57 28.11 16.52
CA LEU XA 68 -12.70 27.49 17.19
C LEU XA 68 -13.96 28.35 17.15
N GLY XA 69 -14.02 29.32 16.25
CA GLY XA 69 -15.18 30.17 16.12
C GLY XA 69 -16.09 29.73 14.99
N PRO XA 70 -16.74 30.69 14.33
CA PRO XA 70 -17.59 30.33 13.18
C PRO XA 70 -16.84 29.65 12.06
N PHE XA 71 -15.55 29.96 11.88
CA PHE XA 71 -14.77 29.31 10.83
C PHE XA 71 -14.64 27.81 11.10
N GLY XA 72 -14.38 27.43 12.34
CA GLY XA 72 -14.24 26.02 12.66
C GLY XA 72 -15.52 25.24 12.50
N GLN XA 73 -16.66 25.85 12.87
CA GLN XA 73 -17.94 25.16 12.75
C GLN XA 73 -18.27 24.83 11.30
N SER XA 74 -17.94 25.74 10.37
CA SER XA 74 -18.18 25.47 8.96
C SER XA 74 -17.18 24.47 8.39
N LEU XA 75 -16.04 24.29 9.07
CA LEU XA 75 -15.11 23.23 8.68
C LEU XA 75 -15.66 21.86 9.05
N ALA XA 76 -16.44 21.79 10.14
CA ALA XA 76 -17.00 20.51 10.57
C ALA XA 76 -17.97 19.96 9.54
N VAL XA 77 -18.83 20.82 8.99
CA VAL XA 77 -19.82 20.35 8.03
C VAL XA 77 -19.16 19.91 6.73
N LEU XA 78 -18.03 20.52 6.37
CA LEU XA 78 -17.31 20.10 5.17
C LEU XA 78 -16.70 18.70 5.35
N GLY XA 79 -16.20 18.42 6.56
CA GLY XA 79 -15.67 17.09 6.83
C GLY XA 79 -16.75 16.01 6.80
N ILE XA 80 -17.94 16.34 7.30
CA ILE XA 80 -19.04 15.38 7.29
C ILE XA 80 -19.52 15.13 5.87
N VAL XA 81 -19.53 16.18 5.04
CA VAL XA 81 -19.95 16.03 3.64
C VAL XA 81 -19.04 15.06 2.91
N ALA XA 82 -17.73 15.13 3.20
CA ALA XA 82 -16.78 14.23 2.54
C ALA XA 82 -17.04 12.77 2.87
N ILE XA 83 -17.65 12.50 4.03
CA ILE XA 83 -18.01 11.12 4.37
C ILE XA 83 -19.12 10.62 3.45
N GLY XA 84 -20.16 11.43 3.26
CA GLY XA 84 -21.27 11.02 2.42
C GLY XA 84 -20.87 10.87 0.96
N ILE XA 85 -20.02 11.77 0.48
CA ILE XA 85 -19.55 11.68 -0.90
C ILE XA 85 -18.68 10.44 -1.09
N SER XA 86 -17.91 10.07 -0.06
CA SER XA 86 -17.01 8.93 -0.19
C SER XA 86 -17.73 7.60 -0.09
N TRP XA 87 -18.79 7.50 0.71
CA TRP XA 87 -19.51 6.24 0.83
C TRP XA 87 -20.12 5.82 -0.51
N MET XA 88 -20.76 6.75 -1.21
CA MET XA 88 -21.18 6.51 -2.58
C MET XA 88 -19.98 6.72 -3.51
N PHE XA 89 -20.08 6.16 -4.71
CA PHE XA 89 -18.96 6.12 -5.65
C PHE XA 89 -17.73 5.49 -5.02
N GLY XA 90 -17.93 4.48 -4.16
CA GLY XA 90 -16.83 3.85 -3.48
C GLY XA 90 -17.25 2.77 -2.50
N ARG XA 91 -16.57 2.71 -1.35
CA ARG XA 91 -16.81 1.68 -0.35
C ARG XA 91 -17.12 2.33 0.99
N ALA XA 92 -18.03 1.71 1.74
CA ALA XA 92 -18.42 2.20 3.06
C ALA XA 92 -17.79 1.34 4.14
N SER XA 93 -17.17 1.98 5.12
CA SER XA 93 -16.51 1.26 6.20
C SER XA 93 -16.63 2.05 7.49
N LEU XA 94 -16.50 1.35 8.61
CA LEU XA 94 -16.58 1.98 9.91
C LEU XA 94 -15.32 2.77 10.24
N GLY XA 95 -14.18 2.38 9.66
CA GLY XA 95 -12.95 3.09 9.94
C GLY XA 95 -12.94 4.52 9.42
N LEU XA 96 -13.53 4.72 8.24
CA LEU XA 96 -13.53 6.05 7.63
C LEU XA 96 -14.38 7.02 8.44
N VAL XA 97 -15.60 6.60 8.84
CA VAL XA 97 -16.48 7.49 9.58
C VAL XA 97 -15.93 7.75 10.98
N ALA XA 98 -15.32 6.75 11.60
CA ALA XA 98 -14.77 6.92 12.94
C ALA XA 98 -13.62 7.91 12.95
N GLY XA 99 -12.77 7.87 11.91
CA GLY XA 99 -11.63 8.78 11.86
C GLY XA 99 -12.04 10.23 11.74
N VAL XA 100 -13.00 10.53 10.87
CA VAL XA 100 -13.42 11.91 10.67
C VAL XA 100 -14.16 12.45 11.89
N VAL XA 101 -15.08 11.65 12.44
CA VAL XA 101 -15.82 12.09 13.63
C VAL XA 101 -14.88 12.23 14.82
N GLY XA 102 -13.91 11.33 14.94
CA GLY XA 102 -12.90 11.47 15.99
C GLY XA 102 -12.07 12.72 15.83
N GLY XA 103 -11.83 13.13 14.58
CA GLY XA 103 -11.08 14.35 14.35
C GLY XA 103 -11.79 15.59 14.85
N ILE XA 104 -13.11 15.66 14.64
CA ILE XA 104 -13.88 16.81 15.12
C ILE XA 104 -13.86 16.86 16.65
N VAL XA 105 -13.93 15.69 17.29
CA VAL XA 105 -13.90 15.64 18.75
C VAL XA 105 -12.58 16.17 19.28
N ILE XA 106 -11.47 15.80 18.62
CA ILE XA 106 -10.16 16.30 19.05
C ILE XA 106 -10.01 17.78 18.74
N MET XA 107 -10.42 18.19 17.53
CA MET XA 107 -10.25 19.59 17.12
C MET XA 107 -11.05 20.53 18.02
N PHE XA 108 -12.37 20.40 18.01
CA PHE XA 108 -13.20 21.20 18.90
C PHE XA 108 -13.01 20.76 20.34
N GLY XA 109 -12.98 21.73 21.25
CA GLY XA 109 -12.73 21.40 22.64
C GLY XA 109 -11.31 20.98 22.93
N ALA XA 110 -10.35 21.38 22.09
CA ALA XA 110 -8.96 21.06 22.34
C ALA XA 110 -8.43 21.80 23.56
N SER XA 111 -9.08 22.90 23.95
CA SER XA 111 -8.66 23.61 25.15
C SER XA 111 -8.82 22.74 26.39
N PHE XA 112 -9.92 21.98 26.48
CA PHE XA 112 -10.13 21.09 27.60
C PHE XA 112 -9.09 19.98 27.62
N LEU XA 113 -8.74 19.44 26.45
CA LEU XA 113 -7.71 18.42 26.37
C LEU XA 113 -6.35 18.97 26.81
N GLY XA 114 -6.04 20.20 26.39
CA GLY XA 114 -4.77 20.80 26.80
C GLY XA 114 -4.68 21.04 28.28
N LYS XA 115 -5.78 21.52 28.89
CA LYS XA 115 -5.79 21.76 30.32
C LYS XA 115 -5.63 20.46 31.11
N THR XA 116 -6.33 19.40 30.68
CA THR XA 116 -6.24 18.12 31.38
C THR XA 116 -4.83 17.54 31.29
N LEU XA 117 -4.23 17.59 30.11
CA LEU XA 117 -2.89 17.02 29.93
C LEU XA 117 -1.86 17.80 30.71
N THR XA 118 -1.87 19.14 30.59
CA THR XA 118 -0.91 19.97 31.30
C THR XA 118 -1.12 19.87 32.81
N GLY XA 119 -2.37 19.86 33.26
CA GLY XA 119 -2.69 19.79 34.67
C GLY XA 119 -3.05 21.09 35.33
N GLY XA 120 -3.18 22.17 34.55
CA GLY XA 120 -3.53 23.46 35.13
C GLY XA 120 -3.80 24.46 34.02
N GLY XA 121 -4.30 25.62 34.44
CA GLY XA 121 -4.61 26.69 33.51
C GLY XA 121 -5.99 27.30 33.74
N GLY YA 52 25.78 47.19 35.72
CA GLY YA 52 25.03 47.31 34.49
C GLY YA 52 23.78 46.45 34.46
N GLY YA 53 23.65 45.64 33.42
CA GLY YA 53 22.51 44.75 33.30
C GLY YA 53 22.60 43.55 34.24
N THR YA 54 21.51 42.80 34.29
CA THR YA 54 21.45 41.63 35.16
C THR YA 54 22.38 40.54 34.64
N ASP YA 55 22.76 39.63 35.53
CA ASP YA 55 23.67 38.56 35.17
C ASP YA 55 23.02 37.61 34.16
N PRO YA 56 23.82 36.95 33.32
CA PRO YA 56 23.22 36.07 32.30
C PRO YA 56 22.42 34.92 32.87
N ALA YA 57 22.68 34.53 34.12
CA ALA YA 57 21.92 33.44 34.72
C ALA YA 57 20.45 33.82 34.89
N THR YA 58 20.18 35.11 35.15
CA THR YA 58 18.80 35.53 35.33
C THR YA 58 18.05 35.60 34.01
N MET YA 59 18.71 36.04 32.94
CA MET YA 59 18.04 36.20 31.65
C MET YA 59 17.55 34.87 31.11
N VAL YA 60 18.39 33.83 31.18
CA VAL YA 60 17.98 32.51 30.67
C VAL YA 60 16.85 31.94 31.51
N ASN YA 61 16.72 32.36 32.77
CA ASN YA 61 15.57 31.95 33.57
C ASN YA 61 14.30 32.62 33.08
N ASN YA 62 14.41 33.88 32.64
CA ASN YA 62 13.23 34.59 32.15
C ASN YA 62 12.67 33.95 30.88
N ILE YA 63 13.56 33.47 30.00
CA ILE YA 63 13.09 32.79 28.79
C ILE YA 63 12.35 31.51 29.15
N CYS YA 64 12.89 30.74 30.10
CA CYS YA 64 12.25 29.50 30.51
C CYS YA 64 10.90 29.75 31.14
N THR YA 65 10.79 30.78 31.98
CA THR YA 65 9.51 31.11 32.60
C THR YA 65 8.50 31.57 31.56
N PHE YA 66 8.93 32.38 30.59
CA PHE YA 66 8.01 32.87 29.56
C PHE YA 66 7.53 31.72 28.67
N ILE YA 67 8.43 30.83 28.26
CA ILE YA 67 8.05 29.74 27.38
C ILE YA 67 7.09 28.78 28.07
N LEU YA 68 7.38 28.42 29.32
CA LEU YA 68 6.55 27.49 30.07
C LEU YA 68 5.43 28.19 30.85
N GLY YA 69 5.10 29.42 30.49
CA GLY YA 69 4.04 30.14 31.14
C GLY YA 69 2.73 30.08 30.36
N PRO YA 70 1.95 31.15 30.43
CA PRO YA 70 0.69 31.19 29.65
C PRO YA 70 0.91 31.05 28.15
N PHE YA 71 2.05 31.52 27.64
CA PHE YA 71 2.32 31.39 26.21
C PHE YA 71 2.45 29.92 25.80
N GLY YA 72 3.13 29.12 26.62
CA GLY YA 72 3.29 27.72 26.28
C GLY YA 72 1.99 26.94 26.34
N GLN YA 73 1.14 27.26 27.31
CA GLN YA 73 -0.13 26.55 27.43
C GLN YA 73 -1.02 26.77 26.22
N SER YA 74 -1.01 27.98 25.66
CA SER YA 74 -1.80 28.25 24.45
C SER YA 74 -1.16 27.63 23.22
N LEU YA 75 0.13 27.32 23.28
CA LEU YA 75 0.77 26.57 22.19
C LEU YA 75 0.32 25.11 22.19
N ALA YA 76 0.01 24.57 23.37
CA ALA YA 76 -0.41 23.18 23.46
C ALA YA 76 -1.75 22.97 22.75
N VAL YA 77 -2.70 23.89 22.95
CA VAL YA 77 -4.01 23.72 22.33
C VAL YA 77 -3.93 23.88 20.82
N LEU YA 78 -2.98 24.67 20.32
CA LEU YA 78 -2.82 24.80 18.87
C LEU YA 78 -2.28 23.51 18.27
N GLY YA 79 -1.37 22.83 18.98
CA GLY YA 79 -0.88 21.56 18.49
C GLY YA 79 -1.94 20.49 18.47
N ILE YA 80 -2.83 20.48 19.47
CA ILE YA 80 -3.91 19.50 19.52
C ILE YA 80 -4.92 19.77 18.40
N VAL YA 81 -5.17 21.05 18.11
CA VAL YA 81 -6.11 21.40 17.04
C VAL YA 81 -5.61 20.87 15.71
N ALA YA 82 -4.30 20.94 15.47
CA ALA YA 82 -3.74 20.45 14.21
C ALA YA 82 -3.94 18.95 14.04
N ILE YA 83 -4.08 18.21 15.14
CA ILE YA 83 -4.38 16.79 15.03
C ILE YA 83 -5.78 16.56 14.48
N GLY YA 84 -6.76 17.28 15.03
CA GLY YA 84 -8.13 17.11 14.58
C GLY YA 84 -8.33 17.57 13.15
N ILE YA 85 -7.67 18.67 12.76
CA ILE YA 85 -7.78 19.15 11.39
C ILE YA 85 -7.14 18.15 10.44
N SER YA 86 -6.05 17.51 10.86
CA SER YA 86 -5.34 16.58 9.98
C SER YA 86 -6.07 15.25 9.81
N TRP YA 87 -6.75 14.76 10.86
CA TRP YA 87 -7.45 13.48 10.75
C TRP YA 87 -8.55 13.55 9.69
N MET YA 88 -9.35 14.61 9.72
CA MET YA 88 -10.26 14.86 8.62
C MET YA 88 -9.51 15.52 7.47
N PHE YA 89 -10.11 15.46 6.28
CA PHE YA 89 -9.44 15.88 5.04
C PHE YA 89 -8.10 15.16 4.86
N GLY YA 90 -8.03 13.90 5.26
CA GLY YA 90 -6.79 13.16 5.19
C GLY YA 90 -6.88 11.75 5.77
N ARG YA 91 -5.81 11.33 6.45
CA ARG YA 91 -5.72 9.97 6.98
C ARG YA 91 -5.44 10.04 8.48
N ALA YA 92 -6.02 9.10 9.22
CA ALA YA 92 -5.85 9.02 10.66
C ALA YA 92 -4.92 7.87 11.00
N SER YA 93 -3.92 8.14 11.84
CA SER YA 93 -2.94 7.14 12.22
C SER YA 93 -2.50 7.38 13.66
N LEU YA 94 -2.00 6.30 14.28
CA LEU YA 94 -1.53 6.40 15.66
C LEU YA 94 -0.19 7.11 15.75
N GLY YA 95 0.61 7.07 14.68
CA GLY YA 95 1.90 7.73 14.73
C GLY YA 95 1.79 9.24 14.83
N LEU YA 96 0.81 9.82 14.14
CA LEU YA 96 0.67 11.28 14.13
C LEU YA 96 0.26 11.80 15.51
N VAL YA 97 -0.73 11.15 16.13
CA VAL YA 97 -1.20 11.61 17.44
C VAL YA 97 -0.15 11.37 18.51
N ALA YA 98 0.60 10.27 18.42
CA ALA YA 98 1.62 9.96 19.40
C ALA YA 98 2.76 10.98 19.35
N GLY YA 99 3.14 11.41 18.14
CA GLY YA 99 4.23 12.36 18.01
C GLY YA 99 3.91 13.71 18.63
N VAL YA 100 2.70 14.23 18.38
CA VAL YA 100 2.33 15.54 18.89
C VAL YA 100 2.16 15.50 20.40
N VAL YA 101 1.48 14.48 20.91
CA VAL YA 101 1.28 14.37 22.36
C VAL YA 101 2.62 14.13 23.06
N GLY YA 102 3.49 13.35 22.45
CA GLY YA 102 4.83 13.17 23.01
C GLY YA 102 5.62 14.46 23.03
N GLY YA 103 5.38 15.33 22.05
CA GLY YA 103 6.07 16.62 22.03
C GLY YA 103 5.69 17.51 23.20
N ILE YA 104 4.41 17.52 23.56
CA ILE YA 104 3.95 18.32 24.69
C ILE YA 104 4.56 17.80 25.98
N VAL YA 105 4.67 16.47 26.11
CA VAL YA 105 5.25 15.89 27.31
C VAL YA 105 6.71 16.29 27.45
N ILE YA 106 7.46 16.30 26.34
CA ILE YA 106 8.86 16.71 26.40
C ILE YA 106 8.97 18.21 26.64
N MET YA 107 8.15 19.00 25.95
CA MET YA 107 8.25 20.46 26.05
C MET YA 107 7.92 20.92 27.48
N PHE YA 108 6.69 20.68 27.92
CA PHE YA 108 6.33 21.00 29.29
C PHE YA 108 7.02 20.07 30.27
N GLY YA 109 7.47 20.62 31.40
CA GLY YA 109 8.21 19.83 32.34
C GLY YA 109 9.60 19.45 31.89
N ALA YA 110 10.18 20.23 30.97
CA ALA YA 110 11.55 19.96 30.53
C ALA YA 110 12.56 20.23 31.63
N SER YA 111 12.19 21.03 32.64
CA SER YA 111 13.08 21.28 33.76
C SER YA 111 13.35 19.99 34.54
N PHE YA 112 12.32 19.17 34.73
CA PHE YA 112 12.50 17.89 35.41
C PHE YA 112 13.39 16.96 34.61
N LEU YA 113 13.22 16.95 33.27
CA LEU YA 113 14.08 16.12 32.44
C LEU YA 113 15.53 16.58 32.49
N GLY YA 114 15.74 17.91 32.49
CA GLY YA 114 17.10 18.42 32.58
C GLY YA 114 17.77 18.10 33.90
N LYS YA 115 17.02 18.20 35.00
CA LYS YA 115 17.59 17.88 36.31
C LYS YA 115 17.95 16.40 36.41
N THR YA 116 17.07 15.52 35.91
CA THR YA 116 17.34 14.09 35.98
C THR YA 116 18.55 13.71 35.15
N LEU YA 117 18.66 14.26 33.94
CA LEU YA 117 19.77 13.93 33.06
C LEU YA 117 21.09 14.45 33.63
N THR YA 118 21.12 15.72 34.04
CA THR YA 118 22.33 16.30 34.60
C THR YA 118 22.72 15.61 35.91
N GLY YA 119 21.74 15.34 36.76
CA GLY YA 119 21.98 14.71 38.03
C GLY YA 119 21.99 15.63 39.23
N GLY YA 120 21.65 16.90 39.04
CA GLY YA 120 21.62 17.84 40.15
C GLY YA 120 21.02 19.15 39.71
N GLY YA 121 20.80 20.02 40.69
CA GLY YA 121 20.22 21.32 40.43
C GLY YA 121 19.09 21.68 41.39
N GLY ZA 52 50.49 42.04 38.63
CA GLY ZA 52 49.32 42.56 37.92
C GLY ZA 52 48.11 41.66 38.04
N GLY ZA 53 47.54 41.28 36.90
CA GLY ZA 53 46.38 40.42 36.90
C GLY ZA 53 46.74 38.98 37.19
N THR ZA 54 45.70 38.16 37.37
CA THR ZA 54 45.90 36.75 37.66
C THR ZA 54 46.48 36.02 36.46
N ASP ZA 55 47.11 34.88 36.73
CA ASP ZA 55 47.74 34.11 35.66
C ASP ZA 55 46.68 33.56 34.71
N PRO ZA 56 47.05 33.34 33.43
CA PRO ZA 56 46.05 32.87 32.46
C PRO ZA 56 45.44 31.51 32.82
N ALA ZA 57 46.14 30.70 33.61
CA ALA ZA 57 45.58 29.41 34.00
C ALA ZA 57 44.32 29.57 34.85
N THR ZA 58 44.26 30.63 35.66
CA THR ZA 58 43.09 30.84 36.50
C THR ZA 58 41.90 31.33 35.68
N MET ZA 59 42.14 32.19 34.70
CA MET ZA 59 41.03 32.78 33.94
C MET ZA 59 40.28 31.71 33.14
N VAL ZA 60 41.01 30.79 32.49
CA VAL ZA 60 40.35 29.75 31.73
C VAL ZA 60 39.58 28.79 32.64
N ASN ZA 61 39.97 28.69 33.91
CA ASN ZA 61 39.19 27.92 34.87
C ASN ZA 61 37.88 28.62 35.19
N ASN ZA 62 37.90 29.95 35.25
CA ASN ZA 62 36.68 30.69 35.56
C ASN ZA 62 35.64 30.53 34.46
N ILE ZA 63 36.08 30.49 33.20
CA ILE ZA 63 35.14 30.28 32.10
C ILE ZA 63 34.51 28.90 32.19
N CYS ZA 64 35.31 27.88 32.50
CA CYS ZA 64 34.79 26.52 32.61
C CYS ZA 64 33.80 26.41 33.75
N THR ZA 65 34.10 27.02 34.89
CA THR ZA 65 33.18 26.98 36.03
C THR ZA 65 31.88 27.71 35.71
N PHE ZA 66 31.97 28.85 35.04
CA PHE ZA 66 30.77 29.61 34.71
C PHE ZA 66 29.90 28.86 33.70
N ILE ZA 67 30.51 28.27 32.68
CA ILE ZA 67 29.74 27.56 31.65
C ILE ZA 67 29.05 26.34 32.24
N LEU ZA 68 29.78 25.56 33.05
CA LEU ZA 68 29.24 24.35 33.64
C LEU ZA 68 28.56 24.59 34.98
N GLY ZA 69 28.19 25.84 35.27
CA GLY ZA 69 27.52 26.16 36.50
C GLY ZA 69 26.02 26.28 36.32
N PRO ZA 70 25.39 27.18 37.08
CA PRO ZA 70 23.93 27.40 36.91
C PRO ZA 70 23.55 27.86 35.52
N PHE ZA 71 24.44 28.59 34.83
CA PHE ZA 71 24.13 29.03 33.46
C PHE ZA 71 23.99 27.84 32.51
N GLY ZA 72 24.87 26.86 32.64
CA GLY ZA 72 24.80 25.69 31.76
C GLY ZA 72 23.57 24.85 32.01
N GLN ZA 73 23.17 24.69 33.27
CA GLN ZA 73 22.00 23.89 33.59
C GLN ZA 73 20.73 24.48 32.98
N SER ZA 74 20.61 25.81 32.96
CA SER ZA 74 19.45 26.44 32.36
C SER ZA 74 19.52 26.39 30.84
N LEU ZA 75 20.72 26.19 30.28
CA LEU ZA 75 20.83 25.97 28.84
C LEU ZA 75 20.31 24.59 28.45
N ALA ZA 76 20.45 23.61 29.35
CA ALA ZA 76 19.99 22.26 29.06
C ALA ZA 76 18.47 22.22 28.89
N VAL ZA 77 17.74 22.91 29.76
CA VAL ZA 77 16.28 22.87 29.68
C VAL ZA 77 15.79 23.60 28.43
N LEU ZA 78 16.52 24.60 27.95
CA LEU ZA 78 16.13 25.28 26.72
C LEU ZA 78 16.31 24.37 25.51
N GLY ZA 79 17.37 23.55 25.51
CA GLY ZA 79 17.55 22.60 24.43
C GLY ZA 79 16.48 21.53 24.40
N ILE ZA 80 16.05 21.07 25.58
CA ILE ZA 80 15.00 20.06 25.65
C ILE ZA 80 13.67 20.64 25.20
N VAL ZA 81 13.40 21.91 25.54
CA VAL ZA 81 12.16 22.56 25.12
C VAL ZA 81 12.08 22.61 23.61
N ALA ZA 82 13.20 22.87 22.94
CA ALA ZA 82 13.20 22.96 21.48
C ALA ZA 82 12.84 21.63 20.84
N ILE ZA 83 13.07 20.51 21.53
CA ILE ZA 83 12.67 19.21 21.01
C ILE ZA 83 11.15 19.09 21.00
N GLY ZA 84 10.50 19.46 22.12
CA GLY ZA 84 9.06 19.36 22.19
C GLY ZA 84 8.35 20.30 21.23
N ILE ZA 85 8.90 21.51 21.07
CA ILE ZA 85 8.30 22.47 20.14
C ILE ZA 85 8.46 21.97 18.71
N SER ZA 86 9.57 21.31 18.41
CA SER ZA 86 9.82 20.85 17.05
C SER ZA 86 9.00 19.62 16.67
N TRP ZA 87 8.75 18.71 17.63
CA TRP ZA 87 7.97 17.52 17.30
C TRP ZA 87 6.56 17.88 16.87
N MET ZA 88 5.90 18.78 17.58
CA MET ZA 88 4.65 19.35 17.11
C MET ZA 88 4.95 20.45 16.10
N PHE ZA 89 3.94 20.80 15.30
CA PHE ZA 89 4.12 21.71 14.17
C PHE ZA 89 5.23 21.24 13.23
N GLY ZA 90 5.36 19.93 13.07
CA GLY ZA 90 6.42 19.37 12.25
C GLY ZA 90 6.46 17.86 12.23
N ARG ZA 91 7.67 17.30 12.24
CA ARG ZA 91 7.87 15.86 12.14
C ARG ZA 91 8.70 15.38 13.32
N ALA ZA 92 8.38 14.19 13.81
CA ALA ZA 92 9.08 13.57 14.93
C ALA ZA 92 10.00 12.47 14.42
N SER ZA 93 11.26 12.49 14.86
CA SER ZA 93 12.24 11.51 14.42
C SER ZA 93 13.20 11.22 15.55
N LEU ZA 94 13.83 10.04 15.48
CA LEU ZA 94 14.80 9.65 16.50
C LEU ZA 94 16.12 10.38 16.34
N GLY ZA 95 16.44 10.83 15.12
CA GLY ZA 95 17.70 11.53 14.92
C GLY ZA 95 17.75 12.88 15.63
N LEU ZA 96 16.61 13.59 15.64
CA LEU ZA 96 16.58 14.91 16.24
C LEU ZA 96 16.76 14.84 17.75
N VAL ZA 97 16.06 13.91 18.41
CA VAL ZA 97 16.15 13.80 19.86
C VAL ZA 97 17.52 13.28 20.27
N ALA ZA 98 18.08 12.35 19.49
CA ALA ZA 98 19.39 11.79 19.82
C ALA ZA 98 20.48 12.85 19.73
N GLY ZA 99 20.40 13.74 18.73
CA GLY ZA 99 21.42 14.76 18.58
C GLY ZA 99 21.45 15.74 19.73
N VAL ZA 100 20.28 16.20 20.18
CA VAL ZA 100 20.23 17.19 21.25
C VAL ZA 100 20.65 16.57 22.57
N VAL ZA 101 20.15 15.37 22.88
CA VAL ZA 101 20.51 14.71 24.12
C VAL ZA 101 21.99 14.34 24.12
N GLY ZA 102 22.51 13.92 22.96
CA GLY ZA 102 23.94 13.67 22.87
C GLY ZA 102 24.77 14.91 23.08
N GLY ZA 103 24.24 16.08 22.67
CA GLY ZA 103 24.95 17.32 22.89
C GLY ZA 103 25.11 17.66 24.36
N ILE ZA 104 24.06 17.43 25.16
CA ILE ZA 104 24.14 17.71 26.58
C ILE ZA 104 25.16 16.79 27.24
N VAL ZA 105 25.22 15.53 26.80
CA VAL ZA 105 26.17 14.57 27.36
C VAL ZA 105 27.60 15.03 27.09
N ILE ZA 106 27.86 15.51 25.87
CA ILE ZA 106 29.20 16.00 25.55
C ILE ZA 106 29.50 17.30 26.28
N MET ZA 107 28.54 18.23 26.30
CA MET ZA 107 28.77 19.53 26.93
C MET ZA 107 29.05 19.38 28.42
N PHE ZA 108 28.07 18.90 29.17
CA PHE ZA 108 28.28 18.65 30.59
C PHE ZA 108 29.24 17.48 30.79
N GLY ZA 109 30.10 17.58 31.78
CA GLY ZA 109 31.10 16.56 32.00
C GLY ZA 109 32.18 16.51 30.94
N ALA ZA 110 32.42 17.63 30.25
CA ALA ZA 110 33.49 17.67 29.24
C ALA ZA 110 34.87 17.59 29.90
N SER ZA 111 34.96 17.91 31.19
CA SER ZA 111 36.23 17.79 31.90
C SER ZA 111 36.68 16.33 31.96
N PHE ZA 112 35.74 15.41 32.20
CA PHE ZA 112 36.09 14.00 32.22
C PHE ZA 112 36.53 13.52 30.84
N LEU ZA 113 35.86 13.99 29.78
CA LEU ZA 113 36.28 13.63 28.43
C LEU ZA 113 37.68 14.17 28.11
N GLY ZA 114 37.96 15.39 28.53
CA GLY ZA 114 39.28 15.95 28.28
C GLY ZA 114 40.38 15.22 29.02
N LYS ZA 115 40.12 14.83 30.27
CA LYS ZA 115 41.12 14.09 31.04
C LYS ZA 115 41.39 12.72 30.42
N THR ZA 116 40.33 12.02 29.99
CA THR ZA 116 40.50 10.69 29.41
C THR ZA 116 41.28 10.77 28.10
N LEU ZA 117 40.94 11.75 27.25
CA LEU ZA 117 41.62 11.86 25.96
C LEU ZA 117 43.08 12.25 26.14
N THR ZA 118 43.35 13.26 26.96
CA THR ZA 118 44.73 13.69 27.19
C THR ZA 118 45.54 12.60 27.88
N GLY ZA 119 44.94 11.93 28.86
CA GLY ZA 119 45.60 10.89 29.61
C GLY ZA 119 46.14 11.30 30.97
N GLY ZA 120 45.84 12.50 31.42
CA GLY ZA 120 46.30 12.95 32.73
C GLY ZA 120 45.67 14.28 33.08
N GLY ZA 121 45.90 14.68 34.33
CA GLY ZA 121 45.36 15.92 34.83
C GLY ZA 121 44.72 15.80 36.20
N GLY AB 52 73.96 38.44 29.77
CA GLY AB 52 72.65 39.07 29.79
C GLY AB 52 71.52 38.09 30.02
N GLY AB 53 70.52 38.13 29.13
CA GLY AB 53 69.40 37.23 29.24
C GLY AB 53 69.74 35.82 28.80
N THR AB 54 68.81 34.92 29.03
CA THR AB 54 69.00 33.53 28.67
C THR AB 54 69.03 33.35 27.15
N ASP AB 55 69.63 32.26 26.71
CA ASP AB 55 69.75 32.00 25.28
C ASP AB 55 68.37 31.77 24.65
N PRO AB 56 68.21 32.07 23.37
CA PRO AB 56 66.89 31.91 22.74
C PRO AB 56 66.38 30.48 22.75
N ALA AB 57 67.26 29.50 22.85
CA ALA AB 57 66.82 28.10 22.89
C ALA AB 57 65.99 27.82 24.14
N THR AB 58 66.31 28.49 25.25
CA THR AB 58 65.58 28.26 26.48
C THR AB 58 64.19 28.91 26.45
N MET AB 59 64.10 30.10 25.85
CA MET AB 59 62.82 30.82 25.83
C MET AB 59 61.76 30.08 25.05
N VAL AB 60 62.12 29.54 23.89
CA VAL AB 60 61.15 28.81 23.08
C VAL AB 60 60.72 27.52 23.78
N ASN AB 61 61.57 26.98 24.66
CA ASN AB 61 61.16 25.84 25.47
C ASN AB 61 60.12 26.24 26.50
N ASN AB 62 60.25 27.44 27.07
CA ASN AB 62 59.29 27.90 28.06
C ASN AB 62 57.90 28.08 27.47
N ILE AB 63 57.82 28.56 26.23
CA ILE AB 63 56.52 28.70 25.57
C ILE AB 63 55.89 27.33 25.36
N CYS AB 64 56.68 26.35 24.92
CA CYS AB 64 56.15 25.01 24.69
C CYS AB 64 55.66 24.38 25.99
N THR AB 65 56.42 24.55 27.07
CA THR AB 65 56.00 24.00 28.36
C THR AB 65 54.73 24.67 28.86
N PHE AB 66 54.62 25.99 28.70
CA PHE AB 66 53.44 26.71 29.16
C PHE AB 66 52.21 26.32 28.36
N ILE AB 67 52.34 26.21 27.03
CA ILE AB 67 51.19 25.88 26.19
C ILE AB 67 50.71 24.46 26.48
N LEU AB 68 51.63 23.51 26.59
CA LEU AB 68 51.28 22.12 26.83
C LEU AB 68 51.17 21.78 28.32
N GLY AB 69 51.03 22.78 29.17
CA GLY AB 69 50.91 22.56 30.59
C GLY AB 69 49.46 22.61 31.05
N PRO AB 70 49.23 23.10 32.27
CA PRO AB 70 47.85 23.22 32.75
C PRO AB 70 46.99 24.14 31.90
N PHE AB 71 47.59 25.15 31.27
CA PHE AB 71 46.81 26.04 30.40
C PHE AB 71 46.24 25.30 29.21
N GLY AB 72 47.04 24.42 28.60
CA GLY AB 72 46.56 23.67 27.44
C GLY AB 72 45.46 22.69 27.79
N GLN AB 73 45.56 22.04 28.94
CA GLN AB 73 44.55 21.08 29.35
C GLN AB 73 43.19 21.74 29.54
N SER AB 74 43.16 22.95 30.08
CA SER AB 74 41.90 23.66 30.24
C SER AB 74 41.38 24.20 28.92
N LEU AB 75 42.25 24.33 27.92
CA LEU AB 75 41.79 24.68 26.58
C LEU AB 75 41.08 23.50 25.93
N ALA AB 76 41.48 22.28 26.27
CA ALA AB 76 40.86 21.10 25.67
C ALA AB 76 39.39 20.98 26.09
N VAL AB 77 39.10 21.24 27.36
CA VAL AB 77 37.72 21.11 27.83
C VAL AB 77 36.83 22.20 27.24
N LEU AB 78 37.41 23.37 26.94
CA LEU AB 78 36.61 24.42 26.31
C LEU AB 78 36.25 24.05 24.88
N GLY AB 79 37.17 23.39 24.17
CA GLY AB 79 36.86 22.95 22.81
C GLY AB 79 35.79 21.87 22.79
N ILE AB 80 35.82 20.97 23.76
CA ILE AB 80 34.81 19.91 23.84
C ILE AB 80 33.44 20.50 24.19
N VAL AB 81 33.42 21.52 25.06
CA VAL AB 81 32.16 22.16 25.42
C VAL AB 81 31.50 22.78 24.20
N ALA AB 82 32.30 23.37 23.30
CA ALA AB 82 31.75 23.99 22.11
C ALA AB 82 31.07 22.97 21.20
N ILE AB 83 31.49 21.71 21.27
CA ILE AB 83 30.83 20.66 20.48
C ILE AB 83 29.42 20.43 21.01
N GLY AB 84 29.27 20.29 22.32
CA GLY AB 84 27.96 20.04 22.90
C GLY AB 84 27.01 21.21 22.71
N ILE AB 85 27.52 22.43 22.84
CA ILE AB 85 26.69 23.61 22.64
C ILE AB 85 26.25 23.71 21.19
N SER AB 86 27.12 23.31 20.25
CA SER AB 86 26.80 23.43 18.83
C SER AB 86 25.82 22.35 18.37
N TRP AB 87 25.89 21.14 18.92
CA TRP AB 87 24.96 20.10 18.49
C TRP AB 87 23.52 20.46 18.79
N MET AB 88 23.24 20.97 19.99
CA MET AB 88 21.95 21.56 20.28
C MET AB 88 21.93 22.98 19.73
N PHE AB 89 20.71 23.51 19.58
CA PHE AB 89 20.50 24.80 18.89
C PHE AB 89 21.13 24.81 17.51
N GLY AB 90 21.10 23.67 16.83
CA GLY AB 90 21.73 23.58 15.52
C GLY AB 90 21.66 22.19 14.91
N ARG AB 91 22.74 21.77 14.24
CA ARG AB 91 22.79 20.51 13.54
C ARG AB 91 23.98 19.69 14.04
N ALA AB 92 23.79 18.38 14.11
CA ALA AB 92 24.83 17.46 14.56
C ALA AB 92 25.40 16.71 13.36
N SER AB 93 26.72 16.67 13.26
CA SER AB 93 27.38 16.02 12.14
C SER AB 93 28.69 15.41 12.62
N LEU AB 94 29.17 14.41 11.88
CA LEU AB 94 30.42 13.75 12.22
C LEU AB 94 31.63 14.61 11.87
N GLY AB 95 31.49 15.50 10.89
CA GLY AB 95 32.61 16.34 10.51
C GLY AB 95 33.01 17.32 11.61
N LEU AB 96 32.03 17.87 12.32
CA LEU AB 96 32.33 18.86 13.34
C LEU AB 96 33.06 18.24 14.52
N VAL AB 97 32.60 17.08 14.99
CA VAL AB 97 33.23 16.43 16.14
C VAL AB 97 34.62 15.91 15.77
N ALA AB 98 34.77 15.41 14.54
CA ALA AB 98 36.06 14.88 14.11
C ALA AB 98 37.11 15.99 14.02
N GLY AB 99 36.71 17.18 13.55
CA GLY AB 99 37.67 18.26 13.42
C GLY AB 99 38.20 18.74 14.76
N VAL AB 100 37.33 18.89 15.75
CA VAL AB 100 37.75 19.39 17.05
C VAL AB 100 38.60 18.36 17.77
N VAL AB 101 38.17 17.09 17.76
CA VAL AB 101 38.95 16.05 18.42
C VAL AB 101 40.28 15.84 17.73
N GLY AB 102 40.29 15.94 16.40
CA GLY AB 102 41.55 15.87 15.67
C GLY AB 102 42.48 17.01 16.01
N GLY AB 103 41.92 18.18 16.31
CA GLY AB 103 42.74 19.32 16.70
C GLY AB 103 43.47 19.09 18.01
N ILE AB 104 42.79 18.48 18.99
CA ILE AB 104 43.43 18.21 20.27
C ILE AB 104 44.56 17.20 20.10
N VAL AB 105 44.36 16.21 19.22
CA VAL AB 105 45.38 15.21 18.97
C VAL AB 105 46.63 15.86 18.37
N ILE AB 106 46.44 16.79 17.43
CA ILE AB 106 47.58 17.48 16.83
C ILE AB 106 48.22 18.42 17.84
N MET AB 107 47.41 19.18 18.58
CA MET AB 107 47.95 20.17 19.50
C MET AB 107 48.76 19.50 20.61
N PHE AB 108 48.12 18.67 21.42
CA PHE AB 108 48.84 17.92 22.44
C PHE AB 108 49.71 16.86 21.81
N GLY AB 109 50.90 16.67 22.36
CA GLY AB 109 51.83 15.73 21.76
C GLY AB 109 52.42 16.18 20.46
N ALA AB 110 52.45 17.49 20.20
CA ALA AB 110 53.07 17.99 18.97
C ALA AB 110 54.57 17.79 18.97
N SER AB 111 55.18 17.62 20.15
CA SER AB 111 56.60 17.35 20.22
C SER AB 111 56.94 16.03 19.54
N PHE AB 112 56.11 15.00 19.75
CA PHE AB 112 56.34 13.73 19.09
C PHE AB 112 56.19 13.85 17.58
N LEU AB 113 55.21 14.62 17.11
CA LEU AB 113 55.05 14.83 15.68
C LEU AB 113 56.25 15.57 15.09
N GLY AB 114 56.75 16.57 15.81
CA GLY AB 114 57.91 17.30 15.32
C GLY AB 114 59.16 16.43 15.24
N LYS AB 115 59.38 15.58 16.25
CA LYS AB 115 60.54 14.71 16.23
C LYS AB 115 60.45 13.69 15.08
N THR AB 116 59.27 13.12 14.86
CA THR AB 116 59.11 12.13 13.80
C THR AB 116 59.33 12.76 12.43
N LEU AB 117 58.77 13.95 12.21
CA LEU AB 117 58.90 14.61 10.91
C LEU AB 117 60.34 15.03 10.65
N THR AB 118 60.98 15.68 11.63
CA THR AB 118 62.36 16.11 11.47
C THR AB 118 63.30 14.92 11.33
N GLY AB 119 63.08 13.87 12.13
CA GLY AB 119 63.90 12.69 12.11
C GLY AB 119 64.94 12.61 13.22
N GLY AB 120 64.92 13.52 14.17
CA GLY AB 120 65.88 13.48 15.26
C GLY AB 120 65.53 14.51 16.30
N GLY AB 121 66.23 14.43 17.42
CA GLY AB 121 66.02 15.34 18.53
C GLY AB 121 65.94 14.66 19.88
N GLY BB 52 91.93 40.48 12.03
CA GLY BB 52 90.78 40.94 12.79
C GLY BB 52 89.76 39.85 13.03
N GLY BB 53 88.50 40.13 12.67
CA GLY BB 53 87.44 39.16 12.84
C GLY BB 53 87.50 38.06 11.81
N THR BB 54 86.65 37.06 12.01
CA THR BB 54 86.61 35.92 11.09
C THR BB 54 86.04 36.35 9.74
N ASP BB 55 86.34 35.56 8.72
CA ASP BB 55 85.89 35.88 7.37
C ASP BB 55 84.36 35.77 7.28
N PRO BB 56 83.74 36.53 6.38
CA PRO BB 56 82.27 36.50 6.29
C PRO BB 56 81.71 35.13 5.94
N ALA BB 57 82.50 34.26 5.31
CA ALA BB 57 82.01 32.92 4.98
C ALA BB 57 81.70 32.12 6.24
N THR BB 58 82.47 32.35 7.30
CA THR BB 58 82.25 31.60 8.54
C THR BB 58 81.00 32.09 9.27
N MET BB 59 80.77 33.41 9.27
CA MET BB 59 79.64 33.96 10.02
C MET BB 59 78.32 33.48 9.48
N VAL BB 60 78.16 33.46 8.15
CA VAL BB 60 76.90 33.00 7.56
C VAL BB 60 76.70 31.51 7.82
N ASN BB 61 77.77 30.76 8.03
CA ASN BB 61 77.63 29.36 8.43
C ASN BB 61 77.09 29.24 9.85
N ASN BB 62 77.51 30.15 10.74
CA ASN BB 62 77.05 30.11 12.12
C ASN BB 62 75.55 30.38 12.21
N ILE BB 63 75.03 31.28 11.37
CA ILE BB 63 73.60 31.54 11.37
C ILE BB 63 72.83 30.31 10.91
N CYS BB 64 73.32 29.64 9.86
CA CYS BB 64 72.66 28.45 9.37
C CYS BB 64 72.67 27.33 10.40
N THR BB 65 73.79 27.15 11.08
CA THR BB 65 73.86 26.11 12.12
C THR BB 65 72.92 26.43 13.28
N PHE BB 66 72.86 27.70 13.69
CA PHE BB 66 71.99 28.08 14.80
C PHE BB 66 70.52 27.91 14.45
N ILE BB 67 70.13 28.33 13.24
CA ILE BB 67 68.73 28.24 12.83
C ILE BB 67 68.29 26.78 12.72
N LEU BB 68 69.12 25.94 12.10
CA LEU BB 68 68.78 24.53 11.90
C LEU BB 68 69.24 23.65 13.06
N GLY BB 69 69.51 24.24 14.23
CA GLY BB 69 69.92 23.49 15.38
C GLY BB 69 68.77 23.23 16.33
N PRO BB 70 69.06 23.19 17.63
CA PRO BB 70 67.98 23.01 18.62
C PRO BB 70 66.92 24.10 18.57
N PHE BB 71 67.30 25.32 18.20
CA PHE BB 71 66.32 26.41 18.11
C PHE BB 71 65.28 26.13 17.03
N GLY BB 72 65.73 25.62 15.87
CA GLY BB 72 64.79 25.32 14.81
C GLY BB 72 63.84 24.18 15.14
N GLN BB 73 64.34 23.16 15.82
CA GLN BB 73 63.49 22.02 16.18
C GLN BB 73 62.36 22.43 17.10
N SER BB 74 62.63 23.35 18.04
CA SER BB 74 61.57 23.83 18.93
C SER BB 74 60.62 24.78 18.20
N LEU BB 75 61.05 25.36 17.08
CA LEU BB 75 60.14 26.15 16.26
C LEU BB 75 59.15 25.25 15.54
N ALA BB 76 59.56 24.03 15.20
CA ALA BB 76 58.68 23.12 14.49
C ALA BB 76 57.48 22.72 15.35
N VAL BB 77 57.71 22.44 16.63
CA VAL BB 77 56.62 22.02 17.50
C VAL BB 77 55.66 23.17 17.75
N LEU BB 78 56.14 24.41 17.73
CA LEU BB 78 55.24 25.55 17.90
C LEU BB 78 54.34 25.73 16.69
N GLY BB 79 54.87 25.47 15.50
CA GLY BB 79 54.04 25.54 14.31
C GLY BB 79 52.96 24.46 14.28
N ILE BB 80 53.30 23.27 14.74
CA ILE BB 80 52.32 22.18 14.78
C ILE BB 80 51.25 22.46 15.82
N VAL BB 81 51.63 23.07 16.94
CA VAL BB 81 50.65 23.41 17.98
C VAL BB 81 49.62 24.39 17.43
N ALA BB 82 50.05 25.34 16.61
CA ALA BB 82 49.12 26.32 16.05
C ALA BB 82 48.08 25.67 15.14
N ILE BB 83 48.41 24.51 14.56
CA ILE BB 83 47.43 23.79 13.76
C ILE BB 83 46.31 23.24 14.64
N GLY BB 84 46.67 22.61 15.75
CA GLY BB 84 45.67 22.05 16.63
C GLY BB 84 44.80 23.10 17.28
N ILE BB 85 45.41 24.23 17.67
CA ILE BB 85 44.64 25.32 18.27
C ILE BB 85 43.68 25.92 17.25
N SER BB 86 44.10 25.98 15.98
CA SER BB 86 43.27 26.59 14.94
C SER BB 86 42.12 25.70 14.52
N TRP BB 87 42.30 24.38 14.50
CA TRP BB 87 41.22 23.49 14.08
C TRP BB 87 40.03 23.59 15.02
N MET BB 88 40.28 23.58 16.32
CA MET BB 88 39.24 23.90 17.28
C MET BB 88 39.09 25.41 17.39
N PHE BB 89 37.95 25.86 17.92
CA PHE BB 89 37.58 27.27 17.92
C PHE BB 89 37.64 27.86 16.52
N GLY BB 90 37.27 27.08 15.50
CA GLY BB 90 37.33 27.53 14.13
C GLY BB 90 36.95 26.48 13.11
N ARG BB 91 37.65 26.45 11.98
CA ARG BB 91 37.34 25.55 10.89
C ARG BB 91 38.56 24.72 10.54
N ALA BB 92 38.33 23.46 10.18
CA ALA BB 92 39.40 22.54 9.80
C ALA BB 92 39.42 22.35 8.29
N SER BB 93 40.60 22.47 7.70
CA SER BB 93 40.74 22.36 6.25
C SER BB 93 42.09 21.73 5.93
N LEU BB 94 42.17 21.13 4.74
CA LEU BB 94 43.41 20.50 4.30
C LEU BB 94 44.44 21.54 3.87
N GLY BB 95 44.01 22.72 3.45
CA GLY BB 95 44.96 23.74 3.02
C GLY BB 95 45.81 24.25 4.17
N LEU BB 96 45.21 24.41 5.34
CA LEU BB 96 45.94 24.95 6.48
C LEU BB 96 47.03 24.00 6.95
N VAL BB 97 46.70 22.71 7.08
CA VAL BB 97 47.68 21.74 7.55
C VAL BB 97 48.78 21.53 6.51
N ALA BB 98 48.42 21.55 5.23
CA ALA BB 98 49.41 21.34 4.19
C ALA BB 98 50.41 22.49 4.13
N GLY BB 99 49.95 23.72 4.34
CA GLY BB 99 50.85 24.85 4.30
C GLY BB 99 51.89 24.83 5.40
N VAL BB 100 51.47 24.53 6.62
CA VAL BB 100 52.40 24.53 7.75
C VAL BB 100 53.40 23.37 7.64
N VAL BB 101 52.90 22.18 7.31
CA VAL BB 101 53.79 21.03 7.17
C VAL BB 101 54.74 21.22 6.00
N GLY BB 102 54.25 21.81 4.90
CA GLY BB 102 55.13 22.14 3.79
C GLY BB 102 56.20 23.14 4.17
N GLY BB 103 55.86 24.06 5.08
CA GLY BB 103 56.86 25.03 5.53
C GLY BB 103 58.01 24.40 6.27
N ILE BB 104 57.72 23.41 7.12
CA ILE BB 104 58.78 22.72 7.86
C ILE BB 104 59.68 21.96 6.89
N VAL BB 105 59.09 21.36 5.85
CA VAL BB 105 59.88 20.62 4.87
C VAL BB 105 60.84 21.56 4.14
N ILE BB 106 60.36 22.75 3.77
CA ILE BB 106 61.23 23.71 3.11
C ILE BB 106 62.28 24.26 4.07
N MET BB 107 61.86 24.62 5.29
CA MET BB 107 62.79 25.21 6.25
C MET BB 107 63.92 24.26 6.60
N PHE BB 108 63.58 23.13 7.22
CA PHE BB 108 64.58 22.12 7.52
C PHE BB 108 65.06 21.46 6.25
N GLY BB 109 66.36 21.18 6.19
CA GLY BB 109 66.92 20.61 4.98
C GLY BB 109 66.99 21.59 3.82
N ALA BB 110 67.01 22.89 4.10
CA ALA BB 110 67.14 23.88 3.03
C ALA BB 110 68.51 23.83 2.38
N SER BB 111 69.51 23.27 3.07
CA SER BB 111 70.83 23.13 2.49
C SER BB 111 70.80 22.19 1.28
N PHE BB 112 70.04 21.11 1.38
CA PHE BB 112 69.91 20.19 0.24
C PHE BB 112 69.21 20.86 -0.92
N LEU BB 113 68.18 21.65 -0.64
CA LEU BB 113 67.49 22.38 -1.71
C LEU BB 113 68.42 23.39 -2.38
N GLY BB 114 69.23 24.09 -1.58
CA GLY BB 114 70.16 25.05 -2.15
C GLY BB 114 71.22 24.39 -3.03
N LYS BB 115 71.74 23.25 -2.59
CA LYS BB 115 72.75 22.54 -3.37
C LYS BB 115 72.17 22.04 -4.69
N THR BB 116 70.95 21.49 -4.65
CA THR BB 116 70.33 20.97 -5.88
C THR BB 116 70.05 22.09 -6.87
N LEU BB 117 69.53 23.22 -6.38
CA LEU BB 117 69.21 24.33 -7.27
C LEU BB 117 70.45 24.94 -7.88
N THR BB 118 71.46 25.23 -7.04
CA THR BB 118 72.70 25.81 -7.54
C THR BB 118 73.43 24.84 -8.46
N GLY BB 119 73.46 23.56 -8.11
CA GLY BB 119 74.13 22.55 -8.90
C GLY BB 119 75.50 22.15 -8.40
N GLY BB 120 75.92 22.62 -7.23
CA GLY BB 120 77.21 22.26 -6.69
C GLY BB 120 77.36 22.79 -5.28
N GLY BB 121 78.44 22.35 -4.64
CA GLY BB 121 78.72 22.75 -3.27
C GLY BB 121 79.12 21.60 -2.37
N GLY CB 52 101.86 50.71 -8.95
CA GLY CB 52 101.14 50.74 -7.70
C GLY CB 52 100.20 49.55 -7.54
N GLY CB 53 98.94 49.84 -7.25
CA GLY CB 53 97.95 48.78 -7.08
C GLY CB 53 97.53 48.16 -8.40
N THR CB 54 96.76 47.09 -8.29
CA THR CB 54 96.29 46.39 -9.47
C THR CB 54 95.28 47.24 -10.23
N ASP CB 55 95.11 46.93 -11.51
CA ASP CB 55 94.20 47.69 -12.36
C ASP CB 55 92.76 47.49 -11.90
N PRO CB 56 91.89 48.48 -12.13
CA PRO CB 56 90.50 48.36 -11.66
C PRO CB 56 89.75 47.17 -12.26
N ALA CB 57 90.18 46.68 -13.42
CA ALA CB 57 89.51 45.53 -14.02
C ALA CB 57 89.65 44.28 -13.16
N THR CB 58 90.78 44.15 -12.46
CA THR CB 58 91.00 42.98 -11.63
C THR CB 58 90.18 43.05 -10.35
N MET CB 59 90.04 44.24 -9.76
CA MET CB 59 89.34 44.37 -8.49
C MET CB 59 87.87 44.01 -8.63
N VAL CB 60 87.21 44.48 -9.70
CA VAL CB 60 85.80 44.17 -9.89
C VAL CB 60 85.60 42.68 -10.17
N ASN CB 61 86.63 41.99 -10.68
CA ASN CB 61 86.55 40.55 -10.82
C ASN CB 61 86.60 39.86 -9.46
N ASN CB 62 87.37 40.40 -8.53
CA ASN CB 62 87.48 39.79 -7.21
C ASN CB 62 86.15 39.87 -6.46
N ILE CB 63 85.42 40.98 -6.63
CA ILE CB 63 84.11 41.09 -5.98
C ILE CB 63 83.15 40.06 -6.56
N CYS CB 64 83.15 39.89 -7.88
CA CYS CB 64 82.26 38.92 -8.50
C CYS CB 64 82.59 37.49 -8.06
N THR CB 65 83.88 37.16 -7.98
CA THR CB 65 84.26 35.83 -7.53
C THR CB 65 83.87 35.59 -6.08
N PHE CB 66 84.06 36.61 -5.22
CA PHE CB 66 83.71 36.46 -3.82
C PHE CB 66 82.21 36.31 -3.62
N ILE CB 67 81.41 37.11 -4.34
CA ILE CB 67 79.96 37.06 -4.17
C ILE CB 67 79.42 35.72 -4.66
N LEU CB 68 79.88 35.26 -5.81
CA LEU CB 68 79.40 34.01 -6.40
C LEU CB 68 80.21 32.80 -5.93
N GLY CB 69 80.94 32.92 -4.83
CA GLY CB 69 81.71 31.82 -4.29
C GLY CB 69 80.99 31.12 -3.16
N PRO CB 70 81.75 30.62 -2.18
CA PRO CB 70 81.13 29.98 -1.01
C PRO CB 70 80.22 30.92 -0.23
N PHE CB 71 80.50 32.22 -0.22
CA PHE CB 71 79.64 33.16 0.48
C PHE CB 71 78.25 33.22 -0.14
N GLY CB 72 78.18 33.22 -1.48
CA GLY CB 72 76.89 33.28 -2.14
C GLY CB 72 76.06 32.02 -1.93
N GLN CB 73 76.72 30.85 -1.94
CA GLN CB 73 75.99 29.61 -1.75
C GLN CB 73 75.33 29.54 -0.38
N SER CB 74 76.00 30.05 0.65
CA SER CB 74 75.40 30.06 1.99
C SER CB 74 74.31 31.13 2.11
N LEU CB 75 74.32 32.12 1.22
CA LEU CB 75 73.22 33.07 1.18
C LEU CB 75 71.97 32.43 0.60
N ALA CB 76 72.14 31.48 -0.32
CA ALA CB 76 70.99 30.82 -0.93
C ALA CB 76 70.18 30.03 0.09
N VAL CB 77 70.87 29.30 0.98
CA VAL CB 77 70.16 28.49 1.96
C VAL CB 77 69.45 29.37 2.99
N LEU CB 78 69.98 30.56 3.27
CA LEU CB 78 69.30 31.47 4.18
C LEU CB 78 68.01 32.01 3.57
N GLY CB 79 68.02 32.27 2.27
CA GLY CB 79 66.80 32.71 1.60
C GLY CB 79 65.73 31.64 1.58
N ILE CB 80 66.14 30.39 1.38
CA ILE CB 80 65.18 29.28 1.37
C ILE CB 80 64.60 29.06 2.76
N VAL CB 81 65.43 29.23 3.80
CA VAL CB 81 64.95 29.06 5.17
C VAL CB 81 63.86 30.07 5.48
N ALA CB 82 64.00 31.30 4.98
CA ALA CB 82 63.00 32.33 5.23
C ALA CB 82 61.66 31.98 4.62
N ILE CB 83 61.65 31.17 3.56
CA ILE CB 83 60.39 30.72 2.98
C ILE CB 83 59.66 29.78 3.94
N GLY CB 84 60.38 28.81 4.49
CA GLY CB 84 59.75 27.87 5.40
C GLY CB 84 59.28 28.52 6.69
N ILE CB 85 60.06 29.47 7.21
CA ILE CB 85 59.65 30.18 8.42
C ILE CB 85 58.42 31.03 8.15
N SER CB 86 58.33 31.61 6.94
CA SER CB 86 57.21 32.48 6.62
C SER CB 86 55.92 31.72 6.36
N TRP CB 87 55.99 30.53 5.76
CA TRP CB 87 54.77 29.77 5.48
C TRP CB 87 54.04 29.41 6.77
N MET CB 88 54.77 28.92 7.77
CA MET CB 88 54.21 28.76 9.09
C MET CB 88 54.22 30.10 9.82
N PHE CB 89 53.40 30.21 10.86
CA PHE CB 89 53.16 31.48 11.55
C PHE CB 89 52.70 32.56 10.56
N GLY CB 90 51.93 32.20 9.56
CA GLY CB 90 51.49 33.13 8.55
C GLY CB 90 50.67 32.52 7.44
N ARG CB 91 50.90 32.97 6.21
CA ARG CB 91 50.12 32.53 5.06
C ARG CB 91 51.06 32.01 3.98
N ALA CB 92 50.62 30.96 3.28
CA ALA CB 92 51.39 30.35 2.21
C ALA CB 92 50.82 30.75 0.86
N SER CB 93 51.69 31.20 -0.04
CA SER CB 93 51.25 31.65 -1.36
C SER CB 93 52.33 31.31 -2.39
N LEU CB 94 51.91 31.22 -3.65
CA LEU CB 94 52.83 30.92 -4.73
C LEU CB 94 53.70 32.12 -5.09
N GLY CB 95 53.21 33.34 -4.83
CA GLY CB 95 53.99 34.52 -5.16
C GLY CB 95 55.25 34.64 -4.32
N LEU CB 96 55.17 34.28 -3.03
CA LEU CB 96 56.32 34.42 -2.15
C LEU CB 96 57.44 33.46 -2.53
N VAL CB 97 57.09 32.19 -2.79
CA VAL CB 97 58.11 31.20 -3.13
C VAL CB 97 58.70 31.49 -4.50
N ALA CB 98 57.88 31.97 -5.44
CA ALA CB 98 58.38 32.26 -6.79
C ALA CB 98 59.36 33.42 -6.77
N GLY CB 99 59.10 34.44 -5.94
CA GLY CB 99 59.99 35.59 -5.89
C GLY CB 99 61.37 35.25 -5.36
N VAL CB 100 61.43 34.46 -4.29
CA VAL CB 100 62.72 34.12 -3.68
C VAL CB 100 63.51 33.18 -4.60
N VAL CB 101 62.85 32.16 -5.15
CA VAL CB 101 63.55 31.24 -6.04
C VAL CB 101 63.98 31.94 -7.32
N GLY CB 102 63.15 32.85 -7.82
CA GLY CB 102 63.55 33.66 -8.97
C GLY CB 102 64.74 34.53 -8.67
N GLY CB 103 64.86 35.00 -7.43
CA GLY CB 103 66.01 35.82 -7.05
C GLY CB 103 67.31 35.05 -7.11
N ILE CB 104 67.30 33.79 -6.66
CA ILE CB 104 68.51 32.98 -6.71
C ILE CB 104 68.92 32.72 -8.16
N VAL CB 105 67.94 32.51 -9.04
CA VAL CB 105 68.23 32.27 -10.45
C VAL CB 105 68.91 33.49 -11.07
N ILE CB 106 68.42 34.69 -10.73
CA ILE CB 106 69.02 35.91 -11.25
C ILE CB 106 70.38 36.15 -10.63
N MET CB 107 70.50 35.97 -9.32
CA MET CB 107 71.76 36.24 -8.63
C MET CB 107 72.87 35.32 -9.11
N PHE CB 108 72.72 34.01 -8.89
CA PHE CB 108 73.68 33.06 -9.41
C PHE CB 108 73.59 32.98 -10.93
N GLY CB 109 74.75 32.86 -11.57
CA GLY CB 109 74.77 32.85 -13.02
C GLY CB 109 74.45 34.18 -13.65
N ALA CB 110 74.67 35.29 -12.93
CA ALA CB 110 74.44 36.61 -13.50
C ALA CB 110 75.46 36.94 -14.59
N SER CB 111 76.60 36.24 -14.59
CA SER CB 111 77.59 36.45 -15.64
C SER CB 111 77.03 36.05 -17.00
N PHE CB 112 76.30 34.93 -17.05
CA PHE CB 112 75.68 34.51 -18.30
C PHE CB 112 74.62 35.51 -18.77
N LEU CB 113 73.84 36.05 -17.84
CA LEU CB 113 72.85 37.05 -18.20
C LEU CB 113 73.52 38.32 -18.73
N GLY CB 114 74.62 38.74 -18.10
CA GLY CB 114 75.32 39.92 -18.57
C GLY CB 114 75.92 39.74 -19.95
N LYS CB 115 76.49 38.57 -20.22
CA LYS CB 115 77.06 38.30 -21.53
C LYS CB 115 75.99 38.28 -22.61
N THR CB 116 74.84 37.66 -22.33
CA THR CB 116 73.77 37.58 -23.31
C THR CB 116 73.21 38.97 -23.63
N LEU CB 117 72.99 39.78 -22.59
CA LEU CB 117 72.42 41.11 -22.79
C LEU CB 117 73.40 42.01 -23.54
N THR CB 118 74.65 42.05 -23.10
CA THR CB 118 75.65 42.88 -23.77
C THR CB 118 75.89 42.40 -25.21
N GLY CB 119 75.97 41.09 -25.40
CA GLY CB 119 76.23 40.52 -26.71
C GLY CB 119 77.65 40.07 -26.96
N GLY CB 120 78.52 40.12 -25.95
CA GLY CB 120 79.89 39.70 -26.13
C GLY CB 120 80.60 39.66 -24.79
N GLY CB 121 81.81 39.10 -24.82
CA GLY CB 121 82.63 38.99 -23.63
C GLY CB 121 83.25 37.61 -23.46
N GLY DB 52 103.70 68.91 -26.52
CA GLY DB 52 103.51 68.39 -25.18
C GLY DB 52 102.64 67.16 -25.13
N GLY DB 53 101.60 67.20 -24.31
CA GLY DB 53 100.69 66.09 -24.19
C GLY DB 53 99.76 65.97 -25.38
N THR DB 54 99.01 64.87 -25.40
CA THR DB 54 98.07 64.63 -26.49
C THR DB 54 96.90 65.61 -26.42
N ASP DB 55 96.24 65.80 -27.56
CA ASP DB 55 95.14 66.74 -27.64
C ASP DB 55 93.96 66.25 -26.77
N PRO DB 56 93.14 67.18 -26.27
CA PRO DB 56 92.03 66.76 -25.39
C PRO DB 56 91.03 65.84 -26.07
N ALA DB 57 90.95 65.86 -27.39
CA ALA DB 57 90.02 64.97 -28.09
C ALA DB 57 90.40 63.51 -27.89
N THR DB 58 91.70 63.22 -27.78
CA THR DB 58 92.14 61.83 -27.60
C THR DB 58 91.87 61.35 -26.18
N MET DB 59 92.06 62.21 -25.19
CA MET DB 59 91.90 61.79 -23.79
C MET DB 59 90.47 61.39 -23.49
N VAL DB 60 89.49 62.17 -23.97
CA VAL DB 60 88.10 61.83 -23.71
C VAL DB 60 87.70 60.54 -24.44
N ASN DB 61 88.40 60.20 -25.52
CA ASN DB 61 88.17 58.90 -26.16
C ASN DB 61 88.68 57.76 -25.31
N ASN DB 62 89.81 57.98 -24.61
CA ASN DB 62 90.36 56.94 -23.75
C ASN DB 62 89.43 56.60 -22.59
N ILE DB 63 88.77 57.62 -22.03
CA ILE DB 63 87.82 57.37 -20.95
C ILE DB 63 86.64 56.55 -21.46
N CYS DB 64 86.12 56.89 -22.65
CA CYS DB 64 85.00 56.15 -23.20
C CYS DB 64 85.37 54.71 -23.50
N THR DB 65 86.56 54.48 -24.04
CA THR DB 65 87.00 53.11 -24.32
C THR DB 65 87.18 52.32 -23.04
N PHE DB 66 87.75 52.94 -22.00
CA PHE DB 66 87.96 52.24 -20.73
C PHE DB 66 86.63 51.90 -20.06
N ILE DB 67 85.69 52.84 -20.05
CA ILE DB 67 84.41 52.60 -19.39
C ILE DB 67 83.63 51.51 -20.09
N LEU DB 68 83.58 51.56 -21.43
CA LEU DB 68 82.83 50.58 -22.22
C LEU DB 68 83.67 49.36 -22.59
N GLY DB 69 84.78 49.12 -21.89
CA GLY DB 69 85.60 47.98 -22.15
C GLY DB 69 85.34 46.84 -21.18
N PRO DB 70 86.38 46.08 -20.84
CA PRO DB 70 86.21 45.00 -19.86
C PRO DB 70 85.72 45.48 -18.50
N PHE DB 71 86.08 46.70 -18.10
CA PHE DB 71 85.62 47.23 -16.83
C PHE DB 71 84.11 47.40 -16.81
N GLY DB 72 83.53 47.90 -17.90
CA GLY DB 72 82.09 48.08 -17.95
C GLY DB 72 81.32 46.78 -17.95
N GLN DB 73 81.84 45.76 -18.64
CA GLN DB 73 81.16 44.47 -18.68
C GLN DB 73 81.08 43.83 -17.30
N SER DB 74 82.12 43.98 -16.48
CA SER DB 74 82.08 43.43 -15.13
C SER DB 74 81.20 44.27 -14.22
N LEU DB 75 80.93 45.52 -14.60
CA LEU DB 75 79.97 46.32 -13.85
C LEU DB 75 78.54 45.84 -14.10
N ALA DB 76 78.29 45.32 -15.30
CA ALA DB 76 76.95 44.85 -15.63
C ALA DB 76 76.55 43.67 -14.76
N VAL DB 77 77.48 42.72 -14.55
CA VAL DB 77 77.14 41.54 -13.77
C VAL DB 77 76.93 41.89 -12.30
N LEU DB 78 77.61 42.94 -11.81
CA LEU DB 78 77.40 43.37 -10.43
C LEU DB 78 76.01 43.99 -10.26
N GLY DB 79 75.53 44.72 -11.26
CA GLY DB 79 74.19 45.26 -11.19
C GLY DB 79 73.12 44.19 -11.22
N ILE DB 80 73.33 43.15 -12.02
CA ILE DB 80 72.37 42.06 -12.09
C ILE DB 80 72.36 41.27 -10.77
N VAL DB 81 73.52 41.10 -10.15
CA VAL DB 81 73.60 40.40 -8.87
C VAL DB 81 72.76 41.12 -7.82
N ALA DB 82 72.80 42.45 -7.82
CA ALA DB 82 72.05 43.22 -6.83
C ALA DB 82 70.55 43.01 -6.99
N ILE DB 83 70.08 42.66 -8.18
CA ILE DB 83 68.67 42.35 -8.36
C ILE DB 83 68.30 41.07 -7.63
N GLY DB 84 69.11 40.02 -7.81
CA GLY DB 84 68.81 38.76 -7.16
C GLY DB 84 68.91 38.83 -5.65
N ILE DB 85 69.89 39.58 -5.14
CA ILE DB 85 70.03 39.74 -3.70
C ILE DB 85 68.86 40.52 -3.14
N SER DB 86 68.35 41.49 -3.90
CA SER DB 86 67.26 42.32 -3.41
C SER DB 86 65.91 41.61 -3.43
N TRP DB 87 65.67 40.75 -4.42
CA TRP DB 87 64.39 40.05 -4.49
C TRP DB 87 64.19 39.16 -3.26
N MET DB 88 65.20 38.39 -2.89
CA MET DB 88 65.18 37.70 -1.61
C MET DB 88 65.56 38.66 -0.49
N PHE DB 89 65.20 38.30 0.74
CA PHE DB 89 65.34 39.19 1.89
C PHE DB 89 64.62 40.52 1.65
N GLY DB 90 63.49 40.49 0.95
CA GLY DB 90 62.77 41.70 0.63
C GLY DB 90 61.55 41.47 -0.24
N ARG DB 91 61.31 42.38 -1.18
CA ARG DB 91 60.13 42.34 -2.03
C ARG DB 91 60.54 42.35 -3.49
N ALA DB 92 59.80 41.61 -4.31
CA ALA DB 92 60.07 41.51 -5.75
C ALA DB 92 59.04 42.34 -6.51
N SER DB 93 59.53 43.18 -7.43
CA SER DB 93 58.67 44.05 -8.21
C SER DB 93 59.24 44.22 -9.61
N LEU DB 94 58.35 44.56 -10.55
CA LEU DB 94 58.77 44.79 -11.92
C LEU DB 94 59.52 46.10 -12.10
N GLY DB 95 59.25 47.08 -11.23
CA GLY DB 95 59.92 48.36 -11.35
C GLY DB 95 61.41 48.27 -11.07
N LEU DB 96 61.80 47.44 -10.11
CA LEU DB 96 63.21 47.34 -9.73
C LEU DB 96 64.03 46.69 -10.84
N VAL DB 97 63.52 45.60 -11.42
CA VAL DB 97 64.27 44.90 -12.47
C VAL DB 97 64.31 45.74 -13.73
N ALA DB 98 63.22 46.46 -14.03
CA ALA DB 98 63.19 47.28 -15.24
C ALA DB 98 64.18 48.43 -15.16
N GLY DB 99 64.33 49.03 -13.98
CA GLY DB 99 65.24 50.15 -13.84
C GLY DB 99 66.70 49.75 -14.04
N VAL DB 100 67.11 48.63 -13.46
CA VAL DB 100 68.50 48.21 -13.57
C VAL DB 100 68.82 47.76 -14.99
N VAL DB 101 67.93 46.96 -15.60
CA VAL DB 101 68.16 46.50 -16.97
C VAL DB 101 68.12 47.68 -17.94
N GLY DB 102 67.23 48.64 -17.70
CA GLY DB 102 67.22 49.84 -18.52
C GLY DB 102 68.50 50.64 -18.38
N GLY DB 103 69.10 50.61 -17.20
CA GLY DB 103 70.37 51.32 -17.01
C GLY DB 103 71.49 50.76 -17.84
N ILE DB 104 71.57 49.43 -17.94
CA ILE DB 104 72.61 48.81 -18.75
C ILE DB 104 72.42 49.14 -20.22
N VAL DB 105 71.15 49.19 -20.68
CA VAL DB 105 70.87 49.54 -22.06
C VAL DB 105 71.33 50.95 -22.37
N ILE DB 106 71.09 51.89 -21.45
CA ILE DB 106 71.53 53.27 -21.66
C ILE DB 106 73.06 53.37 -21.56
N MET DB 107 73.65 52.71 -20.56
CA MET DB 107 75.09 52.81 -20.35
C MET DB 107 75.86 52.25 -21.53
N PHE DB 108 75.71 50.95 -21.79
CA PHE DB 108 76.35 50.34 -22.95
C PHE DB 108 75.68 50.83 -24.22
N GLY DB 109 76.49 51.07 -25.26
CA GLY DB 109 75.94 51.60 -26.49
C GLY DB 109 75.51 53.05 -26.40
N ALA DB 110 76.06 53.81 -25.45
CA ALA DB 110 75.72 55.23 -25.34
C ALA DB 110 76.27 56.02 -26.51
N SER DB 111 77.28 55.49 -27.22
CA SER DB 111 77.79 56.17 -28.39
C SER DB 111 76.73 56.26 -29.49
N PHE DB 112 75.95 55.18 -29.68
CA PHE DB 112 74.89 55.21 -30.67
C PHE DB 112 73.80 56.21 -30.27
N LEU DB 113 73.48 56.29 -28.98
CA LEU DB 113 72.49 57.27 -28.53
C LEU DB 113 72.99 58.69 -28.74
N GLY DB 114 74.28 58.93 -28.48
CA GLY DB 114 74.83 60.27 -28.69
C GLY DB 114 74.83 60.67 -30.15
N LYS DB 115 75.17 59.74 -31.03
CA LYS DB 115 75.18 60.05 -32.46
C LYS DB 115 73.78 60.35 -32.98
N THR DB 116 72.79 59.56 -32.54
CA THR DB 116 71.42 59.77 -32.99
C THR DB 116 70.88 61.11 -32.51
N LEU DB 117 71.13 61.45 -31.25
CA LEU DB 117 70.62 62.70 -30.70
C LEU DB 117 71.30 63.90 -31.35
N THR DB 118 72.62 63.89 -31.45
CA THR DB 118 73.34 64.99 -32.08
C THR DB 118 72.99 65.11 -33.55
N GLY DB 119 72.89 63.98 -34.25
CA GLY DB 119 72.60 63.97 -35.66
C GLY DB 119 73.77 63.78 -36.58
N GLY DB 120 74.95 63.51 -36.05
CA GLY DB 120 76.13 63.31 -36.88
C GLY DB 120 77.29 62.84 -36.04
N GLY DB 121 78.36 62.44 -36.73
CA GLY DB 121 79.55 61.96 -36.07
C GLY DB 121 80.10 60.68 -36.69
N GLY EB 52 -26.69 -55.22 -33.19
CA GLY EB 52 -26.74 -55.87 -31.89
C GLY EB 52 -27.60 -57.11 -31.88
N GLY EB 53 -28.55 -57.16 -30.96
CA GLY EB 53 -29.45 -58.30 -30.86
C GLY EB 53 -30.50 -58.30 -31.95
N THR EB 54 -31.25 -59.39 -32.01
CA THR EB 54 -32.29 -59.53 -33.01
C THR EB 54 -33.44 -58.57 -32.72
N ASP EB 55 -34.22 -58.28 -33.76
CA ASP EB 55 -35.33 -57.35 -33.63
C ASP EB 55 -36.40 -57.93 -32.71
N PRO EB 56 -37.17 -57.07 -32.02
CA PRO EB 56 -38.18 -57.58 -31.08
C PRO EB 56 -39.25 -58.44 -31.74
N ALA EB 57 -39.47 -58.29 -33.05
CA ALA EB 57 -40.47 -59.12 -33.73
C ALA EB 57 -40.07 -60.59 -33.72
N THR EB 58 -38.77 -60.87 -33.77
CA THR EB 58 -38.30 -62.25 -33.78
C THR EB 58 -38.43 -62.89 -32.40
N MET EB 59 -38.13 -62.13 -31.35
CA MET EB 59 -38.15 -62.69 -30.00
C MET EB 59 -39.54 -63.14 -29.59
N VAL EB 60 -40.56 -62.33 -29.88
CA VAL EB 60 -41.92 -62.71 -29.52
C VAL EB 60 -42.39 -63.91 -30.32
N ASN EB 61 -41.81 -64.14 -31.50
CA ASN EB 61 -42.10 -65.35 -32.25
C ASN EB 61 -41.50 -66.58 -31.57
N ASN EB 62 -40.33 -66.43 -30.97
CA ASN EB 62 -39.67 -67.55 -30.29
C ASN EB 62 -40.48 -68.00 -29.08
N ILE EB 63 -41.08 -67.06 -28.35
CA ILE EB 63 -41.92 -67.42 -27.21
C ILE EB 63 -43.14 -68.20 -27.68
N CYS EB 64 -43.78 -67.75 -28.76
CA CYS EB 64 -44.96 -68.43 -29.27
C CYS EB 64 -44.62 -69.84 -29.75
N THR EB 65 -43.49 -70.00 -30.44
CA THR EB 65 -43.08 -71.32 -30.90
C THR EB 65 -42.78 -72.24 -29.72
N PHE EB 66 -42.09 -71.72 -28.70
CA PHE EB 66 -41.76 -72.54 -27.54
C PHE EB 66 -43.00 -72.96 -26.77
N ILE EB 67 -43.94 -72.03 -26.56
CA ILE EB 67 -45.15 -72.35 -25.80
C ILE EB 67 -46.00 -73.39 -26.54
N LEU EB 68 -46.18 -73.20 -27.84
CA LEU EB 68 -47.01 -74.09 -28.64
C LEU EB 68 -46.22 -75.26 -29.22
N GLY EB 69 -45.05 -75.56 -28.66
CA GLY EB 69 -44.24 -76.67 -29.13
C GLY EB 69 -44.41 -77.89 -28.26
N PRO EB 70 -43.34 -78.68 -28.11
CA PRO EB 70 -43.42 -79.86 -27.24
C PRO EB 70 -43.75 -79.52 -25.80
N PHE EB 71 -43.36 -78.34 -25.31
CA PHE EB 71 -43.67 -77.95 -23.94
C PHE EB 71 -45.18 -77.81 -23.75
N GLY EB 72 -45.87 -77.20 -24.72
CA GLY EB 72 -47.31 -77.02 -24.60
C GLY EB 72 -48.08 -78.33 -24.65
N GLN EB 73 -47.63 -79.26 -25.48
CA GLN EB 73 -48.31 -80.54 -25.59
C GLN EB 73 -48.26 -81.32 -24.29
N SER EB 74 -47.13 -81.26 -23.58
CA SER EB 74 -47.03 -81.94 -22.29
C SER EB 74 -47.81 -81.20 -21.21
N LEU EB 75 -48.11 -79.92 -21.42
CA LEU EB 75 -48.98 -79.21 -20.50
C LEU EB 75 -50.43 -79.68 -20.65
N ALA EB 76 -50.82 -80.08 -21.86
CA ALA EB 76 -52.18 -80.53 -22.10
C ALA EB 76 -52.49 -81.80 -21.32
N VAL EB 77 -51.55 -82.75 -21.31
CA VAL EB 77 -51.80 -84.01 -20.62
C VAL EB 77 -51.85 -83.80 -19.11
N LEU EB 78 -51.13 -82.81 -18.58
CA LEU EB 78 -51.20 -82.52 -17.16
C LEU EB 78 -52.55 -81.94 -16.78
N GLY EB 79 -53.13 -81.11 -17.64
CA GLY EB 79 -54.46 -80.59 -17.38
C GLY EB 79 -55.53 -81.66 -17.41
N ILE EB 80 -55.40 -82.62 -18.33
CA ILE EB 80 -56.37 -83.72 -18.40
C ILE EB 80 -56.24 -84.62 -17.19
N VAL EB 81 -55.03 -84.84 -16.71
CA VAL EB 81 -54.81 -85.68 -15.52
C VAL EB 81 -55.52 -85.07 -14.32
N ALA EB 82 -55.49 -83.75 -14.19
CA ALA EB 82 -56.14 -83.09 -13.06
C ALA EB 82 -57.64 -83.30 -13.07
N ILE EB 83 -58.24 -83.54 -14.24
CA ILE EB 83 -59.67 -83.83 -14.30
C ILE EB 83 -59.95 -85.19 -13.67
N GLY EB 84 -59.17 -86.20 -14.04
CA GLY EB 84 -59.40 -87.53 -13.50
C GLY EB 84 -59.15 -87.61 -12.01
N ILE EB 85 -58.11 -86.90 -11.53
CA ILE EB 85 -57.81 -86.90 -10.11
C ILE EB 85 -58.92 -86.19 -9.35
N SER EB 86 -59.51 -85.15 -9.94
CA SER EB 86 -60.54 -84.38 -9.26
C SER EB 86 -61.89 -85.10 -9.22
N TRP EB 87 -62.23 -85.86 -10.26
CA TRP EB 87 -63.51 -86.56 -10.25
C TRP EB 87 -63.59 -87.57 -9.12
N MET EB 88 -62.54 -88.36 -8.93
CA MET EB 88 -62.43 -89.19 -7.74
C MET EB 88 -61.94 -88.33 -6.57
N PHE EB 89 -62.16 -88.83 -5.35
CA PHE EB 89 -61.91 -88.05 -4.14
C PHE EB 89 -62.64 -86.71 -4.17
N GLY EB 90 -63.84 -86.69 -4.74
CA GLY EB 90 -64.58 -85.45 -4.87
C GLY EB 90 -65.89 -85.59 -5.62
N ARG EB 91 -66.23 -84.60 -6.43
CA ARG EB 91 -67.49 -84.57 -7.16
C ARG EB 91 -67.22 -84.41 -8.64
N ALA EB 92 -68.06 -85.07 -9.45
CA ALA EB 92 -67.95 -85.01 -10.90
C ALA EB 92 -69.03 -84.12 -11.47
N SER EB 93 -68.65 -83.20 -12.35
CA SER EB 93 -69.59 -82.26 -12.93
C SER EB 93 -69.17 -81.94 -14.36
N LEU EB 94 -70.14 -81.51 -15.16
CA LEU EB 94 -69.86 -81.14 -16.55
C LEU EB 94 -69.14 -79.81 -16.66
N GLY EB 95 -69.32 -78.93 -15.68
CA GLY EB 95 -68.66 -77.63 -15.73
C GLY EB 95 -67.15 -77.74 -15.63
N LEU EB 96 -66.67 -78.66 -14.79
CA LEU EB 96 -65.23 -78.78 -14.58
C LEU EB 96 -64.53 -79.31 -15.83
N VAL EB 97 -65.09 -80.34 -16.45
CA VAL EB 97 -64.47 -80.92 -17.65
C VAL EB 97 -64.55 -79.94 -18.82
N ALA EB 98 -65.66 -79.22 -18.93
CA ALA EB 98 -65.82 -78.28 -20.04
C ALA EB 98 -64.82 -77.13 -19.93
N GLY EB 99 -64.56 -76.66 -18.72
CA GLY EB 99 -63.63 -75.54 -18.56
C GLY EB 99 -62.21 -75.91 -18.96
N VAL EB 100 -61.73 -77.09 -18.54
CA VAL EB 100 -60.36 -77.48 -18.84
C VAL EB 100 -60.19 -77.78 -20.33
N VAL EB 101 -61.14 -78.51 -20.92
CA VAL EB 101 -61.06 -78.83 -22.34
C VAL EB 101 -61.19 -77.57 -23.18
N GLY EB 102 -62.06 -76.64 -22.74
CA GLY EB 102 -62.15 -75.36 -23.43
C GLY EB 102 -60.87 -74.56 -23.36
N GLY EB 103 -60.14 -74.70 -22.25
CA GLY EB 103 -58.87 -74.01 -22.12
C GLY EB 103 -57.84 -74.48 -23.12
N ILE EB 104 -57.78 -75.79 -23.36
CA ILE EB 104 -56.82 -76.32 -24.33
C ILE EB 104 -57.16 -75.83 -25.73
N VAL EB 105 -58.46 -75.74 -26.04
CA VAL EB 105 -58.89 -75.27 -27.35
C VAL EB 105 -58.47 -73.82 -27.56
N ILE EB 106 -58.60 -72.99 -26.53
CA ILE EB 106 -58.19 -71.59 -26.64
C ILE EB 106 -56.66 -71.48 -26.69
N MET EB 107 -55.97 -72.23 -25.83
CA MET EB 107 -54.52 -72.14 -25.76
C MET EB 107 -53.87 -72.58 -27.07
N PHE EB 108 -54.05 -73.84 -27.44
CA PHE EB 108 -53.54 -74.32 -28.72
C PHE EB 108 -54.34 -73.70 -29.86
N GLY EB 109 -53.64 -73.36 -30.95
CA GLY EB 109 -54.31 -72.71 -32.05
C GLY EB 109 -54.74 -71.28 -31.76
N ALA EB 110 -54.08 -70.62 -30.81
CA ALA EB 110 -54.40 -69.23 -30.52
C ALA EB 110 -53.98 -68.31 -31.66
N SER EB 111 -53.06 -68.76 -32.51
CA SER EB 111 -52.67 -67.96 -33.66
C SER EB 111 -53.83 -67.77 -34.61
N PHE EB 112 -54.63 -68.83 -34.83
CA PHE EB 112 -55.80 -68.70 -35.70
C PHE EB 112 -56.84 -67.76 -35.10
N LEU EB 113 -57.02 -67.82 -33.78
CA LEU EB 113 -57.95 -66.90 -33.13
C LEU EB 113 -57.48 -65.46 -33.25
N GLY EB 114 -56.17 -65.22 -33.08
CA GLY EB 114 -55.64 -63.88 -33.21
C GLY EB 114 -55.79 -63.32 -34.62
N LYS EB 115 -55.54 -64.16 -35.63
CA LYS EB 115 -55.69 -63.71 -37.01
C LYS EB 115 -57.13 -63.38 -37.34
N THR EB 116 -58.07 -64.21 -36.89
CA THR EB 116 -59.48 -63.96 -37.17
C THR EB 116 -59.97 -62.69 -36.50
N LEU EB 117 -59.58 -62.48 -35.24
CA LEU EB 117 -60.03 -61.29 -34.52
C LEU EB 117 -59.43 -60.02 -35.12
N THR EB 118 -58.12 -60.02 -35.35
CA THR EB 118 -57.47 -58.85 -35.93
C THR EB 118 -57.97 -58.58 -37.35
N GLY EB 119 -58.14 -59.63 -38.14
CA GLY EB 119 -58.59 -59.50 -39.51
C GLY EB 119 -57.51 -59.59 -40.56
N GLY EB 120 -56.28 -59.90 -40.17
CA GLY EB 120 -55.20 -60.00 -41.14
C GLY EB 120 -53.96 -60.55 -40.48
N GLY EB 121 -52.97 -60.85 -41.32
CA GLY EB 121 -51.72 -61.40 -40.84
C GLY EB 121 -51.23 -62.60 -41.64
N GLY FB 52 -31.29 -30.87 -38.76
CA GLY FB 52 -30.88 -31.96 -37.90
C GLY FB 52 -31.76 -33.20 -38.04
N GLY FB 53 -32.28 -33.67 -36.91
CA GLY FB 53 -33.14 -34.83 -36.94
C GLY FB 53 -34.54 -34.51 -37.44
N THR FB 54 -35.32 -35.56 -37.63
CA THR FB 54 -36.68 -35.40 -38.14
C THR FB 54 -37.56 -34.73 -37.09
N ASP FB 55 -38.66 -34.13 -37.55
CA ASP FB 55 -39.56 -33.43 -36.66
C ASP FB 55 -40.23 -34.41 -35.70
N PRO FB 56 -40.62 -33.94 -34.50
CA PRO FB 56 -41.22 -34.86 -33.52
C PRO FB 56 -42.52 -35.50 -34.00
N ALA FB 57 -43.21 -34.88 -34.95
CA ALA FB 57 -44.44 -35.48 -35.47
C ALA FB 57 -44.18 -36.79 -36.18
N THR FB 58 -43.02 -36.92 -36.83
CA THR FB 58 -42.70 -38.15 -37.54
C THR FB 58 -42.33 -39.28 -36.58
N MET FB 59 -41.60 -38.95 -35.51
CA MET FB 59 -41.13 -39.98 -34.59
C MET FB 59 -42.29 -40.68 -33.88
N VAL FB 60 -43.28 -39.91 -33.42
CA VAL FB 60 -44.43 -40.51 -32.75
C VAL FB 60 -45.25 -41.36 -33.71
N ASN FB 61 -45.19 -41.06 -35.01
CA ASN FB 61 -45.82 -41.93 -35.99
C ASN FB 61 -45.10 -43.26 -36.12
N ASN FB 62 -43.77 -43.24 -36.01
CA ASN FB 62 -43.00 -44.47 -36.11
C ASN FB 62 -43.30 -45.42 -34.96
N ILE FB 63 -43.51 -44.88 -33.75
CA ILE FB 63 -43.87 -45.72 -32.62
C ILE FB 63 -45.22 -46.37 -32.84
N CYS FB 64 -46.19 -45.60 -33.34
CA CYS FB 64 -47.52 -46.14 -33.58
C CYS FB 64 -47.49 -47.23 -34.66
N THR FB 65 -46.73 -47.01 -35.73
CA THR FB 65 -46.63 -48.02 -36.77
C THR FB 65 -45.95 -49.28 -36.25
N PHE FB 66 -44.90 -49.14 -35.45
CA PHE FB 66 -44.20 -50.30 -34.92
C PHE FB 66 -45.08 -51.09 -33.96
N ILE FB 67 -45.80 -50.39 -33.07
CA ILE FB 67 -46.64 -51.09 -32.09
C ILE FB 67 -47.78 -51.83 -32.78
N LEU FB 68 -48.44 -51.18 -33.74
CA LEU FB 68 -49.57 -51.78 -34.44
C LEU FB 68 -49.14 -52.56 -35.68
N GLY FB 69 -47.87 -52.95 -35.77
CA GLY FB 69 -47.39 -53.71 -36.90
C GLY FB 69 -47.30 -55.19 -36.56
N PRO FB 70 -46.31 -55.87 -37.15
CA PRO FB 70 -46.12 -57.29 -36.83
C PRO FB 70 -45.85 -57.57 -35.37
N PHE FB 71 -45.22 -56.63 -34.66
CA PHE FB 71 -44.97 -56.82 -33.24
C PHE FB 71 -46.26 -56.89 -32.44
N GLY FB 72 -47.23 -56.03 -32.76
CA GLY FB 72 -48.49 -56.03 -32.05
C GLY FB 72 -49.30 -57.29 -32.30
N GLN FB 73 -49.28 -57.78 -33.53
CA GLN FB 73 -50.05 -58.99 -33.86
C GLN FB 73 -49.54 -60.20 -33.08
N SER FB 74 -48.23 -60.31 -32.88
CA SER FB 74 -47.69 -61.42 -32.10
C SER FB 74 -47.93 -61.22 -30.60
N LEU FB 75 -48.21 -59.98 -30.18
CA LEU FB 75 -48.62 -59.76 -28.80
C LEU FB 75 -50.03 -60.25 -28.56
N ALA FB 76 -50.88 -60.20 -29.58
CA ALA FB 76 -52.27 -60.64 -29.44
C ALA FB 76 -52.34 -62.14 -29.16
N VAL FB 77 -51.53 -62.93 -29.86
CA VAL FB 77 -51.59 -64.38 -29.66
C VAL FB 77 -51.03 -64.77 -28.30
N LEU FB 78 -50.11 -63.99 -27.75
CA LEU FB 78 -49.60 -64.27 -26.41
C LEU FB 78 -50.66 -64.00 -25.36
N GLY FB 79 -51.46 -62.96 -25.56
CA GLY FB 79 -52.55 -62.69 -24.62
C GLY FB 79 -53.62 -63.76 -24.65
N ILE FB 80 -53.92 -64.29 -25.83
CA ILE FB 80 -54.91 -65.35 -25.95
C ILE FB 80 -54.40 -66.64 -25.32
N VAL FB 81 -53.10 -66.92 -25.47
CA VAL FB 81 -52.52 -68.12 -24.88
C VAL FB 81 -52.67 -68.09 -23.36
N ALA FB 82 -52.49 -66.91 -22.76
CA ALA FB 82 -52.61 -66.78 -21.31
C ALA FB 82 -54.01 -67.10 -20.82
N ILE FB 83 -55.03 -66.93 -21.67
CA ILE FB 83 -56.39 -67.31 -21.30
C ILE FB 83 -56.50 -68.82 -21.18
N GLY FB 84 -55.99 -69.55 -22.17
CA GLY FB 84 -56.08 -71.00 -22.15
C GLY FB 84 -55.29 -71.61 -21.01
N ILE FB 85 -54.11 -71.06 -20.74
CA ILE FB 85 -53.28 -71.56 -19.65
C ILE FB 85 -53.97 -71.29 -18.30
N SER FB 86 -54.66 -70.16 -18.19
CA SER FB 86 -55.29 -69.80 -16.93
C SER FB 86 -56.57 -70.60 -16.66
N TRP FB 87 -57.33 -70.94 -17.69
CA TRP FB 87 -58.56 -71.70 -17.47
C TRP FB 87 -58.26 -73.07 -16.87
N MET FB 88 -57.28 -73.77 -17.41
CA MET FB 88 -56.78 -74.98 -16.77
C MET FB 88 -55.83 -74.59 -15.65
N PHE FB 89 -55.59 -75.53 -14.73
CA PHE FB 89 -54.84 -75.25 -13.50
C PHE FB 89 -55.43 -74.07 -12.74
N GLY FB 90 -56.75 -73.93 -12.76
CA GLY FB 90 -57.40 -72.82 -12.10
C GLY FB 90 -58.90 -72.78 -12.29
N ARG FB 91 -59.45 -71.59 -12.47
CA ARG FB 91 -60.89 -71.39 -12.59
C ARG FB 91 -61.21 -70.66 -13.88
N ALA FB 92 -62.33 -71.02 -14.49
CA ALA FB 92 -62.79 -70.42 -15.74
C ALA FB 92 -63.95 -69.48 -15.46
N SER FB 93 -63.86 -68.26 -16.00
CA SER FB 93 -64.88 -67.26 -15.76
C SER FB 93 -65.03 -66.38 -17.00
N LEU FB 94 -66.20 -65.76 -17.14
CA LEU FB 94 -66.45 -64.89 -18.28
C LEU FB 94 -65.73 -63.55 -18.14
N GLY FB 95 -65.46 -63.13 -16.90
CA GLY FB 95 -64.78 -61.85 -16.71
C GLY FB 95 -63.36 -61.86 -17.23
N LEU FB 96 -62.65 -62.98 -17.06
CA LEU FB 96 -61.25 -63.04 -17.48
C LEU FB 96 -61.14 -63.00 -18.99
N VAL FB 97 -61.96 -63.77 -19.70
CA VAL FB 97 -61.88 -63.78 -21.16
C VAL FB 97 -62.34 -62.45 -21.75
N ALA FB 98 -63.37 -61.83 -21.14
CA ALA FB 98 -63.87 -60.56 -21.65
C ALA FB 98 -62.83 -59.46 -21.51
N GLY FB 99 -62.08 -59.46 -20.41
CA GLY FB 99 -61.09 -58.42 -20.20
C GLY FB 99 -59.96 -58.47 -21.21
N VAL FB 100 -59.45 -59.67 -21.49
CA VAL FB 100 -58.33 -59.80 -22.42
C VAL FB 100 -58.77 -59.50 -23.85
N VAL FB 101 -59.92 -60.03 -24.25
CA VAL FB 101 -60.41 -59.77 -25.61
C VAL FB 101 -60.77 -58.31 -25.77
N GLY FB 102 -61.33 -57.69 -24.74
CA GLY FB 102 -61.60 -56.27 -24.78
C GLY FB 102 -60.32 -55.44 -24.89
N GLY FB 103 -59.24 -55.93 -24.30
CA GLY FB 103 -57.96 -55.23 -24.40
C GLY FB 103 -57.43 -55.19 -25.82
N ILE FB 104 -57.56 -56.29 -26.55
CA ILE FB 104 -57.09 -56.33 -27.93
C ILE FB 104 -57.92 -55.38 -28.79
N VAL FB 105 -59.22 -55.30 -28.52
CA VAL FB 105 -60.09 -54.40 -29.29
C VAL FB 105 -59.67 -52.96 -29.07
N ILE FB 106 -59.35 -52.59 -27.83
CA ILE FB 106 -58.91 -51.23 -27.54
C ILE FB 106 -57.52 -50.98 -28.13
N MET FB 107 -56.61 -51.92 -27.95
CA MET FB 107 -55.23 -51.73 -28.41
C MET FB 107 -55.17 -51.58 -29.93
N PHE FB 108 -55.57 -52.62 -30.66
CA PHE FB 108 -55.62 -52.53 -32.11
C PHE FB 108 -56.75 -51.60 -32.54
N GLY FB 109 -56.50 -50.82 -33.57
CA GLY FB 109 -57.49 -49.85 -34.00
C GLY FB 109 -57.67 -48.69 -33.05
N ALA FB 110 -56.66 -48.39 -32.24
CA ALA FB 110 -56.75 -47.23 -31.34
C ALA FB 110 -56.74 -45.93 -32.10
N SER FB 111 -56.24 -45.92 -33.34
CA SER FB 111 -56.27 -44.72 -34.16
C SER FB 111 -57.70 -44.29 -34.45
N PHE FB 112 -58.59 -45.24 -34.73
CA PHE FB 112 -59.99 -44.91 -34.97
C PHE FB 112 -60.64 -44.36 -33.71
N LEU FB 113 -60.32 -44.93 -32.55
CA LEU FB 113 -60.85 -44.42 -31.29
C LEU FB 113 -60.37 -43.00 -31.02
N GLY FB 114 -59.08 -42.74 -31.30
CA GLY FB 114 -58.55 -41.40 -31.08
C GLY FB 114 -59.20 -40.37 -32.00
N LYS FB 115 -59.41 -40.73 -33.27
CA LYS FB 115 -60.04 -39.81 -34.20
C LYS FB 115 -61.48 -39.50 -33.80
N THR FB 116 -62.23 -40.52 -33.39
CA THR FB 116 -63.61 -40.32 -32.99
C THR FB 116 -63.72 -39.44 -31.75
N LEU FB 117 -62.86 -39.68 -30.76
CA LEU FB 117 -62.90 -38.91 -29.53
C LEU FB 117 -62.50 -37.47 -29.77
N THR FB 118 -61.38 -37.26 -30.46
CA THR FB 118 -60.93 -35.90 -30.75
C THR FB 118 -61.92 -35.16 -31.64
N GLY FB 119 -62.45 -35.84 -32.65
CA GLY FB 119 -63.38 -35.24 -33.58
C GLY FB 119 -62.79 -34.83 -34.91
N GLY FB 120 -61.54 -35.15 -35.18
CA GLY FB 120 -60.93 -34.78 -36.44
C GLY FB 120 -59.57 -35.43 -36.57
N GLY FB 121 -59.00 -35.30 -37.76
CA GLY FB 121 -57.70 -35.87 -38.05
C GLY FB 121 -57.64 -36.62 -39.36
N GLY GB 52 -36.01 -6.76 -32.34
CA GLY GB 52 -35.37 -8.06 -32.18
C GLY GB 52 -36.32 -9.21 -32.44
N GLY GB 53 -36.40 -10.13 -31.48
CA GLY GB 53 -37.29 -11.26 -31.61
C GLY GB 53 -38.74 -10.89 -31.40
N THR GB 54 -39.61 -11.87 -31.66
CA THR GB 54 -41.04 -11.65 -31.51
C THR GB 54 -41.40 -11.51 -30.03
N ASP GB 55 -42.55 -10.87 -29.78
CA ASP GB 55 -42.99 -10.64 -28.41
C ASP GB 55 -43.31 -11.97 -27.72
N PRO GB 56 -43.17 -12.02 -26.39
CA PRO GB 56 -43.42 -13.30 -25.69
C PRO GB 56 -44.83 -13.82 -25.84
N ALA GB 57 -45.80 -12.95 -26.15
CA ALA GB 57 -47.17 -13.42 -26.34
C ALA GB 57 -47.29 -14.34 -27.54
N THR GB 58 -46.48 -14.11 -28.57
CA THR GB 58 -46.55 -14.94 -29.77
C THR GB 58 -45.91 -16.30 -29.53
N MET GB 59 -44.81 -16.34 -28.77
CA MET GB 59 -44.09 -17.60 -28.56
C MET GB 59 -44.94 -18.61 -27.80
N VAL GB 60 -45.62 -18.16 -26.75
CA VAL GB 60 -46.46 -19.07 -25.98
C VAL GB 60 -47.65 -19.56 -26.80
N ASN GB 61 -48.06 -18.79 -27.81
CA ASN GB 61 -49.10 -19.28 -28.72
C ASN GB 61 -48.56 -20.40 -29.61
N ASN GB 62 -47.29 -20.30 -30.02
CA ASN GB 62 -46.70 -21.33 -30.86
C ASN GB 62 -46.61 -22.67 -30.14
N ILE GB 63 -46.30 -22.64 -28.84
CA ILE GB 63 -46.25 -23.88 -28.07
C ILE GB 63 -47.63 -24.52 -27.99
N CYS GB 64 -48.66 -23.70 -27.76
CA CYS GB 64 -50.02 -24.22 -27.66
C CYS GB 64 -50.48 -24.81 -28.98
N THR GB 65 -50.17 -24.14 -30.10
CA THR GB 65 -50.54 -24.66 -31.41
C THR GB 65 -49.81 -25.97 -31.71
N PHE GB 66 -48.52 -26.05 -31.37
CA PHE GB 66 -47.75 -27.26 -31.63
C PHE GB 66 -48.25 -28.43 -30.80
N ILE GB 67 -48.53 -28.19 -29.51
CA ILE GB 67 -48.97 -29.27 -28.63
C ILE GB 67 -50.33 -29.79 -29.06
N LEU GB 68 -51.27 -28.89 -29.38
CA LEU GB 68 -52.61 -29.28 -29.77
C LEU GB 68 -52.75 -29.50 -31.26
N GLY GB 69 -51.64 -29.69 -31.97
CA GLY GB 69 -51.69 -29.94 -33.39
C GLY GB 69 -51.58 -31.42 -33.72
N PRO GB 70 -50.94 -31.74 -34.84
CA PRO GB 70 -50.74 -33.16 -35.20
C PRO GB 70 -49.95 -33.93 -34.16
N PHE GB 71 -49.02 -33.28 -33.45
CA PHE GB 71 -48.26 -33.97 -32.42
C PHE GB 71 -49.16 -34.45 -31.28
N GLY GB 72 -50.11 -33.62 -30.87
CA GLY GB 72 -51.00 -34.01 -29.78
C GLY GB 72 -51.93 -35.14 -30.16
N GLN GB 73 -52.42 -35.14 -31.40
CA GLN GB 73 -53.32 -36.19 -31.85
C GLN GB 73 -52.65 -37.55 -31.84
N SER GB 74 -51.38 -37.61 -32.21
CA SER GB 74 -50.65 -38.87 -32.18
C SER GB 74 -50.30 -39.28 -30.76
N LEU GB 75 -50.30 -38.33 -29.83
CA LEU GB 75 -50.13 -38.68 -28.41
C LEU GB 75 -51.38 -39.35 -27.87
N ALA GB 76 -52.54 -38.99 -28.39
CA ALA GB 76 -53.79 -39.57 -27.91
C ALA GB 76 -53.86 -41.06 -28.22
N VAL GB 77 -53.44 -41.46 -29.42
CA VAL GB 77 -53.51 -42.87 -29.79
C VAL GB 77 -52.51 -43.70 -28.99
N LEU GB 78 -51.39 -43.10 -28.60
CA LEU GB 78 -50.42 -43.83 -27.77
C LEU GB 78 -50.98 -44.07 -26.37
N GLY GB 79 -51.73 -43.11 -25.83
CA GLY GB 79 -52.35 -43.32 -24.53
C GLY GB 79 -53.42 -44.39 -24.56
N ILE GB 80 -54.19 -44.45 -25.64
CA ILE GB 80 -55.22 -45.46 -25.77
C ILE GB 80 -54.59 -46.85 -25.93
N VAL GB 81 -53.48 -46.93 -26.65
CA VAL GB 81 -52.79 -48.21 -26.83
C VAL GB 81 -52.35 -48.76 -25.48
N ALA GB 82 -51.87 -47.89 -24.59
CA ALA GB 82 -51.41 -48.34 -23.27
C ALA GB 82 -52.54 -48.94 -22.46
N ILE GB 83 -53.79 -48.55 -22.73
CA ILE GB 83 -54.93 -49.16 -22.04
C ILE GB 83 -55.09 -50.61 -22.47
N GLY GB 84 -55.05 -50.86 -23.78
CA GLY GB 84 -55.23 -52.22 -24.27
C GLY GB 84 -54.10 -53.14 -23.86
N ILE GB 85 -52.87 -52.62 -23.87
CA ILE GB 85 -51.73 -53.43 -23.45
C ILE GB 85 -51.82 -53.75 -21.96
N SER GB 86 -52.34 -52.81 -21.17
CA SER GB 86 -52.41 -53.02 -19.72
C SER GB 86 -53.54 -53.97 -19.32
N TRP GB 87 -54.67 -53.95 -20.03
CA TRP GB 87 -55.76 -54.85 -19.67
C TRP GB 87 -55.36 -56.31 -19.80
N MET GB 88 -54.70 -56.67 -20.90
CA MET GB 88 -54.08 -57.97 -21.00
C MET GB 88 -52.74 -57.96 -20.27
N PHE GB 89 -52.24 -59.15 -19.95
CA PHE GB 89 -51.06 -59.29 -19.09
C PHE GB 89 -51.23 -58.55 -17.78
N GLY GB 90 -52.44 -58.53 -17.24
CA GLY GB 90 -52.71 -57.80 -16.01
C GLY GB 90 -54.17 -57.84 -15.59
N ARG GB 91 -54.66 -56.71 -15.07
CA ARG GB 91 -56.02 -56.62 -14.55
C ARG GB 91 -56.76 -55.48 -15.24
N ALA GB 92 -58.05 -55.69 -15.48
CA ALA GB 92 -58.91 -54.70 -16.12
C ALA GB 92 -59.80 -54.04 -15.08
N SER GB 93 -59.84 -52.71 -15.10
CA SER GB 93 -60.64 -51.96 -14.13
C SER GB 93 -61.18 -50.70 -14.79
N LEU GB 94 -62.26 -50.18 -14.22
CA LEU GB 94 -62.87 -48.96 -14.75
C LEU GB 94 -62.07 -47.73 -14.39
N GLY GB 95 -61.31 -47.78 -13.29
CA GLY GB 95 -60.53 -46.62 -12.90
C GLY GB 95 -59.41 -46.29 -13.89
N LEU GB 96 -58.78 -47.33 -14.43
CA LEU GB 96 -57.65 -47.11 -15.34
C LEU GB 96 -58.12 -46.48 -16.65
N VAL GB 97 -59.21 -46.99 -17.22
CA VAL GB 97 -59.70 -46.45 -18.49
C VAL GB 97 -60.26 -45.04 -18.30
N ALA GB 98 -60.92 -44.79 -17.16
CA ALA GB 98 -61.49 -43.47 -16.92
C ALA GB 98 -60.40 -42.42 -16.77
N GLY GB 99 -59.29 -42.76 -16.12
CA GLY GB 99 -58.23 -41.80 -15.93
C GLY GB 99 -57.58 -41.37 -17.23
N VAL GB 100 -57.30 -42.32 -18.11
CA VAL GB 100 -56.63 -41.99 -19.37
C VAL GB 100 -57.56 -41.21 -20.29
N VAL GB 101 -58.81 -41.65 -20.41
CA VAL GB 101 -59.76 -40.95 -21.27
C VAL GB 101 -60.06 -39.56 -20.71
N GLY GB 102 -60.14 -39.44 -19.39
CA GLY GB 102 -60.30 -38.13 -18.78
C GLY GB 102 -59.12 -37.22 -19.04
N GLY GB 103 -57.92 -37.80 -19.14
CA GLY GB 103 -56.75 -37.00 -19.44
C GLY GB 103 -56.79 -36.38 -20.82
N ILE GB 104 -57.27 -37.13 -21.81
CA ILE GB 104 -57.37 -36.60 -23.17
C ILE GB 104 -58.39 -35.47 -23.22
N VAL GB 105 -59.48 -35.61 -22.47
CA VAL GB 105 -60.51 -34.57 -22.43
C VAL GB 105 -59.95 -33.29 -21.85
N ILE GB 106 -59.15 -33.39 -20.79
CA ILE GB 106 -58.55 -32.20 -20.20
C ILE GB 106 -57.47 -31.62 -21.11
N MET GB 107 -56.62 -32.49 -21.68
CA MET GB 107 -55.52 -32.02 -22.52
C MET GB 107 -56.04 -31.30 -23.76
N PHE GB 108 -56.75 -32.01 -24.62
CA PHE GB 108 -57.36 -31.39 -25.78
C PHE GB 108 -58.49 -30.48 -25.36
N GLY GB 109 -58.60 -29.33 -26.03
CA GLY GB 109 -59.62 -28.37 -25.65
C GLY GB 109 -59.34 -27.67 -24.35
N ALA GB 110 -58.08 -27.61 -23.92
CA ALA GB 110 -57.74 -26.91 -22.69
C ALA GB 110 -57.92 -25.40 -22.84
N SER GB 111 -57.95 -24.90 -24.07
CA SER GB 111 -58.20 -23.47 -24.29
C SER GB 111 -59.60 -23.09 -23.82
N PHE GB 112 -60.59 -23.95 -24.09
CA PHE GB 112 -61.95 -23.67 -23.63
C PHE GB 112 -62.03 -23.71 -22.11
N LEU GB 113 -61.33 -24.64 -21.47
CA LEU GB 113 -61.31 -24.68 -20.01
C LEU GB 113 -60.65 -23.44 -19.44
N GLY GB 114 -59.56 -22.98 -20.05
CA GLY GB 114 -58.91 -21.78 -19.56
C GLY GB 114 -59.76 -20.54 -19.70
N LYS GB 115 -60.47 -20.41 -20.81
CA LYS GB 115 -61.35 -19.26 -21.02
C LYS GB 115 -62.50 -19.26 -20.01
N THR GB 116 -63.10 -20.43 -19.76
CA THR GB 116 -64.22 -20.51 -18.83
C THR GB 116 -63.78 -20.17 -17.41
N LEU GB 117 -62.62 -20.71 -16.99
CA LEU GB 117 -62.14 -20.46 -15.64
C LEU GB 117 -61.76 -19.00 -15.44
N THR GB 118 -60.98 -18.45 -16.38
CA THR GB 118 -60.58 -17.05 -16.27
C THR GB 118 -61.78 -16.11 -16.37
N GLY GB 119 -62.71 -16.41 -17.28
CA GLY GB 119 -63.88 -15.58 -17.48
C GLY GB 119 -63.82 -14.65 -18.67
N GLY GB 120 -62.78 -14.73 -19.49
CA GLY GB 120 -62.69 -13.86 -20.65
C GLY GB 120 -61.52 -14.29 -21.51
N GLY GB 121 -61.45 -13.68 -22.69
CA GLY GB 121 -60.39 -13.97 -23.65
C GLY GB 121 -60.91 -14.17 -25.06
N GLY HB 52 -36.23 12.63 -15.95
CA GLY HB 52 -35.69 11.43 -16.55
C GLY HB 52 -36.73 10.38 -16.85
N GLY HB 53 -36.50 9.16 -16.36
CA GLY HB 53 -37.44 8.09 -16.57
C GLY HB 53 -38.67 8.22 -15.69
N THR HB 54 -39.65 7.35 -15.96
CA THR HB 54 -40.89 7.36 -15.20
C THR HB 54 -40.65 6.90 -13.76
N ASP HB 55 -41.56 7.28 -12.88
CA ASP HB 55 -41.42 6.94 -11.48
C ASP HB 55 -41.54 5.43 -11.27
N PRO HB 56 -40.91 4.89 -10.23
CA PRO HB 56 -40.96 3.42 -10.02
C PRO HB 56 -42.35 2.88 -9.82
N ALA HB 57 -43.30 3.71 -9.38
CA ALA HB 57 -44.67 3.23 -9.18
C ALA HB 57 -45.30 2.83 -10.51
N THR HB 58 -44.95 3.50 -11.60
CA THR HB 58 -45.52 3.18 -12.91
C THR HB 58 -44.94 1.89 -13.46
N MET HB 59 -43.63 1.67 -13.27
CA MET HB 59 -42.99 0.49 -13.85
C MET HB 59 -43.54 -0.80 -13.26
N VAL HB 60 -43.73 -0.85 -11.94
CA VAL HB 60 -44.27 -2.05 -11.32
C VAL HB 60 -45.71 -2.30 -11.75
N ASN HB 61 -46.42 -1.25 -12.15
CA ASN HB 61 -47.76 -1.44 -12.72
C ASN HB 61 -47.69 -2.09 -14.09
N ASN HB 62 -46.67 -1.73 -14.88
CA ASN HB 62 -46.52 -2.30 -16.22
C ASN HB 62 -46.25 -3.80 -16.15
N ILE HB 63 -45.47 -4.24 -15.17
CA ILE HB 63 -45.22 -5.67 -15.01
C ILE HB 63 -46.50 -6.41 -14.65
N CYS HB 64 -47.29 -5.84 -13.75
CA CYS HB 64 -48.55 -6.48 -13.36
C CYS HB 64 -49.52 -6.56 -14.52
N THR HB 65 -49.62 -5.50 -15.33
CA THR HB 65 -50.50 -5.52 -16.49
C THR HB 65 -50.04 -6.53 -17.51
N PHE HB 66 -48.72 -6.63 -17.75
CA PHE HB 66 -48.21 -7.57 -18.73
C PHE HB 66 -48.42 -9.01 -18.28
N ILE HB 67 -48.16 -9.29 -17.00
CA ILE HB 67 -48.31 -10.66 -16.50
C ILE HB 67 -49.77 -11.11 -16.55
N LEU HB 68 -50.68 -10.24 -16.11
CA LEU HB 68 -52.10 -10.57 -16.07
C LEU HB 68 -52.82 -10.20 -17.37
N GLY HB 69 -52.08 -10.04 -18.46
CA GLY HB 69 -52.69 -9.72 -19.74
C GLY HB 69 -52.82 -10.94 -20.62
N PRO HB 70 -52.68 -10.76 -21.93
CA PRO HB 70 -52.74 -11.91 -22.84
C PRO HB 70 -51.66 -12.95 -22.57
N PHE HB 71 -50.49 -12.55 -22.07
CA PHE HB 71 -49.44 -13.51 -21.76
C PHE HB 71 -49.87 -14.45 -20.65
N GLY HB 72 -50.52 -13.93 -19.61
CA GLY HB 72 -50.94 -14.78 -18.52
C GLY HB 72 -52.03 -15.76 -18.91
N GLN HB 73 -52.97 -15.32 -19.77
CA GLN HB 73 -54.04 -16.21 -20.20
C GLN HB 73 -53.51 -17.41 -20.97
N SER HB 74 -52.48 -17.21 -21.80
CA SER HB 74 -51.89 -18.32 -22.53
C SER HB 74 -51.05 -19.20 -21.62
N LEU HB 75 -50.62 -18.68 -20.47
CA LEU HB 75 -49.95 -19.52 -19.48
C LEU HB 75 -50.93 -20.45 -18.80
N ALA HB 76 -52.19 -20.03 -18.66
CA ALA HB 76 -53.19 -20.86 -18.00
C ALA HB 76 -53.47 -22.13 -18.81
N VAL HB 77 -53.58 -22.00 -20.13
CA VAL HB 77 -53.88 -23.16 -20.96
C VAL HB 77 -52.71 -24.14 -20.98
N LEU HB 78 -51.48 -23.63 -20.84
CA LEU HB 78 -50.33 -24.53 -20.79
C LEU HB 78 -50.32 -25.34 -19.50
N GLY HB 79 -50.73 -24.72 -18.39
CA GLY HB 79 -50.81 -25.46 -17.14
C GLY HB 79 -51.89 -26.53 -17.16
N ILE HB 80 -53.01 -26.24 -17.81
CA ILE HB 80 -54.09 -27.22 -17.91
C ILE HB 80 -53.67 -28.38 -18.81
N VAL HB 81 -52.92 -28.08 -19.88
CA VAL HB 81 -52.45 -29.14 -20.78
C VAL HB 81 -51.56 -30.12 -20.02
N ALA HB 82 -50.72 -29.61 -19.13
CA ALA HB 82 -49.83 -30.48 -18.36
C ALA HB 82 -50.59 -31.45 -17.48
N ILE HB 83 -51.81 -31.09 -17.08
CA ILE HB 83 -52.63 -32.02 -16.30
C ILE HB 83 -53.06 -33.21 -17.15
N GLY HB 84 -53.54 -32.93 -18.37
CA GLY HB 84 -53.99 -34.01 -19.24
C GLY HB 84 -52.85 -34.91 -19.67
N ILE HB 85 -51.68 -34.33 -19.95
CA ILE HB 85 -50.53 -35.14 -20.34
C ILE HB 85 -50.07 -36.00 -19.17
N SER HB 86 -50.18 -35.48 -17.94
CA SER HB 86 -49.71 -36.22 -16.78
C SER HB 86 -50.66 -37.35 -16.38
N TRP HB 87 -51.96 -37.17 -16.54
CA TRP HB 87 -52.89 -38.23 -16.16
C TRP HB 87 -52.68 -39.48 -16.99
N MET HB 88 -52.52 -39.34 -18.29
CA MET HB 88 -52.07 -40.45 -19.12
C MET HB 88 -50.56 -40.59 -19.01
N PHE HB 89 -50.06 -41.77 -19.38
CA PHE HB 89 -48.65 -42.12 -19.17
C PHE HB 89 -48.25 -41.95 -17.71
N GLY HB 90 -49.16 -42.25 -16.79
CA GLY HB 90 -48.89 -42.06 -15.38
C GLY HB 90 -50.06 -42.39 -14.48
N ARG HB 91 -50.25 -41.59 -13.42
CA ARG HB 91 -51.28 -41.82 -12.43
C ARG HB 91 -52.15 -40.57 -12.30
N ALA HB 92 -53.45 -40.79 -12.08
CA ALA HB 92 -54.41 -39.71 -11.93
C ALA HB 92 -54.79 -39.58 -10.46
N SER HB 93 -54.74 -38.35 -9.95
CA SER HB 93 -55.04 -38.09 -8.54
C SER HB 93 -55.70 -36.73 -8.41
N LEU HB 94 -56.46 -36.57 -7.32
CA LEU HB 94 -57.13 -35.30 -7.06
C LEU HB 94 -56.17 -34.22 -6.59
N GLY HB 95 -55.05 -34.62 -5.97
CA GLY HB 95 -54.10 -33.63 -5.50
C GLY HB 95 -53.43 -32.87 -6.62
N LEU HB 96 -53.13 -33.55 -7.73
CA LEU HB 96 -52.43 -32.91 -8.84
C LEU HB 96 -53.32 -31.86 -9.52
N VAL HB 97 -54.58 -32.22 -9.79
CA VAL HB 97 -55.48 -31.29 -10.46
C VAL HB 97 -55.82 -30.11 -9.55
N ALA HB 98 -55.97 -30.37 -8.25
CA ALA HB 98 -56.31 -29.30 -7.31
C ALA HB 98 -55.19 -28.29 -7.20
N GLY HB 99 -53.94 -28.75 -7.21
CA GLY HB 99 -52.81 -27.84 -7.08
C GLY HB 99 -52.69 -26.89 -8.26
N VAL HB 100 -52.84 -27.41 -9.47
CA VAL HB 100 -52.69 -26.57 -10.66
C VAL HB 100 -53.83 -25.59 -10.78
N VAL HB 101 -55.07 -26.06 -10.58
CA VAL HB 101 -56.23 -25.17 -10.66
C VAL HB 101 -56.18 -24.13 -9.55
N GLY HB 102 -55.74 -24.52 -8.36
CA GLY HB 102 -55.56 -23.56 -7.28
C GLY HB 102 -54.52 -22.52 -7.61
N GLY HB 103 -53.49 -22.91 -8.37
CA GLY HB 103 -52.47 -21.95 -8.76
C GLY HB 103 -52.99 -20.86 -9.67
N ILE HB 104 -53.87 -21.22 -10.61
CA ILE HB 104 -54.45 -20.23 -11.51
C ILE HB 104 -55.33 -19.26 -10.73
N VAL HB 105 -56.06 -19.77 -9.73
CA VAL HB 105 -56.92 -18.92 -8.92
C VAL HB 105 -56.08 -17.90 -8.16
N ILE HB 106 -54.95 -18.33 -7.60
CA ILE HB 106 -54.08 -17.41 -6.89
C ILE HB 106 -53.41 -16.44 -7.85
N MET HB 107 -52.90 -16.94 -8.97
CA MET HB 107 -52.17 -16.09 -9.91
C MET HB 107 -53.07 -15.01 -10.49
N PHE HB 108 -54.12 -15.40 -11.22
CA PHE HB 108 -55.08 -14.44 -11.73
C PHE HB 108 -55.90 -13.86 -10.60
N GLY HB 109 -56.18 -12.56 -10.67
CA GLY HB 109 -56.89 -11.91 -9.60
C GLY HB 109 -56.09 -11.74 -8.33
N ALA HB 110 -54.76 -11.72 -8.44
CA ALA HB 110 -53.93 -11.51 -7.26
C ALA HB 110 -54.05 -10.09 -6.73
N SER HB 111 -54.50 -9.16 -7.58
CA SER HB 111 -54.73 -7.79 -7.12
C SER HB 111 -55.81 -7.74 -6.04
N PHE HB 112 -56.89 -8.51 -6.22
CA PHE HB 112 -57.94 -8.55 -5.21
C PHE HB 112 -57.43 -9.16 -3.91
N LEU HB 113 -56.60 -10.20 -4.00
CA LEU HB 113 -56.04 -10.80 -2.80
C LEU HB 113 -55.11 -9.82 -2.08
N GLY HB 114 -54.31 -9.06 -2.84
CA GLY HB 114 -53.43 -8.08 -2.22
C GLY HB 114 -54.19 -6.96 -1.53
N LYS HB 115 -55.28 -6.49 -2.15
CA LYS HB 115 -56.08 -5.43 -1.55
C LYS HB 115 -56.75 -5.91 -0.26
N THR HB 116 -57.29 -7.13 -0.28
CA THR HB 116 -57.96 -7.66 0.90
C THR HB 116 -56.98 -7.84 2.06
N LEU HB 117 -55.80 -8.40 1.76
CA LEU HB 117 -54.82 -8.64 2.82
C LEU HB 117 -54.29 -7.33 3.39
N THR HB 118 -53.90 -6.40 2.53
CA THR HB 118 -53.39 -5.11 3.00
C THR HB 118 -54.47 -4.32 3.73
N GLY HB 119 -55.69 -4.34 3.20
CA GLY HB 119 -56.78 -3.61 3.80
C GLY HB 119 -57.13 -2.29 3.14
N GLY HB 120 -56.49 -1.96 2.01
CA GLY HB 120 -56.79 -0.71 1.33
C GLY HB 120 -56.08 -0.68 -0.01
N GLY HB 121 -56.42 0.34 -0.79
CA GLY HB 121 -55.84 0.52 -2.10
C GLY HB 121 -56.87 0.84 -3.17
N GLY IB 52 -28.81 24.24 5.37
CA GLY IB 52 -28.62 23.41 4.19
C GLY IB 52 -29.77 22.46 3.94
N GLY IB 53 -29.46 21.18 3.79
CA GLY IB 53 -30.48 20.18 3.56
C GLY IB 53 -31.26 19.86 4.82
N THR IB 54 -32.33 19.07 4.63
CA THR IB 54 -33.18 18.69 5.75
C THR IB 54 -32.44 17.74 6.68
N ASP IB 55 -32.91 17.68 7.93
CA ASP IB 55 -32.27 16.84 8.93
C ASP IB 55 -32.41 15.36 8.57
N PRO IB 56 -31.46 14.52 9.00
CA PRO IB 56 -31.53 13.10 8.63
C PRO IB 56 -32.77 12.39 9.12
N ALA IB 57 -33.43 12.90 10.17
CA ALA IB 57 -34.64 12.27 10.66
C ALA IB 57 -35.75 12.34 9.64
N THR IB 58 -35.80 13.41 8.84
CA THR IB 58 -36.85 13.56 7.85
C THR IB 58 -36.62 12.64 6.65
N MET IB 59 -35.36 12.47 6.24
CA MET IB 59 -35.06 11.66 5.06
C MET IB 59 -35.44 10.20 5.25
N VAL IB 60 -35.12 9.63 6.43
CA VAL IB 60 -35.46 8.24 6.69
C VAL IB 60 -36.97 8.05 6.78
N ASN IB 61 -37.70 9.11 7.13
CA ASN IB 61 -39.17 9.03 7.08
C ASN IB 61 -39.68 8.97 5.65
N ASN IB 62 -39.01 9.69 4.73
CA ASN IB 62 -39.43 9.68 3.34
C ASN IB 62 -39.26 8.29 2.71
N ILE IB 63 -38.19 7.58 3.08
CA ILE IB 63 -37.99 6.23 2.56
C ILE IB 63 -39.10 5.31 3.06
N CYS IB 64 -39.44 5.42 4.35
CA CYS IB 64 -40.49 4.57 4.92
C CYS IB 64 -41.84 4.85 4.27
N THR IB 65 -42.16 6.12 4.03
CA THR IB 65 -43.42 6.46 3.39
C THR IB 65 -43.46 5.96 1.95
N PHE IB 66 -42.35 6.09 1.22
CA PHE IB 66 -42.31 5.63 -0.16
C PHE IB 66 -42.44 4.11 -0.25
N ILE IB 67 -41.73 3.38 0.61
CA ILE IB 67 -41.77 1.92 0.56
C ILE IB 67 -43.15 1.40 0.91
N LEU IB 68 -43.77 1.96 1.96
CA LEU IB 68 -45.09 1.51 2.40
C LEU IB 68 -46.23 2.27 1.73
N GLY IB 69 -45.95 2.92 0.59
CA GLY IB 69 -46.97 3.63 -0.13
C GLY IB 69 -47.51 2.83 -1.29
N PRO IB 70 -47.88 3.50 -2.38
CA PRO IB 70 -48.36 2.79 -3.57
C PRO IB 70 -47.35 1.82 -4.15
N PHE IB 71 -46.05 2.12 -4.02
CA PHE IB 71 -45.02 1.20 -4.52
C PHE IB 71 -45.05 -0.13 -3.78
N GLY IB 72 -45.22 -0.10 -2.46
CA GLY IB 72 -45.25 -1.34 -1.70
C GLY IB 72 -46.48 -2.18 -2.00
N GLN IB 73 -47.63 -1.54 -2.20
CA GLN IB 73 -48.85 -2.28 -2.49
C GLN IB 73 -48.74 -3.05 -3.80
N SER IB 74 -48.10 -2.46 -4.81
CA SER IB 74 -47.91 -3.16 -6.08
C SER IB 74 -46.84 -4.24 -5.97
N LEU IB 75 -45.97 -4.15 -4.96
CA LEU IB 75 -45.03 -5.25 -4.71
C LEU IB 75 -45.74 -6.45 -4.12
N ALA IB 76 -46.81 -6.22 -3.36
CA ALA IB 76 -47.55 -7.33 -2.75
C ALA IB 76 -48.21 -8.21 -3.81
N VAL IB 77 -48.80 -7.60 -4.83
CA VAL IB 77 -49.48 -8.38 -5.85
C VAL IB 77 -48.47 -9.17 -6.69
N LEU IB 78 -47.25 -8.66 -6.85
CA LEU IB 78 -46.23 -9.41 -7.59
C LEU IB 78 -45.79 -10.63 -6.81
N GLY IB 79 -45.70 -10.53 -5.48
CA GLY IB 79 -45.35 -11.68 -4.68
C GLY IB 79 -46.42 -12.75 -4.70
N ILE IB 80 -47.69 -12.35 -4.70
CA ILE IB 80 -48.79 -13.30 -4.76
C ILE IB 80 -48.83 -13.99 -6.13
N VAL IB 81 -48.53 -13.25 -7.20
CA VAL IB 81 -48.51 -13.84 -8.53
C VAL IB 81 -47.47 -14.95 -8.62
N ALA IB 82 -46.31 -14.74 -7.97
CA ALA IB 82 -45.26 -15.76 -8.01
C ALA IB 82 -45.69 -17.06 -7.34
N ILE IB 83 -46.64 -16.99 -6.41
CA ILE IB 83 -47.16 -18.21 -5.79
C ILE IB 83 -47.96 -19.01 -6.81
N GLY IB 84 -48.86 -18.34 -7.54
CA GLY IB 84 -49.67 -19.05 -8.51
C GLY IB 84 -48.86 -19.62 -9.65
N ILE IB 85 -47.85 -18.87 -10.11
CA ILE IB 85 -46.99 -19.36 -11.18
C ILE IB 85 -46.18 -20.56 -10.70
N SER IB 86 -45.77 -20.56 -9.43
CA SER IB 86 -44.94 -21.64 -8.92
C SER IB 86 -45.74 -22.92 -8.66
N TRP IB 87 -47.00 -22.80 -8.22
CA TRP IB 87 -47.78 -24.00 -7.95
C TRP IB 87 -47.98 -24.83 -9.21
N MET IB 88 -48.33 -24.18 -10.32
CA MET IB 88 -48.31 -24.86 -11.61
C MET IB 88 -46.89 -24.90 -12.14
N PHE IB 89 -46.64 -25.79 -13.10
CA PHE IB 89 -45.30 -26.08 -13.59
C PHE IB 89 -44.36 -26.44 -12.44
N GLY IB 90 -44.86 -27.14 -11.44
CA GLY IB 90 -44.06 -27.49 -10.28
C GLY IB 90 -44.82 -28.21 -9.20
N ARG IB 91 -44.53 -27.90 -7.94
CA ARG IB 91 -45.12 -28.59 -6.80
C ARG IB 91 -45.78 -27.57 -5.88
N ALA IB 92 -46.90 -27.96 -5.29
CA ALA IB 92 -47.65 -27.11 -4.38
C ALA IB 92 -47.44 -27.57 -2.94
N SER IB 93 -47.10 -26.63 -2.06
CA SER IB 93 -46.83 -26.95 -0.67
C SER IB 93 -47.29 -25.81 0.22
N LEU IB 94 -47.56 -26.14 1.48
CA LEU IB 94 -48.00 -25.12 2.44
C LEU IB 94 -46.85 -24.23 2.89
N GLY IB 95 -45.61 -24.73 2.83
CA GLY IB 95 -44.49 -23.91 3.24
C GLY IB 95 -44.25 -22.72 2.33
N LEU IB 96 -44.44 -22.91 1.03
CA LEU IB 96 -44.18 -21.83 0.07
C LEU IB 96 -45.18 -20.69 0.24
N VAL IB 97 -46.47 -21.02 0.35
CA VAL IB 97 -47.49 -19.99 0.49
C VAL IB 97 -47.38 -19.29 1.83
N ALA IB 98 -47.04 -20.03 2.89
CA ALA IB 98 -46.92 -19.43 4.21
C ALA IB 98 -45.76 -18.44 4.27
N GLY IB 99 -44.65 -18.75 3.61
CA GLY IB 99 -43.50 -17.87 3.64
C GLY IB 99 -43.77 -16.53 2.97
N VAL IB 100 -44.40 -16.56 1.79
CA VAL IB 100 -44.66 -15.33 1.06
C VAL IB 100 -45.70 -14.48 1.77
N VAL IB 101 -46.79 -15.10 2.24
CA VAL IB 101 -47.83 -14.35 2.94
C VAL IB 101 -47.30 -13.81 4.26
N GLY IB 102 -46.46 -14.58 4.94
CA GLY IB 102 -45.82 -14.09 6.15
C GLY IB 102 -44.90 -12.91 5.87
N GLY IB 103 -44.27 -12.90 4.70
CA GLY IB 103 -43.41 -11.77 4.35
C GLY IB 103 -44.17 -10.47 4.20
N ILE IB 104 -45.36 -10.53 3.59
CA ILE IB 104 -46.18 -9.32 3.44
C ILE IB 104 -46.62 -8.81 4.80
N VAL IB 105 -46.95 -9.72 5.72
CA VAL IB 105 -47.37 -9.32 7.06
C VAL IB 105 -46.23 -8.59 7.78
N ILE IB 106 -45.01 -9.09 7.64
CA ILE IB 106 -43.86 -8.44 8.28
C ILE IB 106 -43.54 -7.12 7.59
N MET IB 107 -43.55 -7.12 6.25
CA MET IB 107 -43.18 -5.91 5.50
C MET IB 107 -44.16 -4.77 5.78
N PHE IB 108 -45.42 -4.96 5.41
CA PHE IB 108 -46.43 -3.96 5.71
C PHE IB 108 -46.71 -3.93 7.21
N GLY IB 109 -46.92 -2.72 7.74
CA GLY IB 109 -47.12 -2.60 9.17
C GLY IB 109 -45.87 -2.85 10.00
N ALA IB 110 -44.69 -2.68 9.40
CA ALA IB 110 -43.46 -2.85 10.16
C ALA IB 110 -43.28 -1.75 11.19
N SER IB 111 -43.96 -0.62 11.02
CA SER IB 111 -43.88 0.45 12.01
C SER IB 111 -44.47 0.00 13.34
N PHE IB 112 -45.58 -0.74 13.31
CA PHE IB 112 -46.17 -1.26 14.54
C PHE IB 112 -45.24 -2.28 15.21
N LEU IB 113 -44.58 -3.12 14.42
CA LEU IB 113 -43.63 -4.07 14.99
C LEU IB 113 -42.44 -3.35 15.61
N GLY IB 114 -41.95 -2.30 14.97
CA GLY IB 114 -40.84 -1.56 15.53
C GLY IB 114 -41.19 -0.86 16.83
N LYS IB 115 -42.39 -0.27 16.89
CA LYS IB 115 -42.82 0.40 18.12
C LYS IB 115 -42.98 -0.59 19.26
N THR IB 116 -43.57 -1.75 19.00
CA THR IB 116 -43.78 -2.74 20.04
C THR IB 116 -42.45 -3.28 20.57
N LEU IB 117 -41.51 -3.57 19.67
CA LEU IB 117 -40.22 -4.10 20.09
C LEU IB 117 -39.42 -3.08 20.87
N THR IB 118 -39.32 -1.85 20.35
CA THR IB 118 -38.59 -0.80 21.05
C THR IB 118 -39.25 -0.44 22.37
N GLY IB 119 -40.57 -0.35 22.39
CA GLY IB 119 -41.30 -0.01 23.58
C GLY IB 119 -41.78 1.43 23.66
N GLY IB 120 -41.60 2.21 22.60
CA GLY IB 120 -42.05 3.59 22.61
C GLY IB 120 -41.91 4.19 21.23
N GLY IB 121 -42.45 5.40 21.10
CA GLY IB 121 -42.41 6.11 19.84
C GLY IB 121 -43.74 6.72 19.44
N GLY JB 52 -13.03 27.54 24.98
CA GLY JB 52 -13.36 27.23 23.60
C GLY JB 52 -14.60 26.36 23.45
N GLY JB 53 -14.44 25.26 22.73
CA GLY JB 53 -15.54 24.33 22.54
C GLY JB 53 -15.81 23.49 23.77
N THR JB 54 -16.90 22.75 23.71
CA THR JB 54 -17.29 21.90 24.83
C THR JB 54 -16.31 20.74 24.98
N ASP JB 55 -16.28 20.17 26.19
CA ASP JB 55 -15.37 19.08 26.47
C ASP JB 55 -15.74 17.84 25.65
N PRO JB 56 -14.77 16.98 25.34
CA PRO JB 56 -15.06 15.80 24.51
C PRO JB 56 -16.07 14.86 25.12
N ALA JB 57 -16.23 14.88 26.45
CA ALA JB 57 -17.21 14.00 27.09
C ALA JB 57 -18.63 14.36 26.67
N THR JB 58 -18.89 15.64 26.42
CA THR JB 58 -20.22 16.05 26.02
C THR JB 58 -20.54 15.67 24.58
N MET JB 59 -19.54 15.79 23.70
CA MET JB 59 -19.77 15.52 22.28
C MET JB 59 -20.15 14.06 22.04
N VAL JB 60 -19.44 13.13 22.69
CA VAL JB 60 -19.75 11.72 22.50
C VAL JB 60 -21.12 11.38 23.07
N ASN JB 61 -21.60 12.15 24.05
CA ASN JB 61 -22.97 11.98 24.53
C ASN JB 61 -23.98 12.41 23.49
N ASN JB 62 -23.68 13.47 22.74
CA ASN JB 62 -24.60 13.95 21.71
C ASN JB 62 -24.77 12.92 20.60
N ILE JB 63 -23.70 12.23 20.23
CA ILE JB 63 -23.80 11.19 19.21
C ILE JB 63 -24.69 10.05 19.70
N CYS JB 64 -24.51 9.64 20.95
CA CYS JB 64 -25.32 8.56 21.49
C CYS JB 64 -26.79 8.94 21.56
N THR JB 65 -27.09 10.18 21.98
CA THR JB 65 -28.47 10.63 22.04
C THR JB 65 -29.09 10.69 20.65
N PHE JB 66 -28.33 11.19 19.66
CA PHE JB 66 -28.86 11.29 18.31
C PHE JB 66 -29.11 9.91 17.70
N ILE JB 67 -28.18 8.98 17.89
CA ILE JB 67 -28.33 7.64 17.31
C ILE JB 67 -29.52 6.92 17.92
N LEU JB 68 -29.65 6.97 19.25
CA LEU JB 68 -30.72 6.28 19.95
C LEU JB 68 -31.98 7.14 20.09
N GLY JB 69 -32.11 8.18 19.29
CA GLY JB 69 -33.29 9.03 19.33
C GLY JB 69 -34.28 8.67 18.24
N PRO JB 70 -34.98 9.68 17.72
CA PRO JB 70 -35.93 9.42 16.63
C PRO JB 70 -35.28 8.85 15.38
N PHE JB 71 -34.01 9.17 15.13
CA PHE JB 71 -33.32 8.62 13.96
C PHE JB 71 -33.16 7.11 14.09
N GLY JB 72 -32.81 6.62 15.28
CA GLY JB 72 -32.64 5.19 15.46
C GLY JB 72 -33.94 4.41 15.35
N GLN JB 73 -35.03 4.98 15.86
CA GLN JB 73 -36.31 4.30 15.79
C GLN JB 73 -36.77 4.10 14.35
N SER JB 74 -36.52 5.07 13.48
CA SER JB 74 -36.88 4.92 12.07
C SER JB 74 -35.92 3.99 11.35
N LEU JB 75 -34.73 3.76 11.91
CA LEU JB 75 -33.84 2.74 11.35
C LEU JB 75 -34.36 1.34 11.65
N ALA JB 76 -35.04 1.18 12.78
CA ALA JB 76 -35.56 -0.14 13.16
C ALA JB 76 -36.62 -0.61 12.18
N VAL JB 77 -37.52 0.28 11.77
CA VAL JB 77 -38.60 -0.12 10.87
C VAL JB 77 -38.04 -0.43 9.47
N LEU JB 78 -36.94 0.20 9.08
CA LEU JB 78 -36.34 -0.11 7.78
C LEU JB 78 -35.71 -1.50 7.80
N GLY JB 79 -35.11 -1.89 8.93
CA GLY JB 79 -34.56 -3.23 9.04
C GLY JB 79 -35.64 -4.30 9.01
N ILE JB 80 -36.78 -4.03 9.65
CA ILE JB 80 -37.88 -5.00 9.65
C ILE JB 80 -38.48 -5.12 8.25
N VAL JB 81 -38.56 -4.01 7.51
CA VAL JB 81 -39.10 -4.04 6.16
C VAL JB 81 -38.24 -4.94 5.27
N ALA JB 82 -36.92 -4.90 5.45
CA ALA JB 82 -36.03 -5.72 4.63
C ALA JB 82 -36.26 -7.21 4.87
N ILE JB 83 -36.78 -7.58 6.04
CA ILE JB 83 -37.11 -8.98 6.29
C ILE JB 83 -38.29 -9.41 5.44
N GLY JB 84 -39.34 -8.60 5.41
CA GLY JB 84 -40.52 -8.96 4.63
C GLY JB 84 -40.24 -8.97 3.13
N ILE JB 85 -39.43 -8.03 2.65
CA ILE JB 85 -39.08 -8.00 1.24
C ILE JB 85 -38.24 -9.22 0.88
N SER JB 86 -37.37 -9.65 1.80
CA SER JB 86 -36.48 -10.77 1.51
C SER JB 86 -37.20 -12.12 1.55
N TRP JB 87 -38.19 -12.29 2.43
CA TRP JB 87 -38.90 -13.57 2.50
C TRP JB 87 -39.63 -13.87 1.19
N MET JB 88 -40.33 -12.89 0.63
CA MET JB 88 -40.84 -13.01 -0.72
C MET JB 88 -39.73 -12.73 -1.72
N PHE JB 89 -39.94 -13.17 -2.96
CA PHE JB 89 -38.90 -13.14 -3.99
C PHE JB 89 -37.62 -13.81 -3.52
N GLY JB 90 -37.75 -14.89 -2.75
CA GLY JB 90 -36.59 -15.56 -2.21
C GLY JB 90 -36.93 -16.72 -1.29
N ARG JB 91 -36.16 -16.88 -0.21
CA ARG JB 91 -36.31 -17.99 0.72
C ARG JB 91 -36.51 -17.46 2.12
N ALA JB 92 -37.34 -18.14 2.89
CA ALA JB 92 -37.63 -17.77 4.27
C ALA JB 92 -36.90 -18.71 5.22
N SER JB 93 -36.20 -18.16 6.20
CA SER JB 93 -35.45 -18.95 7.15
C SER JB 93 -35.46 -18.28 8.51
N LEU JB 94 -35.24 -19.07 9.56
CA LEU JB 94 -35.21 -18.55 10.92
C LEU JB 94 -33.92 -17.78 11.20
N GLY JB 95 -32.83 -18.11 10.49
CA GLY JB 95 -31.58 -17.42 10.73
C GLY JB 95 -31.63 -15.96 10.33
N LEU JB 96 -32.32 -15.65 9.23
CA LEU JB 96 -32.36 -14.28 8.73
C LEU JB 96 -33.15 -13.38 9.68
N VAL JB 97 -34.32 -13.85 10.14
CA VAL JB 97 -35.14 -13.03 11.03
C VAL JB 97 -34.47 -12.88 12.39
N ALA JB 98 -33.81 -13.94 12.88
CA ALA JB 98 -33.15 -13.87 14.18
C ALA JB 98 -32.00 -12.87 14.16
N GLY JB 99 -31.25 -12.82 13.07
CA GLY JB 99 -30.12 -11.90 13.00
C GLY JB 99 -30.52 -10.45 13.04
N VAL JB 100 -31.57 -10.10 12.28
CA VAL JB 100 -31.99 -8.69 12.23
C VAL JB 100 -32.62 -8.27 13.54
N VAL JB 101 -33.49 -9.11 14.11
CA VAL JB 101 -34.12 -8.78 15.39
C VAL JB 101 -33.09 -8.74 16.50
N GLY JB 102 -32.12 -9.64 16.46
CA GLY JB 102 -31.03 -9.58 17.43
C GLY JB 102 -30.21 -8.32 17.30
N GLY JB 103 -30.08 -7.79 16.08
CA GLY JB 103 -29.35 -6.56 15.89
C GLY JB 103 -30.02 -5.37 16.55
N ILE JB 104 -31.35 -5.29 16.47
CA ILE JB 104 -32.07 -4.19 17.10
C ILE JB 104 -31.92 -4.27 18.61
N VAL JB 105 -31.93 -5.49 19.17
CA VAL JB 105 -31.78 -5.66 20.61
C VAL JB 105 -30.42 -5.17 21.06
N ILE JB 106 -29.37 -5.47 20.29
CA ILE JB 106 -28.03 -5.01 20.65
C ILE JB 106 -27.91 -3.50 20.45
N MET JB 107 -28.42 -2.99 19.32
CA MET JB 107 -28.30 -1.57 19.01
C MET JB 107 -29.01 -0.71 20.05
N PHE JB 108 -30.33 -0.84 20.14
CA PHE JB 108 -31.08 -0.13 21.17
C PHE JB 108 -30.76 -0.69 22.54
N GLY JB 109 -30.67 0.20 23.53
CA GLY JB 109 -30.29 -0.24 24.85
C GLY JB 109 -28.85 -0.67 24.98
N ALA JB 110 -27.98 -0.20 24.11
CA ALA JB 110 -26.56 -0.53 24.22
C ALA JB 110 -25.92 0.11 25.44
N SER JB 111 -26.53 1.17 25.98
CA SER JB 111 -26.01 1.78 27.19
C SER JB 111 -26.08 0.81 28.37
N PHE JB 112 -27.17 0.04 28.47
CA PHE JB 112 -27.28 -0.95 29.54
C PHE JB 112 -26.24 -2.05 29.37
N LEU JB 113 -25.99 -2.48 28.13
CA LEU JB 113 -24.96 -3.49 27.89
C LEU JB 113 -23.58 -2.97 28.25
N GLY JB 114 -23.30 -1.70 27.92
CA GLY JB 114 -22.01 -1.13 28.26
C GLY JB 114 -21.79 -1.01 29.75
N LYS JB 115 -22.83 -0.61 30.48
CA LYS JB 115 -22.72 -0.48 31.93
C LYS JB 115 -22.49 -1.84 32.58
N THR JB 116 -23.22 -2.87 32.13
CA THR JB 116 -23.08 -4.19 32.71
C THR JB 116 -21.69 -4.76 32.45
N LEU JB 117 -21.18 -4.60 31.23
CA LEU JB 117 -19.87 -5.14 30.89
C LEU JB 117 -18.76 -4.42 31.65
N THR JB 118 -18.80 -3.08 31.63
CA THR JB 118 -17.77 -2.32 32.35
C THR JB 118 -17.86 -2.54 33.85
N GLY JB 119 -19.06 -2.60 34.39
CA GLY JB 119 -19.26 -2.79 35.82
C GLY JB 119 -19.57 -1.54 36.61
N GLY JB 120 -19.76 -0.40 35.94
CA GLY JB 120 -20.07 0.84 36.65
C GLY JB 120 -20.42 1.93 35.66
N GLY JB 121 -20.90 3.03 36.22
CA GLY JB 121 -21.29 4.18 35.40
C GLY JB 121 -22.62 4.77 35.80
N GLY KB 52 9.24 24.57 36.76
CA GLY KB 52 8.38 24.79 35.61
C GLY KB 52 7.13 23.93 35.62
N GLY KB 53 6.93 23.20 34.52
CA GLY KB 53 5.77 22.32 34.42
C GLY KB 53 5.93 21.06 35.25
N THR KB 54 4.86 20.30 35.32
CA THR KB 54 4.87 19.06 36.10
C THR KB 54 5.75 18.02 35.41
N ASP KB 55 6.20 17.04 36.19
CA ASP KB 55 7.07 16.01 35.67
C ASP KB 55 6.33 15.14 34.65
N PRO KB 56 7.06 14.56 33.68
CA PRO KB 56 6.38 13.76 32.65
C PRO KB 56 5.62 12.56 33.19
N ALA KB 57 5.99 12.07 34.37
CA ALA KB 57 5.28 10.93 34.94
C ALA KB 57 3.83 11.29 35.27
N THR KB 58 3.58 12.54 35.65
CA THR KB 58 2.22 12.96 35.99
C THR KB 58 1.36 13.12 34.73
N MET KB 59 1.94 13.65 33.66
CA MET KB 59 1.17 13.92 32.44
C MET KB 59 0.63 12.63 31.83
N VAL KB 60 1.46 11.60 31.74
CA VAL KB 60 1.02 10.33 31.17
C VAL KB 60 -0.05 9.68 32.05
N ASN KB 61 -0.07 9.99 33.35
CA ASN KB 61 -1.15 9.52 34.20
C ASN KB 61 -2.45 10.22 33.87
N ASN KB 62 -2.39 11.51 33.53
CA ASN KB 62 -3.60 12.26 33.20
C ASN KB 62 -4.26 11.72 31.94
N ILE KB 63 -3.46 11.31 30.95
CA ILE KB 63 -4.01 10.74 29.73
C ILE KB 63 -4.72 9.42 30.04
N CYS KB 64 -4.11 8.59 30.88
CA CYS KB 64 -4.72 7.31 31.23
C CYS KB 64 -6.02 7.50 31.99
N THR KB 65 -6.04 8.46 32.92
CA THR KB 65 -7.26 8.73 33.67
C THR KB 65 -8.36 9.26 32.76
N PHE KB 66 -8.01 10.16 31.84
CA PHE KB 66 -9.02 10.72 30.93
C PHE KB 66 -9.58 9.66 29.99
N ILE KB 67 -8.71 8.81 29.43
CA ILE KB 67 -9.16 7.79 28.49
C ILE KB 67 -10.06 6.77 29.19
N LEU KB 68 -9.67 6.31 30.38
CA LEU KB 68 -10.44 5.32 31.11
C LEU KB 68 -11.48 5.94 32.03
N GLY KB 69 -11.84 7.20 31.80
CA GLY KB 69 -12.85 7.86 32.60
C GLY KB 69 -14.21 7.85 31.94
N PRO KB 70 -14.99 8.91 32.15
CA PRO KB 70 -16.29 9.00 31.48
C PRO KB 70 -16.21 8.99 29.97
N PHE KB 71 -15.12 9.51 29.40
CA PHE KB 71 -14.97 9.50 27.94
C PHE KB 71 -14.88 8.08 27.40
N GLY KB 72 -14.13 7.21 28.09
CA GLY KB 72 -14.00 5.84 27.64
C GLY KB 72 -15.29 5.05 27.74
N GLN KB 73 -16.07 5.29 28.79
CA GLN KB 73 -17.33 4.56 28.96
C GLN KB 73 -18.31 4.88 27.84
N SER KB 74 -18.34 6.14 27.39
CA SER KB 74 -19.22 6.50 26.29
C SER KB 74 -18.69 5.99 24.95
N LEU KB 75 -17.39 5.67 24.88
CA LEU KB 75 -16.86 5.03 23.69
C LEU KB 75 -17.31 3.57 23.61
N ALA KB 76 -17.52 2.93 24.75
CA ALA KB 76 -17.94 1.54 24.76
C ALA KB 76 -19.33 1.38 24.16
N VAL KB 77 -20.25 2.27 24.50
CA VAL KB 77 -21.61 2.16 23.99
C VAL KB 77 -21.67 2.44 22.49
N LEU KB 78 -20.75 3.28 21.98
CA LEU KB 78 -20.71 3.53 20.54
C LEU KB 78 -20.23 2.30 19.79
N GLY KB 79 -19.27 1.56 20.37
CA GLY KB 79 -18.82 0.33 19.73
C GLY KB 79 -19.89 -0.74 19.71
N ILE KB 80 -20.68 -0.84 20.78
CA ILE KB 80 -21.76 -1.82 20.82
C ILE KB 80 -22.85 -1.46 19.83
N VAL KB 81 -23.13 -0.17 19.67
CA VAL KB 81 -24.16 0.27 18.71
C VAL KB 81 -23.77 -0.15 17.30
N ALA KB 82 -22.48 -0.06 16.97
CA ALA KB 82 -22.03 -0.43 15.62
C ALA KB 82 -22.25 -1.91 15.34
N ILE KB 83 -22.29 -2.74 16.39
CA ILE KB 83 -22.60 -4.15 16.19
C ILE KB 83 -24.05 -4.33 15.74
N GLY KB 84 -24.98 -3.67 16.43
CA GLY KB 84 -26.38 -3.80 16.08
C GLY KB 84 -26.70 -3.23 14.72
N ILE KB 85 -26.08 -2.11 14.37
CA ILE KB 85 -26.29 -1.52 13.05
C ILE KB 85 -25.73 -2.41 11.96
N SER KB 86 -24.62 -3.10 12.25
CA SER KB 86 -23.99 -3.94 11.24
C SER KB 86 -24.73 -5.25 11.02
N TRP KB 87 -25.31 -5.83 12.08
CA TRP KB 87 -26.02 -7.10 11.91
C TRP KB 87 -27.22 -6.95 10.97
N MET KB 88 -28.01 -5.90 11.14
CA MET KB 88 -29.02 -5.56 10.15
C MET KB 88 -28.35 -4.81 9.00
N PHE KB 89 -29.05 -4.77 7.86
CA PHE KB 89 -28.48 -4.25 6.61
C PHE KB 89 -27.17 -4.94 6.27
N GLY KB 90 -27.07 -6.23 6.55
CA GLY KB 90 -25.84 -6.96 6.31
C GLY KB 90 -25.88 -8.41 6.77
N ARG KB 91 -24.77 -8.89 7.33
CA ARG KB 91 -24.63 -10.27 7.74
C ARG KB 91 -24.22 -10.33 9.21
N ALA KB 92 -24.75 -11.34 9.91
CA ALA KB 92 -24.46 -11.54 11.32
C ALA KB 92 -23.50 -12.70 11.48
N SER KB 93 -22.44 -12.49 12.27
CA SER KB 93 -21.43 -13.52 12.47
C SER KB 93 -20.87 -13.41 13.88
N LEU KB 94 -20.33 -14.53 14.37
CA LEU KB 94 -19.74 -14.54 15.70
C LEU KB 94 -18.40 -13.84 15.75
N GLY KB 95 -17.69 -13.77 14.62
CA GLY KB 95 -16.39 -13.11 14.61
C GLY KB 95 -16.49 -11.62 14.85
N LEU KB 96 -17.52 -10.99 14.29
CA LEU KB 96 -17.67 -9.54 14.42
C LEU KB 96 -17.97 -9.14 15.86
N VAL KB 97 -18.89 -9.84 16.52
CA VAL KB 97 -19.25 -9.50 17.88
C VAL KB 97 -18.10 -9.81 18.84
N ALA KB 98 -17.38 -10.91 18.59
CA ALA KB 98 -16.28 -11.28 19.46
C ALA KB 98 -15.15 -10.26 19.39
N GLY KB 99 -14.87 -9.73 18.20
CA GLY KB 99 -13.79 -8.77 18.07
C GLY KB 99 -14.06 -7.47 18.81
N VAL KB 100 -15.28 -6.95 18.71
CA VAL KB 100 -15.60 -5.68 19.36
C VAL KB 100 -15.65 -5.85 20.87
N VAL KB 101 -16.28 -6.91 21.35
CA VAL KB 101 -16.36 -7.14 22.80
C VAL KB 101 -14.97 -7.43 23.36
N GLY KB 102 -14.15 -8.16 22.61
CA GLY KB 102 -12.78 -8.37 23.04
C GLY KB 102 -11.98 -7.09 23.11
N GLY KB 103 -12.30 -6.13 22.22
CA GLY KB 103 -11.61 -4.85 22.25
C GLY KB 103 -11.89 -4.07 23.52
N ILE KB 104 -13.15 -4.08 23.98
CA ILE KB 104 -13.50 -3.37 25.21
C ILE KB 104 -12.79 -4.01 26.41
N VAL KB 105 -12.67 -5.33 26.41
CA VAL KB 105 -11.99 -6.03 27.51
C VAL KB 105 -10.52 -5.63 27.56
N ILE KB 106 -9.87 -5.52 26.39
CA ILE KB 106 -8.47 -5.11 26.36
C ILE KB 106 -8.33 -3.63 26.72
N MET KB 107 -9.20 -2.78 26.16
CA MET KB 107 -9.10 -1.35 26.39
C MET KB 107 -9.30 -1.01 27.86
N PHE KB 108 -10.49 -1.29 28.39
CA PHE KB 108 -10.74 -1.08 29.82
C PHE KB 108 -9.96 -2.08 30.64
N GLY KB 109 -9.44 -1.63 31.77
CA GLY KB 109 -8.61 -2.50 32.58
C GLY KB 109 -7.26 -2.83 31.98
N ALA KB 110 -6.75 -1.98 31.09
CA ALA KB 110 -5.44 -2.20 30.52
C ALA KB 110 -4.33 -2.02 31.55
N SER KB 111 -4.62 -1.30 32.64
CA SER KB 111 -3.64 -1.16 33.71
C SER KB 111 -3.31 -2.50 34.34
N PHE KB 112 -4.33 -3.35 34.56
CA PHE KB 112 -4.08 -4.66 35.11
C PHE KB 112 -3.26 -5.53 34.16
N LEU KB 113 -3.55 -5.43 32.86
CA LEU KB 113 -2.77 -6.18 31.87
C LEU KB 113 -1.31 -5.70 31.86
N GLY KB 114 -1.10 -4.40 31.95
CA GLY KB 114 0.27 -3.88 31.96
C GLY KB 114 1.04 -4.31 33.19
N LYS KB 115 0.39 -4.31 34.36
CA LYS KB 115 1.06 -4.74 35.58
C LYS KB 115 1.42 -6.21 35.53
N THR KB 116 0.51 -7.04 35.03
CA THR KB 116 0.78 -8.48 34.96
C THR KB 116 1.92 -8.79 34.00
N LEU KB 117 1.92 -8.13 32.84
CA LEU KB 117 2.96 -8.39 31.84
C LEU KB 117 4.32 -7.90 32.34
N THR KB 118 4.39 -6.67 32.85
CA THR KB 118 5.64 -6.14 33.35
C THR KB 118 6.13 -6.93 34.57
N GLY KB 119 5.23 -7.29 35.46
CA GLY KB 119 5.58 -8.01 36.66
C GLY KB 119 5.68 -7.19 37.92
N GLY KB 120 5.33 -5.91 37.87
CA GLY KB 120 5.40 -5.07 39.06
C GLY KB 120 4.77 -3.73 38.78
N GLY KB 121 4.62 -2.95 39.84
CA GLY KB 121 4.03 -1.62 39.75
C GLY KB 121 2.99 -1.36 40.82
N GLY LB 52 34.06 19.33 37.13
CA GLY LB 52 32.85 19.89 36.56
C GLY LB 52 31.65 18.98 36.71
N GLY LB 53 30.98 18.70 35.59
CA GLY LB 53 29.83 17.83 35.61
C GLY LB 53 30.21 16.37 35.76
N THR LB 54 29.18 15.54 35.95
CA THR LB 54 29.40 14.12 36.11
C THR LB 54 29.89 13.48 34.80
N ASP LB 55 30.53 12.33 34.92
CA ASP LB 55 31.06 11.66 33.75
C ASP LB 55 29.92 11.18 32.83
N PRO LB 56 30.18 11.07 31.53
CA PRO LB 56 29.11 10.67 30.60
C PRO LB 56 28.54 9.29 30.89
N ALA LB 57 29.29 8.43 31.57
CA ALA LB 57 28.77 7.10 31.88
C ALA LB 57 27.59 7.18 32.85
N THR LB 58 27.59 8.17 33.73
CA THR LB 58 26.50 8.30 34.69
C THR LB 58 25.24 8.85 34.04
N MET LB 59 25.40 9.80 33.10
CA MET LB 59 24.24 10.43 32.48
C MET LB 59 23.42 9.44 31.66
N VAL LB 60 24.08 8.58 30.89
CA VAL LB 60 23.36 7.60 30.09
C VAL LB 60 22.67 6.57 30.98
N ASN LB 61 23.17 6.36 32.20
CA ASN LB 61 22.47 5.51 33.16
C ASN LB 61 21.19 6.17 33.64
N ASN LB 62 21.21 7.50 33.82
CA ASN LB 62 20.03 8.20 34.29
C ASN LB 62 18.90 8.13 33.27
N ILE LB 63 19.23 8.20 31.98
CA ILE LB 63 18.21 8.07 30.94
C ILE LB 63 17.58 6.69 30.97
N CYS LB 64 18.41 5.65 31.12
CA CYS LB 64 17.89 4.28 31.16
C CYS LB 64 17.00 4.07 32.37
N THR LB 65 17.40 4.59 33.53
CA THR LB 65 16.58 4.45 34.72
C THR LB 65 15.25 5.19 34.58
N PHE LB 66 15.29 6.40 34.01
CA PHE LB 66 14.06 7.17 33.84
C PHE LB 66 13.11 6.50 32.85
N ILE LB 67 13.64 6.00 31.73
CA ILE LB 67 12.78 5.37 30.72
C ILE LB 67 12.15 4.10 31.26
N LEU LB 68 12.93 3.27 31.93
CA LEU LB 68 12.44 2.00 32.47
C LEU LB 68 11.87 2.14 33.88
N GLY LB 69 11.53 3.34 34.29
CA GLY LB 69 10.97 3.56 35.61
C GLY LB 69 9.45 3.69 35.56
N PRO LB 70 8.89 4.52 36.43
CA PRO LB 70 7.44 4.75 36.41
C PRO LB 70 6.94 5.32 35.10
N PHE LB 71 7.76 6.10 34.40
CA PHE LB 71 7.34 6.65 33.12
C PHE LB 71 7.13 5.55 32.09
N GLY LB 72 8.01 4.56 32.05
CA GLY LB 72 7.86 3.48 31.08
C GLY LB 72 6.66 2.60 31.36
N GLN LB 73 6.37 2.35 32.64
CA GLN LB 73 5.22 1.51 32.98
C GLN LB 73 3.91 2.15 32.53
N SER LB 74 3.79 3.47 32.64
CA SER LB 74 2.58 4.14 32.18
C SER LB 74 2.53 4.23 30.66
N LEU LB 75 3.67 4.08 29.99
CA LEU LB 75 3.66 3.98 28.54
C LEU LB 75 3.11 2.63 28.08
N ALA LB 76 3.31 1.58 28.89
CA ALA LB 76 2.84 0.26 28.51
C ALA LB 76 1.31 0.22 28.47
N VAL LB 77 0.66 0.84 29.45
CA VAL LB 77 -0.80 0.80 29.50
C VAL LB 77 -1.40 1.63 28.36
N LEU LB 78 -0.71 2.67 27.91
CA LEU LB 78 -1.20 3.44 26.78
C LEU LB 78 -1.12 2.64 25.48
N GLY LB 79 -0.08 1.83 25.33
CA GLY LB 79 0.02 0.97 24.15
C GLY LB 79 -1.06 -0.11 24.12
N ILE LB 80 -1.38 -0.66 25.29
CA ILE LB 80 -2.43 -1.68 25.36
C ILE LB 80 -3.79 -1.06 25.07
N VAL LB 81 -4.02 0.17 25.54
CA VAL LB 81 -5.29 0.84 25.29
C VAL LB 81 -5.50 1.02 23.79
N ALA LB 82 -4.43 1.34 23.06
CA ALA LB 82 -4.56 1.54 21.62
C ALA LB 82 -4.98 0.27 20.89
N ILE LB 83 -4.68 -0.90 21.48
CA ILE LB 83 -5.14 -2.15 20.88
C ILE LB 83 -6.66 -2.27 20.99
N GLY LB 84 -7.20 -2.01 22.18
CA GLY LB 84 -8.63 -2.12 22.37
C GLY LB 84 -9.41 -1.11 21.55
N ILE LB 85 -8.89 0.12 21.45
CA ILE LB 85 -9.55 1.15 20.65
C ILE LB 85 -9.52 0.77 19.17
N SER LB 86 -8.43 0.14 18.73
CA SER LB 86 -8.30 -0.20 17.32
C SER LB 86 -9.15 -1.40 16.92
N TRP LB 87 -9.32 -2.38 17.80
CA TRP LB 87 -10.13 -3.55 17.45
C TRP LB 87 -11.58 -3.16 17.16
N MET LB 88 -12.16 -2.32 18.01
CA MET LB 88 -13.45 -1.72 17.69
C MET LB 88 -13.24 -0.54 16.75
N PHE LB 89 -14.31 -0.14 16.07
CA PHE LB 89 -14.23 0.87 15.00
C PHE LB 89 -13.20 0.48 13.95
N GLY LB 90 -13.08 -0.81 13.66
CA GLY LB 90 -12.10 -1.29 12.71
C GLY LB 90 -12.06 -2.80 12.57
N ARG LB 91 -10.86 -3.35 12.42
CA ARG LB 91 -10.67 -4.78 12.19
C ARG LB 91 -9.74 -5.35 13.26
N ALA LB 92 -10.02 -6.58 13.66
CA ALA LB 92 -9.23 -7.27 14.67
C ALA LB 92 -8.36 -8.33 14.00
N SER LB 93 -7.07 -8.34 14.33
CA SER LB 93 -6.14 -9.28 13.73
C SER LB 93 -5.08 -9.65 14.75
N LEU LB 94 -4.46 -10.83 14.53
CA LEU LB 94 -3.41 -11.29 15.42
C LEU LB 94 -2.10 -10.54 15.22
N GLY LB 95 -1.88 -10.00 14.02
CA GLY LB 95 -0.65 -9.27 13.77
C GLY LB 95 -0.55 -7.99 14.58
N LEU LB 96 -1.66 -7.28 14.75
CA LEU LB 96 -1.65 -6.01 15.46
C LEU LB 96 -1.34 -6.22 16.94
N VAL LB 97 -1.99 -7.19 17.58
CA VAL LB 97 -1.77 -7.42 19.01
C VAL LB 97 -0.38 -7.98 19.26
N ALA LB 98 0.12 -8.83 18.35
CA ALA LB 98 1.45 -9.41 18.52
C ALA LB 98 2.53 -8.34 18.43
N GLY LB 99 2.37 -7.38 17.52
CA GLY LB 99 3.38 -6.35 17.37
C GLY LB 99 3.51 -5.45 18.59
N VAL LB 100 2.37 -5.04 19.16
CA VAL LB 100 2.42 -4.14 20.32
C VAL LB 100 2.95 -4.87 21.55
N VAL LB 101 2.47 -6.09 21.79
CA VAL LB 101 2.93 -6.85 22.95
C VAL LB 101 4.40 -7.22 22.79
N GLY LB 102 4.83 -7.54 21.56
CA GLY LB 102 6.24 -7.78 21.32
C GLY LB 102 7.09 -6.54 21.57
N GLY LB 103 6.52 -5.36 21.31
CA GLY LB 103 7.26 -4.13 21.56
C GLY LB 103 7.54 -3.91 23.03
N ILE LB 104 6.56 -4.21 23.89
CA ILE LB 104 6.76 -4.05 25.33
C ILE LB 104 7.82 -5.03 25.83
N VAL LB 105 7.84 -6.23 25.28
CA VAL LB 105 8.83 -7.23 25.68
C VAL LB 105 10.25 -6.75 25.32
N ILE LB 106 10.40 -6.16 24.13
CA ILE LB 106 11.71 -5.65 23.74
C ILE LB 106 12.07 -4.42 24.55
N MET LB 107 11.12 -3.50 24.73
CA MET LB 107 11.40 -2.24 25.44
C MET LB 107 11.80 -2.52 26.88
N PHE LB 108 10.89 -3.06 27.67
CA PHE LB 108 11.21 -3.44 29.05
C PHE LB 108 12.18 -4.62 29.06
N GLY LB 109 13.14 -4.58 29.99
CA GLY LB 109 14.14 -5.62 30.03
C GLY LB 109 15.13 -5.56 28.89
N ALA LB 110 15.31 -4.40 28.27
CA ALA LB 110 16.29 -4.27 27.20
C ALA LB 110 17.72 -4.40 27.72
N SER LB 111 17.92 -4.18 29.02
CA SER LB 111 19.24 -4.36 29.61
C SER LB 111 19.69 -5.81 29.51
N PHE LB 112 18.79 -6.75 29.75
CA PHE LB 112 19.13 -8.16 29.62
C PHE LB 112 19.45 -8.52 28.17
N LEU LB 113 18.70 -7.97 27.23
CA LEU LB 113 19.00 -8.21 25.82
C LEU LB 113 20.36 -7.64 25.42
N GLY LB 114 20.68 -6.45 25.92
CA GLY LB 114 21.98 -5.87 25.61
C GLY LB 114 23.14 -6.66 26.19
N LYS LB 115 22.99 -7.15 27.43
CA LYS LB 115 24.04 -7.95 28.04
C LYS LB 115 24.26 -9.26 27.29
N THR LB 116 23.16 -9.92 26.90
CA THR LB 116 23.28 -11.20 26.19
C THR LB 116 23.94 -11.00 24.83
N LEU LB 117 23.55 -9.97 24.10
CA LEU LB 117 24.11 -9.73 22.78
C LEU LB 117 25.58 -9.36 22.86
N THR LB 118 25.93 -8.42 23.73
CA THR LB 118 27.32 -8.00 23.88
C THR LB 118 28.17 -9.15 24.42
N GLY LB 119 27.66 -9.90 25.38
CA GLY LB 119 28.39 -10.99 25.98
C GLY LB 119 29.03 -10.70 27.32
N GLY LB 120 28.77 -9.53 27.90
CA GLY LB 120 29.35 -9.19 29.19
C GLY LB 120 28.75 -7.90 29.71
N GLY LB 121 29.08 -7.61 30.96
CA GLY LB 121 28.59 -6.41 31.61
C GLY LB 121 28.06 -6.65 33.01
N GLY MB 52 56.69 16.61 26.07
CA GLY MB 52 55.39 17.22 26.28
C GLY MB 52 54.28 16.22 26.50
N GLY MB 53 53.21 16.33 25.71
CA GLY MB 53 52.10 15.42 25.82
C GLY MB 53 52.41 14.05 25.24
N THR MB 54 51.49 13.12 25.48
CA THR MB 54 51.66 11.77 24.98
C THR MB 54 51.55 11.73 23.46
N ASP MB 55 52.11 10.68 22.87
CA ASP MB 55 52.11 10.55 21.42
C ASP MB 55 50.68 10.36 20.90
N PRO MB 56 50.41 10.77 19.66
CA PRO MB 56 49.04 10.66 19.13
C PRO MB 56 48.53 9.22 19.06
N ALA MB 57 49.42 8.24 19.01
CA ALA MB 57 48.97 6.85 18.96
C ALA MB 57 48.26 6.45 20.25
N THR MB 58 48.67 7.03 21.38
CA THR MB 58 48.03 6.69 22.66
C THR MB 58 46.65 7.33 22.78
N MET MB 59 46.52 8.57 22.31
CA MET MB 59 45.26 9.29 22.46
C MET MB 59 44.12 8.61 21.71
N VAL MB 60 44.38 8.17 20.47
CA VAL MB 60 43.34 7.51 19.69
C VAL MB 60 42.97 6.16 20.31
N ASN MB 61 43.89 5.55 21.06
CA ASN MB 61 43.55 4.34 21.81
C ASN MB 61 42.60 4.65 22.96
N ASN MB 62 42.78 5.79 23.61
CA ASN MB 62 41.91 6.17 24.72
C ASN MB 62 40.48 6.38 24.26
N ILE MB 63 40.29 6.96 23.07
CA ILE MB 63 38.94 7.15 22.54
C ILE MB 63 38.28 5.81 22.27
N CYS MB 64 39.04 4.88 21.68
CA CYS MB 64 38.48 3.56 21.39
C CYS MB 64 38.11 2.81 22.67
N THR MB 65 38.96 2.90 23.69
CA THR MB 65 38.65 2.24 24.95
C THR MB 65 37.43 2.85 25.61
N PHE MB 66 37.32 4.19 25.58
CA PHE MB 66 36.18 4.84 26.20
C PHE MB 66 34.88 4.52 25.47
N ILE MB 67 34.90 4.53 24.14
CA ILE MB 67 33.68 4.27 23.37
C ILE MB 67 33.22 2.83 23.58
N LEU MB 68 34.14 1.87 23.53
CA LEU MB 68 33.80 0.47 23.68
C LEU MB 68 33.84 0.00 25.13
N GLY MB 69 33.76 0.92 26.08
CA GLY MB 69 33.76 0.58 27.48
C GLY MB 69 32.36 0.58 28.06
N PRO MB 70 32.23 0.95 29.33
CA PRO MB 70 30.90 1.04 29.94
C PRO MB 70 29.97 2.03 29.25
N PHE MB 71 30.51 3.09 28.66
CA PHE MB 71 29.67 4.04 27.94
C PHE MB 71 29.00 3.40 26.73
N GLY MB 72 29.74 2.58 25.98
CA GLY MB 72 29.16 1.95 24.82
C GLY MB 72 28.10 0.92 25.17
N GLN MB 73 28.30 0.17 26.25
CA GLN MB 73 27.32 -0.83 26.65
C GLN MB 73 25.99 -0.20 27.02
N SER MB 74 26.00 0.97 27.66
CA SER MB 74 24.76 1.66 27.99
C SER MB 74 24.14 2.30 26.77
N LEU MB 75 24.92 2.53 25.71
CA LEU MB 75 24.35 2.99 24.45
C LEU MB 75 23.58 1.87 23.76
N ALA MB 76 24.00 0.62 23.96
CA ALA MB 76 23.32 -0.51 23.31
C ALA MB 76 21.91 -0.66 23.84
N VAL MB 77 21.72 -0.52 25.16
CA VAL MB 77 20.39 -0.71 25.73
C VAL MB 77 19.46 0.43 25.31
N LEU MB 78 20.00 1.62 25.07
CA LEU MB 78 19.16 2.72 24.60
C LEU MB 78 18.68 2.48 23.17
N GLY MB 79 19.53 1.89 22.33
CA GLY MB 79 19.11 1.56 20.99
C GLY MB 79 18.04 0.48 20.95
N ILE MB 80 18.15 -0.51 21.84
CA ILE MB 80 17.14 -1.57 21.91
C ILE MB 80 15.82 -1.02 22.42
N VAL MB 81 15.87 -0.08 23.37
CA VAL MB 81 14.64 0.52 23.90
C VAL MB 81 13.88 1.24 22.79
N ALA MB 82 14.61 1.91 21.89
CA ALA MB 82 13.96 2.63 20.80
C ALA MB 82 13.21 1.69 19.86
N ILE MB 83 13.62 0.42 19.78
CA ILE MB 83 12.89 -0.55 18.98
C ILE MB 83 11.53 -0.83 19.60
N GLY MB 84 11.51 -1.09 20.91
CA GLY MB 84 10.24 -1.39 21.56
C GLY MB 84 9.28 -0.22 21.56
N ILE MB 85 9.81 1.00 21.75
CA ILE MB 85 8.96 2.18 21.72
C ILE MB 85 8.40 2.40 20.32
N SER MB 86 9.19 2.08 19.29
CA SER MB 86 8.74 2.32 17.92
C SER MB 86 7.73 1.29 17.45
N TRP MB 87 7.84 0.02 17.88
CA TRP MB 87 6.88 -0.98 17.44
C TRP MB 87 5.47 -0.64 17.90
N MET MB 88 5.30 -0.25 19.16
CA MET MB 88 4.04 0.31 19.60
C MET MB 88 3.96 1.77 19.18
N PHE MB 89 2.74 2.31 19.17
CA PHE MB 89 2.48 3.65 18.63
C PHE MB 89 2.99 3.78 17.20
N GLY MB 90 2.90 2.71 16.42
CA GLY MB 90 3.42 2.72 15.06
C GLY MB 90 3.30 1.39 14.35
N ARG MB 91 4.30 1.04 13.56
CA ARG MB 91 4.30 -0.16 12.75
C ARG MB 91 5.52 -1.01 13.07
N ALA MB 92 5.33 -2.33 13.05
CA ALA MB 92 6.40 -3.28 13.33
C ALA MB 92 6.87 -3.92 12.03
N SER MB 93 8.19 -3.94 11.82
CA SER MB 93 8.75 -4.48 10.59
C SER MB 93 10.10 -5.12 10.91
N LEU MB 94 10.51 -6.06 10.04
CA LEU MB 94 11.77 -6.74 10.22
C LEU MB 94 12.96 -5.85 9.83
N GLY MB 95 12.74 -4.87 8.96
CA GLY MB 95 13.83 -4.00 8.56
C GLY MB 95 14.32 -3.12 9.69
N LEU MB 96 13.40 -2.63 10.53
CA LEU MB 96 13.78 -1.74 11.61
C LEU MB 96 14.61 -2.46 12.66
N VAL MB 97 14.19 -3.65 13.07
CA VAL MB 97 14.91 -4.39 14.09
C VAL MB 97 16.27 -4.87 13.57
N ALA MB 98 16.31 -5.26 12.29
CA ALA MB 98 17.57 -5.74 11.71
C ALA MB 98 18.61 -4.63 11.63
N GLY MB 99 18.17 -3.41 11.30
CA GLY MB 99 19.11 -2.30 11.19
C GLY MB 99 19.76 -1.94 12.51
N VAL MB 100 18.96 -1.88 13.58
CA VAL MB 100 19.51 -1.48 14.88
C VAL MB 100 20.41 -2.58 15.44
N VAL MB 101 19.99 -3.84 15.35
CA VAL MB 101 20.80 -4.93 15.86
C VAL MB 101 22.07 -5.08 15.03
N GLY MB 102 21.97 -4.87 13.72
CA GLY MB 102 23.16 -4.87 12.88
C GLY MB 102 24.12 -3.75 13.24
N GLY MB 103 23.59 -2.61 13.69
CA GLY MB 103 24.44 -1.51 14.10
C GLY MB 103 25.28 -1.84 15.32
N ILE MB 104 24.68 -2.53 16.30
CA ILE MB 104 25.44 -2.92 17.50
C ILE MB 104 26.54 -3.90 17.14
N VAL MB 105 26.26 -4.81 16.20
CA VAL MB 105 27.27 -5.79 15.78
C VAL MB 105 28.46 -5.08 15.13
N ILE MB 106 28.18 -4.08 14.30
CA ILE MB 106 29.27 -3.34 13.67
C ILE MB 106 30.00 -2.47 14.69
N MET MB 107 29.25 -1.77 15.55
CA MET MB 107 29.87 -0.87 16.53
C MET MB 107 30.78 -1.62 17.49
N PHE MB 108 30.21 -2.53 18.28
CA PHE MB 108 31.00 -3.36 19.17
C PHE MB 108 31.82 -4.35 18.37
N GLY MB 109 33.05 -4.59 18.81
CA GLY MB 109 33.92 -5.47 18.05
C GLY MB 109 34.40 -4.91 16.74
N ALA MB 110 34.41 -3.57 16.60
CA ALA MB 110 34.91 -2.97 15.37
C ALA MB 110 36.42 -3.15 15.23
N SER MB 111 37.12 -3.43 16.33
CA SER MB 111 38.55 -3.70 16.25
C SER MB 111 38.83 -4.94 15.44
N PHE MB 112 38.02 -5.99 15.63
CA PHE MB 112 38.19 -7.21 14.85
C PHE MB 112 37.91 -6.97 13.37
N LEU MB 113 36.89 -6.15 13.06
CA LEU MB 113 36.61 -5.82 11.66
C LEU MB 113 37.76 -5.03 11.05
N GLY MB 114 38.33 -4.09 11.80
CA GLY MB 114 39.44 -3.32 11.28
C GLY MB 114 40.68 -4.17 11.02
N LYS MB 115 40.97 -5.10 11.92
CA LYS MB 115 42.13 -5.97 11.74
C LYS MB 115 41.95 -6.88 10.53
N THR MB 116 40.75 -7.43 10.35
CA THR MB 116 40.50 -8.33 9.22
C THR MB 116 40.60 -7.59 7.90
N LEU MB 117 40.02 -6.38 7.83
CA LEU MB 117 40.05 -5.62 6.59
C LEU MB 117 41.47 -5.17 6.25
N THR MB 118 42.18 -4.59 7.22
CA THR MB 118 43.54 -4.15 6.98
C THR MB 118 44.46 -5.33 6.66
N GLY MB 119 44.31 -6.43 7.38
CA GLY MB 119 45.14 -7.60 7.19
C GLY MB 119 46.26 -7.78 8.19
N GLY MB 120 46.33 -6.95 9.22
CA GLY MB 120 47.37 -7.08 10.22
C GLY MB 120 47.11 -6.15 11.37
N GLY MB 121 47.91 -6.31 12.42
CA GLY MB 121 47.79 -5.50 13.62
C GLY MB 121 47.82 -6.30 14.90
N GLY NB 52 73.13 20.28 7.03
CA GLY NB 52 72.06 20.65 7.93
C GLY NB 52 71.05 19.54 8.16
N GLY NB 53 69.78 19.85 7.94
CA GLY NB 53 68.73 18.86 8.12
C GLY NB 53 68.70 17.85 6.99
N THR NB 54 67.87 16.83 7.18
CA THR NB 54 67.75 15.78 6.18
C THR NB 54 67.06 16.32 4.92
N ASP NB 55 67.28 15.62 3.82
CA ASP NB 55 66.71 16.04 2.54
C ASP NB 55 65.18 15.93 2.58
N PRO NB 56 64.49 16.76 1.80
CA PRO NB 56 63.02 16.73 1.82
C PRO NB 56 62.42 15.40 1.42
N ALA NB 57 63.14 14.59 0.66
CA ALA NB 57 62.63 13.29 0.26
C ALA NB 57 62.44 12.37 1.46
N THR NB 58 63.29 12.50 2.48
CA THR NB 58 63.17 11.67 3.66
C THR NB 58 62.00 12.08 4.54
N MET NB 59 61.77 13.40 4.66
CA MET NB 59 60.72 13.89 5.55
C MET NB 59 59.34 13.44 5.08
N VAL NB 60 59.06 13.52 3.78
CA VAL NB 60 57.77 13.10 3.27
C VAL NB 60 57.58 11.61 3.41
N ASN NB 61 58.67 10.84 3.47
CA ASN NB 61 58.56 9.42 3.76
C ASN NB 61 58.15 9.18 5.20
N ASN NB 62 58.64 10.01 6.12
CA ASN NB 62 58.29 9.85 7.53
C ASN NB 62 56.81 10.09 7.77
N ILE NB 63 56.22 11.07 7.06
CA ILE NB 63 54.79 11.32 7.20
C ILE NB 63 53.99 10.13 6.71
N CYS NB 64 54.40 9.55 5.57
CA CYS NB 64 53.68 8.40 5.03
C CYS NB 64 53.77 7.20 5.96
N THR NB 65 54.95 6.97 6.54
CA THR NB 65 55.11 5.85 7.47
C THR NB 65 54.28 6.06 8.73
N PHE NB 66 54.26 7.29 9.25
CA PHE NB 66 53.49 7.57 10.46
C PHE NB 66 51.99 7.42 10.21
N ILE NB 67 51.50 7.94 9.08
CA ILE NB 67 50.07 7.88 8.80
C ILE NB 67 49.62 6.43 8.60
N LEU NB 68 50.38 5.66 7.84
CA LEU NB 68 50.04 4.27 7.55
C LEU NB 68 50.59 3.29 8.59
N GLY NB 69 50.96 3.79 9.77
CA GLY NB 69 51.46 2.93 10.82
C GLY NB 69 50.40 2.60 11.84
N PRO NB 70 50.80 2.45 13.11
CA PRO NB 70 49.81 2.18 14.16
C PRO NB 70 48.76 3.26 14.30
N PHE NB 71 49.10 4.51 14.00
CA PHE NB 71 48.12 5.59 14.08
C PHE NB 71 47.00 5.39 13.08
N GLY NB 72 47.34 4.99 11.85
CA GLY NB 72 46.31 4.78 10.84
C GLY NB 72 45.39 3.62 11.16
N GLN NB 73 45.94 2.54 11.71
CA GLN NB 73 45.13 1.38 12.04
C GLN NB 73 44.08 1.71 13.09
N SER NB 74 44.43 2.54 14.07
CA SER NB 74 43.45 2.93 15.09
C SER NB 74 42.45 3.94 14.54
N LEU NB 75 42.78 4.60 13.43
CA LEU NB 75 41.80 5.46 12.77
C LEU NB 75 40.75 4.62 12.06
N ALA NB 76 41.13 3.43 11.57
CA ALA NB 76 40.19 2.58 10.87
C ALA NB 76 39.07 2.11 11.79
N VAL NB 77 39.41 1.72 13.02
CA VAL NB 77 38.39 1.23 13.94
C VAL NB 77 37.45 2.34 14.38
N LEU NB 78 37.94 3.59 14.42
CA LEU NB 78 37.07 4.71 14.77
C LEU NB 78 36.06 4.98 13.65
N GLY NB 79 36.48 4.82 12.40
CA GLY NB 79 35.55 4.99 11.29
C GLY NB 79 34.47 3.91 11.26
N ILE NB 80 34.85 2.68 11.60
CA ILE NB 80 33.88 1.58 11.63
C ILE NB 80 32.89 1.78 12.77
N VAL NB 81 33.37 2.29 13.92
CA VAL NB 81 32.49 2.54 15.05
C VAL NB 81 31.41 3.54 14.68
N ALA NB 82 31.78 4.57 13.91
CA ALA NB 82 30.81 5.59 13.51
C ALA NB 82 29.70 5.01 12.64
N ILE NB 83 29.96 3.91 11.94
CA ILE NB 83 28.91 3.25 11.17
C ILE NB 83 27.88 2.63 12.09
N GLY NB 84 28.34 1.90 13.11
CA GLY NB 84 27.41 1.26 14.03
C GLY NB 84 26.60 2.26 14.84
N ILE NB 85 27.24 3.35 15.26
CA ILE NB 85 26.53 4.38 16.02
C ILE NB 85 25.49 5.06 15.13
N SER NB 86 25.81 5.23 13.84
CA SER NB 86 24.88 5.92 12.94
C SER NB 86 23.69 5.06 12.54
N TRP NB 87 23.88 3.75 12.38
CA TRP NB 87 22.76 2.90 11.99
C TRP NB 87 21.66 2.91 13.04
N MET NB 88 22.01 2.79 14.31
CA MET NB 88 21.06 3.02 15.38
C MET NB 88 20.93 4.52 15.63
N PHE NB 89 19.83 4.91 16.28
CA PHE NB 89 19.48 6.32 16.44
C PHE NB 89 19.41 7.03 15.09
N GLY NB 90 18.95 6.33 14.05
CA GLY NB 90 18.90 6.89 12.72
C GLY NB 90 18.42 5.93 11.66
N ARG NB 91 19.04 6.00 10.47
CA ARG NB 91 18.63 5.19 9.33
C ARG NB 91 19.82 4.40 8.82
N ALA NB 92 19.55 3.18 8.37
CA ALA NB 92 20.57 2.29 7.83
C ALA NB 92 20.47 2.24 6.31
N SER NB 93 21.60 2.41 5.63
CA SER NB 93 21.61 2.43 4.18
C SER NB 93 22.92 1.83 3.68
N LEU NB 94 22.89 1.33 2.44
CA LEU NB 94 24.10 0.75 1.84
C LEU NB 94 25.08 1.83 1.42
N GLY NB 95 24.61 3.04 1.13
CA GLY NB 95 25.52 4.09 0.71
C GLY NB 95 26.48 4.51 1.82
N LEU NB 96 25.98 4.56 3.06
CA LEU NB 96 26.81 5.02 4.17
C LEU NB 96 27.93 4.03 4.46
N VAL NB 97 27.62 2.73 4.51
CA VAL NB 97 28.63 1.73 4.82
C VAL NB 97 29.64 1.62 3.68
N ALA NB 98 29.17 1.74 2.43
CA ALA NB 98 30.06 1.62 1.29
C ALA NB 98 31.06 2.78 1.25
N GLY NB 99 30.62 3.98 1.60
CA GLY NB 99 31.51 5.13 1.57
C GLY NB 99 32.64 5.02 2.57
N VAL NB 100 32.33 4.61 3.80
CA VAL NB 100 33.36 4.53 4.84
C VAL NB 100 34.33 3.38 4.55
N VAL NB 101 33.82 2.22 4.16
CA VAL NB 101 34.69 1.09 3.86
C VAL NB 101 35.53 1.39 2.62
N GLY NB 102 34.94 2.07 1.63
CA GLY NB 102 35.73 2.49 0.48
C GLY NB 102 36.82 3.46 0.84
N GLY NB 103 36.58 4.30 1.85
CA GLY NB 103 37.60 5.23 2.29
C GLY NB 103 38.82 4.54 2.88
N ILE NB 104 38.60 3.48 3.67
CA ILE NB 104 39.72 2.74 4.25
C ILE NB 104 40.53 2.07 3.14
N VAL NB 105 39.86 1.56 2.12
CA VAL NB 105 40.55 0.91 1.01
C VAL NB 105 41.44 1.91 0.28
N ILE NB 106 40.95 3.12 0.07
CA ILE NB 106 41.75 4.15 -0.59
C ILE NB 106 42.88 4.62 0.31
N MET NB 107 42.57 4.87 1.60
CA MET NB 107 43.57 5.39 2.51
C MET NB 107 44.73 4.41 2.69
N PHE NB 108 44.44 3.23 3.24
CA PHE NB 108 45.47 2.20 3.37
C PHE NB 108 45.84 1.65 2.00
N GLY NB 109 47.13 1.39 1.82
CA GLY NB 109 47.57 0.94 0.52
C GLY NB 109 47.55 1.99 -0.56
N ALA NB 110 47.60 3.27 -0.18
CA ALA NB 110 47.63 4.34 -1.17
C ALA NB 110 48.95 4.36 -1.94
N SER NB 111 50.00 3.75 -1.37
CA SER NB 111 51.27 3.66 -2.08
C SER NB 111 51.12 2.84 -3.36
N PHE NB 112 50.38 1.74 -3.29
CA PHE NB 112 50.15 0.92 -4.48
C PHE NB 112 49.35 1.67 -5.52
N LEU NB 113 48.35 2.44 -5.09
CA LEU NB 113 47.57 3.26 -6.02
C LEU NB 113 48.44 4.32 -6.68
N GLY NB 114 49.32 4.96 -5.91
CA GLY NB 114 50.20 5.96 -6.48
C GLY NB 114 51.18 5.39 -7.49
N LYS NB 115 51.74 4.22 -7.19
CA LYS NB 115 52.66 3.59 -8.12
C LYS NB 115 51.97 3.20 -9.42
N THR NB 116 50.76 2.63 -9.33
CA THR NB 116 50.03 2.22 -10.52
C THR NB 116 49.67 3.42 -11.39
N LEU NB 117 49.20 4.50 -10.77
CA LEU NB 117 48.80 5.68 -11.53
C LEU NB 117 50.00 6.34 -12.19
N THR NB 118 51.07 6.56 -11.42
CA THR NB 118 52.27 7.19 -11.98
C THR NB 118 52.92 6.30 -13.04
N GLY NB 119 52.97 5.00 -12.79
CA GLY NB 119 53.58 4.06 -13.72
C GLY NB 119 54.98 3.63 -13.37
N GLY NB 120 55.49 4.01 -12.21
CA GLY NB 120 56.83 3.60 -11.82
C GLY NB 120 57.10 4.01 -10.38
N GLY NB 121 58.23 3.53 -9.88
CA GLY NB 121 58.63 3.82 -8.51
C GLY NB 121 59.10 2.60 -7.75
N GLY OB 52 81.25 32.30 -13.72
CA GLY OB 52 80.63 32.22 -12.42
C GLY OB 52 79.72 31.01 -12.27
N GLY OB 53 78.48 31.27 -11.86
CA GLY OB 53 77.52 30.20 -11.69
C GLY OB 53 76.98 29.69 -13.02
N THR OB 54 76.22 28.60 -12.93
CA THR OB 54 75.65 28.00 -14.14
C THR OB 54 74.58 28.90 -14.73
N ASP OB 55 74.30 28.71 -16.02
CA ASP OB 55 73.32 29.53 -16.71
C ASP OB 55 71.92 29.29 -16.14
N PRO OB 56 71.04 30.28 -16.22
CA PRO OB 56 69.69 30.12 -15.65
C PRO OB 56 68.90 28.99 -16.28
N ALA OB 57 69.22 28.59 -17.52
CA ALA OB 57 68.50 27.49 -18.15
C ALA OB 57 68.72 26.18 -17.41
N THR OB 58 69.90 25.99 -16.82
CA THR OB 58 70.19 24.76 -16.11
C THR OB 58 69.47 24.71 -14.76
N MET OB 59 69.39 25.85 -14.07
CA MET OB 59 68.80 25.87 -12.74
C MET OB 59 67.32 25.51 -12.78
N VAL OB 60 66.58 26.06 -13.74
CA VAL OB 60 65.16 25.76 -13.84
C VAL OB 60 64.93 24.30 -14.22
N ASN OB 61 65.91 23.68 -14.88
CA ASN OB 61 65.82 22.24 -15.14
C ASN OB 61 65.98 21.44 -13.85
N ASN OB 62 66.84 21.91 -12.95
CA ASN OB 62 67.05 21.20 -11.69
C ASN OB 62 65.80 21.20 -10.83
N ILE OB 63 65.05 22.31 -10.84
CA ILE OB 63 63.80 22.37 -10.09
C ILE OB 63 62.79 21.37 -10.65
N CYS OB 64 62.68 21.32 -11.98
CA CYS OB 64 61.74 20.40 -12.61
C CYS OB 64 62.10 18.95 -12.31
N THR OB 65 63.39 18.61 -12.37
CA THR OB 65 63.83 17.25 -12.08
C THR OB 65 63.55 16.90 -10.62
N PHE OB 66 63.81 17.83 -9.70
CA PHE OB 66 63.58 17.56 -8.28
C PHE OB 66 62.10 17.39 -7.98
N ILE OB 67 61.25 18.25 -8.54
CA ILE OB 67 59.81 18.17 -8.27
C ILE OB 67 59.23 16.87 -8.82
N LEU OB 68 59.59 16.51 -10.04
CA LEU OB 68 59.06 15.31 -10.69
C LEU OB 68 59.90 14.07 -10.39
N GLY OB 69 60.73 14.11 -9.35
CA GLY OB 69 61.53 12.97 -8.98
C GLY OB 69 60.92 12.18 -7.85
N PRO OB 70 61.76 11.60 -6.98
CA PRO OB 70 61.24 10.86 -5.83
C PRO OB 70 60.40 11.72 -4.90
N PHE OB 71 60.69 13.01 -4.80
CA PHE OB 71 59.89 13.89 -3.95
C PHE OB 71 58.45 13.99 -4.44
N GLY OB 72 58.27 14.11 -5.76
CA GLY OB 72 56.92 14.21 -6.31
C GLY OB 72 56.11 12.94 -6.14
N GLN OB 73 56.76 11.78 -6.29
CA GLN OB 73 56.06 10.52 -6.15
C GLN OB 73 55.52 10.33 -4.74
N SER OB 74 56.27 10.76 -3.73
CA SER OB 74 55.78 10.65 -2.35
C SER OB 74 54.72 11.69 -2.05
N LEU OB 75 54.65 12.76 -2.86
CA LEU OB 75 53.55 13.71 -2.72
C LEU OB 75 52.25 13.12 -3.25
N ALA OB 76 52.34 12.24 -4.25
CA ALA OB 76 51.14 11.63 -4.82
C ALA OB 76 50.42 10.75 -3.79
N VAL OB 77 51.19 9.96 -3.03
CA VAL OB 77 50.57 9.07 -2.06
C VAL OB 77 49.94 9.85 -0.91
N LEU OB 78 50.49 11.01 -0.58
CA LEU OB 78 49.89 11.84 0.46
C LEU OB 78 48.56 12.41 0.01
N GLY OB 79 48.46 12.79 -1.27
CA GLY OB 79 47.19 13.28 -1.79
C GLY OB 79 46.12 12.20 -1.81
N ILE OB 80 46.51 10.98 -2.14
CA ILE OB 80 45.55 9.86 -2.17
C ILE OB 80 45.09 9.53 -0.75
N VAL OB 81 46.00 9.61 0.22
CA VAL OB 81 45.64 9.33 1.60
C VAL OB 81 44.57 10.31 2.08
N ALA OB 82 44.69 11.57 1.69
CA ALA OB 82 43.71 12.57 2.11
C ALA OB 82 42.31 12.27 1.58
N ILE OB 83 42.22 11.54 0.46
CA ILE OB 83 40.91 11.14 -0.05
C ILE OB 83 40.27 10.13 0.90
N GLY OB 84 41.03 9.11 1.30
CA GLY OB 84 40.48 8.09 2.17
C GLY OB 84 40.11 8.63 3.54
N ILE OB 85 40.94 9.53 4.07
CA ILE OB 85 40.64 10.13 5.37
C ILE OB 85 39.40 11.01 5.29
N SER OB 86 39.20 11.68 4.14
CA SER OB 86 38.07 12.57 4.00
C SER OB 86 36.75 11.83 3.78
N TRP OB 87 36.77 10.69 3.08
CA TRP OB 87 35.53 9.96 2.85
C TRP OB 87 34.91 9.47 4.16
N MET OB 88 35.72 8.91 5.04
CA MET OB 88 35.26 8.63 6.39
C MET OB 88 35.34 9.92 7.22
N PHE OB 89 34.61 9.93 8.33
CA PHE OB 89 34.44 11.14 9.14
C PHE OB 89 33.91 12.29 8.30
N GLY OB 90 33.04 12.00 7.33
CA GLY OB 90 32.53 13.02 6.45
C GLY OB 90 31.62 12.50 5.36
N ARG OB 91 31.73 13.06 4.17
CA ARG OB 91 30.86 12.72 3.04
C ARG OB 91 31.71 12.29 1.85
N ALA OB 92 31.20 11.30 1.10
CA ALA OB 92 31.88 10.78 -0.08
C ALA OB 92 31.20 11.29 -1.33
N SER OB 93 31.99 11.82 -2.26
CA SER OB 93 31.45 12.38 -3.49
C SER OB 93 32.43 12.14 -4.63
N LEU OB 94 31.90 12.14 -5.86
CA LEU OB 94 32.73 11.94 -7.03
C LEU OB 94 33.57 13.18 -7.36
N GLY OB 95 33.10 14.37 -6.96
CA GLY OB 95 33.86 15.57 -7.25
C GLY OB 95 35.18 15.63 -6.52
N LEU OB 96 35.21 15.16 -5.27
CA LEU OB 96 36.42 15.23 -4.47
C LEU OB 96 37.51 14.31 -5.03
N VAL OB 97 37.13 13.07 -5.36
CA VAL OB 97 38.12 12.12 -5.86
C VAL OB 97 38.60 12.53 -7.26
N ALA OB 98 37.70 13.07 -8.08
CA ALA OB 98 38.08 13.48 -9.43
C ALA OB 98 39.07 14.65 -9.40
N GLY OB 99 38.88 15.59 -8.48
CA GLY OB 99 39.77 16.73 -8.40
C GLY OB 99 41.19 16.35 -8.02
N VAL OB 100 41.34 15.48 -7.03
CA VAL OB 100 42.67 15.10 -6.57
C VAL OB 100 43.38 14.25 -7.62
N VAL OB 101 42.68 13.27 -8.20
CA VAL OB 101 43.29 12.42 -9.22
C VAL OB 101 43.61 13.25 -10.46
N GLY OB 102 42.74 14.20 -10.82
CA GLY OB 102 43.05 15.08 -11.92
C GLY OB 102 44.27 15.94 -11.66
N GLY OB 103 44.49 16.30 -10.39
CA GLY OB 103 45.67 17.09 -10.05
C GLY OB 103 46.96 16.35 -10.28
N ILE OB 104 46.99 15.05 -9.94
CA ILE OB 104 48.19 14.25 -10.16
C ILE OB 104 48.47 14.11 -11.65
N VAL OB 105 47.42 13.98 -12.46
CA VAL OB 105 47.59 13.86 -13.91
C VAL OB 105 48.20 15.13 -14.47
N ILE OB 106 47.75 16.30 -14.00
CA ILE OB 106 48.31 17.55 -14.47
C ILE OB 106 49.73 17.75 -13.95
N MET OB 107 49.95 17.46 -12.67
CA MET OB 107 51.26 17.68 -12.06
C MET OB 107 52.32 16.81 -12.71
N PHE OB 108 52.19 15.49 -12.60
CA PHE OB 108 53.11 14.59 -13.27
C PHE OB 108 52.89 14.64 -14.78
N GLY OB 109 53.99 14.58 -15.53
CA GLY OB 109 53.88 14.69 -16.97
C GLY OB 109 53.52 16.07 -17.46
N ALA OB 110 53.80 17.10 -16.66
CA ALA OB 110 53.52 18.47 -17.10
C ALA OB 110 54.45 18.89 -18.23
N SER OB 111 55.58 18.21 -18.39
CA SER OB 111 56.47 18.51 -19.51
C SER OB 111 55.80 18.22 -20.84
N PHE OB 112 55.06 17.12 -20.93
CA PHE OB 112 54.34 16.80 -22.15
C PHE OB 112 53.26 17.81 -22.44
N LEU OB 113 52.56 18.27 -21.40
CA LEU OB 113 51.54 19.30 -21.59
C LEU OB 113 52.16 20.61 -22.06
N GLY OB 114 53.31 20.97 -21.50
CA GLY OB 114 53.97 22.20 -21.93
C GLY OB 114 54.44 22.15 -23.36
N LYS OB 115 54.99 21.00 -23.78
CA LYS OB 115 55.45 20.85 -25.15
C LYS OB 115 54.29 20.92 -26.14
N THR OB 116 53.17 20.26 -25.81
CA THR OB 116 52.02 20.27 -26.70
C THR OB 116 51.44 21.67 -26.84
N LEU OB 117 51.31 22.39 -25.72
CA LEU OB 117 50.73 23.73 -25.77
C LEU OB 117 51.63 24.69 -26.53
N THR OB 118 52.93 24.70 -26.20
CA THR OB 118 53.86 25.59 -26.88
C THR OB 118 53.99 25.24 -28.35
N GLY OB 119 54.04 23.95 -28.67
CA GLY OB 119 54.19 23.50 -30.03
C GLY OB 119 55.58 23.08 -30.44
N GLY OB 120 56.52 23.03 -29.51
CA GLY OB 120 57.88 22.63 -29.84
C GLY OB 120 58.70 22.49 -28.58
N GLY OB 121 59.90 21.96 -28.76
CA GLY OB 121 60.82 21.73 -27.65
C GLY OB 121 61.45 20.37 -27.65
N GLY PB 52 81.59 51.90 -29.75
CA GLY PB 52 81.51 51.28 -28.45
C GLY PB 52 80.66 50.03 -28.43
N GLY PB 53 79.68 50.00 -27.52
CA GLY PB 53 78.78 48.88 -27.43
C GLY PB 53 77.75 48.85 -28.54
N THR PB 54 77.00 47.76 -28.59
CA THR PB 54 75.98 47.60 -29.61
C THR PB 54 74.83 48.57 -29.37
N ASP PB 55 74.07 48.84 -30.42
CA ASP PB 55 72.96 49.78 -30.33
C ASP PB 55 71.87 49.22 -29.41
N PRO PB 56 71.09 50.09 -28.76
CA PRO PB 56 70.06 49.60 -27.83
C PRO PB 56 69.01 48.73 -28.49
N ALA PB 57 68.81 48.85 -29.80
CA ALA PB 57 67.82 48.03 -30.49
C ALA PB 57 68.22 46.56 -30.44
N THR PB 58 69.52 46.26 -30.48
CA THR PB 58 69.97 44.88 -30.45
C THR PB 58 69.82 44.27 -29.06
N MET PB 59 70.09 45.05 -28.01
CA MET PB 59 70.06 44.51 -26.65
C MET PB 59 68.65 44.07 -26.27
N VAL PB 60 67.64 44.87 -26.59
CA VAL PB 60 66.27 44.51 -26.25
C VAL PB 60 65.81 43.29 -27.05
N ASN PB 61 66.42 43.04 -28.20
CA ASN PB 61 66.14 41.81 -28.94
C ASN PB 61 66.72 40.60 -28.22
N ASN PB 62 67.90 40.76 -27.61
CA ASN PB 62 68.52 39.65 -26.90
C ASN PB 62 67.69 39.22 -25.70
N ILE PB 63 67.08 40.17 -25.00
CA ILE PB 63 66.23 39.84 -23.87
C ILE PB 63 65.00 39.05 -24.34
N CYS PB 64 64.40 39.48 -25.45
CA CYS PB 64 63.22 38.79 -25.96
C CYS PB 64 63.57 37.39 -26.42
N THR PB 65 64.71 37.21 -27.08
CA THR PB 65 65.12 35.88 -27.50
C THR PB 65 65.41 34.98 -26.31
N PHE PB 66 66.07 35.51 -25.28
CA PHE PB 66 66.38 34.70 -24.10
C PHE PB 66 65.12 34.30 -23.35
N ILE PB 67 64.18 35.24 -23.17
CA ILE PB 67 62.96 34.93 -22.43
C ILE PB 67 62.12 33.89 -23.17
N LEU PB 68 61.96 34.05 -24.48
CA LEU PB 68 61.15 33.15 -25.28
C LEU PB 68 61.94 31.97 -25.82
N GLY PB 69 63.10 31.68 -25.24
CA GLY PB 69 63.92 30.56 -25.67
C GLY PB 69 63.72 29.35 -24.78
N PRO PB 70 64.79 28.57 -24.60
CA PRO PB 70 64.70 27.40 -23.71
C PRO PB 70 64.34 27.76 -22.28
N PHE PB 71 64.73 28.94 -21.81
CA PHE PB 71 64.38 29.36 -20.45
C PHE PB 71 62.86 29.52 -20.29
N GLY PB 72 62.21 30.10 -21.28
CA GLY PB 72 60.77 30.29 -21.19
C GLY PB 72 60.00 28.98 -21.23
N GLN PB 73 60.45 28.03 -22.05
CA GLN PB 73 59.77 26.75 -22.15
C GLN PB 73 59.80 26.00 -20.83
N SER PB 74 60.91 26.07 -20.09
CA SER PB 74 60.99 25.42 -18.80
C SER PB 74 60.20 26.17 -17.74
N LEU PB 75 59.90 27.45 -17.98
CA LEU PB 75 59.00 28.18 -17.09
C LEU PB 75 57.56 27.72 -17.26
N ALA PB 76 57.20 27.28 -18.47
CA ALA PB 76 55.83 26.83 -18.73
C ALA PB 76 55.51 25.58 -17.94
N VAL PB 77 56.45 24.63 -17.89
CA VAL PB 77 56.17 23.38 -17.18
C VAL PB 77 56.10 23.61 -15.67
N LEU PB 78 56.81 24.62 -15.16
CA LEU PB 78 56.72 24.93 -13.73
C LEU PB 78 55.36 25.51 -13.39
N GLY PB 79 54.80 26.33 -14.28
CA GLY PB 79 53.47 26.86 -14.06
C GLY PB 79 52.39 25.79 -14.08
N ILE PB 80 52.54 24.82 -14.98
CA ILE PB 80 51.58 23.72 -15.05
C ILE PB 80 51.67 22.83 -13.83
N VAL PB 81 52.89 22.62 -13.32
CA VAL PB 81 53.07 21.80 -12.11
C VAL PB 81 52.34 22.43 -10.93
N ALA PB 82 52.37 23.76 -10.83
CA ALA PB 82 51.70 24.43 -9.72
C ALA PB 82 50.19 24.23 -9.75
N ILE PB 83 49.63 23.97 -10.94
CA ILE PB 83 48.20 23.68 -11.02
C ILE PB 83 47.90 22.34 -10.38
N GLY PB 84 48.68 21.31 -10.71
CA GLY PB 84 48.44 20.00 -10.15
C GLY PB 84 48.66 19.95 -8.66
N ILE PB 85 49.69 20.65 -8.17
CA ILE PB 85 49.96 20.68 -6.74
C ILE PB 85 48.84 21.41 -6.01
N SER PB 86 48.27 22.44 -6.64
CA SER PB 86 47.22 23.23 -5.99
C SER PB 86 45.87 22.50 -5.95
N TRP PB 87 45.55 21.72 -7.00
CA TRP PB 87 44.27 21.03 -7.00
C TRP PB 87 44.17 20.04 -5.86
N MET PB 88 45.22 19.25 -5.63
CA MET PB 88 45.29 18.45 -4.42
C MET PB 88 45.76 19.32 -3.26
N PHE PB 89 45.52 18.84 -2.04
CA PHE PB 89 45.75 19.64 -0.83
C PHE PB 89 45.02 20.98 -0.90
N GLY PB 90 43.83 20.99 -1.50
CA GLY PB 90 43.09 22.23 -1.65
C GLY PB 90 41.80 22.07 -2.42
N ARG PB 91 41.49 23.06 -3.27
CA ARG PB 91 40.23 23.08 -4.01
C ARG PB 91 40.53 23.21 -5.51
N ALA PB 92 39.71 22.55 -6.32
CA ALA PB 92 39.85 22.57 -7.77
C ALA PB 92 38.77 23.46 -8.37
N SER PB 93 39.18 24.36 -9.26
CA SER PB 93 38.25 25.30 -9.87
C SER PB 93 38.70 25.59 -11.30
N LEU PB 94 37.74 26.02 -12.12
CA LEU PB 94 38.05 26.35 -13.51
C LEU PB 94 38.77 27.68 -13.63
N GLY PB 95 38.57 28.58 -12.67
CA GLY PB 95 39.25 29.87 -12.74
C GLY PB 95 40.75 29.77 -12.60
N LEU PB 96 41.22 28.86 -11.73
CA LEU PB 96 42.65 28.73 -11.49
C LEU PB 96 43.37 28.19 -12.72
N VAL PB 97 42.82 27.14 -13.34
CA VAL PB 97 43.47 26.54 -14.51
C VAL PB 97 43.41 27.49 -15.70
N ALA PB 98 42.30 28.23 -15.84
CA ALA PB 98 42.17 29.14 -16.97
C ALA PB 98 43.16 30.29 -16.87
N GLY PB 99 43.41 30.79 -15.66
CA GLY PB 99 44.33 31.90 -15.50
C GLY PB 99 45.77 31.53 -15.86
N VAL PB 100 46.22 30.36 -15.42
CA VAL PB 100 47.60 29.96 -15.68
C VAL PB 100 47.79 29.63 -17.15
N VAL PB 101 46.86 28.89 -17.75
CA VAL PB 101 46.97 28.55 -19.17
C VAL PB 101 46.85 29.80 -20.03
N GLY PB 102 45.98 30.73 -19.64
CA GLY PB 102 45.90 32.00 -20.34
C GLY PB 102 47.18 32.79 -20.25
N GLY PB 103 47.90 32.67 -19.13
CA GLY PB 103 49.17 33.37 -18.98
C GLY PB 103 50.22 32.88 -19.96
N ILE PB 104 50.28 31.56 -20.17
CA ILE PB 104 51.25 31.02 -21.12
C ILE PB 104 50.93 31.48 -22.53
N VAL PB 105 49.64 31.57 -22.87
CA VAL PB 105 49.24 32.02 -24.20
C VAL PB 105 49.68 33.47 -24.43
N ILE PB 106 49.51 34.31 -23.41
CA ILE PB 106 49.94 35.70 -23.53
C ILE PB 106 51.46 35.81 -23.56
N MET PB 107 52.14 35.07 -22.67
CA MET PB 107 53.59 35.16 -22.58
C MET PB 107 54.27 34.71 -23.87
N PHE PB 108 54.09 33.43 -24.22
CA PHE PB 108 54.62 32.94 -25.48
C PHE PB 108 53.84 33.53 -26.65
N GLY PB 109 54.57 33.86 -27.72
CA GLY PB 109 53.92 34.49 -28.84
C GLY PB 109 53.50 35.92 -28.59
N ALA PB 110 54.13 36.60 -27.63
CA ALA PB 110 53.80 37.99 -27.38
C ALA PB 110 54.24 38.89 -28.53
N SER PB 111 55.19 38.43 -29.35
CA SER PB 111 55.60 39.21 -30.51
C SER PB 111 54.45 39.39 -31.49
N PHE PB 112 53.66 38.32 -31.71
CA PHE PB 112 52.52 38.43 -32.59
C PHE PB 112 51.46 39.39 -32.02
N LEU PB 113 51.25 39.35 -30.71
CA LEU PB 113 50.31 40.28 -30.09
C LEU PB 113 50.79 41.73 -30.23
N GLY PB 114 52.09 41.95 -30.05
CA GLY PB 114 52.62 43.30 -30.19
C GLY PB 114 52.51 43.83 -31.60
N LYS PB 115 52.77 42.98 -32.60
CA LYS PB 115 52.65 43.40 -33.99
C LYS PB 115 51.21 43.74 -34.35
N THR PB 116 50.27 42.92 -33.90
CA THR PB 116 48.86 43.15 -34.22
C THR PB 116 48.37 44.45 -33.58
N LEU PB 117 48.73 44.68 -32.32
CA LEU PB 117 48.28 45.88 -31.62
C LEU PB 117 48.88 47.12 -32.23
N THR PB 118 50.21 47.12 -32.44
CA THR PB 118 50.86 48.29 -33.02
C THR PB 118 50.39 48.53 -34.46
N GLY PB 119 50.24 47.46 -35.23
CA GLY PB 119 49.81 47.57 -36.62
C GLY PB 119 50.90 47.47 -37.64
N GLY PB 120 52.13 47.16 -37.23
CA GLY PB 120 53.23 47.04 -38.18
C GLY PB 120 54.46 46.50 -37.48
N GLY PB 121 55.46 46.17 -38.29
CA GLY PB 121 56.71 45.65 -37.78
C GLY PB 121 57.20 44.43 -38.56
N GLY QB 52 77.10 76.14 -35.85
CA GLY QB 52 77.48 75.06 -34.96
C GLY QB 52 76.61 73.83 -35.10
N GLY QB 53 76.06 73.37 -33.98
CA GLY QB 53 75.20 72.22 -33.99
C GLY QB 53 73.82 72.54 -34.54
N THR QB 54 73.03 71.47 -34.73
CA THR QB 54 71.69 71.63 -35.26
C THR QB 54 70.78 72.32 -34.25
N ASP QB 55 69.71 72.91 -34.74
CA ASP QB 55 68.79 73.64 -33.88
C ASP QB 55 68.08 72.67 -32.92
N PRO QB 56 67.68 73.16 -31.74
CA PRO QB 56 67.05 72.27 -30.76
C PRO QB 56 65.77 71.62 -31.24
N ALA QB 57 65.09 72.22 -32.23
CA ALA QB 57 63.86 71.63 -32.75
C ALA QB 57 64.15 70.29 -33.43
N THR QB 58 65.32 70.15 -34.05
CA THR QB 58 65.65 68.90 -34.74
C THR QB 58 66.00 67.80 -33.74
N MET QB 59 66.70 68.14 -32.67
CA MET QB 59 67.15 67.13 -31.71
C MET QB 59 65.98 66.45 -31.02
N VAL QB 60 64.97 67.23 -30.61
CA VAL QB 60 63.81 66.64 -29.95
C VAL QB 60 63.01 65.77 -30.90
N ASN QB 61 63.11 66.05 -32.22
CA ASN QB 61 62.48 65.16 -33.20
C ASN QB 61 63.21 63.82 -33.27
N ASN QB 62 64.54 63.85 -33.13
CA ASN QB 62 65.31 62.61 -33.20
C ASN QB 62 64.97 61.68 -32.04
N ILE QB 63 64.75 62.24 -30.85
CA ILE QB 63 64.36 61.43 -29.71
C ILE QB 63 63.01 60.77 -29.95
N CYS QB 64 62.06 61.54 -30.48
CA CYS QB 64 60.73 61.00 -30.74
C CYS QB 64 60.77 59.90 -31.79
N THR QB 65 61.56 60.09 -32.85
CA THR QB 65 61.69 59.06 -33.87
C THR QB 65 62.35 57.81 -33.32
N PHE QB 66 63.39 57.96 -32.49
CA PHE QB 66 64.07 56.80 -31.92
C PHE QB 66 63.17 56.04 -30.97
N ILE QB 67 62.43 56.75 -30.11
CA ILE QB 67 61.57 56.08 -29.14
C ILE QB 67 60.44 55.32 -29.83
N LEU QB 68 59.80 55.96 -30.82
CA LEU QB 68 58.69 55.35 -31.54
C LEU QB 68 59.13 54.54 -32.75
N GLY QB 69 60.41 54.16 -32.81
CA GLY QB 69 60.91 53.36 -33.90
C GLY QB 69 60.99 51.89 -33.55
N PRO QB 70 61.99 51.20 -34.10
CA PRO QB 70 62.17 49.77 -33.75
C PRO QB 70 62.40 49.54 -32.27
N PHE QB 71 63.04 50.49 -31.57
CA PHE QB 71 63.25 50.32 -30.13
C PHE QB 71 61.93 50.27 -29.37
N GLY QB 72 60.98 51.14 -29.73
CA GLY QB 72 59.70 51.14 -29.04
C GLY QB 72 58.89 49.88 -29.29
N GLN QB 73 58.94 49.35 -30.51
CA GLN QB 73 58.18 48.15 -30.83
C GLN QB 73 58.66 46.95 -30.02
N SER QB 74 59.97 46.85 -29.79
CA SER QB 74 60.49 45.75 -28.98
C SER QB 74 60.21 45.98 -27.49
N LEU QB 75 59.93 47.22 -27.09
CA LEU QB 75 59.50 47.48 -25.73
C LEU QB 75 58.07 46.99 -25.50
N ALA QB 76 57.25 47.03 -26.55
CA ALA QB 76 55.86 46.59 -26.43
C ALA QB 76 55.78 45.10 -26.11
N VAL QB 77 56.60 44.28 -26.79
CA VAL QB 77 56.54 42.84 -26.57
C VAL QB 77 57.06 42.48 -25.18
N LEU QB 78 57.98 43.27 -24.64
CA LEU QB 78 58.46 43.01 -23.27
C LEU QB 78 57.37 43.31 -22.25
N GLY QB 79 56.57 44.34 -22.48
CA GLY QB 79 55.47 44.62 -21.58
C GLY QB 79 54.40 43.56 -21.61
N ILE QB 80 54.13 43.01 -22.79
CA ILE QB 80 53.13 41.95 -22.92
C ILE QB 80 53.62 40.67 -22.25
N VAL QB 81 54.93 40.39 -22.36
CA VAL QB 81 55.49 39.21 -21.73
C VAL QB 81 55.31 39.26 -20.22
N ALA QB 82 55.48 40.45 -19.64
CA ALA QB 82 55.34 40.60 -18.19
C ALA QB 82 53.92 40.29 -17.73
N ILE QB 83 52.92 40.45 -18.60
CA ILE QB 83 51.56 40.09 -18.25
C ILE QB 83 51.43 38.57 -18.10
N GLY QB 84 51.96 37.83 -19.08
CA GLY QB 84 51.87 36.38 -19.02
C GLY QB 84 52.64 35.78 -17.87
N ILE QB 85 53.82 36.34 -17.58
CA ILE QB 85 54.61 35.85 -16.45
C ILE QB 85 53.91 36.15 -15.14
N SER QB 86 53.20 37.29 -15.06
CA SER QB 86 52.55 37.67 -13.82
C SER QB 86 51.27 36.88 -13.55
N TRP QB 87 50.52 36.52 -14.61
CA TRP QB 87 49.29 35.77 -14.40
C TRP QB 87 49.56 34.40 -13.77
N MET QB 88 50.56 33.69 -14.28
CA MET QB 88 51.04 32.50 -13.59
C MET QB 88 51.99 32.91 -12.46
N PHE QB 89 52.19 31.99 -11.52
CA PHE QB 89 52.92 32.28 -10.28
C PHE QB 89 52.31 33.48 -9.55
N GLY QB 90 50.99 33.61 -9.61
CA GLY QB 90 50.33 34.74 -8.99
C GLY QB 90 48.84 34.78 -9.20
N ARG QB 91 48.28 35.97 -9.42
CA ARG QB 91 46.85 36.17 -9.57
C ARG QB 91 46.57 36.88 -10.88
N ALA QB 92 45.46 36.50 -11.51
CA ALA QB 92 45.03 37.09 -12.78
C ALA QB 92 43.87 38.04 -12.54
N SER QB 93 43.96 39.24 -13.10
CA SER QB 93 42.93 40.25 -12.91
C SER QB 93 42.83 41.10 -14.16
N LEU QB 94 41.65 41.72 -14.34
CA LEU QB 94 41.43 42.58 -15.50
C LEU QB 94 42.14 43.91 -15.36
N GLY QB 95 42.40 44.36 -14.13
CA GLY QB 95 43.07 45.64 -13.95
C GLY QB 95 44.50 45.62 -14.44
N LEU QB 96 45.20 44.50 -14.23
CA LEU QB 96 46.61 44.42 -14.62
C LEU QB 96 46.76 44.45 -16.13
N VAL QB 97 45.95 43.67 -16.85
CA VAL QB 97 46.06 43.62 -18.30
C VAL QB 97 45.62 44.93 -18.92
N ALA QB 98 44.59 45.56 -18.35
CA ALA QB 98 44.10 46.83 -18.89
C ALA QB 98 45.13 47.94 -18.75
N GLY QB 99 45.86 47.96 -17.63
CA GLY QB 99 46.85 49.01 -17.42
C GLY QB 99 47.99 48.93 -18.41
N VAL QB 100 48.51 47.72 -18.66
CA VAL QB 100 49.65 47.58 -19.55
C VAL QB 100 49.25 47.85 -20.99
N VAL QB 101 48.11 47.31 -21.43
CA VAL QB 101 47.65 47.55 -22.79
C VAL QB 101 47.29 49.01 -22.99
N GLY QB 102 46.70 49.64 -21.98
CA GLY QB 102 46.45 51.07 -22.06
C GLY QB 102 47.72 51.88 -22.15
N GLY QB 103 48.80 51.41 -21.53
CA GLY QB 103 50.07 52.11 -21.62
C GLY QB 103 50.63 52.12 -23.02
N ILE QB 104 50.52 50.99 -23.74
CA ILE QB 104 51.01 50.93 -25.11
C ILE QB 104 50.21 51.87 -26.01
N VAL QB 105 48.89 51.96 -25.77
CA VAL QB 105 48.05 52.85 -26.56
C VAL QB 105 48.46 54.30 -26.37
N ILE QB 106 48.77 54.68 -25.12
CA ILE QB 106 49.20 56.05 -24.86
C ILE QB 106 50.59 56.29 -25.41
N MET QB 107 51.51 55.34 -25.19
CA MET QB 107 52.90 55.52 -25.64
C MET QB 107 52.99 55.64 -27.14
N PHE QB 108 52.60 54.59 -27.87
CA PHE QB 108 52.58 54.65 -29.32
C PHE QB 108 51.46 55.58 -29.78
N GLY QB 109 51.74 56.35 -30.83
CA GLY QB 109 50.76 57.30 -31.29
C GLY QB 109 50.57 58.48 -30.38
N ALA QB 110 51.55 58.80 -29.55
CA ALA QB 110 51.45 59.96 -28.67
C ALA QB 110 51.48 61.26 -29.46
N SER QB 111 52.00 61.23 -30.70
CA SER QB 111 51.99 62.43 -31.53
C SER QB 111 50.57 62.85 -31.86
N PHE QB 112 49.69 61.89 -32.14
CA PHE QB 112 48.30 62.23 -32.41
C PHE QB 112 47.61 62.80 -31.18
N LEU QB 113 47.91 62.25 -30.00
CA LEU QB 113 47.35 62.79 -28.77
C LEU QB 113 47.84 64.21 -28.51
N GLY QB 114 49.13 64.47 -28.76
CA GLY QB 114 49.65 65.81 -28.57
C GLY QB 114 49.04 66.82 -29.52
N LYS QB 115 48.85 66.44 -30.77
CA LYS QB 115 48.24 67.34 -31.75
C LYS QB 115 46.79 67.66 -31.38
N THR QB 116 46.03 66.65 -30.96
CA THR QB 116 44.63 66.87 -30.60
C THR QB 116 44.51 67.77 -29.38
N LEU QB 117 45.34 67.53 -28.36
CA LEU QB 117 45.27 68.33 -27.15
C LEU QB 117 45.69 69.77 -27.41
N THR QB 118 46.82 69.97 -28.09
CA THR QB 118 47.28 71.32 -28.39
C THR QB 118 46.31 72.04 -29.32
N GLY QB 119 45.81 71.34 -30.32
CA GLY QB 119 44.89 71.93 -31.29
C GLY QB 119 45.51 72.32 -32.60
N GLY QB 120 46.77 71.99 -32.84
CA GLY QB 120 47.41 72.33 -34.10
C GLY QB 120 48.77 71.68 -34.19
N GLY QB 121 49.37 71.77 -35.37
CA GLY QB 121 50.67 71.20 -35.62
C GLY QB 121 50.75 70.43 -36.92
N GLY RB 52 72.30 100.35 -30.14
CA GLY RB 52 72.91 99.05 -29.95
C GLY RB 52 71.97 97.89 -30.20
N GLY RB 53 71.87 97.00 -29.23
CA GLY RB 53 70.99 95.86 -29.35
C GLY RB 53 69.53 96.23 -29.17
N THR RB 54 68.66 95.25 -29.43
CA THR RB 54 67.23 95.48 -29.31
C THR RB 54 66.84 95.66 -27.85
N ASP RB 55 65.69 96.29 -27.63
CA ASP RB 55 65.22 96.55 -26.28
C ASP RB 55 64.89 95.25 -25.56
N PRO RB 56 65.00 95.21 -24.24
CA PRO RB 56 64.73 93.97 -23.51
C PRO RB 56 63.31 93.43 -23.68
N ALA RB 57 62.36 94.30 -24.03
CA ALA RB 57 60.99 93.83 -24.23
C ALA RB 57 60.89 92.88 -25.42
N THR RB 58 61.72 93.10 -26.44
CA THR RB 58 61.68 92.24 -27.61
C THR RB 58 62.30 90.88 -27.34
N MET RB 59 63.39 90.86 -26.56
CA MET RB 59 64.11 89.60 -26.31
C MET RB 59 63.24 88.61 -25.54
N VAL RB 60 62.53 89.08 -24.51
CA VAL RB 60 61.68 88.18 -23.74
C VAL RB 60 60.51 87.68 -24.57
N ASN RB 61 60.12 88.42 -25.60
CA ASN RB 61 59.11 87.93 -26.53
C ASN RB 61 59.66 86.79 -27.38
N ASN RB 62 60.93 86.87 -27.76
CA ASN RB 62 61.53 85.83 -28.58
C ASN RB 62 61.60 84.51 -27.83
N ILE RB 63 61.89 84.56 -26.53
CA ILE RB 63 61.92 83.33 -25.72
C ILE RB 63 60.54 82.70 -25.67
N CYS RB 64 59.51 83.53 -25.46
CA CYS RB 64 58.15 83.01 -25.39
C CYS RB 64 57.71 82.39 -26.71
N THR RB 65 58.05 83.04 -27.83
CA THR RB 65 57.70 82.49 -29.13
C THR RB 65 58.43 81.17 -29.39
N PHE RB 66 59.71 81.10 -29.03
CA PHE RB 66 60.48 79.88 -29.25
C PHE RB 66 59.96 78.73 -28.40
N ILE RB 67 59.66 79.00 -27.12
CA ILE RB 67 59.19 77.94 -26.23
C ILE RB 67 57.84 77.41 -26.68
N LEU RB 68 56.92 78.31 -27.02
CA LEU RB 68 55.58 77.92 -27.43
C LEU RB 68 55.47 77.67 -28.93
N GLY RB 69 56.59 77.45 -29.62
CA GLY RB 69 56.58 77.17 -31.03
C GLY RB 69 56.70 75.69 -31.33
N PRO RB 70 57.36 75.34 -32.43
CA PRO RB 70 57.55 73.93 -32.74
C PRO RB 70 58.32 73.16 -31.68
N PHE RB 71 59.23 73.83 -30.96
CA PHE RB 71 59.98 73.16 -29.90
C PHE RB 71 59.05 72.71 -28.78
N GLY RB 72 58.10 73.55 -28.39
CA GLY RB 72 57.19 73.17 -27.32
C GLY RB 72 56.26 72.04 -27.70
N GLN RB 73 55.79 72.03 -28.95
CA GLN RB 73 54.89 70.97 -29.38
C GLN RB 73 55.57 69.60 -29.34
N SER RB 74 56.85 69.53 -29.69
CA SER RB 74 57.57 68.26 -29.61
C SER RB 74 57.90 67.89 -28.17
N LEU RB 75 57.88 68.86 -27.26
CA LEU RB 75 58.03 68.54 -25.84
C LEU RB 75 56.76 67.88 -25.30
N ALA RB 76 55.60 68.24 -25.86
CA ALA RB 76 54.34 67.66 -25.38
C ALA RB 76 54.28 66.16 -25.67
N VAL RB 77 54.72 65.74 -26.85
CA VAL RB 77 54.65 64.33 -27.19
C VAL RB 77 55.64 63.52 -26.36
N LEU RB 78 56.76 64.11 -25.95
CA LEU RB 78 57.70 63.41 -25.08
C LEU RB 78 57.11 63.19 -23.70
N GLY RB 79 56.36 64.17 -23.19
CA GLY RB 79 55.71 63.99 -21.90
C GLY RB 79 54.64 62.92 -21.93
N ILE RB 80 53.89 62.84 -23.02
CA ILE RB 80 52.86 61.82 -23.16
C ILE RB 80 53.48 60.43 -23.27
N VAL RB 81 54.62 60.33 -23.97
CA VAL RB 81 55.30 59.05 -24.10
C VAL RB 81 55.72 58.52 -22.74
N ALA RB 82 56.18 59.41 -21.86
CA ALA RB 82 56.61 58.99 -20.53
C ALA RB 82 55.46 58.41 -19.71
N ILE RB 83 54.22 58.79 -20.02
CA ILE RB 83 53.07 58.20 -19.35
C ILE RB 83 52.91 56.74 -19.74
N GLY RB 84 52.97 56.47 -21.05
CA GLY RB 84 52.80 55.10 -21.51
C GLY RB 84 53.93 54.19 -21.06
N ILE RB 85 55.16 54.70 -21.05
CA ILE RB 85 56.29 53.90 -20.60
C ILE RB 85 56.16 53.61 -19.10
N SER RB 86 55.63 54.57 -18.34
CA SER RB 86 55.53 54.39 -16.90
C SER RB 86 54.39 53.45 -16.50
N TRP RB 87 53.28 53.45 -17.23
CA TRP RB 87 52.17 52.57 -16.87
C TRP RB 87 52.57 51.10 -16.97
N MET RB 88 53.25 50.72 -18.04
CA MET RB 88 53.87 49.40 -18.10
C MET RB 88 55.20 49.44 -17.35
N PHE RB 89 55.69 48.26 -16.99
CA PHE RB 89 56.85 48.13 -16.11
C PHE RB 89 56.66 48.90 -14.81
N GLY RB 90 55.43 48.92 -14.30
CA GLY RB 90 55.14 49.68 -13.10
C GLY RB 90 53.68 49.66 -12.70
N ARG RB 91 53.17 50.80 -12.22
CA ARG RB 91 51.81 50.90 -11.72
C ARG RB 91 51.09 52.02 -12.45
N ALA RB 92 49.80 51.82 -12.70
CA ALA RB 92 48.97 52.79 -13.39
C ALA RB 92 48.04 53.48 -12.39
N SER RB 93 48.01 54.81 -12.42
CA SER RB 93 47.20 55.58 -11.49
C SER RB 93 46.67 56.83 -12.19
N LEU RB 94 45.57 57.36 -11.65
CA LEU RB 94 44.98 58.57 -12.22
C LEU RB 94 45.78 59.81 -11.87
N GLY RB 95 46.52 59.78 -10.75
CA GLY RB 95 47.29 60.94 -10.37
C GLY RB 95 48.42 61.24 -11.34
N LEU RB 96 49.07 60.19 -11.85
CA LEU RB 96 50.22 60.39 -12.75
C LEU RB 96 49.77 61.01 -14.07
N VAL RB 97 48.69 60.48 -14.66
CA VAL RB 97 48.24 60.99 -15.95
C VAL RB 97 47.67 62.40 -15.80
N ALA RB 98 47.00 62.68 -14.68
CA ALA RB 98 46.41 64.00 -14.48
C ALA RB 98 47.50 65.07 -14.33
N GLY RB 99 48.60 64.73 -13.65
CA GLY RB 99 49.66 65.70 -13.46
C GLY RB 99 50.34 66.10 -14.75
N VAL RB 100 50.64 65.13 -15.62
CA VAL RB 100 51.34 65.43 -16.86
C VAL RB 100 50.42 66.20 -17.81
N VAL RB 101 49.17 65.76 -17.95
CA VAL RB 101 48.24 66.44 -18.83
C VAL RB 101 47.93 67.83 -18.32
N GLY RB 102 47.82 67.98 -16.99
CA GLY RB 102 47.65 69.31 -16.42
C GLY RB 102 48.84 70.21 -16.68
N GLY RB 103 50.04 69.63 -16.74
CA GLY RB 103 51.22 70.42 -17.03
C GLY RB 103 51.21 71.01 -18.43
N ILE RB 104 50.75 70.24 -19.42
CA ILE RB 104 50.67 70.74 -20.78
C ILE RB 104 49.66 71.87 -20.87
N VAL RB 105 48.54 71.75 -20.14
CA VAL RB 105 47.52 72.79 -20.15
C VAL RB 105 48.08 74.09 -19.59
N ILE RB 106 48.86 74.01 -18.51
CA ILE RB 106 49.46 75.21 -17.93
C ILE RB 106 50.54 75.76 -18.84
N MET RB 107 51.41 74.88 -19.37
CA MET RB 107 52.53 75.34 -20.19
C MET RB 107 52.04 76.03 -21.45
N PHE RB 108 51.34 75.29 -22.32
CA PHE RB 108 50.76 75.90 -23.51
C PHE RB 108 49.61 76.82 -23.13
N GLY RB 109 49.51 77.95 -23.83
CA GLY RB 109 48.50 78.92 -23.48
C GLY RB 109 48.75 79.64 -22.18
N ALA RB 110 50.00 79.72 -21.73
CA ALA RB 110 50.32 80.45 -20.51
C ALA RB 110 50.13 81.95 -20.70
N SER RB 111 50.14 82.43 -21.94
CA SER RB 111 49.90 83.84 -22.19
C SER RB 111 48.49 84.24 -21.76
N PHE RB 112 47.50 83.38 -22.03
CA PHE RB 112 46.14 83.66 -21.60
C PHE RB 112 46.02 83.66 -20.08
N LEU RB 113 46.72 82.74 -19.42
CA LEU RB 113 46.71 82.72 -17.96
C LEU RB 113 47.36 83.98 -17.39
N GLY RB 114 48.45 84.43 -17.99
CA GLY RB 114 49.12 85.64 -17.52
C GLY RB 114 48.25 86.87 -17.69
N LYS RB 115 47.57 86.98 -18.83
CA LYS RB 115 46.69 88.13 -19.07
C LYS RB 115 45.53 88.15 -18.09
N THR RB 116 44.92 87.00 -17.84
CA THR RB 116 43.78 86.93 -16.93
C THR RB 116 44.20 87.30 -15.50
N LEU RB 117 45.34 86.77 -15.05
CA LEU RB 117 45.80 87.04 -13.69
C LEU RB 117 46.18 88.51 -13.52
N THR RB 118 46.97 89.04 -14.45
CA THR RB 118 47.38 90.44 -14.36
C THR RB 118 46.18 91.37 -14.50
N GLY RB 119 45.27 91.06 -15.42
CA GLY RB 119 44.10 91.88 -15.67
C GLY RB 119 44.19 92.80 -16.86
N GLY RB 120 45.24 92.69 -17.67
CA GLY RB 120 45.36 93.53 -18.84
C GLY RB 120 46.54 93.09 -19.68
N GLY RB 121 46.64 93.68 -20.86
CA GLY RB 121 47.71 93.36 -21.79
C GLY RB 121 47.23 93.14 -23.22
#